data_5BSG
#
_entry.id   5BSG
#
_cell.length_a   87.239
_cell.length_b   100.300
_cell.length_c   100.786
_cell.angle_alpha   68.130
_cell.angle_beta   85.760
_cell.angle_gamma   89.300
#
_symmetry.space_group_name_H-M   'P 1'
#
loop_
_entity.id
_entity.type
_entity.pdbx_description
1 polymer 'Pyrroline-5-carboxylate reductase'
2 non-polymer 'NADP NICOTINAMIDE-ADENINE-DINUCLEOTIDE PHOSPHATE'
3 non-polymer '3[N-MORPHOLINO]PROPANE SULFONIC ACID'
4 non-polymer 'CHLORIDE ION'
5 water water
#
_entity_poly.entity_id   1
_entity_poly.type   'polypeptide(L)'
_entity_poly.pdbx_seq_one_letter_code
;SNAMEIIPIPADSYTLGFIGAGKMAESIAKGAVRSGVLSPSRIKTAIHSNPARRTAFESIGITVLSSNDDVVRDSNVVVF
SVKPQLLKDVVLKLKPLLTKDKLLVSVAAGIKMKDLQEWAGHERFIRVMPNTAATVGEAASVMSLGGAATEEDANLISQL
FGSIGKIWKADDKYFDAITGLSGSGPAYIYLAIEALADGGVAAGLPRDLALSLASQTVLGAASMATQSGKHPGQLKDDVT
SPGGTTIAGVHELEKAGFRGILMNAVVAAAKRSQELS
;
_entity_poly.pdbx_strand_id   A,B,C,D,E,F,G,H,I,J
#
loop_
_chem_comp.id
_chem_comp.type
_chem_comp.name
_chem_comp.formula
CL non-polymer 'CHLORIDE ION' 'Cl -1'
MPO non-polymer '3[N-MORPHOLINO]PROPANE SULFONIC ACID' 'C7 H15 N O4 S'
NAP non-polymer 'NADP NICOTINAMIDE-ADENINE-DINUCLEOTIDE PHOSPHATE' 'C21 H28 N7 O17 P3'
#
# COMPACT_ATOMS: atom_id res chain seq x y z
N ILE A 6 -22.16 -55.60 -15.20
CA ILE A 6 -21.71 -54.99 -13.89
C ILE A 6 -21.61 -56.09 -12.81
N ILE A 7 -20.64 -56.96 -13.05
CA ILE A 7 -20.20 -57.98 -12.06
C ILE A 7 -19.23 -57.33 -11.05
N PRO A 8 -19.35 -57.63 -9.75
CA PRO A 8 -18.40 -57.06 -8.77
C PRO A 8 -16.96 -57.49 -9.07
N ILE A 9 -16.03 -56.57 -8.89
CA ILE A 9 -14.64 -56.85 -9.17
C ILE A 9 -14.12 -57.64 -7.97
N PRO A 10 -13.40 -58.74 -8.18
CA PRO A 10 -12.95 -59.55 -7.00
C PRO A 10 -11.93 -58.84 -6.17
N ALA A 11 -12.35 -58.48 -4.97
CA ALA A 11 -11.60 -57.54 -4.13
C ALA A 11 -10.16 -57.94 -3.84
N ASP A 12 -9.89 -59.23 -3.73
CA ASP A 12 -8.58 -59.73 -3.34
C ASP A 12 -7.73 -60.24 -4.46
N SER A 13 -8.28 -60.32 -5.64
CA SER A 13 -7.53 -60.95 -6.71
C SER A 13 -7.59 -60.19 -8.02
N TYR A 14 -8.20 -59.01 -8.04
CA TYR A 14 -8.36 -58.29 -9.32
C TYR A 14 -7.05 -57.88 -9.92
N THR A 15 -7.04 -57.73 -11.23
CA THR A 15 -5.86 -57.27 -11.89
C THR A 15 -6.07 -55.78 -12.34
N LEU A 16 -4.99 -55.01 -12.24
CA LEU A 16 -5.04 -53.56 -12.47
C LEU A 16 -4.19 -53.25 -13.69
N GLY A 17 -4.70 -52.42 -14.60
CA GLY A 17 -3.93 -51.98 -15.70
C GLY A 17 -3.75 -50.48 -15.75
N PHE A 18 -2.53 -50.02 -16.09
CA PHE A 18 -2.32 -48.58 -16.30
C PHE A 18 -2.17 -48.29 -17.77
N ILE A 19 -2.99 -47.36 -18.25
CA ILE A 19 -2.85 -46.81 -19.57
C ILE A 19 -2.17 -45.45 -19.43
N GLY A 20 -0.90 -45.39 -19.81
CA GLY A 20 -0.04 -44.21 -19.61
C GLY A 20 0.93 -44.52 -18.50
N ALA A 21 2.08 -45.04 -18.91
CA ALA A 21 3.04 -45.59 -17.96
C ALA A 21 3.97 -44.51 -17.40
N GLY A 22 3.40 -43.42 -16.86
CA GLY A 22 4.18 -42.27 -16.42
C GLY A 22 4.53 -42.28 -14.95
N LYS A 23 4.83 -41.13 -14.42
CA LYS A 23 5.16 -40.97 -13.04
C LYS A 23 4.01 -41.28 -12.09
N MET A 24 2.83 -40.78 -12.37
CA MET A 24 1.69 -41.02 -11.46
C MET A 24 1.31 -42.54 -11.43
N ALA A 25 1.29 -43.16 -12.60
CA ALA A 25 1.09 -44.61 -12.66
C ALA A 25 2.13 -45.36 -11.83
N GLU A 26 3.38 -44.97 -11.97
CA GLU A 26 4.47 -45.60 -11.21
C GLU A 26 4.27 -45.40 -9.75
N SER A 27 3.89 -44.21 -9.35
CA SER A 27 3.64 -43.98 -7.89
C SER A 27 2.53 -44.83 -7.31
N ILE A 28 1.41 -44.90 -8.05
CA ILE A 28 0.30 -45.70 -7.61
C ILE A 28 0.72 -47.19 -7.53
N ALA A 29 1.38 -47.66 -8.59
CA ALA A 29 1.83 -49.04 -8.59
C ALA A 29 2.73 -49.35 -7.41
N LYS A 30 3.75 -48.52 -7.20
CA LYS A 30 4.64 -48.76 -6.07
C LYS A 30 3.90 -48.74 -4.77
N GLY A 31 2.98 -47.78 -4.61
CA GLY A 31 2.21 -47.74 -3.34
C GLY A 31 1.38 -48.99 -3.09
N ALA A 32 0.72 -49.46 -4.13
CA ALA A 32 -0.17 -50.54 -3.97
C ALA A 32 0.62 -51.82 -3.70
N VAL A 33 1.77 -51.96 -4.32
CA VAL A 33 2.65 -53.10 -4.02
C VAL A 33 3.15 -53.02 -2.57
N ARG A 34 3.57 -51.83 -2.15
CA ARG A 34 4.06 -51.59 -0.80
C ARG A 34 3.03 -51.92 0.24
N SER A 35 1.80 -51.53 0.03
CA SER A 35 0.78 -51.77 1.03
C SER A 35 0.24 -53.19 1.00
N GLY A 36 0.61 -53.94 -0.01
CA GLY A 36 0.08 -55.28 -0.14
C GLY A 36 -1.30 -55.34 -0.75
N VAL A 37 -1.84 -54.22 -1.16
CA VAL A 37 -3.13 -54.24 -1.87
C VAL A 37 -3.04 -54.97 -3.19
N LEU A 38 -1.91 -54.85 -3.85
CA LEU A 38 -1.64 -55.58 -5.08
C LEU A 38 -0.27 -56.20 -5.00
N SER A 39 -0.01 -57.14 -5.87
CA SER A 39 1.32 -57.67 -6.09
C SER A 39 1.70 -57.24 -7.50
N PRO A 40 3.00 -57.28 -7.82
CA PRO A 40 3.37 -56.86 -9.16
C PRO A 40 2.82 -57.70 -10.28
N SER A 41 2.57 -58.99 -10.00
CA SER A 41 2.07 -59.86 -11.05
C SER A 41 0.63 -59.52 -11.41
N ARG A 42 -0.05 -58.79 -10.56
CA ARG A 42 -1.42 -58.35 -10.80
C ARG A 42 -1.55 -56.94 -11.45
N ILE A 43 -0.44 -56.40 -11.84
CA ILE A 43 -0.40 -55.08 -12.49
C ILE A 43 0.19 -55.20 -13.88
N LYS A 44 -0.44 -54.51 -14.83
CA LYS A 44 0.10 -54.45 -16.20
C LYS A 44 0.11 -53.03 -16.73
N THR A 45 1.05 -52.71 -17.62
CA THR A 45 0.99 -51.48 -18.37
C THR A 45 1.60 -51.69 -19.77
N ALA A 46 1.66 -50.63 -20.55
CA ALA A 46 2.24 -50.67 -21.88
C ALA A 46 2.89 -49.34 -22.13
N ILE A 47 4.05 -49.35 -22.79
CA ILE A 47 4.76 -48.11 -23.06
C ILE A 47 4.22 -47.42 -24.29
N HIS A 48 4.59 -46.18 -24.47
CA HIS A 48 4.23 -45.45 -25.68
C HIS A 48 5.49 -45.29 -26.57
N SER A 49 6.24 -44.22 -26.43
CA SER A 49 7.45 -43.97 -27.25
C SER A 49 8.77 -44.09 -26.43
N ASN A 50 8.74 -43.64 -25.18
CA ASN A 50 9.87 -43.70 -24.29
C ASN A 50 10.16 -45.08 -23.69
N PRO A 51 11.24 -45.76 -24.15
CA PRO A 51 11.56 -47.10 -23.62
C PRO A 51 12.11 -47.13 -22.22
N ALA A 52 12.48 -45.97 -21.69
CA ALA A 52 12.95 -45.90 -20.29
C ALA A 52 11.83 -46.20 -19.29
N ARG A 53 10.59 -45.95 -19.71
CA ARG A 53 9.42 -46.27 -18.87
C ARG A 53 9.29 -47.77 -18.72
N ARG A 54 9.71 -48.52 -19.72
CA ARG A 54 9.62 -49.95 -19.64
C ARG A 54 10.46 -50.44 -18.50
N THR A 55 11.67 -49.94 -18.41
CA THR A 55 12.59 -50.35 -17.41
C THR A 55 12.06 -50.02 -16.01
N ALA A 56 11.49 -48.84 -15.89
CA ALA A 56 10.94 -48.41 -14.60
C ALA A 56 9.91 -49.41 -14.02
N PHE A 57 9.02 -49.91 -14.90
CA PHE A 57 8.03 -50.86 -14.45
C PHE A 57 8.60 -52.27 -14.26
N GLU A 58 9.45 -52.68 -15.20
CA GLU A 58 10.01 -54.03 -15.13
C GLU A 58 10.85 -54.17 -13.88
N SER A 59 11.54 -53.14 -13.50
CA SER A 59 12.36 -53.22 -12.33
C SER A 59 11.56 -53.31 -11.05
N ILE A 60 10.26 -53.07 -11.09
CA ILE A 60 9.49 -53.35 -9.88
C ILE A 60 8.68 -54.64 -10.01
N GLY A 61 8.97 -55.40 -11.04
CA GLY A 61 8.36 -56.74 -11.18
C GLY A 61 7.10 -56.74 -12.02
N ILE A 62 6.80 -55.62 -12.69
CA ILE A 62 5.57 -55.48 -13.39
C ILE A 62 5.79 -55.80 -14.86
N THR A 63 4.89 -56.57 -15.43
CA THR A 63 4.98 -56.88 -16.86
C THR A 63 4.45 -55.74 -17.74
N VAL A 64 5.24 -55.44 -18.74
CA VAL A 64 4.93 -54.43 -19.74
C VAL A 64 4.51 -55.07 -21.05
N LEU A 65 3.25 -54.94 -21.37
CA LEU A 65 2.67 -55.58 -22.54
C LEU A 65 2.93 -54.71 -23.73
N SER A 66 2.57 -55.21 -24.89
CA SER A 66 2.97 -54.56 -26.12
C SER A 66 1.96 -53.52 -26.63
N SER A 67 0.75 -53.50 -26.09
CA SER A 67 -0.19 -52.46 -26.50
C SER A 67 -1.19 -52.11 -25.37
N ASN A 68 -1.82 -50.95 -25.53
CA ASN A 68 -2.89 -50.53 -24.61
C ASN A 68 -4.03 -51.56 -24.61
N ASP A 69 -4.32 -52.08 -25.78
CA ASP A 69 -5.41 -53.07 -25.94
C ASP A 69 -5.20 -54.32 -25.06
N ASP A 70 -3.99 -54.82 -25.03
CA ASP A 70 -3.67 -56.01 -24.23
C ASP A 70 -3.77 -55.70 -22.75
N VAL A 71 -3.37 -54.49 -22.36
CA VAL A 71 -3.50 -54.10 -20.95
C VAL A 71 -4.95 -54.15 -20.54
N VAL A 72 -5.82 -53.57 -21.37
CA VAL A 72 -7.27 -53.55 -21.05
C VAL A 72 -7.83 -54.97 -20.99
N ARG A 73 -7.49 -55.78 -21.99
CA ARG A 73 -7.98 -57.18 -22.02
C ARG A 73 -7.63 -57.90 -20.74
N ASP A 74 -6.40 -57.72 -20.27
CA ASP A 74 -5.93 -58.47 -19.11
C ASP A 74 -6.32 -57.86 -17.76
N SER A 75 -7.07 -56.79 -17.75
CA SER A 75 -7.32 -56.08 -16.50
C SER A 75 -8.76 -56.03 -16.13
N ASN A 76 -9.04 -56.15 -14.84
CA ASN A 76 -10.38 -55.90 -14.26
C ASN A 76 -10.63 -54.43 -14.00
N VAL A 77 -9.55 -53.71 -13.65
CA VAL A 77 -9.64 -52.27 -13.34
C VAL A 77 -8.63 -51.58 -14.23
N VAL A 78 -9.07 -50.54 -14.91
CA VAL A 78 -8.20 -49.84 -15.84
C VAL A 78 -8.05 -48.37 -15.35
N VAL A 79 -6.80 -47.96 -15.07
CA VAL A 79 -6.51 -46.59 -14.71
C VAL A 79 -5.93 -45.84 -15.90
N PHE A 80 -6.61 -44.76 -16.29
CA PHE A 80 -6.11 -43.89 -17.33
C PHE A 80 -5.22 -42.82 -16.73
N SER A 81 -3.95 -42.89 -17.04
CA SER A 81 -2.95 -41.99 -16.45
C SER A 81 -2.10 -41.32 -17.54
N VAL A 82 -2.75 -40.98 -18.65
CA VAL A 82 -2.11 -40.15 -19.66
C VAL A 82 -2.39 -38.69 -19.40
N LYS A 83 -1.65 -37.80 -20.05
CA LYS A 83 -1.93 -36.38 -19.93
C LYS A 83 -3.33 -36.07 -20.42
N PRO A 84 -3.94 -35.08 -19.83
CA PRO A 84 -5.36 -34.87 -20.07
C PRO A 84 -5.72 -34.64 -21.52
N GLN A 85 -4.89 -33.88 -22.19
CA GLN A 85 -5.21 -33.51 -23.57
C GLN A 85 -5.08 -34.73 -24.50
N LEU A 86 -4.52 -35.83 -24.05
CA LEU A 86 -4.43 -37.04 -24.87
C LEU A 86 -5.47 -38.10 -24.53
N LEU A 87 -6.23 -37.85 -23.46
CA LEU A 87 -7.11 -38.89 -22.94
C LEU A 87 -8.28 -39.25 -23.88
N LYS A 88 -8.92 -38.25 -24.44
CA LYS A 88 -10.11 -38.57 -25.25
C LYS A 88 -9.80 -39.59 -26.36
N ASP A 89 -8.75 -39.35 -27.13
CA ASP A 89 -8.42 -40.25 -28.24
C ASP A 89 -8.02 -41.63 -27.75
N VAL A 90 -7.29 -41.66 -26.64
CA VAL A 90 -6.89 -42.91 -26.07
C VAL A 90 -8.15 -43.76 -25.72
N VAL A 91 -9.13 -43.13 -25.05
CA VAL A 91 -10.34 -43.83 -24.66
C VAL A 91 -11.16 -44.29 -25.90
N LEU A 92 -11.29 -43.39 -26.87
CA LEU A 92 -12.05 -43.70 -28.11
C LEU A 92 -11.43 -44.90 -28.82
N LYS A 93 -10.10 -44.93 -28.94
CA LYS A 93 -9.46 -46.08 -29.56
C LYS A 93 -9.74 -47.39 -28.85
N LEU A 94 -9.86 -47.33 -27.52
CA LEU A 94 -10.04 -48.54 -26.71
C LEU A 94 -11.47 -48.97 -26.56
N LYS A 95 -12.37 -48.14 -27.02
CA LYS A 95 -13.76 -48.24 -26.63
C LYS A 95 -14.43 -49.63 -26.79
N PRO A 96 -14.16 -50.33 -27.91
CA PRO A 96 -14.73 -51.69 -28.07
C PRO A 96 -14.36 -52.67 -26.96
N LEU A 97 -13.21 -52.45 -26.33
CA LEU A 97 -12.74 -53.28 -25.22
C LEU A 97 -13.20 -52.85 -23.84
N LEU A 98 -13.84 -51.69 -23.77
CA LEU A 98 -14.25 -51.12 -22.48
C LEU A 98 -15.62 -51.67 -22.06
N THR A 99 -15.67 -52.96 -21.76
CA THR A 99 -16.92 -53.60 -21.45
C THR A 99 -17.28 -53.31 -20.00
N LYS A 100 -18.57 -53.35 -19.69
CA LYS A 100 -19.08 -52.91 -18.38
C LYS A 100 -18.64 -53.78 -17.23
N ASP A 101 -18.03 -54.92 -17.50
CA ASP A 101 -17.47 -55.75 -16.42
C ASP A 101 -16.11 -55.18 -15.89
N LYS A 102 -15.58 -54.18 -16.57
CA LYS A 102 -14.28 -53.56 -16.18
C LYS A 102 -14.50 -52.17 -15.60
N LEU A 103 -14.00 -51.97 -14.39
CA LEU A 103 -14.11 -50.65 -13.71
C LEU A 103 -13.08 -49.71 -14.35
N LEU A 104 -13.54 -48.57 -14.85
CA LEU A 104 -12.62 -47.55 -15.37
C LEU A 104 -12.34 -46.43 -14.34
N VAL A 105 -11.09 -45.97 -14.33
CA VAL A 105 -10.64 -44.91 -13.43
C VAL A 105 -9.82 -43.88 -14.24
N SER A 106 -10.07 -42.60 -14.00
CA SER A 106 -9.22 -41.52 -14.59
C SER A 106 -8.53 -40.75 -13.47
N VAL A 107 -7.23 -40.52 -13.59
CA VAL A 107 -6.55 -39.57 -12.70
C VAL A 107 -6.20 -38.27 -13.46
N ALA A 108 -6.74 -38.10 -14.66
CA ALA A 108 -6.41 -36.90 -15.47
C ALA A 108 -6.92 -35.60 -14.86
N ALA A 109 -6.03 -34.64 -14.70
CA ALA A 109 -6.43 -33.35 -14.12
C ALA A 109 -7.40 -32.65 -15.08
N GLY A 110 -8.47 -32.10 -14.52
CA GLY A 110 -9.37 -31.25 -15.24
C GLY A 110 -10.39 -31.97 -16.17
N ILE A 111 -10.43 -33.29 -16.26
CA ILE A 111 -11.35 -33.96 -17.16
C ILE A 111 -12.58 -34.44 -16.35
N LYS A 112 -13.73 -33.88 -16.68
CA LYS A 112 -14.96 -34.12 -15.98
C LYS A 112 -15.63 -35.50 -16.23
N MET A 113 -16.38 -35.97 -15.25
CA MET A 113 -17.02 -37.29 -15.32
C MET A 113 -17.95 -37.36 -16.52
N LYS A 114 -18.69 -36.29 -16.77
CA LYS A 114 -19.59 -36.27 -17.92
C LYS A 114 -18.89 -36.68 -19.21
N ASP A 115 -17.71 -36.14 -19.43
CA ASP A 115 -16.91 -36.48 -20.62
C ASP A 115 -16.34 -37.90 -20.59
N LEU A 116 -15.78 -38.28 -19.44
CA LEU A 116 -15.29 -39.63 -19.27
C LEU A 116 -16.36 -40.71 -19.68
N GLN A 117 -17.56 -40.53 -19.19
CA GLN A 117 -18.64 -41.47 -19.41
C GLN A 117 -19.05 -41.48 -20.89
N GLU A 118 -19.13 -40.31 -21.47
CA GLU A 118 -19.44 -40.17 -22.87
C GLU A 118 -18.38 -40.80 -23.75
N TRP A 119 -17.11 -40.60 -23.44
CA TRP A 119 -16.06 -41.22 -24.29
C TRP A 119 -16.08 -42.75 -24.20
N ALA A 120 -16.25 -43.27 -22.99
CA ALA A 120 -16.18 -44.67 -22.76
C ALA A 120 -17.47 -45.36 -23.24
N GLY A 121 -18.58 -44.62 -23.24
CA GLY A 121 -19.88 -45.19 -23.59
C GLY A 121 -20.56 -45.93 -22.48
N HIS A 122 -20.09 -45.80 -21.26
CA HIS A 122 -20.81 -46.31 -20.11
C HIS A 122 -20.37 -45.55 -18.85
N GLU A 123 -21.03 -45.81 -17.72
CA GLU A 123 -20.93 -44.96 -16.51
C GLU A 123 -20.25 -45.65 -15.35
N ARG A 124 -19.61 -46.77 -15.60
CA ARG A 124 -18.90 -47.52 -14.54
C ARG A 124 -17.43 -46.99 -14.52
N PHE A 125 -17.35 -45.78 -14.00
CA PHE A 125 -16.20 -44.92 -14.14
C PHE A 125 -16.05 -44.17 -12.81
N ILE A 126 -14.83 -44.12 -12.33
CA ILE A 126 -14.46 -43.32 -11.17
C ILE A 126 -13.37 -42.33 -11.54
N ARG A 127 -13.54 -41.07 -11.12
CA ARG A 127 -12.47 -40.02 -11.34
C ARG A 127 -11.76 -39.81 -10.00
N VAL A 128 -10.46 -39.78 -10.04
CA VAL A 128 -9.62 -39.45 -8.91
C VAL A 128 -8.71 -38.26 -9.23
N MET A 129 -8.60 -37.34 -8.29
CA MET A 129 -7.60 -36.25 -8.37
C MET A 129 -6.66 -36.41 -7.22
N PRO A 130 -5.55 -37.06 -7.46
CA PRO A 130 -4.46 -37.11 -6.52
C PRO A 130 -3.60 -35.85 -6.54
N ASN A 131 -2.47 -35.84 -5.83
CA ASN A 131 -1.54 -34.74 -5.90
C ASN A 131 -0.12 -35.26 -5.83
N THR A 132 0.80 -34.35 -5.86
CA THR A 132 2.24 -34.68 -6.10
C THR A 132 2.79 -35.60 -4.99
N ALA A 133 2.19 -35.53 -3.80
CA ALA A 133 2.78 -36.21 -2.66
C ALA A 133 2.49 -37.71 -2.67
N ALA A 134 1.83 -38.16 -3.72
CA ALA A 134 1.75 -39.59 -4.02
C ALA A 134 3.12 -40.30 -3.96
N THR A 135 4.14 -39.60 -4.39
CA THR A 135 5.49 -40.16 -4.46
C THR A 135 5.94 -40.64 -3.09
N VAL A 136 5.51 -39.97 -2.00
CA VAL A 136 5.93 -40.36 -0.65
C VAL A 136 4.78 -40.95 0.17
N GLY A 137 3.72 -41.33 -0.48
CA GLY A 137 2.63 -41.94 0.20
C GLY A 137 1.83 -40.98 1.05
N GLU A 138 1.86 -39.71 0.71
CA GLU A 138 1.05 -38.74 1.45
C GLU A 138 0.18 -37.83 0.55
N ALA A 139 -0.27 -38.39 -0.58
CA ALA A 139 -1.20 -37.67 -1.39
C ALA A 139 -2.46 -37.30 -0.67
N ALA A 140 -3.05 -36.19 -1.11
CA ALA A 140 -4.44 -35.82 -0.77
C ALA A 140 -5.23 -36.01 -2.01
N SER A 141 -6.10 -37.03 -1.99
CA SER A 141 -6.82 -37.45 -3.23
C SER A 141 -8.31 -37.34 -2.98
N VAL A 142 -9.06 -37.04 -4.02
CA VAL A 142 -10.49 -37.03 -3.96
C VAL A 142 -11.06 -37.81 -5.15
N MET A 143 -12.09 -38.61 -4.89
CA MET A 143 -12.78 -39.40 -5.96
C MET A 143 -14.21 -38.94 -6.19
N SER A 144 -14.67 -39.04 -7.43
CA SER A 144 -16.07 -38.84 -7.72
C SER A 144 -16.52 -40.03 -8.56
N LEU A 145 -17.77 -40.38 -8.34
CA LEU A 145 -18.30 -41.63 -8.89
C LEU A 145 -19.18 -41.34 -10.09
N GLY A 146 -18.98 -42.13 -11.12
CA GLY A 146 -19.88 -42.15 -12.27
C GLY A 146 -21.21 -42.79 -11.92
N GLY A 147 -22.17 -42.66 -12.81
CA GLY A 147 -23.55 -43.11 -12.57
C GLY A 147 -23.71 -44.61 -12.31
N ALA A 148 -22.79 -45.44 -12.79
CA ALA A 148 -22.88 -46.87 -12.55
C ALA A 148 -21.80 -47.44 -11.67
N ALA A 149 -20.97 -46.57 -11.08
CA ALA A 149 -19.96 -47.09 -10.21
C ALA A 149 -20.69 -47.55 -8.96
N THR A 150 -20.37 -48.73 -8.50
CA THR A 150 -21.01 -49.25 -7.28
C THR A 150 -20.29 -48.90 -6.01
N GLU A 151 -20.93 -49.19 -4.89
CA GLU A 151 -20.32 -48.92 -3.56
C GLU A 151 -19.07 -49.76 -3.40
N GLU A 152 -19.12 -50.98 -3.89
CA GLU A 152 -17.99 -51.86 -3.82
C GLU A 152 -16.83 -51.37 -4.77
N ASP A 153 -17.18 -50.86 -5.94
CA ASP A 153 -16.20 -50.20 -6.82
C ASP A 153 -15.48 -49.03 -6.06
N ALA A 154 -16.27 -48.21 -5.39
CA ALA A 154 -15.76 -47.09 -4.61
C ALA A 154 -14.83 -47.59 -3.50
N ASN A 155 -15.22 -48.62 -2.78
CA ASN A 155 -14.32 -49.20 -1.78
C ASN A 155 -13.01 -49.73 -2.32
N LEU A 156 -13.07 -50.38 -3.46
CA LEU A 156 -11.88 -50.82 -4.13
C LEU A 156 -10.89 -49.66 -4.44
N ILE A 157 -11.43 -48.59 -4.99
CA ILE A 157 -10.63 -47.39 -5.32
C ILE A 157 -10.15 -46.66 -4.05
N SER A 158 -10.96 -46.67 -2.98
CA SER A 158 -10.58 -46.11 -1.72
C SER A 158 -9.37 -46.88 -1.11
N GLN A 159 -9.40 -48.19 -1.18
CA GLN A 159 -8.27 -49.00 -0.77
C GLN A 159 -7.03 -48.80 -1.65
N LEU A 160 -7.22 -48.77 -2.95
CA LEU A 160 -6.08 -48.53 -3.84
C LEU A 160 -5.38 -47.18 -3.62
N PHE A 161 -6.15 -46.10 -3.61
CA PHE A 161 -5.60 -44.75 -3.38
C PHE A 161 -5.23 -44.44 -1.96
N GLY A 162 -5.81 -45.22 -1.01
CA GLY A 162 -5.40 -45.20 0.35
C GLY A 162 -3.95 -45.67 0.47
N SER A 163 -3.43 -46.34 -0.54
N SER A 163 -3.43 -46.34 -0.53
CA SER A 163 -2.07 -46.84 -0.48
CA SER A 163 -2.06 -46.82 -0.44
C SER A 163 -1.04 -45.78 -0.84
C SER A 163 -1.03 -45.78 -0.82
N ILE A 164 -1.46 -44.64 -1.35
CA ILE A 164 -0.55 -43.54 -1.62
C ILE A 164 -0.87 -42.25 -0.87
N GLY A 165 -1.77 -42.31 0.12
CA GLY A 165 -2.11 -41.16 0.93
C GLY A 165 -3.49 -41.30 1.48
N LYS A 166 -4.20 -40.20 1.61
CA LYS A 166 -5.58 -40.21 2.04
C LYS A 166 -6.48 -39.99 0.87
N ILE A 167 -7.72 -40.44 0.97
CA ILE A 167 -8.66 -40.33 -0.14
C ILE A 167 -10.08 -40.08 0.36
N TRP A 168 -10.68 -39.01 -0.16
CA TRP A 168 -12.01 -38.60 0.21
C TRP A 168 -12.88 -38.67 -1.01
N LYS A 169 -14.19 -38.53 -0.83
CA LYS A 169 -15.19 -38.57 -1.93
C LYS A 169 -15.83 -37.24 -2.10
N ALA A 170 -16.10 -36.81 -3.31
CA ALA A 170 -16.84 -35.58 -3.52
C ALA A 170 -17.47 -35.54 -4.82
N ASP A 171 -18.53 -34.74 -4.92
N ASP A 171 -18.48 -34.66 -4.92
CA ASP A 171 -19.19 -34.47 -6.19
CA ASP A 171 -19.16 -34.41 -6.18
C ASP A 171 -18.21 -33.92 -7.22
C ASP A 171 -18.19 -33.89 -7.23
N ASP A 172 -18.39 -34.32 -8.47
CA ASP A 172 -17.56 -33.86 -9.55
C ASP A 172 -17.54 -32.37 -9.70
N LYS A 173 -18.60 -31.68 -9.33
CA LYS A 173 -18.60 -30.24 -9.50
C LYS A 173 -17.59 -29.45 -8.58
N TYR A 174 -17.06 -30.09 -7.58
CA TYR A 174 -16.09 -29.47 -6.65
C TYR A 174 -14.61 -29.58 -7.20
N PHE A 175 -14.41 -30.24 -8.33
CA PHE A 175 -13.04 -30.62 -8.69
C PHE A 175 -12.16 -29.43 -9.17
N ASP A 176 -12.74 -28.39 -9.72
CA ASP A 176 -11.88 -27.18 -9.96
C ASP A 176 -11.31 -26.55 -8.66
N ALA A 177 -12.16 -26.43 -7.64
CA ALA A 177 -11.70 -25.98 -6.36
C ALA A 177 -10.71 -26.95 -5.68
N ILE A 178 -10.97 -28.25 -5.78
CA ILE A 178 -10.04 -29.25 -5.29
C ILE A 178 -8.67 -29.05 -5.95
N THR A 179 -8.68 -28.86 -7.26
CA THR A 179 -7.45 -28.69 -8.00
C THR A 179 -6.68 -27.44 -7.51
N GLY A 180 -7.38 -26.36 -7.18
CA GLY A 180 -6.72 -25.18 -6.65
C GLY A 180 -6.20 -25.27 -5.25
N LEU A 181 -6.73 -26.22 -4.47
CA LEU A 181 -6.35 -26.42 -3.10
C LEU A 181 -5.37 -27.58 -2.91
N SER A 182 -5.81 -28.85 -3.09
CA SER A 182 -4.87 -29.94 -2.90
C SER A 182 -3.98 -30.19 -4.10
N GLY A 183 -4.43 -29.87 -5.29
CA GLY A 183 -3.62 -30.09 -6.45
C GLY A 183 -2.46 -29.13 -6.59
N SER A 184 -2.77 -27.84 -6.43
CA SER A 184 -1.85 -26.76 -6.54
C SER A 184 -1.17 -26.35 -5.23
N GLY A 185 -1.84 -26.58 -4.11
CA GLY A 185 -1.34 -26.18 -2.80
C GLY A 185 0.09 -26.59 -2.44
N PRO A 186 0.55 -27.76 -2.89
CA PRO A 186 1.93 -28.10 -2.45
C PRO A 186 2.92 -27.01 -2.84
N ALA A 187 2.72 -26.33 -3.97
CA ALA A 187 3.66 -25.25 -4.35
C ALA A 187 3.60 -24.09 -3.40
N TYR A 188 2.43 -23.80 -2.85
CA TYR A 188 2.28 -22.75 -1.85
C TYR A 188 3.14 -23.07 -0.63
N ILE A 189 3.18 -24.33 -0.26
CA ILE A 189 3.92 -24.73 0.89
C ILE A 189 5.41 -24.88 0.62
N TYR A 190 5.78 -25.25 -0.59
CA TYR A 190 7.20 -25.17 -0.98
C TYR A 190 7.74 -23.74 -0.86
N LEU A 191 7.00 -22.78 -1.34
CA LEU A 191 7.34 -21.37 -1.09
C LEU A 191 7.45 -21.05 0.40
N ALA A 192 6.48 -21.52 1.16
CA ALA A 192 6.51 -21.26 2.59
C ALA A 192 7.74 -21.83 3.30
N ILE A 193 8.10 -23.04 2.95
CA ILE A 193 9.29 -23.68 3.46
C ILE A 193 10.54 -22.92 3.12
N GLU A 194 10.67 -22.51 1.89
CA GLU A 194 11.84 -21.73 1.51
C GLU A 194 11.89 -20.38 2.26
N ALA A 195 10.75 -19.74 2.37
CA ALA A 195 10.66 -18.46 3.08
C ALA A 195 10.96 -18.55 4.53
N LEU A 196 10.50 -19.61 5.17
CA LEU A 196 10.82 -19.83 6.57
C LEU A 196 12.30 -20.05 6.79
N ALA A 197 12.91 -20.83 5.92
CA ALA A 197 14.39 -21.02 5.92
C ALA A 197 15.14 -19.71 5.70
N ASP A 198 14.71 -18.92 4.73
CA ASP A 198 15.29 -17.59 4.46
C ASP A 198 15.14 -16.67 5.70
N GLY A 199 13.98 -16.78 6.36
CA GLY A 199 13.72 -16.05 7.64
C GLY A 199 14.66 -16.48 8.73
N GLY A 200 14.86 -17.77 8.87
CA GLY A 200 15.85 -18.26 9.82
C GLY A 200 17.27 -17.73 9.58
N VAL A 201 17.70 -17.81 8.33
CA VAL A 201 19.01 -17.29 7.94
C VAL A 201 19.06 -15.80 8.20
N ALA A 202 17.96 -15.10 7.94
CA ALA A 202 17.94 -13.63 8.17
C ALA A 202 18.10 -13.36 9.69
N ALA A 203 17.64 -14.28 10.51
CA ALA A 203 17.73 -14.13 11.99
C ALA A 203 18.99 -14.72 12.53
N GLY A 204 19.87 -15.17 11.66
CA GLY A 204 21.17 -15.62 12.08
C GLY A 204 21.47 -17.11 12.05
N LEU A 205 20.57 -17.93 11.56
CA LEU A 205 20.81 -19.36 11.56
C LEU A 205 21.58 -19.83 10.36
N PRO A 206 22.41 -20.86 10.56
CA PRO A 206 23.00 -21.55 9.41
C PRO A 206 21.93 -22.06 8.42
N ARG A 207 22.24 -22.02 7.15
CA ARG A 207 21.30 -22.39 6.13
C ARG A 207 20.91 -23.85 6.25
N ASP A 208 21.78 -24.83 6.46
N ASP A 208 21.78 -24.82 6.47
CA ASP A 208 21.34 -26.26 6.48
CA ASP A 208 21.34 -26.25 6.51
C ASP A 208 20.35 -26.51 7.63
C ASP A 208 20.34 -26.50 7.63
N LEU A 209 20.65 -25.97 8.79
CA LEU A 209 19.77 -26.09 9.94
C LEU A 209 18.43 -25.36 9.69
N ALA A 210 18.48 -24.15 9.11
CA ALA A 210 17.27 -23.37 8.87
C ALA A 210 16.32 -24.18 7.99
N LEU A 211 16.86 -24.76 6.93
CA LEU A 211 16.02 -25.53 6.02
C LEU A 211 15.49 -26.81 6.69
N SER A 212 16.35 -27.52 7.43
CA SER A 212 15.93 -28.73 8.14
C SER A 212 14.82 -28.39 9.13
N LEU A 213 14.98 -27.30 9.86
CA LEU A 213 13.94 -26.91 10.79
C LEU A 213 12.66 -26.51 10.12
N ALA A 214 12.77 -25.73 9.05
CA ALA A 214 11.58 -25.26 8.33
C ALA A 214 10.72 -26.46 7.85
N SER A 215 11.35 -27.43 7.20
CA SER A 215 10.64 -28.55 6.67
C SER A 215 10.00 -29.36 7.77
N GLN A 216 10.73 -29.63 8.82
CA GLN A 216 10.18 -30.44 9.88
C GLN A 216 9.12 -29.70 10.74
N THR A 217 9.24 -28.39 10.82
CA THR A 217 8.24 -27.59 11.47
C THR A 217 6.90 -27.68 10.76
N VAL A 218 6.94 -27.56 9.45
CA VAL A 218 5.75 -27.65 8.65
C VAL A 218 5.15 -29.05 8.78
N LEU A 219 6.00 -30.07 8.72
N LEU A 219 6.00 -30.07 8.72
CA LEU A 219 5.55 -31.47 8.83
CA LEU A 219 5.54 -31.46 8.83
C LEU A 219 4.86 -31.74 10.16
C LEU A 219 4.86 -31.74 10.16
N GLY A 220 5.48 -31.29 11.22
CA GLY A 220 4.92 -31.44 12.57
C GLY A 220 3.61 -30.75 12.79
N ALA A 221 3.53 -29.47 12.38
CA ALA A 221 2.29 -28.75 12.46
C ALA A 221 1.14 -29.39 11.70
N ALA A 222 1.41 -29.89 10.48
CA ALA A 222 0.40 -30.52 9.69
C ALA A 222 -0.02 -31.86 10.35
N SER A 223 0.94 -32.60 10.93
CA SER A 223 0.61 -33.83 11.60
C SER A 223 -0.25 -33.59 12.83
N MET A 224 0.00 -32.50 13.53
CA MET A 224 -0.89 -32.10 14.64
C MET A 224 -2.32 -31.84 14.12
N ALA A 225 -2.42 -31.09 13.04
CA ALA A 225 -3.70 -30.73 12.48
C ALA A 225 -4.44 -31.96 11.99
N THR A 226 -3.72 -32.91 11.42
CA THR A 226 -4.33 -34.09 10.91
C THR A 226 -4.75 -35.03 12.08
N GLN A 227 -3.99 -35.12 13.16
CA GLN A 227 -4.29 -36.12 14.20
C GLN A 227 -5.02 -35.61 15.39
N SER A 228 -5.02 -34.32 15.65
CA SER A 228 -5.44 -33.82 16.97
C SER A 228 -6.94 -33.79 17.16
N GLY A 229 -7.67 -33.74 16.08
CA GLY A 229 -9.08 -33.48 16.21
C GLY A 229 -9.43 -32.02 16.54
N LYS A 230 -8.47 -31.12 16.54
CA LYS A 230 -8.77 -29.76 16.88
C LYS A 230 -8.87 -28.84 15.68
N HIS A 231 -9.64 -27.77 15.83
CA HIS A 231 -9.67 -26.68 14.85
C HIS A 231 -8.28 -26.03 14.82
N PRO A 232 -7.81 -25.62 13.64
CA PRO A 232 -6.55 -24.91 13.56
C PRO A 232 -6.41 -23.67 14.42
N GLY A 233 -7.50 -22.94 14.63
CA GLY A 233 -7.51 -21.84 15.60
C GLY A 233 -7.19 -22.26 17.00
N GLN A 234 -7.71 -23.41 17.40
CA GLN A 234 -7.42 -23.92 18.73
C GLN A 234 -5.98 -24.34 18.86
N LEU A 235 -5.42 -24.95 17.80
CA LEU A 235 -3.98 -25.30 17.75
C LEU A 235 -3.10 -24.06 17.87
N LYS A 236 -3.46 -22.99 17.14
CA LYS A 236 -2.78 -21.72 17.26
C LYS A 236 -2.88 -21.16 18.69
N ASP A 237 -4.06 -21.23 19.27
CA ASP A 237 -4.21 -20.79 20.64
C ASP A 237 -3.33 -21.58 21.61
N ASP A 238 -3.20 -22.87 21.39
CA ASP A 238 -2.38 -23.69 22.24
C ASP A 238 -0.93 -23.26 22.27
N VAL A 239 -0.40 -22.68 21.21
CA VAL A 239 1.00 -22.33 21.20
C VAL A 239 1.34 -20.84 21.35
N THR A 240 0.35 -19.97 21.43
CA THR A 240 0.62 -18.59 21.59
C THR A 240 0.64 -18.14 23.06
N SER A 241 1.78 -18.28 23.70
N SER A 241 1.77 -18.31 23.70
CA SER A 241 1.92 -17.75 25.08
CA SER A 241 1.92 -17.85 25.09
C SER A 241 1.84 -16.27 25.19
C SER A 241 1.91 -16.31 25.22
N PRO A 242 1.47 -15.81 26.40
CA PRO A 242 1.18 -14.37 26.58
C PRO A 242 2.34 -13.49 26.28
N GLY A 243 2.19 -12.54 25.39
CA GLY A 243 3.32 -11.65 25.05
C GLY A 243 4.58 -12.35 24.51
N GLY A 244 4.47 -13.58 24.03
CA GLY A 244 5.61 -14.38 23.69
C GLY A 244 6.04 -14.30 22.24
N THR A 245 6.98 -15.18 21.91
CA THR A 245 7.59 -15.10 20.56
C THR A 245 6.56 -15.46 19.47
N THR A 246 5.78 -16.46 19.76
CA THR A 246 4.85 -17.01 18.75
C THR A 246 3.83 -15.94 18.35
N ILE A 247 3.25 -15.27 19.34
CA ILE A 247 2.30 -14.24 19.00
C ILE A 247 2.97 -13.02 18.30
N ALA A 248 4.22 -12.73 18.60
CA ALA A 248 4.88 -11.69 17.85
C ALA A 248 4.96 -12.04 16.35
N GLY A 249 5.26 -13.28 16.05
CA GLY A 249 5.35 -13.75 14.65
C GLY A 249 3.97 -13.75 13.98
N VAL A 250 2.99 -14.23 14.72
CA VAL A 250 1.60 -14.27 14.28
C VAL A 250 1.09 -12.87 13.97
N HIS A 251 1.41 -11.91 14.81
CA HIS A 251 1.02 -10.52 14.56
C HIS A 251 1.59 -9.99 13.24
N GLU A 252 2.83 -10.35 12.90
CA GLU A 252 3.38 -9.90 11.63
C GLU A 252 2.62 -10.50 10.48
N LEU A 253 2.22 -11.75 10.60
CA LEU A 253 1.41 -12.39 9.56
C LEU A 253 0.06 -11.69 9.38
N GLU A 254 -0.59 -11.37 10.48
CA GLU A 254 -1.86 -10.74 10.41
C GLU A 254 -1.75 -9.28 9.91
N LYS A 255 -0.71 -8.55 10.26
CA LYS A 255 -0.54 -7.17 9.78
C LYS A 255 -0.52 -7.15 8.25
N ALA A 256 0.06 -8.19 7.68
CA ALA A 256 0.26 -8.27 6.23
C ALA A 256 -0.87 -8.96 5.50
N GLY A 257 -1.87 -9.49 6.21
CA GLY A 257 -3.00 -10.15 5.53
C GLY A 257 -2.60 -11.48 4.94
N PHE A 258 -1.74 -12.20 5.65
CA PHE A 258 -1.30 -13.57 5.30
C PHE A 258 -2.43 -14.49 4.94
N ARG A 259 -3.46 -14.55 5.79
CA ARG A 259 -4.57 -15.48 5.50
C ARG A 259 -5.24 -15.15 4.22
N GLY A 260 -5.50 -13.85 3.96
CA GLY A 260 -6.14 -13.44 2.74
C GLY A 260 -5.31 -13.72 1.49
N ILE A 261 -4.02 -13.72 1.64
CA ILE A 261 -3.12 -14.07 0.51
C ILE A 261 -3.24 -15.53 0.11
N LEU A 262 -3.28 -16.40 1.09
CA LEU A 262 -3.48 -17.80 0.79
C LEU A 262 -4.86 -18.08 0.20
N MET A 263 -5.88 -17.39 0.71
CA MET A 263 -7.16 -17.49 0.13
C MET A 263 -7.13 -17.07 -1.35
N ASN A 264 -6.48 -15.96 -1.62
CA ASN A 264 -6.35 -15.51 -2.99
C ASN A 264 -5.74 -16.49 -3.92
N ALA A 265 -4.74 -17.17 -3.43
CA ALA A 265 -4.06 -18.17 -4.24
C ALA A 265 -4.94 -19.33 -4.58
N VAL A 266 -5.66 -19.87 -3.57
CA VAL A 266 -6.62 -20.93 -3.88
C VAL A 266 -7.68 -20.51 -4.88
N VAL A 267 -8.26 -19.37 -4.67
CA VAL A 267 -9.27 -18.86 -5.56
C VAL A 267 -8.76 -18.65 -6.97
N ALA A 268 -7.54 -18.10 -7.09
CA ALA A 268 -7.03 -17.88 -8.43
C ALA A 268 -6.74 -19.17 -9.17
N ALA A 269 -6.19 -20.10 -8.43
CA ALA A 269 -5.92 -21.43 -8.98
C ALA A 269 -7.19 -22.20 -9.42
N ALA A 270 -8.23 -22.11 -8.59
CA ALA A 270 -9.55 -22.69 -8.92
C ALA A 270 -10.16 -22.04 -10.18
N LYS A 271 -10.04 -20.74 -10.27
CA LYS A 271 -10.52 -20.02 -11.39
C LYS A 271 -9.77 -20.39 -12.66
N ARG A 272 -8.48 -20.54 -12.53
CA ARG A 272 -7.67 -21.02 -13.66
C ARG A 272 -8.09 -22.44 -14.10
N SER A 273 -8.32 -23.32 -13.12
CA SER A 273 -8.77 -24.66 -13.42
C SER A 273 -10.04 -24.62 -14.27
N GLN A 274 -10.97 -23.77 -13.88
CA GLN A 274 -12.21 -23.63 -14.59
C GLN A 274 -11.95 -23.09 -16.00
N GLU A 275 -11.05 -22.11 -16.14
CA GLU A 275 -10.76 -21.58 -17.44
C GLU A 275 -10.09 -22.57 -18.33
N LEU A 276 -9.35 -23.51 -17.78
CA LEU A 276 -8.68 -24.51 -18.62
C LEU A 276 -9.59 -25.66 -19.01
N SER A 277 -10.75 -25.63 -18.43
CA SER A 277 -12.04 -26.19 -18.84
C SER A 277 -12.80 -26.74 -17.74
N ILE B 6 32.17 -36.55 37.09
CA ILE B 6 31.76 -36.72 35.65
C ILE B 6 32.09 -38.14 35.18
N ILE B 7 31.35 -39.06 35.77
CA ILE B 7 31.33 -40.43 35.34
C ILE B 7 30.40 -40.54 34.13
N PRO B 8 30.82 -41.26 33.05
CA PRO B 8 29.83 -41.51 31.99
C PRO B 8 28.51 -42.14 32.50
N ILE B 9 27.39 -41.68 31.94
CA ILE B 9 26.08 -42.20 32.28
C ILE B 9 25.96 -43.52 31.51
N PRO B 10 25.63 -44.62 32.20
CA PRO B 10 25.49 -45.87 31.46
C PRO B 10 24.40 -45.79 30.40
N ALA B 11 24.85 -45.87 29.15
CA ALA B 11 23.91 -45.75 28.01
C ALA B 11 22.70 -46.67 28.00
N ASP B 12 22.89 -47.93 28.43
CA ASP B 12 21.86 -48.97 28.37
C ASP B 12 21.12 -49.16 29.73
N SER B 13 21.56 -48.45 30.78
CA SER B 13 21.00 -48.66 32.09
C SER B 13 20.71 -47.41 32.91
N TYR B 14 20.78 -46.24 32.29
CA TYR B 14 20.48 -45.07 33.03
C TYR B 14 19.01 -44.92 33.40
N THR B 15 18.76 -44.26 34.52
CA THR B 15 17.40 -43.92 34.90
C THR B 15 17.14 -42.47 34.66
N LEU B 16 15.92 -42.18 34.20
CA LEU B 16 15.51 -40.85 33.77
C LEU B 16 14.45 -40.30 34.73
N GLY B 17 14.63 -39.07 35.21
CA GLY B 17 13.61 -38.39 36.00
C GLY B 17 13.08 -37.12 35.35
N PHE B 18 11.76 -36.91 35.43
CA PHE B 18 11.15 -35.65 35.02
C PHE B 18 10.76 -34.81 36.23
N ILE B 19 11.20 -33.57 36.21
CA ILE B 19 10.76 -32.58 37.13
C ILE B 19 9.79 -31.67 36.41
N GLY B 20 8.54 -31.78 36.79
CA GLY B 20 7.39 -31.22 36.15
C GLY B 20 6.73 -32.24 35.26
N ALA B 21 5.68 -32.88 35.78
CA ALA B 21 5.01 -33.96 35.10
C ALA B 21 3.92 -33.45 34.17
N GLY B 22 4.31 -32.60 33.24
CA GLY B 22 3.40 -31.96 32.34
C GLY B 22 3.28 -32.61 30.99
N LYS B 23 2.75 -31.86 30.04
CA LYS B 23 2.53 -32.35 28.68
C LYS B 23 3.81 -32.74 27.97
N MET B 24 4.83 -31.93 28.09
CA MET B 24 6.08 -32.23 27.36
C MET B 24 6.79 -33.45 28.00
N ALA B 25 6.81 -33.52 29.30
CA ALA B 25 7.36 -34.71 29.97
C ALA B 25 6.67 -35.97 29.53
N GLU B 26 5.35 -35.91 29.46
CA GLU B 26 4.54 -37.06 29.09
C GLU B 26 4.88 -37.46 27.67
N SER B 27 5.00 -36.47 26.77
CA SER B 27 5.33 -36.77 25.39
C SER B 27 6.66 -37.45 25.28
N ILE B 28 7.64 -36.96 26.00
CA ILE B 28 9.00 -37.54 25.95
C ILE B 28 8.99 -38.97 26.53
N ALA B 29 8.36 -39.13 27.67
CA ALA B 29 8.26 -40.45 28.31
C ALA B 29 7.63 -41.47 27.42
N LYS B 30 6.49 -41.10 26.84
CA LYS B 30 5.82 -42.02 25.92
C LYS B 30 6.67 -42.35 24.76
N GLY B 31 7.29 -41.34 24.18
CA GLY B 31 8.12 -41.57 23.01
C GLY B 31 9.21 -42.57 23.35
N ALA B 32 9.89 -42.36 24.47
CA ALA B 32 11.05 -43.18 24.82
C ALA B 32 10.64 -44.62 25.14
N VAL B 33 9.47 -44.77 25.74
CA VAL B 33 8.95 -46.12 25.97
C VAL B 33 8.53 -46.81 24.63
N ARG B 34 7.81 -46.09 23.79
CA ARG B 34 7.43 -46.54 22.44
C ARG B 34 8.63 -46.96 21.63
N SER B 35 9.67 -46.16 21.58
CA SER B 35 10.83 -46.49 20.76
C SER B 35 11.67 -47.63 21.36
N GLY B 36 11.41 -48.03 22.60
CA GLY B 36 12.31 -48.95 23.26
C GLY B 36 13.61 -48.38 23.77
N VAL B 37 13.78 -47.08 23.73
CA VAL B 37 14.95 -46.49 24.38
C VAL B 37 14.99 -46.78 25.90
N LEU B 38 13.84 -46.71 26.51
CA LEU B 38 13.73 -46.80 27.99
C LEU B 38 12.60 -47.76 28.20
N SER B 39 12.57 -48.36 29.37
CA SER B 39 11.40 -49.02 29.89
C SER B 39 10.75 -48.15 30.97
N PRO B 40 9.44 -48.34 31.22
CA PRO B 40 8.78 -47.48 32.22
C PRO B 40 9.39 -47.55 33.61
N SER B 41 9.95 -48.71 33.93
CA SER B 41 10.55 -48.87 35.27
C SER B 41 11.78 -48.00 35.44
N ARG B 42 12.38 -47.57 34.34
CA ARG B 42 13.59 -46.66 34.42
C ARG B 42 13.24 -45.15 34.43
N ILE B 43 11.94 -44.82 34.51
CA ILE B 43 11.49 -43.45 34.48
C ILE B 43 10.79 -43.12 35.74
N LYS B 44 11.04 -41.94 36.27
CA LYS B 44 10.34 -41.47 37.47
C LYS B 44 9.87 -40.04 37.30
N THR B 45 8.77 -39.66 37.96
CA THR B 45 8.42 -38.26 38.09
C THR B 45 7.72 -38.02 39.43
N ALA B 46 7.32 -36.78 39.67
CA ALA B 46 6.56 -36.43 40.89
C ALA B 46 5.57 -35.38 40.50
N ILE B 47 4.40 -35.46 41.09
CA ILE B 47 3.32 -34.56 40.82
C ILE B 47 3.44 -33.26 41.58
N HIS B 48 2.79 -32.21 41.12
CA HIS B 48 2.78 -30.97 41.89
C HIS B 48 1.41 -30.85 42.67
N SER B 49 0.41 -30.20 42.09
CA SER B 49 -0.92 -30.07 42.71
C SER B 49 -2.00 -30.93 42.02
N ASN B 50 -1.93 -31.02 40.71
CA ASN B 50 -2.91 -31.74 39.90
C ASN B 50 -2.78 -33.27 39.92
N PRO B 51 -3.72 -33.98 40.56
CA PRO B 51 -3.60 -35.44 40.65
C PRO B 51 -3.94 -36.19 39.37
N ALA B 52 -4.52 -35.49 38.39
CA ALA B 52 -4.77 -36.09 37.06
C ALA B 52 -3.46 -36.43 36.35
N ARG B 53 -2.41 -35.69 36.66
CA ARG B 53 -1.10 -35.97 36.07
C ARG B 53 -0.59 -37.31 36.58
N ARG B 54 -0.93 -37.66 37.81
CA ARG B 54 -0.46 -38.93 38.39
C ARG B 54 -0.94 -40.05 37.50
N THR B 55 -2.19 -39.95 37.10
CA THR B 55 -2.83 -41.02 36.35
C THR B 55 -2.21 -41.16 34.99
N ALA B 56 -1.95 -40.01 34.38
CA ALA B 56 -1.30 -39.99 33.08
C ALA B 56 0.03 -40.76 33.06
N PHE B 57 0.84 -40.59 34.10
CA PHE B 57 2.10 -41.35 34.21
C PHE B 57 1.93 -42.80 34.65
N GLU B 58 1.07 -43.01 35.63
CA GLU B 58 0.88 -44.37 36.11
C GLU B 58 0.30 -45.27 35.04
N SER B 59 -0.54 -44.71 34.19
CA SER B 59 -1.13 -45.51 33.15
C SER B 59 -0.15 -45.92 32.10
N ILE B 60 1.05 -45.38 32.07
CA ILE B 60 2.01 -45.91 31.12
C ILE B 60 3.08 -46.72 31.83
N GLY B 61 2.85 -46.99 33.10
CA GLY B 61 3.71 -47.89 33.86
C GLY B 61 4.80 -47.18 34.65
N ILE B 62 4.67 -45.88 34.77
CA ILE B 62 5.75 -45.11 35.35
C ILE B 62 5.45 -44.80 36.80
N THR B 63 6.45 -44.97 37.65
CA THR B 63 6.24 -44.70 39.07
C THR B 63 6.33 -43.21 39.40
N VAL B 64 5.31 -42.76 40.09
CA VAL B 64 5.22 -41.40 40.57
C VAL B 64 5.65 -41.33 42.02
N LEU B 65 6.80 -40.71 42.27
CA LEU B 65 7.33 -40.54 43.61
C LEU B 65 6.69 -39.33 44.30
N SER B 66 6.99 -39.17 45.57
CA SER B 66 6.26 -38.17 46.38
C SER B 66 6.90 -36.78 46.37
N SER B 67 8.15 -36.65 45.91
CA SER B 67 8.78 -35.33 45.84
C SER B 67 9.80 -35.22 44.71
N ASN B 68 10.07 -33.98 44.33
CA ASN B 68 11.09 -33.71 43.33
C ASN B 68 12.45 -34.25 43.77
N ASP B 69 12.74 -34.10 45.07
CA ASP B 69 14.00 -34.59 45.66
C ASP B 69 14.23 -36.11 45.41
N ASP B 70 13.20 -36.90 45.62
CA ASP B 70 13.28 -38.33 45.41
C ASP B 70 13.47 -38.69 43.90
N VAL B 71 12.79 -37.97 43.04
CA VAL B 71 13.05 -38.13 41.60
C VAL B 71 14.54 -37.92 41.27
N VAL B 72 15.10 -36.84 41.74
CA VAL B 72 16.50 -36.55 41.47
C VAL B 72 17.44 -37.66 42.03
N ARG B 73 17.24 -38.02 43.30
CA ARG B 73 18.06 -39.04 43.96
C ARG B 73 18.04 -40.34 43.19
N ASP B 74 16.90 -40.71 42.66
CA ASP B 74 16.81 -41.93 41.89
C ASP B 74 17.23 -41.89 40.42
N SER B 75 17.65 -40.74 39.93
CA SER B 75 17.83 -40.59 38.47
C SER B 75 19.26 -40.23 38.11
N ASN B 76 19.77 -40.83 37.05
CA ASN B 76 21.10 -40.47 36.49
C ASN B 76 20.96 -39.24 35.54
N VAL B 77 19.81 -39.10 34.90
CA VAL B 77 19.49 -38.02 33.94
C VAL B 77 18.19 -37.35 34.37
N VAL B 78 18.25 -36.05 34.54
CA VAL B 78 17.15 -35.30 35.07
C VAL B 78 16.70 -34.26 34.05
N VAL B 79 15.44 -34.38 33.63
CA VAL B 79 14.86 -33.44 32.70
C VAL B 79 13.97 -32.47 33.40
N PHE B 80 14.30 -31.18 33.30
CA PHE B 80 13.49 -30.13 33.85
C PHE B 80 12.46 -29.70 32.82
N SER B 81 11.20 -29.94 33.14
CA SER B 81 10.07 -29.70 32.25
C SER B 81 8.97 -28.90 32.92
N VAL B 82 9.36 -27.99 33.80
CA VAL B 82 8.42 -26.99 34.34
C VAL B 82 8.41 -25.73 33.47
N LYS B 83 7.41 -24.89 33.66
CA LYS B 83 7.27 -23.63 32.92
C LYS B 83 8.50 -22.79 33.20
N PRO B 84 8.96 -22.01 32.22
CA PRO B 84 10.29 -21.33 32.33
C PRO B 84 10.41 -20.40 33.55
N GLN B 85 9.34 -19.68 33.85
CA GLN B 85 9.37 -18.73 34.95
C GLN B 85 9.41 -19.43 36.31
N LEU B 86 9.19 -20.72 36.36
CA LEU B 86 9.29 -21.49 37.62
C LEU B 86 10.58 -22.23 37.77
N LEU B 87 11.39 -22.22 36.72
CA LEU B 87 12.54 -23.14 36.66
C LEU B 87 13.64 -22.74 37.66
N LYS B 88 13.95 -21.46 37.73
CA LYS B 88 15.02 -21.05 38.60
C LYS B 88 14.83 -21.55 40.05
N ASP B 89 13.66 -21.30 40.62
CA ASP B 89 13.41 -21.70 42.02
C ASP B 89 13.41 -23.19 42.20
N VAL B 90 12.87 -23.91 41.21
CA VAL B 90 12.91 -25.35 41.23
C VAL B 90 14.34 -25.91 41.30
N VAL B 91 15.21 -25.37 40.47
CA VAL B 91 16.62 -25.79 40.41
C VAL B 91 17.33 -25.43 41.74
N LEU B 92 17.10 -24.22 42.21
CA LEU B 92 17.76 -23.75 43.45
C LEU B 92 17.38 -24.63 44.60
N LYS B 93 16.10 -24.98 44.71
CA LYS B 93 15.66 -25.86 45.78
C LYS B 93 16.32 -27.23 45.70
N LEU B 94 16.55 -27.74 44.49
CA LEU B 94 17.16 -29.07 44.30
C LEU B 94 18.69 -29.10 44.32
N LYS B 95 19.27 -27.93 44.33
CA LYS B 95 20.69 -27.81 44.06
C LYS B 95 21.63 -28.78 44.83
N PRO B 96 21.43 -28.93 46.14
CA PRO B 96 22.31 -29.85 46.87
C PRO B 96 22.35 -31.28 46.31
N LEU B 97 21.25 -31.71 45.68
CA LEU B 97 21.17 -33.01 45.12
C LEU B 97 21.72 -33.09 43.70
N LEU B 98 22.02 -31.95 43.10
CA LEU B 98 22.46 -31.90 41.72
C LEU B 98 23.94 -32.15 41.60
N THR B 99 24.34 -33.36 41.94
CA THR B 99 25.75 -33.70 41.88
C THR B 99 26.21 -34.00 40.46
N LYS B 100 27.50 -33.85 40.20
CA LYS B 100 28.06 -33.84 38.82
C LYS B 100 28.05 -35.16 38.15
N ASP B 101 27.72 -36.22 38.88
CA ASP B 101 27.52 -37.52 38.27
C ASP B 101 26.11 -37.63 37.56
N LYS B 102 25.24 -36.63 37.73
CA LYS B 102 23.92 -36.58 37.10
C LYS B 102 23.87 -35.55 35.96
N LEU B 103 23.51 -36.04 34.78
CA LEU B 103 23.30 -35.20 33.59
C LEU B 103 21.98 -34.43 33.73
N LEU B 104 22.06 -33.11 33.64
CA LEU B 104 20.88 -32.27 33.67
C LEU B 104 20.45 -31.84 32.28
N VAL B 105 19.11 -31.77 32.09
CA VAL B 105 18.52 -31.36 30.78
C VAL B 105 17.40 -30.39 31.03
N SER B 106 17.38 -29.30 30.29
CA SER B 106 16.25 -28.38 30.32
C SER B 106 15.57 -28.38 29.00
N VAL B 107 14.25 -28.47 29.02
CA VAL B 107 13.46 -28.15 27.82
C VAL B 107 12.78 -26.78 27.84
N ALA B 108 13.08 -25.97 28.86
CA ALA B 108 12.38 -24.72 29.05
C ALA B 108 12.64 -23.74 27.95
N ALA B 109 11.57 -23.20 27.42
CA ALA B 109 11.71 -22.18 26.36
C ALA B 109 12.37 -20.93 26.90
N GLY B 110 13.35 -20.42 26.16
CA GLY B 110 13.93 -19.12 26.45
C GLY B 110 14.94 -19.07 27.57
N ILE B 111 15.31 -20.19 28.21
CA ILE B 111 16.23 -20.12 29.32
C ILE B 111 17.59 -20.57 28.78
N LYS B 112 18.52 -19.65 28.78
CA LYS B 112 19.90 -19.86 28.25
C LYS B 112 20.78 -20.74 29.10
N MET B 113 21.74 -21.35 28.44
CA MET B 113 22.67 -22.29 29.07
C MET B 113 23.45 -21.60 30.20
N LYS B 114 23.87 -20.37 29.98
CA LYS B 114 24.57 -19.61 31.02
C LYS B 114 23.80 -19.61 32.35
N ASP B 115 22.49 -19.35 32.29
CA ASP B 115 21.65 -19.34 33.49
C ASP B 115 21.44 -20.70 34.09
N LEU B 116 21.18 -21.68 33.22
CA LEU B 116 21.04 -23.03 33.69
C LEU B 116 22.24 -23.46 34.54
N GLN B 117 23.42 -23.21 34.01
CA GLN B 117 24.66 -23.67 34.62
C GLN B 117 24.85 -22.94 35.98
N GLU B 118 24.53 -21.67 35.97
CA GLU B 118 24.64 -20.85 37.17
C GLU B 118 23.69 -21.30 38.25
N TRP B 119 22.46 -21.65 37.88
CA TRP B 119 21.50 -22.11 38.87
C TRP B 119 21.88 -23.46 39.47
N ALA B 120 22.34 -24.35 38.61
CA ALA B 120 22.70 -25.70 39.05
C ALA B 120 24.04 -25.73 39.79
N GLY B 121 24.91 -24.80 39.44
CA GLY B 121 26.25 -24.74 40.02
C GLY B 121 27.26 -25.61 39.30
N HIS B 122 26.91 -26.17 38.16
CA HIS B 122 27.88 -26.91 37.38
C HIS B 122 27.44 -26.91 35.93
N GLU B 123 28.27 -27.46 35.07
CA GLU B 123 28.13 -27.32 33.62
C GLU B 123 27.77 -28.60 32.85
N ARG B 124 27.39 -29.65 33.57
CA ARG B 124 26.99 -30.90 32.96
C ARG B 124 25.47 -30.81 32.71
N PHE B 125 25.16 -30.01 31.72
CA PHE B 125 23.83 -29.55 31.44
C PHE B 125 23.65 -29.52 29.93
N ILE B 126 22.50 -30.04 29.45
CA ILE B 126 22.12 -29.93 28.06
C ILE B 126 20.79 -29.21 27.95
N ARG B 127 20.69 -28.27 27.03
CA ARG B 127 19.46 -27.57 26.74
C ARG B 127 18.88 -28.17 25.46
N VAL B 128 17.60 -28.36 25.48
CA VAL B 128 16.84 -28.75 24.27
C VAL B 128 15.73 -27.80 24.09
N MET B 129 15.50 -27.43 22.84
CA MET B 129 14.27 -26.72 22.45
C MET B 129 13.46 -27.62 21.51
N PRO B 130 12.45 -28.32 22.05
CA PRO B 130 11.51 -29.06 21.21
C PRO B 130 10.40 -28.15 20.68
N ASN B 131 9.39 -28.70 20.05
CA ASN B 131 8.24 -27.93 19.71
C ASN B 131 6.98 -28.74 19.94
N THR B 132 5.86 -28.08 19.71
CA THR B 132 4.53 -28.62 20.05
C THR B 132 4.23 -29.99 19.39
N ALA B 133 4.88 -30.28 18.28
CA ALA B 133 4.60 -31.57 17.59
C ALA B 133 5.22 -32.81 18.23
N ALA B 134 5.91 -32.63 19.34
CA ALA B 134 6.30 -33.74 20.18
C ALA B 134 5.15 -34.70 20.52
N THR B 135 3.97 -34.10 20.64
CA THR B 135 2.75 -34.86 20.94
C THR B 135 2.45 -35.98 19.91
N VAL B 136 2.82 -35.77 18.65
CA VAL B 136 2.63 -36.77 17.62
C VAL B 136 3.93 -37.34 17.11
N GLY B 137 5.02 -37.17 17.82
CA GLY B 137 6.27 -37.77 17.42
C GLY B 137 6.93 -37.08 16.23
N GLU B 138 6.58 -35.82 15.98
CA GLU B 138 7.17 -35.09 14.89
C GLU B 138 7.75 -33.72 15.31
N ALA B 139 8.26 -33.66 16.50
CA ALA B 139 8.94 -32.49 16.92
C ALA B 139 10.13 -32.15 16.02
N ALA B 140 10.39 -30.86 15.93
CA ALA B 140 11.69 -30.32 15.46
C ALA B 140 12.42 -29.81 16.72
N SER B 141 13.50 -30.48 17.09
CA SER B 141 14.19 -30.19 18.34
C SER B 141 15.64 -29.82 18.04
N VAL B 142 16.20 -28.96 18.87
CA VAL B 142 17.65 -28.64 18.80
C VAL B 142 18.21 -28.67 20.18
N MET B 143 19.39 -29.24 20.29
CA MET B 143 20.10 -29.29 21.61
C MET B 143 21.40 -28.46 21.60
N SER B 144 21.73 -27.89 22.76
CA SER B 144 23.04 -27.23 22.96
C SER B 144 23.65 -27.80 24.20
N LEU B 145 24.97 -27.83 24.21
CA LEU B 145 25.72 -28.49 25.27
C LEU B 145 26.37 -27.51 26.20
N GLY B 146 26.21 -27.74 27.49
CA GLY B 146 26.93 -26.97 28.50
C GLY B 146 28.41 -27.33 28.47
N GLY B 147 29.20 -26.58 29.24
CA GLY B 147 30.64 -26.70 29.21
C GLY B 147 31.20 -28.04 29.66
N ALA B 148 30.46 -28.80 30.44
CA ALA B 148 30.94 -30.11 30.87
C ALA B 148 30.13 -31.26 30.32
N ALA B 149 29.20 -30.99 29.42
CA ALA B 149 28.43 -32.08 28.81
C ALA B 149 29.34 -32.83 27.86
N THR B 150 29.41 -34.13 27.97
CA THR B 150 30.30 -34.91 27.11
C THR B 150 29.63 -35.33 25.78
N GLU B 151 30.43 -35.86 24.88
CA GLU B 151 29.92 -36.42 23.63
C GLU B 151 28.95 -37.58 23.88
N GLU B 152 29.23 -38.35 24.91
CA GLU B 152 28.39 -39.48 25.26
C GLU B 152 27.07 -38.98 25.87
N ASP B 153 27.16 -37.91 26.66
CA ASP B 153 25.94 -37.23 27.19
C ASP B 153 25.04 -36.79 25.98
N ALA B 154 25.66 -36.18 24.99
CA ALA B 154 24.94 -35.70 23.82
C ALA B 154 24.27 -36.85 23.08
N ASN B 155 24.98 -37.95 22.93
CA ASN B 155 24.41 -39.11 22.22
C ASN B 155 23.22 -39.66 22.96
N LEU B 156 23.32 -39.64 24.27
CA LEU B 156 22.22 -40.09 25.08
C LEU B 156 20.96 -39.23 24.84
N ILE B 157 21.16 -37.92 24.85
CA ILE B 157 20.05 -37.00 24.64
C ILE B 157 19.52 -37.03 23.18
N SER B 158 20.39 -37.25 22.21
CA SER B 158 19.91 -37.41 20.84
C SER B 158 19.00 -38.55 20.71
N GLN B 159 19.40 -39.64 21.32
CA GLN B 159 18.62 -40.87 21.23
C GLN B 159 17.24 -40.65 21.92
N LEU B 160 17.28 -39.99 23.06
CA LEU B 160 16.04 -39.73 23.76
C LEU B 160 15.07 -38.82 23.02
N PHE B 161 15.56 -37.67 22.50
CA PHE B 161 14.72 -36.77 21.74
C PHE B 161 14.43 -37.20 20.30
N GLY B 162 15.25 -38.14 19.79
CA GLY B 162 15.02 -38.79 18.50
C GLY B 162 13.74 -39.62 18.59
N SER B 163 13.29 -39.92 19.79
CA SER B 163 12.10 -40.71 19.92
C SER B 163 10.82 -39.91 19.86
N ILE B 164 10.91 -38.58 19.87
CA ILE B 164 9.69 -37.71 19.63
C ILE B 164 9.76 -36.77 18.40
N GLY B 165 10.69 -37.03 17.49
CA GLY B 165 10.80 -36.27 16.27
C GLY B 165 12.24 -36.31 15.79
N LYS B 166 12.65 -35.25 15.16
CA LYS B 166 14.01 -35.07 14.76
C LYS B 166 14.78 -34.15 15.75
N ILE B 167 16.07 -34.35 15.87
CA ILE B 167 16.88 -33.58 16.80
C ILE B 167 18.25 -33.19 16.16
N TRP B 168 18.59 -31.90 16.20
CA TRP B 168 19.81 -31.40 15.67
C TRP B 168 20.59 -30.74 16.81
N LYS B 169 21.84 -30.37 16.57
CA LYS B 169 22.72 -29.71 17.59
C LYS B 169 23.07 -28.35 17.16
N ALA B 170 23.10 -27.40 18.07
CA ALA B 170 23.56 -26.05 17.68
C ALA B 170 24.02 -25.28 18.86
N ASP B 171 24.84 -24.29 18.59
N ASP B 171 24.85 -24.29 18.60
CA ASP B 171 25.35 -23.43 19.63
CA ASP B 171 25.36 -23.43 19.65
C ASP B 171 24.19 -22.66 20.26
C ASP B 171 24.20 -22.67 20.26
N ASP B 172 24.32 -22.38 21.57
CA ASP B 172 23.31 -21.64 22.31
C ASP B 172 22.99 -20.31 21.70
N LYS B 173 23.94 -19.68 21.00
CA LYS B 173 23.68 -18.41 20.49
C LYS B 173 22.66 -18.37 19.31
N TYR B 174 22.36 -19.51 18.74
CA TYR B 174 21.31 -19.62 17.72
C TYR B 174 19.87 -19.80 18.28
N PHE B 175 19.70 -19.93 19.60
CA PHE B 175 18.42 -20.37 20.12
C PHE B 175 17.30 -19.34 19.99
N ASP B 176 17.60 -18.07 20.01
CA ASP B 176 16.51 -17.11 19.77
C ASP B 176 15.91 -17.29 18.37
N ALA B 177 16.76 -17.46 17.37
CA ALA B 177 16.31 -17.68 16.03
C ALA B 177 15.62 -19.07 15.88
N ILE B 178 16.16 -20.09 16.48
CA ILE B 178 15.48 -21.39 16.54
C ILE B 178 14.06 -21.23 17.10
N THR B 179 13.96 -20.51 18.21
CA THR B 179 12.69 -20.31 18.87
C THR B 179 11.71 -19.60 17.94
N GLY B 180 12.17 -18.66 17.14
CA GLY B 180 11.31 -17.95 16.21
C GLY B 180 10.91 -18.77 14.97
N LEU B 181 11.70 -19.77 14.63
CA LEU B 181 11.44 -20.62 13.48
C LEU B 181 10.73 -21.95 13.89
N SER B 182 11.41 -22.88 14.56
CA SER B 182 10.78 -24.17 14.87
C SER B 182 9.88 -24.10 16.10
N GLY B 183 10.24 -23.27 17.07
CA GLY B 183 9.39 -23.14 18.24
C GLY B 183 8.03 -22.45 17.97
N SER B 184 8.09 -21.34 17.27
CA SER B 184 6.90 -20.50 16.98
C SER B 184 6.23 -20.87 15.67
N GLY B 185 7.02 -21.40 14.73
CA GLY B 185 6.50 -21.71 13.37
C GLY B 185 5.21 -22.54 13.24
N PRO B 186 4.98 -23.48 14.16
CA PRO B 186 3.76 -24.21 14.00
C PRO B 186 2.53 -23.32 13.95
N ALA B 187 2.51 -22.23 14.68
CA ALA B 187 1.37 -21.32 14.62
C ALA B 187 1.21 -20.70 13.24
N TYR B 188 2.35 -20.41 12.58
CA TYR B 188 2.28 -19.80 11.25
C TYR B 188 1.58 -20.80 10.30
N ILE B 189 1.88 -22.08 10.49
CA ILE B 189 1.32 -23.12 9.63
C ILE B 189 -0.12 -23.40 10.01
N TYR B 190 -0.49 -23.26 11.28
CA TYR B 190 -1.89 -23.38 11.64
C TYR B 190 -2.71 -22.30 10.98
N LEU B 191 -2.21 -21.09 10.97
CA LEU B 191 -2.89 -20.02 10.21
C LEU B 191 -2.98 -20.39 8.75
N ALA B 192 -1.90 -20.92 8.22
CA ALA B 192 -1.89 -21.29 6.78
C ALA B 192 -2.92 -22.34 6.43
N ILE B 193 -3.03 -23.34 7.29
CA ILE B 193 -4.02 -24.37 7.12
C ILE B 193 -5.45 -23.84 7.15
N GLU B 194 -5.74 -22.99 8.13
CA GLU B 194 -7.05 -22.39 8.20
C GLU B 194 -7.36 -21.56 6.94
N ALA B 195 -6.37 -20.80 6.48
CA ALA B 195 -6.58 -19.92 5.38
C ALA B 195 -6.78 -20.68 4.11
N LEU B 196 -6.01 -21.77 3.94
CA LEU B 196 -6.25 -22.68 2.79
C LEU B 196 -7.61 -23.25 2.79
N ALA B 197 -8.08 -23.69 3.97
CA ALA B 197 -9.43 -24.17 4.07
C ALA B 197 -10.46 -23.10 3.74
N ASP B 198 -10.28 -21.91 4.29
CA ASP B 198 -11.17 -20.77 4.00
C ASP B 198 -11.19 -20.45 2.49
N GLY B 199 -10.02 -20.55 1.86
CA GLY B 199 -9.89 -20.40 0.42
C GLY B 199 -10.63 -21.43 -0.36
N GLY B 200 -10.55 -22.69 0.11
CA GLY B 200 -11.35 -23.75 -0.51
C GLY B 200 -12.86 -23.46 -0.45
N VAL B 201 -13.33 -23.05 0.73
CA VAL B 201 -14.74 -22.76 0.97
C VAL B 201 -15.09 -21.57 0.10
N ALA B 202 -14.18 -20.60 -0.01
CA ALA B 202 -14.47 -19.42 -0.86
C ALA B 202 -14.61 -19.84 -2.33
N ALA B 203 -13.94 -20.91 -2.74
CA ALA B 203 -14.02 -21.42 -4.08
C ALA B 203 -15.13 -22.44 -4.22
N GLY B 204 -15.91 -22.66 -3.21
CA GLY B 204 -17.07 -23.49 -3.28
C GLY B 204 -17.00 -24.88 -2.65
N LEU B 205 -15.93 -25.22 -1.96
CA LEU B 205 -15.85 -26.49 -1.30
C LEU B 205 -16.59 -26.59 0.01
N PRO B 206 -17.15 -27.74 0.31
CA PRO B 206 -17.60 -28.02 1.69
C PRO B 206 -16.47 -27.83 2.70
N ARG B 207 -16.82 -27.34 3.87
CA ARG B 207 -15.87 -27.10 4.92
C ARG B 207 -15.09 -28.30 5.37
N ASP B 208 -15.75 -29.42 5.63
N ASP B 208 -15.75 -29.42 5.65
CA ASP B 208 -15.09 -30.56 6.19
CA ASP B 208 -15.03 -30.55 6.22
C ASP B 208 -14.02 -31.08 5.27
C ASP B 208 -13.98 -31.02 5.26
N LEU B 209 -14.37 -31.10 4.00
CA LEU B 209 -13.46 -31.50 2.94
C LEU B 209 -12.30 -30.47 2.76
N ALA B 210 -12.63 -29.19 2.78
CA ALA B 210 -11.62 -28.14 2.61
C ALA B 210 -10.55 -28.25 3.68
N LEU B 211 -10.98 -28.46 4.91
CA LEU B 211 -10.05 -28.55 5.98
C LEU B 211 -9.23 -29.84 5.91
N SER B 212 -9.87 -30.98 5.58
CA SER B 212 -9.14 -32.23 5.44
C SER B 212 -8.09 -32.13 4.33
N LEU B 213 -8.48 -31.56 3.22
CA LEU B 213 -7.51 -31.34 2.12
C LEU B 213 -6.39 -30.40 2.50
N ALA B 214 -6.72 -29.31 3.16
CA ALA B 214 -5.70 -28.32 3.53
C ALA B 214 -4.63 -28.98 4.41
N SER B 215 -5.06 -29.72 5.47
CA SER B 215 -4.11 -30.31 6.36
C SER B 215 -3.27 -31.33 5.64
N GLN B 216 -3.90 -32.16 4.84
CA GLN B 216 -3.13 -33.27 4.24
C GLN B 216 -2.21 -32.74 3.09
N THR B 217 -2.63 -31.67 2.50
CA THR B 217 -1.77 -30.99 1.46
C THR B 217 -0.47 -30.48 2.07
N VAL B 218 -0.61 -29.83 3.19
CA VAL B 218 0.56 -29.32 3.89
C VAL B 218 1.43 -30.48 4.32
N LEU B 219 0.83 -31.51 4.93
CA LEU B 219 1.58 -32.66 5.38
C LEU B 219 2.36 -33.29 4.22
N GLY B 220 1.68 -33.48 3.12
CA GLY B 220 2.30 -34.08 1.95
C GLY B 220 3.45 -33.28 1.38
N ALA B 221 3.25 -31.99 1.24
CA ALA B 221 4.28 -31.15 0.74
C ALA B 221 5.52 -31.16 1.62
N ALA B 222 5.28 -31.10 2.91
CA ALA B 222 6.40 -31.14 3.86
C ALA B 222 7.10 -32.48 3.82
N SER B 223 6.33 -33.58 3.61
CA SER B 223 6.95 -34.88 3.44
C SER B 223 7.83 -34.98 2.20
N MET B 224 7.38 -34.38 1.12
CA MET B 224 8.18 -34.31 -0.08
C MET B 224 9.46 -33.53 0.16
N ALA B 225 9.37 -32.43 0.92
CA ALA B 225 10.55 -31.62 1.19
C ALA B 225 11.49 -32.44 2.05
N THR B 226 10.96 -33.20 3.02
CA THR B 226 11.84 -33.87 3.96
C THR B 226 12.50 -35.10 3.31
N GLN B 227 11.80 -35.79 2.43
CA GLN B 227 12.33 -37.00 1.87
C GLN B 227 13.00 -36.87 0.49
N SER B 228 12.70 -35.83 -0.29
CA SER B 228 13.12 -35.81 -1.69
C SER B 228 14.59 -35.52 -1.93
N GLY B 229 15.25 -34.92 -0.97
CA GLY B 229 16.55 -34.41 -1.20
C GLY B 229 16.58 -33.15 -2.10
N LYS B 230 15.44 -32.54 -2.43
CA LYS B 230 15.46 -31.43 -3.35
C LYS B 230 15.36 -30.09 -2.63
N HIS B 231 15.88 -29.07 -3.24
CA HIS B 231 15.63 -27.71 -2.80
C HIS B 231 14.18 -27.36 -3.03
N PRO B 232 13.61 -26.54 -2.14
CA PRO B 232 12.20 -26.16 -2.31
C PRO B 232 11.88 -25.48 -3.61
N GLY B 233 12.82 -24.74 -4.18
CA GLY B 233 12.62 -24.20 -5.51
C GLY B 233 12.50 -25.25 -6.64
N GLN B 234 13.24 -26.34 -6.48
CA GLN B 234 13.13 -27.46 -7.41
C GLN B 234 11.75 -28.10 -7.30
N LEU B 235 11.29 -28.27 -6.05
CA LEU B 235 9.99 -28.86 -5.80
C LEU B 235 8.90 -27.97 -6.40
N LYS B 236 8.99 -26.67 -6.19
CA LYS B 236 8.07 -25.72 -6.78
C LYS B 236 8.11 -25.82 -8.31
N ASP B 237 9.28 -25.98 -8.87
CA ASP B 237 9.39 -26.17 -10.34
C ASP B 237 8.76 -27.45 -10.80
N ASP B 238 8.92 -28.51 -10.04
CA ASP B 238 8.28 -29.79 -10.40
C ASP B 238 6.77 -29.69 -10.57
N VAL B 239 6.08 -28.86 -9.81
CA VAL B 239 4.64 -28.84 -9.85
C VAL B 239 4.03 -27.67 -10.57
N THR B 240 4.83 -26.70 -11.03
CA THR B 240 4.29 -25.58 -11.72
C THR B 240 4.29 -25.81 -13.20
N SER B 241 3.28 -26.49 -13.69
CA SER B 241 3.24 -26.74 -15.12
C SER B 241 2.90 -25.45 -15.91
N PRO B 242 3.35 -25.37 -17.15
CA PRO B 242 3.27 -24.10 -17.91
C PRO B 242 1.85 -23.59 -18.01
N GLY B 243 1.62 -22.35 -17.65
CA GLY B 243 0.33 -21.75 -17.78
C GLY B 243 -0.77 -22.43 -16.97
N GLY B 244 -0.41 -23.23 -16.02
CA GLY B 244 -1.37 -24.05 -15.30
C GLY B 244 -1.95 -23.43 -14.01
N THR B 245 -2.70 -24.25 -13.28
CA THR B 245 -3.38 -23.76 -12.05
C THR B 245 -2.38 -23.40 -10.96
N THR B 246 -1.34 -24.20 -10.83
CA THR B 246 -0.38 -23.99 -9.76
C THR B 246 0.35 -22.66 -9.91
N ILE B 247 0.88 -22.38 -11.10
CA ILE B 247 1.62 -21.16 -11.31
C ILE B 247 0.69 -19.96 -11.19
N ALA B 248 -0.59 -20.12 -11.54
CA ALA B 248 -1.55 -19.00 -11.28
C ALA B 248 -1.62 -18.66 -9.76
N GLY B 249 -1.70 -19.70 -8.93
CA GLY B 249 -1.74 -19.53 -7.48
C GLY B 249 -0.43 -18.96 -6.95
N VAL B 250 0.69 -19.52 -7.45
CA VAL B 250 1.99 -19.06 -6.99
C VAL B 250 2.16 -17.56 -7.35
N HIS B 251 1.73 -17.18 -8.53
CA HIS B 251 1.86 -15.77 -8.94
C HIS B 251 1.07 -14.85 -7.98
N GLU B 252 -0.11 -15.25 -7.53
CA GLU B 252 -0.84 -14.48 -6.53
C GLU B 252 -0.05 -14.34 -5.24
N LEU B 253 0.61 -15.40 -4.84
CA LEU B 253 1.45 -15.34 -3.66
C LEU B 253 2.64 -14.31 -3.82
N GLU B 254 3.28 -14.40 -4.97
CA GLU B 254 4.39 -13.54 -5.22
C GLU B 254 3.95 -12.07 -5.37
N LYS B 255 2.81 -11.79 -6.01
CA LYS B 255 2.33 -10.44 -6.14
C LYS B 255 2.22 -9.81 -4.73
N ALA B 256 1.86 -10.61 -3.73
CA ALA B 256 1.60 -10.05 -2.42
C ALA B 256 2.78 -10.12 -1.51
N GLY B 257 3.91 -10.64 -1.98
CA GLY B 257 5.09 -10.71 -1.10
C GLY B 257 4.96 -11.70 0.05
N PHE B 258 4.33 -12.80 -0.24
CA PHE B 258 4.13 -14.01 0.68
C PHE B 258 5.43 -14.43 1.35
N ARG B 259 6.46 -14.60 0.54
CA ARG B 259 7.74 -15.05 1.13
C ARG B 259 8.27 -14.04 2.18
N GLY B 260 8.23 -12.76 1.86
CA GLY B 260 8.71 -11.75 2.77
C GLY B 260 7.90 -11.68 4.04
N ILE B 261 6.64 -12.01 3.95
CA ILE B 261 5.75 -12.03 5.15
C ILE B 261 6.15 -13.09 6.13
N LEU B 262 6.48 -14.26 5.61
CA LEU B 262 7.00 -15.29 6.44
C LEU B 262 8.38 -15.01 7.04
N MET B 263 9.24 -14.40 6.25
CA MET B 263 10.48 -13.92 6.76
C MET B 263 10.27 -12.93 7.90
N ASN B 264 9.36 -11.99 7.73
CA ASN B 264 9.04 -11.03 8.73
C ASN B 264 8.62 -11.68 10.05
N ALA B 265 7.85 -12.76 9.96
CA ALA B 265 7.32 -13.44 11.14
C ALA B 265 8.49 -14.11 11.89
N VAL B 266 9.36 -14.79 11.20
CA VAL B 266 10.49 -15.39 11.84
C VAL B 266 11.42 -14.38 12.53
N VAL B 267 11.75 -13.32 11.79
CA VAL B 267 12.59 -12.27 12.32
C VAL B 267 11.95 -11.58 13.56
N ALA B 268 10.64 -11.31 13.53
CA ALA B 268 10.01 -10.69 14.63
C ALA B 268 9.96 -11.60 15.85
N ALA B 269 9.67 -12.86 15.62
CA ALA B 269 9.66 -13.83 16.70
C ALA B 269 11.03 -14.03 17.35
N ALA B 270 12.08 -14.04 16.52
CA ALA B 270 13.40 -14.17 17.02
C ALA B 270 13.86 -12.92 17.81
N LYS B 271 13.49 -11.76 17.32
CA LYS B 271 13.74 -10.51 18.03
C LYS B 271 12.98 -10.49 19.38
N ARG B 272 11.75 -10.95 19.39
N ARG B 272 11.75 -10.96 19.40
CA ARG B 272 11.01 -11.04 20.65
CA ARG B 272 11.00 -11.05 20.66
C ARG B 272 11.71 -11.99 21.64
C ARG B 272 11.71 -11.99 21.64
N SER B 273 12.19 -13.11 21.13
CA SER B 273 12.89 -14.08 21.96
C SER B 273 14.09 -13.45 22.65
N GLN B 274 14.80 -12.68 21.88
CA GLN B 274 15.95 -11.96 22.40
C GLN B 274 15.51 -10.92 23.45
N GLU B 275 14.45 -10.20 23.19
CA GLU B 275 13.98 -9.19 24.12
C GLU B 275 13.50 -9.80 25.40
N LEU B 276 12.99 -11.00 25.38
CA LEU B 276 12.50 -11.64 26.61
C LEU B 276 13.63 -12.22 27.45
N SER B 277 14.78 -12.26 26.82
CA SER B 277 16.11 -12.59 27.33
C SER B 277 16.62 -13.74 26.54
N PRO C 8 19.53 -31.26 -49.55
CA PRO C 8 20.14 -30.72 -48.32
C PRO C 8 21.08 -29.56 -48.63
N ILE C 9 21.13 -28.57 -47.75
CA ILE C 9 21.91 -27.36 -47.98
C ILE C 9 23.34 -27.75 -47.59
N PRO C 10 24.34 -27.54 -48.47
CA PRO C 10 25.73 -27.91 -48.13
C PRO C 10 26.27 -27.17 -46.90
N ALA C 11 26.47 -27.91 -45.82
CA ALA C 11 26.76 -27.34 -44.50
C ALA C 11 27.99 -26.44 -44.46
N ASP C 12 29.02 -26.78 -45.22
CA ASP C 12 30.32 -26.08 -45.20
C ASP C 12 30.49 -25.04 -46.33
N SER C 13 29.57 -24.96 -47.27
CA SER C 13 29.77 -24.06 -48.42
C SER C 13 28.55 -23.24 -48.81
N TYR C 14 27.47 -23.29 -48.04
CA TYR C 14 26.25 -22.61 -48.44
C TYR C 14 26.43 -21.10 -48.48
N THR C 15 25.62 -20.43 -49.28
CA THR C 15 25.60 -19.00 -49.29
C THR C 15 24.35 -18.50 -48.55
N LEU C 16 24.53 -17.40 -47.84
CA LEU C 16 23.47 -16.83 -47.02
C LEU C 16 23.10 -15.44 -47.56
N GLY C 17 21.82 -15.18 -47.71
CA GLY C 17 21.36 -13.86 -48.10
C GLY C 17 20.53 -13.21 -47.02
N PHE C 18 20.72 -11.91 -46.79
CA PHE C 18 19.79 -11.11 -45.95
C PHE C 18 18.89 -10.21 -46.75
N ILE C 19 17.60 -10.31 -46.49
CA ILE C 19 16.61 -9.38 -47.02
C ILE C 19 16.24 -8.44 -45.89
N GLY C 20 16.69 -7.22 -46.00
CA GLY C 20 16.58 -6.26 -44.94
C GLY C 20 17.94 -6.08 -44.29
N ALA C 21 18.67 -5.09 -44.77
CA ALA C 21 20.07 -4.91 -44.40
C ALA C 21 20.23 -4.03 -43.16
N GLY C 22 19.50 -4.36 -42.11
CA GLY C 22 19.48 -3.58 -40.92
C GLY C 22 20.44 -4.03 -39.83
N LYS C 23 20.14 -3.60 -38.63
CA LYS C 23 21.00 -3.91 -37.53
C LYS C 23 21.09 -5.40 -37.21
N MET C 24 19.96 -6.06 -37.21
CA MET C 24 19.98 -7.49 -36.83
C MET C 24 20.73 -8.32 -37.87
N ALA C 25 20.49 -8.00 -39.14
CA ALA C 25 21.22 -8.67 -40.22
C ALA C 25 22.72 -8.45 -40.03
N GLU C 26 23.11 -7.23 -39.77
CA GLU C 26 24.51 -6.90 -39.55
C GLU C 26 25.11 -7.68 -38.36
N SER C 27 24.39 -7.73 -37.23
CA SER C 27 24.87 -8.51 -36.12
C SER C 27 25.08 -10.01 -36.45
N ILE C 28 24.13 -10.60 -37.17
CA ILE C 28 24.25 -11.97 -37.54
C ILE C 28 25.45 -12.19 -38.47
N ALA C 29 25.54 -11.34 -39.48
CA ALA C 29 26.62 -11.42 -40.45
C ALA C 29 28.00 -11.37 -39.73
N LYS C 30 28.15 -10.38 -38.86
CA LYS C 30 29.41 -10.25 -38.15
C LYS C 30 29.67 -11.47 -37.30
N GLY C 31 28.64 -11.95 -36.56
CA GLY C 31 28.83 -13.12 -35.72
C GLY C 31 29.26 -14.36 -36.50
N ALA C 32 28.61 -14.57 -37.63
CA ALA C 32 28.92 -15.74 -38.44
C ALA C 32 30.31 -15.66 -39.07
N VAL C 33 30.71 -14.47 -39.47
CA VAL C 33 32.08 -14.28 -39.93
C VAL C 33 33.07 -14.57 -38.79
N ARG C 34 32.83 -13.97 -37.64
CA ARG C 34 33.70 -14.10 -36.51
C ARG C 34 33.87 -15.55 -36.12
N SER C 35 32.79 -16.31 -36.10
CA SER C 35 32.89 -17.69 -35.69
C SER C 35 33.43 -18.61 -36.77
N GLY C 36 33.55 -18.11 -37.97
CA GLY C 36 34.03 -18.94 -39.04
C GLY C 36 32.98 -19.81 -39.66
N VAL C 37 31.74 -19.66 -39.22
CA VAL C 37 30.65 -20.40 -39.85
C VAL C 37 30.41 -19.97 -41.27
N LEU C 38 30.63 -18.68 -41.54
CA LEU C 38 30.59 -18.13 -42.90
C LEU C 38 31.80 -17.25 -43.15
N SER C 39 32.08 -16.98 -44.40
CA SER C 39 33.05 -15.97 -44.79
C SER C 39 32.26 -14.85 -45.45
N PRO C 40 32.83 -13.63 -45.53
CA PRO C 40 32.06 -12.56 -46.14
C PRO C 40 31.68 -12.79 -47.59
N SER C 41 32.49 -13.54 -48.32
CA SER C 41 32.18 -13.78 -49.73
C SER C 41 30.96 -14.69 -49.91
N ARG C 42 30.57 -15.39 -48.85
CA ARG C 42 29.38 -16.26 -48.87
C ARG C 42 28.10 -15.56 -48.34
N ILE C 43 28.17 -14.25 -48.15
CA ILE C 43 27.03 -13.51 -47.66
C ILE C 43 26.67 -12.43 -48.64
N LYS C 44 25.37 -12.25 -48.88
CA LYS C 44 24.90 -11.17 -49.72
C LYS C 44 23.74 -10.42 -49.10
N THR C 45 23.59 -9.15 -49.44
CA THR C 45 22.37 -8.42 -49.09
C THR C 45 22.10 -7.33 -50.13
N ALA C 46 21.03 -6.57 -49.95
CA ALA C 46 20.67 -5.49 -50.84
C ALA C 46 20.09 -4.40 -50.01
N ILE C 47 20.39 -3.14 -50.36
CA ILE C 47 19.85 -2.01 -49.58
C ILE C 47 18.46 -1.63 -50.04
N HIS C 48 17.79 -0.85 -49.24
CA HIS C 48 16.49 -0.32 -49.62
C HIS C 48 16.62 1.17 -50.00
N SER C 49 16.42 2.09 -49.04
CA SER C 49 16.53 3.54 -49.30
C SER C 49 17.78 4.18 -48.70
N ASN C 50 18.16 3.72 -47.51
CA ASN C 50 19.33 4.22 -46.79
C ASN C 50 20.70 3.73 -47.31
N PRO C 51 21.48 4.60 -47.97
CA PRO C 51 22.77 4.15 -48.52
C PRO C 51 23.88 3.94 -47.48
N ALA C 52 23.66 4.40 -46.25
CA ALA C 52 24.63 4.15 -45.19
C ALA C 52 24.72 2.68 -44.87
N ARG C 53 23.64 1.95 -45.15
CA ARG C 53 23.66 0.52 -44.85
C ARG C 53 24.58 -0.17 -45.82
N ARG C 54 24.76 0.41 -47.01
CA ARG C 54 25.64 -0.19 -47.99
C ARG C 54 27.05 -0.23 -47.46
N THR C 55 27.43 0.87 -46.87
CA THR C 55 28.75 1.01 -46.32
C THR C 55 28.98 0.04 -45.18
N ALA C 56 27.98 -0.10 -44.34
CA ALA C 56 28.10 -0.99 -43.18
C ALA C 56 28.45 -2.41 -43.61
N PHE C 57 27.79 -2.87 -44.66
CA PHE C 57 28.08 -4.23 -45.13
C PHE C 57 29.37 -4.33 -45.93
N GLU C 58 29.59 -3.34 -46.80
CA GLU C 58 30.80 -3.38 -47.62
C GLU C 58 32.05 -3.33 -46.73
N SER C 59 31.98 -2.64 -45.59
CA SER C 59 33.16 -2.55 -44.68
C SER C 59 33.48 -3.86 -44.07
N ILE C 60 32.56 -4.79 -44.07
CA ILE C 60 32.93 -6.07 -43.52
C ILE C 60 33.19 -7.12 -44.62
N GLY C 61 33.26 -6.65 -45.85
CA GLY C 61 33.69 -7.50 -46.95
C GLY C 61 32.55 -8.14 -47.68
N ILE C 62 31.34 -7.67 -47.40
CA ILE C 62 30.15 -8.32 -47.93
C ILE C 62 29.64 -7.58 -49.15
N THR C 63 29.30 -8.34 -50.18
CA THR C 63 28.78 -7.73 -51.40
C THR C 63 27.32 -7.35 -51.30
N VAL C 64 27.04 -6.12 -51.66
CA VAL C 64 25.70 -5.56 -51.70
C VAL C 64 25.18 -5.55 -53.13
N LEU C 65 24.24 -6.45 -53.41
CA LEU C 65 23.63 -6.57 -54.72
C LEU C 65 22.55 -5.49 -54.91
N SER C 66 22.03 -5.41 -56.13
CA SER C 66 21.18 -4.30 -56.47
C SER C 66 19.71 -4.51 -56.17
N SER C 67 19.28 -5.74 -55.89
CA SER C 67 17.88 -5.99 -55.56
C SER C 67 17.70 -7.20 -54.63
N ASN C 68 16.58 -7.27 -53.93
CA ASN C 68 16.18 -8.42 -53.14
C ASN C 68 16.23 -9.67 -54.00
N ASP C 69 15.72 -9.57 -55.23
CA ASP C 69 15.66 -10.72 -56.17
C ASP C 69 17.05 -11.38 -56.34
N ASP C 70 18.04 -10.55 -56.60
CA ASP C 70 19.39 -11.05 -56.84
C ASP C 70 19.93 -11.74 -55.58
N VAL C 71 19.60 -11.18 -54.41
CA VAL C 71 20.05 -11.81 -53.18
C VAL C 71 19.51 -13.25 -53.11
N VAL C 72 18.23 -13.37 -53.36
CA VAL C 72 17.56 -14.65 -53.28
C VAL C 72 18.16 -15.64 -54.28
N ARG C 73 18.35 -15.17 -55.52
CA ARG C 73 18.90 -16.04 -56.60
C ARG C 73 20.24 -16.58 -56.19
N ASP C 74 21.04 -15.74 -55.56
CA ASP C 74 22.41 -16.13 -55.21
C ASP C 74 22.56 -16.85 -53.88
N SER C 75 21.44 -17.11 -53.18
CA SER C 75 21.56 -17.65 -51.83
C SER C 75 20.89 -18.99 -51.66
N ASN C 76 21.51 -19.86 -50.88
CA ASN C 76 20.91 -21.14 -50.47
C ASN C 76 19.98 -20.97 -49.27
N VAL C 77 20.34 -20.01 -48.41
CA VAL C 77 19.59 -19.73 -47.17
C VAL C 77 19.27 -18.26 -47.18
N VAL C 78 18.01 -17.94 -46.97
CA VAL C 78 17.56 -16.54 -47.05
C VAL C 78 16.97 -16.16 -45.71
N VAL C 79 17.55 -15.16 -45.10
CA VAL C 79 17.08 -14.60 -43.86
C VAL C 79 16.30 -13.32 -44.10
N PHE C 80 15.05 -13.31 -43.66
CA PHE C 80 14.20 -12.11 -43.74
C PHE C 80 14.34 -11.30 -42.44
N SER C 81 14.89 -10.11 -42.59
CA SER C 81 15.25 -9.25 -41.47
C SER C 81 14.73 -7.82 -41.69
N VAL C 82 13.57 -7.71 -42.34
CA VAL C 82 12.82 -6.45 -42.39
C VAL C 82 11.89 -6.34 -41.17
N LYS C 83 11.41 -5.13 -40.92
CA LYS C 83 10.42 -4.88 -39.86
C LYS C 83 9.17 -5.72 -40.14
N PRO C 84 8.51 -6.20 -39.09
CA PRO C 84 7.46 -7.17 -39.26
C PRO C 84 6.31 -6.71 -40.13
N GLN C 85 5.92 -5.44 -39.94
CA GLN C 85 4.80 -4.92 -40.74
C GLN C 85 5.13 -4.80 -42.24
N LEU C 86 6.38 -4.98 -42.63
CA LEU C 86 6.77 -4.93 -44.06
C LEU C 86 7.02 -6.31 -44.70
N LEU C 87 7.03 -7.33 -43.85
CA LEU C 87 7.46 -8.66 -44.29
C LEU C 87 6.52 -9.28 -45.33
N LYS C 88 5.22 -9.17 -45.14
CA LYS C 88 4.29 -9.92 -46.02
C LYS C 88 4.51 -9.50 -47.45
N ASP C 89 4.52 -8.20 -47.69
CA ASP C 89 4.69 -7.72 -49.07
C ASP C 89 6.05 -8.08 -49.67
N VAL C 90 7.07 -8.04 -48.85
CA VAL C 90 8.39 -8.43 -49.28
C VAL C 90 8.45 -9.89 -49.76
N VAL C 91 7.85 -10.78 -48.98
CA VAL C 91 7.80 -12.19 -49.32
C VAL C 91 6.94 -12.41 -50.61
N LEU C 92 5.78 -11.77 -50.66
CA LEU C 92 4.87 -11.95 -51.78
C LEU C 92 5.59 -11.52 -53.07
N LYS C 93 6.30 -10.40 -53.03
CA LYS C 93 7.03 -9.96 -54.23
C LYS C 93 8.09 -10.96 -54.65
N LEU C 94 8.70 -11.65 -53.69
CA LEU C 94 9.79 -12.59 -54.01
C LEU C 94 9.35 -13.99 -54.35
N LYS C 95 8.06 -14.24 -54.16
CA LYS C 95 7.56 -15.60 -54.13
C LYS C 95 7.96 -16.54 -55.28
N PRO C 96 7.94 -16.04 -56.53
CA PRO C 96 8.36 -16.91 -57.64
C PRO C 96 9.76 -17.47 -57.47
N LEU C 97 10.62 -16.71 -56.79
CA LEU C 97 12.02 -17.11 -56.59
C LEU C 97 12.23 -18.01 -55.36
N LEU C 98 11.19 -18.14 -54.56
CA LEU C 98 11.31 -18.87 -53.27
C LEU C 98 11.10 -20.34 -53.52
N THR C 99 12.06 -20.95 -54.21
CA THR C 99 11.91 -22.35 -54.54
C THR C 99 12.31 -23.21 -53.36
N LYS C 100 11.84 -24.46 -53.35
CA LYS C 100 11.96 -25.35 -52.19
C LYS C 100 13.36 -25.83 -51.91
N ASP C 101 14.28 -25.57 -52.81
CA ASP C 101 15.66 -25.91 -52.56
C ASP C 101 16.36 -24.84 -51.67
N LYS C 102 15.71 -23.70 -51.46
CA LYS C 102 16.23 -22.66 -50.59
C LYS C 102 15.53 -22.64 -49.21
N LEU C 103 16.34 -22.76 -48.17
CA LEU C 103 15.84 -22.65 -46.76
C LEU C 103 15.51 -21.21 -46.42
N LEU C 104 14.31 -20.96 -45.99
CA LEU C 104 13.90 -19.63 -45.57
C LEU C 104 13.90 -19.47 -44.05
N VAL C 105 14.26 -18.28 -43.61
CA VAL C 105 14.36 -17.94 -42.17
C VAL C 105 13.74 -16.55 -41.93
N SER C 106 12.92 -16.42 -40.87
CA SER C 106 12.41 -15.11 -40.49
C SER C 106 12.92 -14.79 -39.09
N VAL C 107 13.41 -13.56 -38.88
CA VAL C 107 13.70 -13.08 -37.53
C VAL C 107 12.68 -12.05 -37.09
N ALA C 108 11.62 -11.89 -37.86
CA ALA C 108 10.63 -10.85 -37.53
C ALA C 108 9.85 -11.10 -36.25
N ALA C 109 9.85 -10.12 -35.37
CA ALA C 109 9.14 -10.26 -34.11
C ALA C 109 7.62 -10.38 -34.40
N GLY C 110 6.99 -11.34 -33.77
CA GLY C 110 5.53 -11.42 -33.75
C GLY C 110 4.91 -12.04 -35.02
N ILE C 111 5.67 -12.52 -35.97
CA ILE C 111 5.07 -13.12 -37.22
C ILE C 111 5.14 -14.64 -37.15
N LYS C 112 3.96 -15.24 -37.11
CA LYS C 112 3.82 -16.68 -36.87
C LYS C 112 4.19 -17.55 -38.05
N MET C 113 4.57 -18.79 -37.77
CA MET C 113 5.01 -19.74 -38.80
C MET C 113 3.88 -19.96 -39.83
N LYS C 114 2.65 -20.08 -39.33
CA LYS C 114 1.51 -20.33 -40.21
C LYS C 114 1.46 -19.29 -41.33
N ASP C 115 1.65 -18.01 -40.98
CA ASP C 115 1.67 -16.90 -41.96
C ASP C 115 2.88 -16.94 -42.85
N LEU C 116 4.04 -17.19 -42.27
CA LEU C 116 5.27 -17.30 -43.06
C LEU C 116 5.11 -18.34 -44.22
N GLN C 117 4.61 -19.51 -43.86
CA GLN C 117 4.48 -20.60 -44.79
C GLN C 117 3.47 -20.29 -45.90
N GLU C 118 2.38 -19.70 -45.49
CA GLU C 118 1.36 -19.24 -46.41
C GLU C 118 1.88 -18.20 -47.37
N TRP C 119 2.64 -17.21 -46.90
CA TRP C 119 3.12 -16.16 -47.78
C TRP C 119 4.11 -16.74 -48.80
N ALA C 120 4.99 -17.61 -48.32
CA ALA C 120 6.04 -18.14 -49.18
C ALA C 120 5.52 -19.21 -50.11
N GLY C 121 4.48 -19.87 -49.72
CA GLY C 121 3.88 -20.96 -50.50
C GLY C 121 4.55 -22.29 -50.30
N HIS C 122 5.39 -22.44 -49.28
CA HIS C 122 5.93 -23.73 -48.90
C HIS C 122 6.36 -23.70 -47.45
N GLU C 123 6.77 -24.84 -46.92
CA GLU C 123 6.97 -25.00 -45.51
C GLU C 123 8.42 -25.20 -45.09
N ARG C 124 9.35 -24.98 -46.01
CA ARG C 124 10.78 -25.10 -45.68
C ARG C 124 11.24 -23.70 -45.15
N PHE C 125 10.83 -23.48 -43.91
CA PHE C 125 10.89 -22.18 -43.24
C PHE C 125 11.21 -22.42 -41.79
N ILE C 126 12.11 -21.61 -41.25
CA ILE C 126 12.41 -21.60 -39.85
C ILE C 126 12.23 -20.18 -39.31
N ARG C 127 11.58 -20.07 -38.16
CA ARG C 127 11.43 -18.81 -37.49
C ARG C 127 12.39 -18.76 -36.32
N VAL C 128 13.04 -17.62 -36.17
CA VAL C 128 13.91 -17.38 -35.02
C VAL C 128 13.49 -16.09 -34.35
N MET C 129 13.55 -16.08 -33.05
CA MET C 129 13.40 -14.87 -32.28
C MET C 129 14.68 -14.67 -31.49
N PRO C 130 15.53 -13.80 -31.98
CA PRO C 130 16.72 -13.42 -31.24
C PRO C 130 16.41 -12.27 -30.30
N ASN C 131 17.43 -11.66 -29.74
CA ASN C 131 17.24 -10.47 -28.91
C ASN C 131 18.36 -9.51 -29.08
N THR C 132 18.27 -8.40 -28.37
CA THR C 132 19.15 -7.25 -28.59
C THR C 132 20.66 -7.57 -28.37
N ALA C 133 20.96 -8.60 -27.56
CA ALA C 133 22.33 -8.91 -27.20
C ALA C 133 23.06 -9.64 -28.27
N ALA C 134 22.39 -9.87 -29.38
CA ALA C 134 23.08 -10.30 -30.57
C ALA C 134 24.31 -9.43 -30.91
N THR C 135 24.19 -8.14 -30.69
CA THR C 135 25.23 -7.17 -30.98
C THR C 135 26.56 -7.53 -30.28
N VAL C 136 26.51 -8.19 -29.13
CA VAL C 136 27.74 -8.60 -28.44
C VAL C 136 27.91 -10.10 -28.36
N GLY C 137 27.20 -10.83 -29.18
CA GLY C 137 27.36 -12.27 -29.23
C GLY C 137 26.75 -13.02 -28.09
N GLU C 138 25.79 -12.38 -27.40
CA GLU C 138 25.18 -13.02 -26.23
C GLU C 138 23.63 -12.99 -26.32
N ALA C 139 23.12 -13.09 -27.52
CA ALA C 139 21.70 -13.26 -27.71
C ALA C 139 21.14 -14.54 -27.06
N ALA C 140 19.88 -14.45 -26.65
CA ALA C 140 19.05 -15.58 -26.26
C ALA C 140 18.04 -15.72 -27.38
N SER C 141 18.20 -16.76 -28.20
CA SER C 141 17.43 -16.95 -29.37
C SER C 141 16.64 -18.25 -29.27
N VAL C 142 15.47 -18.28 -29.90
CA VAL C 142 14.71 -19.50 -30.01
C VAL C 142 14.20 -19.68 -31.44
N MET C 143 14.22 -20.93 -31.91
CA MET C 143 13.76 -21.24 -33.28
C MET C 143 12.55 -22.19 -33.28
N SER C 144 11.65 -22.03 -34.27
CA SER C 144 10.59 -22.99 -34.49
C SER C 144 10.65 -23.39 -35.93
N LEU C 145 10.29 -24.63 -36.16
CA LEU C 145 10.49 -25.25 -37.49
C LEU C 145 9.19 -25.33 -38.26
N GLY C 146 9.23 -24.95 -39.50
CA GLY C 146 8.10 -25.16 -40.38
C GLY C 146 7.95 -26.62 -40.73
N GLY C 147 6.83 -26.94 -41.37
CA GLY C 147 6.47 -28.36 -41.67
C GLY C 147 7.44 -29.10 -42.55
N ALA C 148 8.24 -28.40 -43.37
CA ALA C 148 9.21 -29.08 -44.23
C ALA C 148 10.65 -28.77 -43.91
N ALA C 149 10.91 -28.06 -42.81
CA ALA C 149 12.29 -27.80 -42.42
C ALA C 149 12.87 -29.12 -41.90
N THR C 150 14.04 -29.48 -42.39
CA THR C 150 14.63 -30.77 -42.01
C THR C 150 15.51 -30.65 -40.81
N GLU C 151 15.91 -31.79 -40.28
CA GLU C 151 16.81 -31.81 -39.13
C GLU C 151 18.13 -31.11 -39.47
N GLU C 152 18.58 -31.32 -40.69
CA GLU C 152 19.84 -30.74 -41.13
C GLU C 152 19.68 -29.20 -41.34
N ASP C 153 18.51 -28.78 -41.81
CA ASP C 153 18.17 -27.35 -41.85
C ASP C 153 18.25 -26.72 -40.38
N ALA C 154 17.66 -27.41 -39.40
CA ALA C 154 17.69 -26.96 -38.02
C ALA C 154 19.13 -26.85 -37.49
N ASN C 155 19.97 -27.85 -37.81
CA ASN C 155 21.35 -27.82 -37.38
C ASN C 155 22.10 -26.64 -38.00
N LEU C 156 21.82 -26.36 -39.25
CA LEU C 156 22.41 -25.24 -39.91
C LEU C 156 22.06 -23.88 -39.25
N ILE C 157 20.80 -23.70 -38.93
CA ILE C 157 20.35 -22.51 -38.24
C ILE C 157 20.88 -22.47 -36.79
N SER C 158 20.98 -23.60 -36.12
CA SER C 158 21.57 -23.60 -34.78
C SER C 158 22.99 -23.18 -34.80
N GLN C 159 23.75 -23.65 -35.78
CA GLN C 159 25.15 -23.19 -35.99
C GLN C 159 25.26 -21.69 -36.26
N LEU C 160 24.40 -21.22 -37.15
CA LEU C 160 24.40 -19.82 -37.48
C LEU C 160 24.06 -18.92 -36.29
N PHE C 161 22.96 -19.19 -35.58
CA PHE C 161 22.56 -18.39 -34.45
C PHE C 161 23.38 -18.65 -33.21
N GLY C 162 24.02 -19.82 -33.15
CA GLY C 162 24.98 -20.12 -32.10
C GLY C 162 26.17 -19.16 -32.21
N SER C 163 26.36 -18.51 -33.36
CA SER C 163 27.46 -17.57 -33.52
C SER C 163 27.17 -16.19 -32.95
N ILE C 164 25.94 -15.93 -32.52
CA ILE C 164 25.63 -14.67 -31.86
C ILE C 164 25.07 -14.79 -30.44
N GLY C 165 25.13 -16.01 -29.87
CA GLY C 165 24.63 -16.26 -28.56
C GLY C 165 24.23 -17.73 -28.40
N LYS C 166 23.19 -17.98 -27.63
CA LYS C 166 22.62 -19.29 -27.49
C LYS C 166 21.31 -19.42 -28.20
N ILE C 167 20.98 -20.65 -28.60
CA ILE C 167 19.80 -20.91 -29.41
C ILE C 167 19.13 -22.22 -29.01
N TRP C 168 17.84 -22.14 -28.69
CA TRP C 168 17.07 -23.28 -28.28
C TRP C 168 15.95 -23.46 -29.33
N LYS C 169 15.24 -24.57 -29.24
CA LYS C 169 14.09 -24.87 -30.13
C LYS C 169 12.84 -24.88 -29.38
N ALA C 170 11.79 -24.35 -29.94
CA ALA C 170 10.47 -24.46 -29.28
C ALA C 170 9.32 -24.34 -30.27
N ASP C 171 8.16 -24.85 -29.88
N ASP C 171 8.16 -24.84 -29.88
CA ASP C 171 6.97 -24.75 -30.70
CA ASP C 171 6.98 -24.74 -30.68
C ASP C 171 6.60 -23.30 -30.88
C ASP C 171 6.60 -23.30 -30.88
N ASP C 172 6.08 -23.00 -32.04
CA ASP C 172 5.67 -21.66 -32.41
C ASP C 172 4.72 -21.09 -31.41
N LYS C 173 3.90 -21.90 -30.80
CA LYS C 173 2.91 -21.33 -29.91
C LYS C 173 3.49 -20.63 -28.62
N TYR C 174 4.73 -20.89 -28.31
CA TYR C 174 5.41 -20.29 -27.13
C TYR C 174 5.98 -18.89 -27.43
N PHE C 175 5.90 -18.43 -28.68
CA PHE C 175 6.68 -17.24 -29.07
C PHE C 175 6.17 -15.90 -28.46
N ASP C 176 4.88 -15.77 -28.14
CA ASP C 176 4.47 -14.55 -27.39
C ASP C 176 5.12 -14.47 -26.00
N ALA C 177 5.15 -15.59 -25.32
CA ALA C 177 5.82 -15.63 -24.05
C ALA C 177 7.36 -15.47 -24.14
N ILE C 178 7.94 -16.12 -25.13
CA ILE C 178 9.37 -15.90 -25.42
C ILE C 178 9.64 -14.39 -25.59
N THR C 179 8.81 -13.73 -26.35
CA THR C 179 8.95 -12.29 -26.65
C THR C 179 8.90 -11.48 -25.33
N GLY C 180 8.05 -11.88 -24.37
CA GLY C 180 7.93 -11.16 -23.11
C GLY C 180 9.08 -11.39 -22.16
N LEU C 181 9.78 -12.49 -22.33
CA LEU C 181 10.85 -12.88 -21.51
C LEU C 181 12.23 -12.53 -22.11
N SER C 182 12.66 -13.23 -23.16
CA SER C 182 13.98 -12.96 -23.71
C SER C 182 14.00 -11.76 -24.65
N GLY C 183 12.89 -11.50 -25.33
CA GLY C 183 12.86 -10.36 -26.20
C GLY C 183 12.86 -9.04 -25.44
N SER C 184 12.00 -8.95 -24.46
CA SER C 184 11.76 -7.75 -23.70
C SER C 184 12.60 -7.66 -22.42
N GLY C 185 12.95 -8.81 -21.86
CA GLY C 185 13.72 -8.86 -20.63
C GLY C 185 14.98 -8.04 -20.52
N PRO C 186 15.71 -7.82 -21.63
CA PRO C 186 16.89 -7.00 -21.43
C PRO C 186 16.56 -5.60 -20.82
N ALA C 187 15.43 -4.99 -21.14
CA ALA C 187 15.11 -3.69 -20.57
C ALA C 187 14.92 -3.79 -19.06
N TYR C 188 14.33 -4.91 -18.62
CA TYR C 188 14.09 -5.10 -17.21
C TYR C 188 15.49 -5.08 -16.48
N ILE C 189 16.48 -5.71 -17.12
CA ILE C 189 17.80 -5.73 -16.56
C ILE C 189 18.56 -4.41 -16.65
N TYR C 190 18.32 -3.62 -17.69
CA TYR C 190 18.85 -2.29 -17.77
C TYR C 190 18.35 -1.43 -16.67
N LEU C 191 17.07 -1.53 -16.35
CA LEU C 191 16.57 -0.85 -15.15
C LEU C 191 17.26 -1.33 -13.91
N ALA C 192 17.37 -2.64 -13.78
CA ALA C 192 18.00 -3.18 -12.61
C ALA C 192 19.42 -2.67 -12.40
N ILE C 193 20.19 -2.64 -13.50
CA ILE C 193 21.56 -2.13 -13.46
C ILE C 193 21.63 -0.64 -13.03
N GLU C 194 20.76 0.18 -13.58
CA GLU C 194 20.69 1.56 -13.19
C GLU C 194 20.31 1.72 -11.70
N ALA C 195 19.35 0.94 -11.27
CA ALA C 195 18.89 1.00 -9.91
C ALA C 195 19.93 0.54 -8.92
N LEU C 196 20.65 -0.52 -9.25
CA LEU C 196 21.75 -0.98 -8.41
C LEU C 196 22.83 0.08 -8.26
N ALA C 197 23.15 0.72 -9.38
CA ALA C 197 24.09 1.84 -9.35
C ALA C 197 23.59 3.01 -8.50
N ASP C 198 22.34 3.38 -8.69
CA ASP C 198 21.72 4.40 -7.88
C ASP C 198 21.77 4.05 -6.38
N GLY C 199 21.56 2.77 -6.09
CA GLY C 199 21.63 2.24 -4.73
C GLY C 199 23.02 2.37 -4.19
N GLY C 200 24.02 2.01 -5.02
CA GLY C 200 25.42 2.22 -4.59
C GLY C 200 25.78 3.67 -4.26
N VAL C 201 25.37 4.58 -5.14
CA VAL C 201 25.55 6.01 -4.92
C VAL C 201 24.79 6.44 -3.64
N ALA C 202 23.60 5.90 -3.45
CA ALA C 202 22.83 6.25 -2.23
C ALA C 202 23.55 5.76 -0.96
N ALA C 203 24.31 4.67 -1.07
CA ALA C 203 25.07 4.14 0.05
C ALA C 203 26.45 4.78 0.15
N GLY C 204 26.77 5.75 -0.70
CA GLY C 204 28.00 6.51 -0.62
C GLY C 204 29.08 6.26 -1.67
N LEU C 205 28.82 5.41 -2.67
CA LEU C 205 29.80 5.21 -3.68
C LEU C 205 29.90 6.28 -4.76
N PRO C 206 31.09 6.46 -5.33
CA PRO C 206 31.22 7.23 -6.55
C PRO C 206 30.40 6.60 -7.70
N ARG C 207 29.82 7.44 -8.51
CA ARG C 207 28.98 6.99 -9.62
C ARG C 207 29.68 6.04 -10.58
N ASP C 208 30.90 6.35 -11.03
N ASP C 208 30.89 6.39 -11.03
CA ASP C 208 31.56 5.54 -12.02
CA ASP C 208 31.53 5.56 -12.06
C ASP C 208 31.83 4.14 -11.51
C ASP C 208 31.77 4.15 -11.51
N LEU C 209 32.24 4.07 -10.28
CA LEU C 209 32.50 2.79 -9.66
C LEU C 209 31.17 2.04 -9.45
N ALA C 210 30.15 2.78 -8.99
CA ALA C 210 28.82 2.15 -8.74
C ALA C 210 28.26 1.50 -9.98
N LEU C 211 28.38 2.20 -11.09
CA LEU C 211 27.86 1.68 -12.35
C LEU C 211 28.69 0.54 -12.88
N SER C 212 30.01 0.65 -12.74
CA SER C 212 30.90 -0.48 -13.14
C SER C 212 30.64 -1.73 -12.34
N LEU C 213 30.54 -1.58 -11.05
CA LEU C 213 30.22 -2.73 -10.17
C LEU C 213 28.86 -3.32 -10.47
N ALA C 214 27.87 -2.48 -10.69
CA ALA C 214 26.48 -2.95 -10.97
C ALA C 214 26.46 -3.84 -12.20
N SER C 215 27.08 -3.34 -13.28
CA SER C 215 27.07 -4.13 -14.51
C SER C 215 27.80 -5.44 -14.37
N GLN C 216 28.97 -5.40 -13.75
CA GLN C 216 29.77 -6.60 -13.69
C GLN C 216 29.20 -7.58 -12.68
N THR C 217 28.52 -7.07 -11.67
CA THR C 217 27.84 -7.93 -10.70
C THR C 217 26.72 -8.73 -11.37
N VAL C 218 25.90 -8.05 -12.16
CA VAL C 218 24.86 -8.69 -12.92
C VAL C 218 25.44 -9.70 -13.92
N LEU C 219 26.49 -9.32 -14.63
CA LEU C 219 27.16 -10.25 -15.58
C LEU C 219 27.67 -11.51 -14.89
N GLY C 220 28.38 -11.31 -13.81
CA GLY C 220 28.89 -12.42 -13.03
C GLY C 220 27.90 -13.33 -12.45
N ALA C 221 26.84 -12.78 -11.85
CA ALA C 221 25.75 -13.64 -11.35
C ALA C 221 25.07 -14.47 -12.42
N ALA C 222 24.87 -13.84 -13.58
CA ALA C 222 24.28 -14.56 -14.72
C ALA C 222 25.21 -15.64 -15.25
N SER C 223 26.51 -15.39 -15.22
CA SER C 223 27.49 -16.39 -15.64
C SER C 223 27.56 -17.58 -14.70
N MET C 224 27.40 -17.32 -13.40
CA MET C 224 27.27 -18.41 -12.45
C MET C 224 26.04 -19.23 -12.70
N ALA C 225 24.94 -18.56 -13.01
CA ALA C 225 23.68 -19.27 -13.28
C ALA C 225 23.81 -20.12 -14.55
N THR C 226 24.43 -19.58 -15.57
CA THR C 226 24.52 -20.30 -16.82
C THR C 226 25.51 -21.48 -16.72
N GLN C 227 26.58 -21.37 -15.97
CA GLN C 227 27.60 -22.40 -15.99
C GLN C 227 27.52 -23.37 -14.83
N SER C 228 26.90 -23.01 -13.72
CA SER C 228 27.06 -23.81 -12.51
C SER C 228 26.27 -25.14 -12.49
N GLY C 229 25.28 -25.28 -13.33
N GLY C 229 25.26 -25.26 -13.32
CA GLY C 229 24.37 -26.41 -13.19
CA GLY C 229 24.26 -26.32 -13.19
C GLY C 229 23.46 -26.34 -11.94
C GLY C 229 23.02 -25.83 -12.43
N LYS C 230 23.32 -25.17 -11.30
CA LYS C 230 22.51 -25.11 -10.13
C LYS C 230 21.21 -24.37 -10.30
N HIS C 231 20.26 -24.72 -9.47
CA HIS C 231 19.00 -23.98 -9.41
C HIS C 231 19.29 -22.58 -8.81
N PRO C 232 18.63 -21.54 -9.30
CA PRO C 232 18.87 -20.19 -8.75
C PRO C 232 18.64 -20.09 -7.27
N GLY C 233 17.70 -20.84 -6.71
CA GLY C 233 17.55 -20.93 -5.25
C GLY C 233 18.75 -21.46 -4.53
N GLN C 234 19.45 -22.40 -5.16
N GLN C 234 19.44 -22.40 -5.16
CA GLN C 234 20.65 -22.94 -4.56
CA GLN C 234 20.66 -23.00 -4.59
C GLN C 234 21.78 -21.95 -4.61
C GLN C 234 21.79 -21.98 -4.62
N LEU C 235 21.86 -21.23 -5.72
CA LEU C 235 22.87 -20.17 -5.84
C LEU C 235 22.63 -19.05 -4.78
N LYS C 236 21.37 -18.68 -4.58
CA LYS C 236 21.01 -17.74 -3.53
C LYS C 236 21.38 -18.25 -2.16
N ASP C 237 21.14 -19.54 -1.90
CA ASP C 237 21.57 -20.20 -0.65
C ASP C 237 23.10 -20.19 -0.48
N ASP C 238 23.84 -20.39 -1.54
CA ASP C 238 25.29 -20.34 -1.48
C ASP C 238 25.83 -18.98 -1.00
N VAL C 239 25.17 -17.87 -1.27
CA VAL C 239 25.76 -16.58 -0.94
C VAL C 239 25.10 -15.89 0.23
N THR C 240 24.05 -16.48 0.80
CA THR C 240 23.39 -15.85 1.90
C THR C 240 23.91 -16.35 3.23
N SER C 241 25.03 -15.82 3.67
CA SER C 241 25.59 -16.26 4.93
C SER C 241 24.74 -15.81 6.10
N PRO C 242 24.71 -16.62 7.14
CA PRO C 242 23.80 -16.35 8.29
C PRO C 242 23.87 -14.95 8.87
N GLY C 243 22.75 -14.27 8.95
CA GLY C 243 22.70 -12.95 9.51
C GLY C 243 23.58 -11.89 8.80
N GLY C 244 24.01 -12.18 7.59
CA GLY C 244 24.97 -11.32 6.88
C GLY C 244 24.35 -10.24 6.00
N THR C 245 25.18 -9.61 5.21
CA THR C 245 24.76 -8.47 4.43
C THR C 245 23.80 -8.89 3.31
N THR C 246 24.11 -10.02 2.70
CA THR C 246 23.36 -10.51 1.58
C THR C 246 21.92 -10.80 1.95
N ILE C 247 21.70 -11.56 3.00
CA ILE C 247 20.33 -11.87 3.40
C ILE C 247 19.60 -10.60 3.81
N ALA C 248 20.30 -9.63 4.38
CA ALA C 248 19.61 -8.37 4.71
C ALA C 248 19.04 -7.69 3.45
N GLY C 249 19.83 -7.72 2.39
CA GLY C 249 19.37 -7.18 1.12
C GLY C 249 18.28 -7.99 0.48
N VAL C 250 18.43 -9.31 0.55
CA VAL C 250 17.36 -10.22 0.04
C VAL C 250 16.05 -10.00 0.77
N HIS C 251 16.12 -9.86 2.08
CA HIS C 251 14.92 -9.64 2.86
C HIS C 251 14.21 -8.36 2.36
N GLU C 252 14.95 -7.32 2.04
CA GLU C 252 14.29 -6.10 1.54
C GLU C 252 13.57 -6.38 0.22
N LEU C 253 14.22 -7.16 -0.64
CA LEU C 253 13.60 -7.51 -1.88
C LEU C 253 12.23 -8.31 -1.65
N GLU C 254 12.28 -9.24 -0.71
CA GLU C 254 11.13 -10.08 -0.48
C GLU C 254 10.03 -9.25 0.18
N LYS C 255 10.38 -8.37 1.10
CA LYS C 255 9.35 -7.51 1.73
C LYS C 255 8.51 -6.79 0.67
N ALA C 256 9.16 -6.41 -0.43
CA ALA C 256 8.52 -5.61 -1.40
C ALA C 256 7.86 -6.41 -2.48
N GLY C 257 8.04 -7.73 -2.48
CA GLY C 257 7.45 -8.54 -3.54
C GLY C 257 8.17 -8.42 -4.92
N PHE C 258 9.48 -8.25 -4.85
CA PHE C 258 10.43 -8.14 -6.04
C PHE C 258 10.19 -9.24 -7.05
N ARG C 259 10.07 -10.52 -6.58
CA ARG C 259 9.84 -11.60 -7.55
C ARG C 259 8.55 -11.48 -8.30
N GLY C 260 7.51 -11.09 -7.60
CA GLY C 260 6.23 -10.93 -8.21
C GLY C 260 6.18 -9.81 -9.25
N ILE C 261 6.95 -8.78 -9.01
CA ILE C 261 7.02 -7.60 -9.94
C ILE C 261 7.63 -8.00 -11.26
N LEU C 262 8.71 -8.78 -11.20
CA LEU C 262 9.27 -9.30 -12.41
C LEU C 262 8.36 -10.28 -13.16
N MET C 263 7.60 -11.10 -12.41
CA MET C 263 6.64 -11.95 -13.01
C MET C 263 5.56 -11.11 -13.72
N ASN C 264 5.08 -10.07 -13.04
CA ASN C 264 4.16 -9.13 -13.65
C ASN C 264 4.63 -8.55 -14.97
N ALA C 265 5.91 -8.18 -15.04
CA ALA C 265 6.47 -7.61 -16.26
C ALA C 265 6.48 -8.60 -17.41
N VAL C 266 6.94 -9.83 -17.15
CA VAL C 266 6.90 -10.86 -18.18
C VAL C 266 5.47 -11.13 -18.69
N VAL C 267 4.57 -11.34 -17.77
CA VAL C 267 3.20 -11.60 -18.11
C VAL C 267 2.63 -10.43 -18.96
N ALA C 268 2.87 -9.19 -18.54
CA ALA C 268 2.28 -8.09 -19.26
C ALA C 268 2.84 -7.96 -20.66
N ALA C 269 4.16 -8.14 -20.74
CA ALA C 269 4.77 -8.13 -22.04
C ALA C 269 4.24 -9.24 -22.98
N ALA C 270 4.14 -10.45 -22.44
CA ALA C 270 3.61 -11.58 -23.24
C ALA C 270 2.16 -11.30 -23.74
N LYS C 271 1.35 -10.77 -22.84
CA LYS C 271 0.02 -10.44 -23.16
C LYS C 271 0.00 -9.36 -24.25
N ARG C 272 0.90 -8.39 -24.16
N ARG C 272 0.90 -8.38 -24.15
CA ARG C 272 0.96 -7.35 -25.19
CA ARG C 272 0.96 -7.33 -25.20
C ARG C 272 1.37 -7.96 -26.54
C ARG C 272 1.37 -7.96 -26.54
N SER C 273 2.31 -8.87 -26.50
CA SER C 273 2.74 -9.58 -27.71
C SER C 273 1.54 -10.23 -28.40
N GLN C 274 0.73 -10.87 -27.61
CA GLN C 274 -0.46 -11.58 -28.13
C GLN C 274 -1.40 -10.54 -28.72
N GLU C 275 -1.59 -9.43 -28.05
CA GLU C 275 -2.49 -8.42 -28.54
C GLU C 275 -2.01 -7.81 -29.83
N LEU C 276 -0.71 -7.69 -30.03
CA LEU C 276 -0.19 -7.09 -31.23
C LEU C 276 -0.16 -8.08 -32.39
N SER C 277 -0.46 -9.33 -32.18
CA SER C 277 -0.10 -10.26 -33.20
C SER C 277 -1.29 -10.28 -34.16
N ILE D 7 63.02 -3.33 -2.56
CA ILE D 7 61.60 -3.27 -2.25
C ILE D 7 60.77 -3.93 -3.36
N PRO D 8 60.90 -3.45 -4.59
CA PRO D 8 59.89 -3.96 -5.61
C PRO D 8 59.81 -5.48 -5.84
N ILE D 9 58.58 -5.99 -5.99
CA ILE D 9 58.36 -7.43 -6.17
C ILE D 9 58.62 -7.68 -7.65
N PRO D 10 59.46 -8.67 -8.00
CA PRO D 10 59.72 -8.94 -9.44
C PRO D 10 58.48 -9.37 -10.23
N ALA D 11 58.04 -8.49 -11.10
CA ALA D 11 56.72 -8.64 -11.74
C ALA D 11 56.54 -9.96 -12.49
N ASP D 12 57.60 -10.45 -13.10
CA ASP D 12 57.55 -11.60 -13.95
C ASP D 12 57.97 -12.92 -13.29
N SER D 13 58.47 -12.85 -12.08
CA SER D 13 58.97 -14.07 -11.46
C SER D 13 58.58 -14.23 -9.98
N TYR D 14 57.72 -13.36 -9.45
CA TYR D 14 57.39 -13.46 -8.04
C TYR D 14 56.67 -14.78 -7.70
N THR D 15 56.77 -15.18 -6.46
CA THR D 15 56.02 -16.34 -5.99
C THR D 15 54.86 -15.85 -5.10
N LEU D 16 53.75 -16.56 -5.20
CA LEU D 16 52.56 -16.24 -4.50
C LEU D 16 52.25 -17.34 -3.50
N GLY D 17 51.90 -16.96 -2.29
CA GLY D 17 51.41 -17.91 -1.29
C GLY D 17 49.98 -17.62 -0.82
N PHE D 18 49.16 -18.67 -0.67
CA PHE D 18 47.86 -18.55 -0.03
C PHE D 18 47.86 -19.09 1.36
N ILE D 19 47.38 -18.25 2.27
CA ILE D 19 47.07 -18.68 3.61
C ILE D 19 45.58 -18.85 3.74
N GLY D 20 45.15 -20.09 3.85
CA GLY D 20 43.73 -20.45 3.80
C GLY D 20 43.45 -21.04 2.42
N ALA D 21 43.53 -22.37 2.33
CA ALA D 21 43.48 -23.07 1.05
C ALA D 21 42.03 -23.37 0.65
N GLY D 22 41.17 -22.35 0.70
CA GLY D 22 39.75 -22.54 0.48
C GLY D 22 39.30 -22.29 -0.96
N LYS D 23 38.02 -22.04 -1.09
CA LYS D 23 37.40 -21.83 -2.41
C LYS D 23 37.96 -20.59 -3.09
N MET D 24 38.09 -19.49 -2.35
CA MET D 24 38.49 -18.25 -3.01
C MET D 24 39.95 -18.37 -3.43
N ALA D 25 40.77 -18.95 -2.57
CA ALA D 25 42.18 -19.18 -2.94
C ALA D 25 42.29 -20.01 -4.22
N GLU D 26 41.48 -21.07 -4.28
CA GLU D 26 41.48 -21.95 -5.42
C GLU D 26 41.08 -21.19 -6.67
N SER D 27 40.05 -20.37 -6.54
CA SER D 27 39.58 -19.59 -7.73
C SER D 27 40.67 -18.67 -8.25
N ILE D 28 41.35 -18.00 -7.33
CA ILE D 28 42.38 -17.09 -7.73
C ILE D 28 43.58 -17.85 -8.38
N ALA D 29 43.99 -18.93 -7.74
CA ALA D 29 45.07 -19.74 -8.26
C ALA D 29 44.77 -20.23 -9.70
N LYS D 30 43.58 -20.80 -9.88
CA LYS D 30 43.19 -21.28 -11.20
C LYS D 30 43.16 -20.17 -12.21
N GLY D 31 42.59 -19.03 -11.83
CA GLY D 31 42.54 -17.90 -12.75
C GLY D 31 43.95 -17.46 -13.19
N ALA D 32 44.86 -17.33 -12.22
CA ALA D 32 46.18 -16.80 -12.49
C ALA D 32 46.99 -17.78 -13.34
N VAL D 33 46.81 -19.07 -13.11
CA VAL D 33 47.42 -20.08 -13.97
C VAL D 33 46.85 -20.02 -15.41
N ARG D 34 45.51 -20.00 -15.51
CA ARG D 34 44.82 -19.89 -16.80
C ARG D 34 45.31 -18.69 -17.58
N SER D 35 45.43 -17.54 -16.96
CA SER D 35 45.81 -16.33 -17.71
C SER D 35 47.29 -16.28 -18.01
N GLY D 36 48.08 -17.19 -17.44
CA GLY D 36 49.50 -17.12 -17.60
C GLY D 36 50.18 -16.10 -16.72
N VAL D 37 49.45 -15.42 -15.84
CA VAL D 37 50.08 -14.49 -14.90
C VAL D 37 51.06 -15.22 -13.96
N LEU D 38 50.69 -16.43 -13.60
CA LEU D 38 51.51 -17.29 -12.77
C LEU D 38 51.54 -18.67 -13.40
N SER D 39 52.53 -19.46 -12.99
CA SER D 39 52.58 -20.87 -13.29
C SER D 39 52.38 -21.59 -11.94
N PRO D 40 51.99 -22.86 -11.97
CA PRO D 40 51.68 -23.53 -10.71
C PRO D 40 52.88 -23.67 -9.80
N SER D 41 54.07 -23.73 -10.40
CA SER D 41 55.28 -23.87 -9.59
C SER D 41 55.57 -22.63 -8.78
N ARG D 42 54.99 -21.50 -9.17
CA ARG D 42 55.17 -20.22 -8.45
C ARG D 42 54.10 -19.96 -7.37
N ILE D 43 53.24 -20.95 -7.11
CA ILE D 43 52.19 -20.80 -6.13
C ILE D 43 52.38 -21.83 -5.04
N LYS D 44 52.16 -21.41 -3.79
CA LYS D 44 52.20 -22.34 -2.66
C LYS D 44 51.02 -22.16 -1.77
N THR D 45 50.60 -23.23 -1.09
CA THR D 45 49.68 -23.07 0.04
C THR D 45 49.95 -24.16 1.09
N ALA D 46 49.17 -24.14 2.17
CA ALA D 46 49.24 -25.18 3.21
C ALA D 46 47.83 -25.48 3.65
N ILE D 47 47.54 -26.76 3.91
CA ILE D 47 46.19 -27.15 4.37
C ILE D 47 46.03 -26.96 5.85
N HIS D 48 44.78 -26.94 6.28
CA HIS D 48 44.51 -26.84 7.70
C HIS D 48 44.12 -28.25 8.21
N SER D 49 42.82 -28.56 8.25
CA SER D 49 42.36 -29.85 8.78
C SER D 49 41.84 -30.76 7.67
N ASN D 50 41.17 -30.16 6.71
CA ASN D 50 40.58 -30.88 5.59
C ASN D 50 41.58 -31.33 4.50
N PRO D 51 41.86 -32.64 4.39
CA PRO D 51 42.83 -33.13 3.37
C PRO D 51 42.31 -33.14 1.93
N ALA D 52 41.01 -32.95 1.74
CA ALA D 52 40.45 -32.77 0.39
C ALA D 52 40.94 -31.49 -0.31
N ARG D 53 41.24 -30.46 0.48
CA ARG D 53 41.80 -29.25 -0.06
C ARG D 53 43.20 -29.49 -0.62
N ARG D 54 43.94 -30.42 -0.05
CA ARG D 54 45.26 -30.76 -0.58
C ARG D 54 45.12 -31.19 -2.05
N THR D 55 44.15 -32.05 -2.29
CA THR D 55 43.96 -32.66 -3.60
C THR D 55 43.57 -31.62 -4.59
N ALA D 56 42.68 -30.73 -4.18
CA ALA D 56 42.28 -29.62 -5.02
C ALA D 56 43.46 -28.81 -5.55
N PHE D 57 44.42 -28.49 -4.68
CA PHE D 57 45.60 -27.75 -5.14
C PHE D 57 46.61 -28.62 -5.90
N GLU D 58 46.86 -29.81 -5.42
CA GLU D 58 47.84 -30.69 -6.08
C GLU D 58 47.39 -31.04 -7.49
N SER D 59 46.09 -31.17 -7.69
CA SER D 59 45.57 -31.49 -9.01
C SER D 59 45.70 -30.34 -10.00
N ILE D 60 46.04 -29.14 -9.55
CA ILE D 60 46.36 -28.12 -10.55
C ILE D 60 47.87 -27.85 -10.64
N GLY D 61 48.66 -28.72 -10.01
CA GLY D 61 50.11 -28.64 -10.12
C GLY D 61 50.77 -27.81 -9.03
N ILE D 62 50.02 -27.48 -7.99
CA ILE D 62 50.53 -26.57 -6.96
C ILE D 62 51.05 -27.36 -5.78
N THR D 63 52.21 -26.97 -5.30
CA THR D 63 52.76 -27.61 -4.13
C THR D 63 52.13 -27.13 -2.81
N VAL D 64 51.74 -28.12 -2.03
CA VAL D 64 51.17 -27.90 -0.72
C VAL D 64 52.23 -28.14 0.35
N LEU D 65 52.65 -27.07 1.01
CA LEU D 65 53.62 -27.12 2.07
C LEU D 65 52.98 -27.51 3.40
N SER D 66 53.82 -27.77 4.39
CA SER D 66 53.34 -28.38 5.62
C SER D 66 52.89 -27.37 6.69
N SER D 67 53.21 -26.09 6.52
CA SER D 67 52.73 -25.07 7.47
C SER D 67 52.55 -23.70 6.84
N ASN D 68 51.74 -22.87 7.49
CA ASN D 68 51.56 -21.47 7.04
C ASN D 68 52.90 -20.73 7.02
N ASP D 69 53.75 -21.05 8.00
CA ASP D 69 55.08 -20.41 8.10
C ASP D 69 55.91 -20.63 6.81
N ASP D 70 55.93 -21.86 6.34
CA ASP D 70 56.70 -22.21 5.14
C ASP D 70 56.15 -21.50 3.91
N VAL D 71 54.82 -21.42 3.83
CA VAL D 71 54.23 -20.67 2.72
C VAL D 71 54.73 -19.22 2.70
N VAL D 72 54.73 -18.59 3.87
CA VAL D 72 55.16 -17.18 3.97
C VAL D 72 56.63 -17.03 3.60
N ARG D 73 57.45 -17.91 4.16
CA ARG D 73 58.89 -17.88 3.87
C ARG D 73 59.15 -17.97 2.38
N ASP D 74 58.43 -18.85 1.69
CA ASP D 74 58.69 -19.08 0.28
C ASP D 74 58.04 -18.08 -0.67
N SER D 75 57.34 -17.10 -0.14
CA SER D 75 56.49 -16.29 -1.01
C SER D 75 56.89 -14.83 -0.96
N ASN D 76 56.85 -14.18 -2.12
CA ASN D 76 56.99 -12.71 -2.22
C ASN D 76 55.69 -11.98 -1.92
N VAL D 77 54.58 -12.61 -2.30
CA VAL D 77 53.24 -12.03 -2.14
C VAL D 77 52.45 -13.04 -1.36
N VAL D 78 51.79 -12.59 -0.30
CA VAL D 78 51.01 -13.47 0.57
C VAL D 78 49.55 -13.02 0.59
N VAL D 79 48.68 -13.92 0.16
CA VAL D 79 47.26 -13.66 0.20
C VAL D 79 46.60 -14.39 1.36
N PHE D 80 45.95 -13.61 2.20
CA PHE D 80 45.18 -14.15 3.33
C PHE D 80 43.76 -14.41 2.91
N SER D 81 43.41 -15.69 2.85
CA SER D 81 42.12 -16.14 2.37
C SER D 81 41.41 -17.05 3.37
N VAL D 82 41.62 -16.78 4.66
CA VAL D 82 40.85 -17.47 5.70
C VAL D 82 39.58 -16.66 6.00
N LYS D 83 38.67 -17.24 6.75
CA LYS D 83 37.46 -16.59 7.11
C LYS D 83 37.80 -15.40 7.97
N PRO D 84 36.99 -14.35 7.91
CA PRO D 84 37.39 -13.08 8.56
C PRO D 84 37.61 -13.18 10.06
N GLN D 85 36.74 -13.93 10.75
CA GLN D 85 36.84 -14.04 12.21
C GLN D 85 38.07 -14.85 12.62
N LEU D 86 38.74 -15.52 11.70
CA LEU D 86 40.00 -16.22 12.02
C LEU D 86 41.29 -15.44 11.67
N LEU D 87 41.13 -14.33 10.96
CA LEU D 87 42.28 -13.68 10.32
C LEU D 87 43.25 -13.07 11.35
N LYS D 88 42.70 -12.42 12.34
CA LYS D 88 43.55 -11.71 13.27
C LYS D 88 44.59 -12.65 13.89
N ASP D 89 44.12 -13.77 14.41
CA ASP D 89 45.04 -14.73 15.05
C ASP D 89 46.03 -15.34 14.11
N VAL D 90 45.57 -15.60 12.89
CA VAL D 90 46.45 -16.11 11.84
C VAL D 90 47.62 -15.15 11.55
N VAL D 91 47.29 -13.86 11.42
CA VAL D 91 48.30 -12.84 11.15
C VAL D 91 49.26 -12.68 12.34
N LEU D 92 48.69 -12.63 13.54
CA LEU D 92 49.50 -12.46 14.76
C LEU D 92 50.49 -13.60 14.89
N LYS D 93 50.05 -14.83 14.64
CA LYS D 93 50.99 -15.95 14.69
C LYS D 93 52.11 -15.83 13.67
N LEU D 94 51.80 -15.29 12.49
CA LEU D 94 52.81 -15.21 11.40
C LEU D 94 53.68 -13.97 11.44
N LYS D 95 53.33 -13.07 12.32
CA LYS D 95 53.90 -11.74 12.30
C LYS D 95 55.44 -11.63 12.19
N PRO D 96 56.21 -12.46 12.94
CA PRO D 96 57.67 -12.36 12.82
C PRO D 96 58.17 -12.58 11.40
N LEU D 97 57.43 -13.37 10.62
CA LEU D 97 57.80 -13.67 9.24
C LEU D 97 57.32 -12.63 8.24
N LEU D 98 56.47 -11.72 8.70
CA LEU D 98 55.85 -10.76 7.79
C LEU D 98 56.78 -9.57 7.59
N THR D 99 57.89 -9.81 6.92
CA THR D 99 58.85 -8.75 6.69
C THR D 99 58.41 -7.84 5.55
N LYS D 100 58.88 -6.60 5.56
CA LYS D 100 58.42 -5.57 4.63
C LYS D 100 58.78 -5.78 3.18
N ASP D 101 59.65 -6.73 2.90
CA ASP D 101 59.94 -7.10 1.50
C ASP D 101 58.81 -7.97 0.89
N LYS D 102 57.86 -8.43 1.70
CA LYS D 102 56.72 -9.25 1.25
C LYS D 102 55.41 -8.44 1.23
N LEU D 103 54.81 -8.40 0.05
CA LEU D 103 53.52 -7.74 -0.14
C LEU D 103 52.42 -8.60 0.47
N LEU D 104 51.65 -8.00 1.36
CA LEU D 104 50.50 -8.71 1.96
C LEU D 104 49.16 -8.30 1.29
N VAL D 105 48.26 -9.30 1.15
CA VAL D 105 46.94 -9.10 0.58
C VAL D 105 45.88 -9.80 1.42
N SER D 106 44.78 -9.13 1.69
CA SER D 106 43.64 -9.75 2.35
C SER D 106 42.41 -9.75 1.43
N VAL D 107 41.73 -10.86 1.32
CA VAL D 107 40.44 -10.91 0.64
C VAL D 107 39.30 -11.05 1.62
N ALA D 108 39.60 -10.93 2.91
CA ALA D 108 38.57 -11.14 3.95
C ALA D 108 37.47 -10.10 3.92
N ALA D 109 36.24 -10.56 3.89
CA ALA D 109 35.10 -9.66 3.88
C ALA D 109 35.03 -8.92 5.19
N GLY D 110 34.83 -7.62 5.10
CA GLY D 110 34.57 -6.80 6.29
C GLY D 110 35.77 -6.44 7.16
N ILE D 111 37.01 -6.79 6.79
CA ILE D 111 38.15 -6.46 7.63
C ILE D 111 38.90 -5.26 7.05
N LYS D 112 38.93 -4.17 7.83
CA LYS D 112 39.45 -2.90 7.35
C LYS D 112 40.96 -2.84 7.28
N MET D 113 41.44 -1.95 6.44
CA MET D 113 42.89 -1.77 6.23
C MET D 113 43.58 -1.37 7.54
N LYS D 114 42.96 -0.49 8.30
CA LYS D 114 43.54 -0.07 9.58
C LYS D 114 43.92 -1.27 10.45
N ASP D 115 43.01 -2.23 10.56
CA ASP D 115 43.25 -3.43 11.36
C ASP D 115 44.28 -4.36 10.76
N LEU D 116 44.19 -4.55 9.46
CA LEU D 116 45.19 -5.34 8.75
C LEU D 116 46.61 -4.84 9.07
N GLN D 117 46.80 -3.56 8.92
CA GLN D 117 48.12 -2.95 9.07
C GLN D 117 48.62 -3.09 10.52
N GLU D 118 47.69 -2.86 11.44
CA GLU D 118 47.98 -3.00 12.84
C GLU D 118 48.36 -4.44 13.21
N TRP D 119 47.64 -5.43 12.68
CA TRP D 119 47.98 -6.81 13.01
C TRP D 119 49.34 -7.22 12.43
N ALA D 120 49.60 -6.81 11.20
CA ALA D 120 50.83 -7.20 10.53
C ALA D 120 52.02 -6.43 11.05
N GLY D 121 51.79 -5.24 11.55
CA GLY D 121 52.86 -4.37 12.04
C GLY D 121 53.53 -3.58 10.95
N HIS D 122 52.98 -3.55 9.76
CA HIS D 122 53.46 -2.64 8.72
C HIS D 122 52.32 -2.35 7.73
N GLU D 123 52.60 -1.48 6.75
CA GLU D 123 51.58 -0.92 5.88
C GLU D 123 51.68 -1.34 4.40
N ARG D 124 52.52 -2.32 4.12
CA ARG D 124 52.63 -2.84 2.76
C ARG D 124 51.61 -3.96 2.58
N PHE D 125 50.37 -3.50 2.45
CA PHE D 125 49.18 -4.34 2.58
C PHE D 125 48.15 -3.81 1.57
N ILE D 126 47.53 -4.73 0.84
CA ILE D 126 46.43 -4.40 -0.08
C ILE D 126 45.22 -5.22 0.32
N ARG D 127 44.05 -4.56 0.38
CA ARG D 127 42.81 -5.23 0.63
C ARG D 127 42.05 -5.36 -0.71
N VAL D 128 41.46 -6.54 -0.94
CA VAL D 128 40.62 -6.81 -2.08
C VAL D 128 39.33 -7.40 -1.62
N MET D 129 38.25 -6.92 -2.21
CA MET D 129 36.92 -7.47 -1.99
C MET D 129 36.47 -8.02 -3.33
N PRO D 130 36.67 -9.31 -3.54
CA PRO D 130 36.08 -9.95 -4.71
C PRO D 130 34.60 -10.32 -4.49
N ASN D 131 34.02 -11.10 -5.39
CA ASN D 131 32.72 -11.62 -5.16
C ASN D 131 32.62 -13.06 -5.68
N THR D 132 31.44 -13.64 -5.52
CA THR D 132 31.23 -15.10 -5.79
C THR D 132 31.53 -15.52 -7.21
N ALA D 133 31.48 -14.59 -8.14
CA ALA D 133 31.66 -14.97 -9.53
C ALA D 133 33.09 -15.20 -9.92
N ALA D 134 34.00 -15.04 -8.98
CA ALA D 134 35.37 -15.48 -9.17
C ALA D 134 35.50 -16.90 -9.71
N THR D 135 34.57 -17.74 -9.30
CA THR D 135 34.53 -19.13 -9.69
C THR D 135 34.44 -19.31 -11.21
N VAL D 136 33.79 -18.38 -11.91
CA VAL D 136 33.68 -18.43 -13.35
C VAL D 136 34.42 -17.29 -14.04
N GLY D 137 35.39 -16.68 -13.34
CA GLY D 137 36.24 -15.65 -13.98
C GLY D 137 35.53 -14.35 -14.26
N GLU D 138 34.43 -14.12 -13.57
CA GLU D 138 33.67 -12.88 -13.77
C GLU D 138 33.40 -12.13 -12.47
N ALA D 139 34.34 -12.21 -11.55
CA ALA D 139 34.25 -11.41 -10.34
C ALA D 139 34.20 -9.91 -10.62
N ALA D 140 33.53 -9.20 -9.71
CA ALA D 140 33.64 -7.75 -9.59
C ALA D 140 34.41 -7.51 -8.32
N SER D 141 35.64 -7.05 -8.45
CA SER D 141 36.53 -6.90 -7.33
C SER D 141 36.93 -5.43 -7.19
N VAL D 142 37.22 -5.02 -5.95
CA VAL D 142 37.78 -3.73 -5.68
C VAL D 142 38.96 -3.85 -4.72
N MET D 143 40.01 -3.09 -4.95
CA MET D 143 41.19 -3.06 -4.07
C MET D 143 41.40 -1.69 -3.38
N SER D 144 41.92 -1.73 -2.15
CA SER D 144 42.34 -0.49 -1.46
C SER D 144 43.76 -0.72 -0.98
N LEU D 145 44.52 0.36 -0.98
CA LEU D 145 45.96 0.29 -0.73
C LEU D 145 46.28 0.73 0.66
N GLY D 146 47.11 -0.04 1.34
CA GLY D 146 47.68 0.39 2.62
C GLY D 146 48.71 1.51 2.40
N GLY D 147 49.14 2.12 3.51
CA GLY D 147 50.02 3.30 3.47
C GLY D 147 51.39 3.09 2.81
N ALA D 148 51.88 1.87 2.78
CA ALA D 148 53.15 1.59 2.11
C ALA D 148 53.06 0.74 0.86
N ALA D 149 51.85 0.46 0.39
CA ALA D 149 51.73 -0.29 -0.84
C ALA D 149 52.12 0.64 -1.99
N THR D 150 52.97 0.16 -2.88
CA THR D 150 53.41 0.99 -4.01
C THR D 150 52.54 0.87 -5.23
N GLU D 151 52.80 1.73 -6.19
CA GLU D 151 52.09 1.69 -7.45
C GLU D 151 52.35 0.37 -8.18
N GLU D 152 53.57 -0.15 -8.04
CA GLU D 152 53.93 -1.40 -8.69
C GLU D 152 53.26 -2.57 -7.98
N ASP D 153 53.14 -2.46 -6.66
CA ASP D 153 52.37 -3.45 -5.86
C ASP D 153 50.89 -3.49 -6.36
N ALA D 154 50.30 -2.33 -6.55
CA ALA D 154 48.94 -2.21 -7.05
C ALA D 154 48.79 -2.83 -8.44
N ASN D 155 49.73 -2.56 -9.34
CA ASN D 155 49.68 -3.15 -10.69
C ASN D 155 49.78 -4.66 -10.64
N LEU D 156 50.61 -5.15 -9.75
CA LEU D 156 50.76 -6.58 -9.58
C LEU D 156 49.39 -7.20 -9.16
N ILE D 157 48.71 -6.59 -8.18
CA ILE D 157 47.43 -7.09 -7.71
C ILE D 157 46.34 -6.92 -8.78
N SER D 158 46.37 -5.84 -9.57
CA SER D 158 45.38 -5.68 -10.64
C SER D 158 45.50 -6.78 -11.62
N GLN D 159 46.74 -7.12 -11.95
CA GLN D 159 46.97 -8.16 -12.93
C GLN D 159 46.49 -9.51 -12.37
N LEU D 160 46.79 -9.73 -11.12
CA LEU D 160 46.37 -10.98 -10.50
C LEU D 160 44.83 -11.15 -10.44
N PHE D 161 44.13 -10.14 -9.93
CA PHE D 161 42.69 -10.20 -9.83
C PHE D 161 41.99 -9.99 -11.16
N GLY D 162 42.68 -9.39 -12.13
CA GLY D 162 42.18 -9.23 -13.50
C GLY D 162 42.04 -10.60 -14.11
N SER D 163 42.67 -11.59 -13.53
CA SER D 163 42.55 -12.92 -14.08
C SER D 163 41.32 -13.68 -13.61
N ILE D 164 40.57 -13.16 -12.63
CA ILE D 164 39.31 -13.80 -12.22
C ILE D 164 38.08 -12.88 -12.41
N GLY D 165 38.26 -11.77 -13.13
CA GLY D 165 37.18 -10.87 -13.41
C GLY D 165 37.71 -9.49 -13.65
N LYS D 166 36.96 -8.51 -13.25
CA LYS D 166 37.38 -7.13 -13.34
C LYS D 166 37.76 -6.63 -11.95
N ILE D 167 38.62 -5.63 -11.91
CA ILE D 167 39.15 -5.10 -10.65
C ILE D 167 39.35 -3.57 -10.74
N TRP D 168 38.78 -2.88 -9.77
CA TRP D 168 38.84 -1.45 -9.68
C TRP D 168 39.52 -1.08 -8.37
N LYS D 169 39.85 0.21 -8.19
CA LYS D 169 40.47 0.69 -6.96
C LYS D 169 39.57 1.61 -6.25
N ALA D 170 39.53 1.57 -4.93
CA ALA D 170 38.75 2.54 -4.18
C ALA D 170 39.26 2.69 -2.75
N ASP D 171 38.96 3.82 -2.14
N ASP D 171 38.96 3.82 -2.16
CA ASP D 171 39.30 4.10 -0.76
CA ASP D 171 39.30 4.08 -0.77
C ASP D 171 38.57 3.07 0.13
C ASP D 171 38.58 3.05 0.12
N ASP D 172 39.25 2.68 1.19
CA ASP D 172 38.76 1.71 2.15
C ASP D 172 37.45 2.15 2.74
N LYS D 173 37.19 3.46 2.83
CA LYS D 173 35.93 3.87 3.39
C LYS D 173 34.63 3.47 2.57
N TYR D 174 34.80 3.14 1.31
CA TYR D 174 33.71 2.70 0.45
C TYR D 174 33.35 1.19 0.58
N PHE D 175 34.11 0.43 1.38
CA PHE D 175 33.96 -1.02 1.33
C PHE D 175 32.62 -1.57 1.88
N ASP D 176 32.00 -0.92 2.87
CA ASP D 176 30.66 -1.36 3.29
C ASP D 176 29.64 -1.25 2.17
N ALA D 177 29.66 -0.14 1.45
CA ALA D 177 28.79 -0.01 0.29
C ALA D 177 29.15 -0.98 -0.85
N ILE D 178 30.46 -1.16 -1.11
CA ILE D 178 30.86 -2.14 -2.10
C ILE D 178 30.25 -3.52 -1.73
N THR D 179 30.36 -3.86 -0.48
CA THR D 179 29.90 -5.19 0.02
C THR D 179 28.39 -5.33 -0.22
N GLY D 180 27.64 -4.25 -0.03
CA GLY D 180 26.17 -4.27 -0.30
C GLY D 180 25.78 -4.33 -1.76
N LEU D 181 26.69 -3.87 -2.64
CA LEU D 181 26.47 -3.87 -4.07
C LEU D 181 27.09 -5.09 -4.77
N SER D 182 28.39 -5.13 -4.91
CA SER D 182 28.99 -6.21 -5.63
C SER D 182 29.14 -7.49 -4.81
N GLY D 183 29.26 -7.38 -3.50
CA GLY D 183 29.39 -8.57 -2.69
C GLY D 183 28.10 -9.33 -2.55
N SER D 184 27.03 -8.58 -2.24
CA SER D 184 25.70 -9.10 -2.01
C SER D 184 24.83 -9.17 -3.25
N GLY D 185 25.08 -8.29 -4.21
CA GLY D 185 24.22 -8.19 -5.40
C GLY D 185 23.95 -9.46 -6.20
N PRO D 186 24.90 -10.39 -6.21
CA PRO D 186 24.56 -11.60 -7.00
C PRO D 186 23.30 -12.28 -6.53
N ALA D 187 23.01 -12.25 -5.23
CA ALA D 187 21.79 -12.88 -4.74
C ALA D 187 20.54 -12.17 -5.27
N TYR D 188 20.59 -10.86 -5.41
CA TYR D 188 19.47 -10.10 -5.96
C TYR D 188 19.21 -10.57 -7.42
N ILE D 189 20.27 -10.87 -8.13
CA ILE D 189 20.13 -11.35 -9.48
C ILE D 189 19.70 -12.77 -9.56
N TYR D 190 20.13 -13.62 -8.62
CA TYR D 190 19.58 -14.96 -8.55
C TYR D 190 18.05 -14.95 -8.33
N LEU D 191 17.57 -14.10 -7.44
CA LEU D 191 16.12 -13.94 -7.30
C LEU D 191 15.52 -13.49 -8.61
N ALA D 192 16.14 -12.53 -9.27
CA ALA D 192 15.58 -12.00 -10.49
C ALA D 192 15.48 -13.08 -11.59
N ILE D 193 16.49 -13.89 -11.68
CA ILE D 193 16.49 -14.99 -12.65
C ILE D 193 15.39 -15.99 -12.39
N GLU D 194 15.23 -16.37 -11.12
CA GLU D 194 14.17 -17.27 -10.76
C GLU D 194 12.81 -16.65 -11.06
N ALA D 195 12.67 -15.39 -10.75
CA ALA D 195 11.37 -14.69 -10.97
C ALA D 195 11.02 -14.56 -12.43
N LEU D 196 12.01 -14.26 -13.21
CA LEU D 196 11.83 -14.16 -14.67
C LEU D 196 11.42 -15.52 -15.24
N ALA D 197 12.06 -16.57 -14.75
CA ALA D 197 11.66 -17.94 -15.18
C ALA D 197 10.22 -18.26 -14.77
N ASP D 198 9.88 -17.94 -13.54
CA ASP D 198 8.51 -18.12 -13.05
C ASP D 198 7.53 -17.34 -13.89
N GLY D 199 7.90 -16.10 -14.27
CA GLY D 199 7.07 -15.28 -15.11
C GLY D 199 6.85 -15.92 -16.45
N GLY D 200 7.90 -16.45 -17.02
CA GLY D 200 7.77 -17.19 -18.26
C GLY D 200 6.81 -18.39 -18.19
N VAL D 201 6.95 -19.19 -17.13
CA VAL D 201 6.08 -20.33 -16.90
C VAL D 201 4.64 -19.80 -16.72
N ALA D 202 4.49 -18.66 -16.02
CA ALA D 202 3.16 -18.09 -15.81
C ALA D 202 2.52 -17.69 -17.16
N ALA D 203 3.35 -17.29 -18.12
CA ALA D 203 2.90 -16.89 -19.43
C ALA D 203 2.81 -18.10 -20.35
N GLY D 204 3.02 -19.29 -19.85
CA GLY D 204 2.86 -20.50 -20.62
C GLY D 204 4.10 -21.22 -21.15
N LEU D 205 5.29 -20.79 -20.80
CA LEU D 205 6.50 -21.50 -21.24
C LEU D 205 6.90 -22.71 -20.43
N PRO D 206 7.52 -23.68 -21.07
CA PRO D 206 8.13 -24.78 -20.35
C PRO D 206 9.20 -24.30 -19.39
N ARG D 207 9.28 -24.94 -18.25
CA ARG D 207 10.22 -24.56 -17.24
C ARG D 207 11.69 -24.56 -17.68
N ASP D 208 12.13 -25.62 -18.34
N ASP D 208 12.13 -25.61 -18.35
CA ASP D 208 13.57 -25.67 -18.70
CA ASP D 208 13.54 -25.65 -18.74
C ASP D 208 13.91 -24.49 -19.64
C ASP D 208 13.91 -24.48 -19.64
N LEU D 209 13.06 -24.24 -20.62
CA LEU D 209 13.30 -23.16 -21.59
C LEU D 209 13.24 -21.81 -20.83
N ALA D 210 12.25 -21.66 -19.95
CA ALA D 210 12.06 -20.40 -19.24
C ALA D 210 13.31 -20.05 -18.43
N LEU D 211 13.87 -21.02 -17.76
CA LEU D 211 15.04 -20.80 -17.01
C LEU D 211 16.28 -20.54 -17.88
N SER D 212 16.46 -21.33 -18.94
CA SER D 212 17.55 -21.08 -19.86
C SER D 212 17.45 -19.68 -20.47
N LEU D 213 16.27 -19.27 -20.88
CA LEU D 213 16.11 -17.93 -21.41
C LEU D 213 16.37 -16.82 -20.38
N ALA D 214 15.88 -17.05 -19.16
CA ALA D 214 16.06 -16.06 -18.12
C ALA D 214 17.54 -15.80 -17.86
N SER D 215 18.29 -16.88 -17.67
CA SER D 215 19.72 -16.72 -17.38
C SER D 215 20.47 -16.01 -18.55
N GLN D 216 20.20 -16.42 -19.80
CA GLN D 216 20.94 -15.88 -20.89
C GLN D 216 20.49 -14.44 -21.21
N THR D 217 19.23 -14.13 -20.93
CA THR D 217 18.74 -12.75 -21.09
C THR D 217 19.47 -11.77 -20.15
N VAL D 218 19.63 -12.21 -18.89
CA VAL D 218 20.36 -11.40 -17.91
C VAL D 218 21.85 -11.29 -18.31
N LEU D 219 22.43 -12.42 -18.73
CA LEU D 219 23.82 -12.38 -19.18
C LEU D 219 24.02 -11.38 -20.36
N GLY D 220 23.16 -11.50 -21.34
CA GLY D 220 23.25 -10.67 -22.53
C GLY D 220 23.06 -9.18 -22.29
N ALA D 221 22.05 -8.84 -21.50
CA ALA D 221 21.82 -7.49 -21.11
C ALA D 221 23.05 -6.90 -20.37
N ALA D 222 23.60 -7.68 -19.44
CA ALA D 222 24.76 -7.21 -18.68
C ALA D 222 25.96 -7.05 -19.59
N SER D 223 26.07 -7.91 -20.61
CA SER D 223 27.20 -7.79 -21.54
C SER D 223 27.03 -6.54 -22.41
N MET D 224 25.80 -6.23 -22.78
CA MET D 224 25.53 -4.99 -23.50
C MET D 224 25.91 -3.74 -22.66
N ALA D 225 25.61 -3.81 -21.38
CA ALA D 225 25.91 -2.72 -20.51
C ALA D 225 27.45 -2.58 -20.34
N THR D 226 28.15 -3.70 -20.23
CA THR D 226 29.52 -3.62 -19.99
C THR D 226 30.25 -3.15 -21.28
N GLN D 227 29.79 -3.51 -22.46
CA GLN D 227 30.58 -3.28 -23.65
C GLN D 227 30.16 -2.12 -24.46
N SER D 228 28.94 -1.69 -24.35
CA SER D 228 28.38 -0.77 -25.32
C SER D 228 28.90 0.68 -25.15
N GLY D 229 29.42 1.01 -24.00
CA GLY D 229 29.64 2.40 -23.71
C GLY D 229 28.38 3.24 -23.50
N LYS D 230 27.20 2.66 -23.38
CA LYS D 230 26.01 3.45 -23.21
C LYS D 230 25.53 3.50 -21.78
N HIS D 231 24.83 4.57 -21.45
CA HIS D 231 24.10 4.63 -20.18
C HIS D 231 22.97 3.58 -20.21
N PRO D 232 22.63 2.98 -19.07
CA PRO D 232 21.49 2.04 -19.01
C PRO D 232 20.17 2.58 -19.46
N GLY D 233 19.92 3.84 -19.26
CA GLY D 233 18.74 4.50 -19.82
C GLY D 233 18.69 4.54 -21.33
N GLN D 234 19.85 4.72 -21.93
N GLN D 234 19.86 4.71 -21.93
CA GLN D 234 19.91 4.71 -23.38
CA GLN D 234 19.97 4.72 -23.39
C GLN D 234 19.69 3.31 -23.94
C GLN D 234 19.70 3.33 -23.94
N LEU D 235 20.26 2.31 -23.27
CA LEU D 235 20.04 0.89 -23.65
C LEU D 235 18.53 0.54 -23.53
N LYS D 236 17.90 1.01 -22.46
CA LYS D 236 16.47 0.81 -22.32
C LYS D 236 15.68 1.51 -23.41
N ASP D 237 16.08 2.73 -23.76
CA ASP D 237 15.46 3.40 -24.88
C ASP D 237 15.64 2.66 -26.19
N ASP D 238 16.79 2.06 -26.41
CA ASP D 238 17.01 1.33 -27.65
C ASP D 238 16.01 0.20 -27.84
N VAL D 239 15.55 -0.46 -26.77
CA VAL D 239 14.76 -1.64 -26.93
C VAL D 239 13.28 -1.40 -26.67
N THR D 240 12.90 -0.21 -26.24
CA THR D 240 11.49 0.06 -26.01
C THR D 240 10.77 0.63 -27.23
N SER D 241 10.35 -0.22 -28.12
CA SER D 241 9.66 0.27 -29.30
C SER D 241 8.24 0.81 -28.96
N PRO D 242 7.73 1.76 -29.74
CA PRO D 242 6.47 2.49 -29.42
C PRO D 242 5.32 1.58 -29.19
N GLY D 243 4.68 1.69 -28.06
CA GLY D 243 3.51 0.84 -27.76
C GLY D 243 3.78 -0.66 -27.76
N GLY D 244 5.04 -1.08 -27.66
CA GLY D 244 5.40 -2.47 -27.79
C GLY D 244 5.39 -3.32 -26.53
N THR D 245 5.90 -4.54 -26.67
CA THR D 245 5.92 -5.48 -25.52
C THR D 245 6.85 -5.04 -24.40
N THR D 246 7.97 -4.47 -24.80
CA THR D 246 9.01 -4.12 -23.85
C THR D 246 8.58 -3.01 -22.95
N ILE D 247 7.99 -1.97 -23.52
CA ILE D 247 7.48 -0.86 -22.71
C ILE D 247 6.29 -1.29 -21.83
N ALA D 248 5.51 -2.22 -22.28
CA ALA D 248 4.46 -2.76 -21.42
C ALA D 248 5.03 -3.42 -20.16
N GLY D 249 6.11 -4.17 -20.33
CA GLY D 249 6.76 -4.80 -19.20
C GLY D 249 7.42 -3.73 -18.29
N VAL D 250 8.11 -2.80 -18.91
CA VAL D 250 8.77 -1.72 -18.16
C VAL D 250 7.80 -0.91 -17.33
N HIS D 251 6.64 -0.63 -17.91
CA HIS D 251 5.64 0.13 -17.20
C HIS D 251 5.18 -0.65 -15.93
N GLU D 252 5.09 -1.97 -16.01
CA GLU D 252 4.75 -2.72 -14.80
C GLU D 252 5.79 -2.61 -13.76
N LEU D 253 7.03 -2.63 -14.18
CA LEU D 253 8.15 -2.42 -13.20
C LEU D 253 8.06 -1.05 -12.53
N GLU D 254 7.81 -0.04 -13.31
CA GLU D 254 7.75 1.30 -12.79
C GLU D 254 6.52 1.55 -11.91
N LYS D 255 5.37 0.96 -12.24
CA LYS D 255 4.20 1.05 -11.41
C LYS D 255 4.51 0.54 -10.00
N ALA D 256 5.36 -0.50 -9.90
CA ALA D 256 5.63 -1.12 -8.65
C ALA D 256 6.82 -0.56 -7.93
N GLY D 257 7.53 0.40 -8.49
CA GLY D 257 8.69 0.98 -7.83
C GLY D 257 9.89 0.03 -7.77
N PHE D 258 10.03 -0.76 -8.80
CA PHE D 258 11.16 -1.73 -9.01
C PHE D 258 12.53 -1.13 -8.72
N ARG D 259 12.80 0.04 -9.29
CA ARG D 259 14.12 0.64 -9.06
C ARG D 259 14.38 0.97 -7.63
N GLY D 260 13.38 1.53 -6.96
CA GLY D 260 13.50 1.87 -5.56
C GLY D 260 13.74 0.64 -4.70
N ILE D 261 13.16 -0.49 -5.10
CA ILE D 261 13.30 -1.78 -4.34
C ILE D 261 14.74 -2.28 -4.39
N LEU D 262 15.35 -2.17 -5.54
CA LEU D 262 16.75 -2.50 -5.63
C LEU D 262 17.65 -1.54 -4.90
N MET D 263 17.35 -0.23 -4.95
CA MET D 263 18.04 0.72 -4.13
C MET D 263 17.96 0.34 -2.65
N ASN D 264 16.74 0.05 -2.21
CA ASN D 264 16.54 -0.36 -0.84
C ASN D 264 17.43 -1.53 -0.39
N ALA D 265 17.60 -2.49 -1.27
CA ALA D 265 18.35 -3.69 -0.95
C ALA D 265 19.82 -3.37 -0.79
N VAL D 266 20.36 -2.57 -1.74
CA VAL D 266 21.76 -2.15 -1.61
C VAL D 266 22.04 -1.36 -0.31
N VAL D 267 21.17 -0.39 -0.05
CA VAL D 267 21.23 0.40 1.17
C VAL D 267 21.15 -0.45 2.45
N ALA D 268 20.24 -1.39 2.50
CA ALA D 268 20.13 -2.27 3.64
C ALA D 268 21.33 -3.15 3.85
N ALA D 269 21.79 -3.71 2.77
CA ALA D 269 22.97 -4.56 2.83
C ALA D 269 24.26 -3.78 3.27
N ALA D 270 24.40 -2.56 2.74
CA ALA D 270 25.50 -1.68 3.14
C ALA D 270 25.42 -1.30 4.63
N LYS D 271 24.24 -0.99 5.08
CA LYS D 271 24.04 -0.70 6.47
C LYS D 271 24.37 -1.94 7.36
N ARG D 272 23.96 -3.12 6.93
N ARG D 272 23.96 -3.13 6.92
CA ARG D 272 24.27 -4.34 7.68
CA ARG D 272 24.26 -4.35 7.69
C ARG D 272 25.79 -4.55 7.73
C ARG D 272 25.79 -4.56 7.73
N SER D 273 26.45 -4.27 6.60
CA SER D 273 27.91 -4.39 6.52
C SER D 273 28.57 -3.52 7.61
N GLN D 274 28.08 -2.33 7.72
CA GLN D 274 28.58 -1.37 8.69
C GLN D 274 28.31 -1.85 10.10
N GLU D 275 27.13 -2.37 10.36
CA GLU D 275 26.82 -2.87 11.66
C GLU D 275 27.67 -4.08 12.03
N LEU D 276 28.08 -4.89 11.08
CA LEU D 276 28.87 -6.07 11.40
C LEU D 276 30.34 -5.66 11.60
N SER D 277 30.59 -4.38 11.39
CA SER D 277 31.79 -3.61 11.68
C SER D 277 32.29 -3.11 10.40
N ILE E 6 -3.59 23.10 -56.74
CA ILE E 6 -2.45 22.98 -55.76
C ILE E 6 -1.23 23.74 -56.29
N ILE E 7 -1.43 25.04 -56.32
CA ILE E 7 -0.37 25.99 -56.63
C ILE E 7 0.45 26.19 -55.33
N PRO E 8 1.81 26.19 -55.41
CA PRO E 8 2.55 26.53 -54.19
C PRO E 8 2.14 27.89 -53.60
N ILE E 9 2.10 27.97 -52.27
CA ILE E 9 1.78 29.20 -51.58
C ILE E 9 3.02 30.03 -51.61
N PRO E 10 2.94 31.29 -52.09
CA PRO E 10 4.15 32.17 -52.08
C PRO E 10 4.76 32.45 -50.71
N ALA E 11 5.91 31.89 -50.50
CA ALA E 11 6.52 31.85 -49.15
C ALA E 11 6.71 33.22 -48.49
N ASP E 12 7.05 34.24 -49.29
CA ASP E 12 7.41 35.58 -48.82
C ASP E 12 6.23 36.60 -48.89
N SER E 13 5.11 36.21 -49.48
CA SER E 13 4.00 37.12 -49.60
C SER E 13 2.62 36.57 -49.35
N TYR E 14 2.47 35.34 -48.90
CA TYR E 14 1.14 34.81 -48.57
C TYR E 14 0.42 35.59 -47.46
N THR E 15 -0.89 35.54 -47.46
CA THR E 15 -1.72 36.13 -46.46
C THR E 15 -2.37 35.00 -45.61
N LEU E 16 -2.45 35.24 -44.31
CA LEU E 16 -2.84 34.29 -43.31
C LEU E 16 -4.17 34.73 -42.68
N GLY E 17 -5.15 33.83 -42.63
CA GLY E 17 -6.42 34.13 -41.97
C GLY E 17 -6.73 33.24 -40.81
N PHE E 18 -7.22 33.81 -39.71
CA PHE E 18 -7.67 33.03 -38.55
C PHE E 18 -9.19 32.99 -38.48
N ILE E 19 -9.71 31.79 -38.41
CA ILE E 19 -11.11 31.53 -38.13
C ILE E 19 -11.23 31.10 -36.72
N GLY E 20 -11.74 32.01 -35.91
CA GLY E 20 -11.75 31.85 -34.47
C GLY E 20 -10.69 32.75 -33.84
N ALA E 21 -11.11 33.95 -33.44
CA ALA E 21 -10.16 35.01 -33.03
C ALA E 21 -9.84 34.94 -31.52
N GLY E 22 -9.44 33.76 -31.05
CA GLY E 22 -9.23 33.54 -29.66
C GLY E 22 -7.81 33.66 -29.20
N LYS E 23 -7.55 33.04 -28.06
CA LYS E 23 -6.24 33.11 -27.40
C LYS E 23 -5.14 32.47 -28.26
N MET E 24 -5.39 31.29 -28.79
CA MET E 24 -4.37 30.59 -29.57
C MET E 24 -4.10 31.35 -30.89
N ALA E 25 -5.14 31.85 -31.53
CA ALA E 25 -4.94 32.67 -32.72
C ALA E 25 -4.09 33.89 -32.47
N GLU E 26 -4.38 34.55 -31.38
CA GLU E 26 -3.64 35.72 -30.95
C GLU E 26 -2.16 35.38 -30.69
N SER E 27 -1.91 34.28 -29.99
CA SER E 27 -0.54 33.88 -29.71
C SER E 27 0.20 33.65 -31.00
N ILE E 28 -0.44 32.96 -31.94
CA ILE E 28 0.23 32.66 -33.22
C ILE E 28 0.50 33.91 -34.02
N ALA E 29 -0.51 34.78 -34.12
CA ALA E 29 -0.35 36.08 -34.81
C ALA E 29 0.76 36.94 -34.23
N LYS E 30 0.77 37.07 -32.92
CA LYS E 30 1.84 37.81 -32.28
C LYS E 30 3.18 37.20 -32.53
N GLY E 31 3.27 35.87 -32.44
CA GLY E 31 4.55 35.19 -32.61
C GLY E 31 5.05 35.46 -34.02
N ALA E 32 4.17 35.41 -35.00
CA ALA E 32 4.59 35.51 -36.39
C ALA E 32 4.98 36.94 -36.76
N VAL E 33 4.32 37.90 -36.15
CA VAL E 33 4.70 39.30 -36.31
C VAL E 33 6.04 39.58 -35.62
N ARG E 34 6.18 39.12 -34.39
CA ARG E 34 7.44 39.23 -33.65
C ARG E 34 8.61 38.60 -34.35
N SER E 35 8.48 37.39 -34.86
CA SER E 35 9.58 36.76 -35.53
C SER E 35 9.85 37.33 -36.94
N GLY E 36 8.99 38.19 -37.43
CA GLY E 36 9.16 38.69 -38.78
C GLY E 36 8.72 37.75 -39.88
N VAL E 37 8.08 36.64 -39.54
CA VAL E 37 7.56 35.74 -40.54
C VAL E 37 6.47 36.42 -41.36
N LEU E 38 5.68 37.21 -40.66
CA LEU E 38 4.53 37.91 -41.29
C LEU E 38 4.60 39.34 -40.80
N SER E 39 3.93 40.20 -41.50
CA SER E 39 3.61 41.53 -41.05
C SER E 39 2.09 41.62 -40.79
N PRO E 40 1.65 42.60 -39.99
CA PRO E 40 0.23 42.55 -39.56
C PRO E 40 -0.73 42.75 -40.73
N SER E 41 -0.26 43.43 -41.76
CA SER E 41 -1.11 43.67 -42.92
C SER E 41 -1.41 42.42 -43.69
N ARG E 42 -0.61 41.39 -43.46
CA ARG E 42 -0.81 40.09 -44.12
C ARG E 42 -1.70 39.09 -43.32
N ILE E 43 -2.30 39.55 -42.22
CA ILE E 43 -3.09 38.71 -41.34
C ILE E 43 -4.46 39.27 -41.24
N LYS E 44 -5.46 38.38 -41.28
CA LYS E 44 -6.85 38.78 -41.14
C LYS E 44 -7.56 37.85 -40.19
N THR E 45 -8.56 38.36 -39.49
CA THR E 45 -9.48 37.53 -38.77
C THR E 45 -10.88 38.19 -38.75
N ALA E 46 -11.84 37.51 -38.13
CA ALA E 46 -13.19 38.03 -37.94
C ALA E 46 -13.65 37.63 -36.59
N ILE E 47 -14.36 38.55 -35.95
CA ILE E 47 -14.88 38.34 -34.64
C ILE E 47 -16.16 37.52 -34.63
N HIS E 48 -16.48 36.91 -33.49
CA HIS E 48 -17.75 36.22 -33.38
C HIS E 48 -18.76 37.13 -32.62
N SER E 49 -18.85 36.99 -31.30
CA SER E 49 -19.77 37.81 -30.46
C SER E 49 -19.04 38.82 -29.59
N ASN E 50 -17.90 38.40 -29.06
CA ASN E 50 -17.11 39.22 -28.14
C ASN E 50 -16.30 40.35 -28.81
N PRO E 51 -16.71 41.62 -28.62
CA PRO E 51 -15.99 42.74 -29.26
C PRO E 51 -14.64 43.10 -28.63
N ALA E 52 -14.34 42.57 -27.45
CA ALA E 52 -12.99 42.70 -26.87
C ALA E 52 -11.88 42.00 -27.70
N ARG E 53 -12.26 40.94 -28.40
CA ARG E 53 -11.33 40.26 -29.30
C ARG E 53 -10.95 41.19 -30.44
N ARG E 54 -11.86 42.05 -30.87
CA ARG E 54 -11.56 42.97 -31.99
C ARG E 54 -10.37 43.84 -31.60
N THR E 55 -10.43 44.35 -30.38
CA THR E 55 -9.44 45.31 -29.90
C THR E 55 -8.09 44.60 -29.78
N ALA E 56 -8.10 43.36 -29.28
CA ALA E 56 -6.88 42.54 -29.17
C ALA E 56 -6.14 42.43 -30.49
N PHE E 57 -6.87 42.18 -31.58
CA PHE E 57 -6.22 42.10 -32.90
C PHE E 57 -5.88 43.46 -33.51
N GLU E 58 -6.79 44.41 -33.39
CA GLU E 58 -6.56 45.76 -33.97
C GLU E 58 -5.38 46.43 -33.31
N SER E 59 -5.19 46.19 -32.03
CA SER E 59 -4.05 46.75 -31.35
C SER E 59 -2.72 46.17 -31.76
N ILE E 60 -2.70 45.08 -32.51
CA ILE E 60 -1.40 44.65 -33.04
C ILE E 60 -1.29 44.97 -34.54
N GLY E 61 -2.25 45.72 -35.06
CA GLY E 61 -2.19 46.18 -36.43
C GLY E 61 -2.93 45.31 -37.42
N ILE E 62 -3.72 44.37 -36.91
CA ILE E 62 -4.32 43.39 -37.77
C ILE E 62 -5.72 43.83 -38.10
N THR E 63 -6.08 43.71 -39.35
CA THR E 63 -7.46 44.03 -39.77
C THR E 63 -8.48 42.92 -39.46
N VAL E 64 -9.59 43.35 -38.84
CA VAL E 64 -10.69 42.50 -38.50
C VAL E 64 -11.81 42.68 -39.50
N LEU E 65 -12.05 41.67 -40.30
CA LEU E 65 -13.07 41.67 -41.30
C LEU E 65 -14.38 41.30 -40.69
N SER E 66 -15.44 41.42 -41.49
CA SER E 66 -16.79 41.34 -40.93
C SER E 66 -17.37 39.92 -40.94
N SER E 67 -16.75 38.99 -41.66
CA SER E 67 -17.21 37.61 -41.62
C SER E 67 -16.10 36.60 -41.84
N ASN E 68 -16.37 35.38 -41.45
CA ASN E 68 -15.45 34.26 -41.73
C ASN E 68 -15.20 34.09 -43.22
N ASP E 69 -16.25 34.27 -44.02
CA ASP E 69 -16.16 34.16 -45.49
C ASP E 69 -15.11 35.11 -46.08
N ASP E 70 -15.14 36.36 -45.62
CA ASP E 70 -14.18 37.38 -46.12
C ASP E 70 -12.73 37.04 -45.71
N VAL E 71 -12.56 36.49 -44.50
CA VAL E 71 -11.24 36.04 -44.06
C VAL E 71 -10.70 34.98 -45.02
N VAL E 72 -11.55 34.05 -45.36
CA VAL E 72 -11.11 32.96 -46.25
C VAL E 72 -10.76 33.48 -47.63
N ARG E 73 -11.65 34.30 -48.18
CA ARG E 73 -11.45 34.86 -49.51
C ARG E 73 -10.12 35.58 -49.60
N ASP E 74 -9.81 36.34 -48.57
CA ASP E 74 -8.58 37.16 -48.59
C ASP E 74 -7.31 36.42 -48.17
N SER E 75 -7.40 35.12 -47.86
CA SER E 75 -6.25 34.40 -47.31
C SER E 75 -5.75 33.24 -48.15
N ASN E 76 -4.46 33.07 -48.25
CA ASN E 76 -3.81 31.92 -48.91
C ASN E 76 -3.70 30.74 -47.93
N VAL E 77 -3.58 31.05 -46.66
CA VAL E 77 -3.49 30.02 -45.62
C VAL E 77 -4.52 30.34 -44.59
N VAL E 78 -5.32 29.37 -44.25
CA VAL E 78 -6.41 29.54 -43.30
C VAL E 78 -6.21 28.64 -42.08
N VAL E 79 -6.11 29.26 -40.91
CA VAL E 79 -5.98 28.53 -39.66
C VAL E 79 -7.31 28.51 -38.90
N PHE E 80 -7.79 27.30 -38.60
CA PHE E 80 -9.03 27.11 -37.87
C PHE E 80 -8.66 27.00 -36.40
N SER E 81 -9.10 27.99 -35.64
CA SER E 81 -8.79 28.12 -34.22
C SER E 81 -10.02 28.33 -33.39
N VAL E 82 -11.10 27.66 -33.77
CA VAL E 82 -12.32 27.59 -32.95
C VAL E 82 -12.24 26.34 -32.07
N LYS E 83 -13.11 26.30 -31.07
CA LYS E 83 -13.21 25.16 -30.17
C LYS E 83 -13.57 23.92 -31.00
N PRO E 84 -13.06 22.74 -30.62
CA PRO E 84 -13.21 21.54 -31.50
C PRO E 84 -14.64 21.18 -31.83
N GLN E 85 -15.52 21.30 -30.83
CA GLN E 85 -16.92 20.92 -31.04
C GLN E 85 -17.64 21.88 -31.97
N LEU E 86 -17.08 23.02 -32.29
CA LEU E 86 -17.66 23.95 -33.24
C LEU E 86 -17.06 23.86 -34.65
N LEU E 87 -15.99 23.11 -34.81
CA LEU E 87 -15.21 23.13 -36.05
C LEU E 87 -15.99 22.54 -37.27
N LYS E 88 -16.64 21.41 -37.07
CA LYS E 88 -17.27 20.75 -38.19
C LYS E 88 -18.27 21.67 -38.90
N ASP E 89 -19.13 22.31 -38.13
CA ASP E 89 -20.13 23.19 -38.74
C ASP E 89 -19.50 24.43 -39.38
N VAL E 90 -18.46 24.93 -38.75
CA VAL E 90 -17.73 26.10 -39.32
C VAL E 90 -17.21 25.78 -40.71
N VAL E 91 -16.59 24.60 -40.83
CA VAL E 91 -15.95 24.18 -42.06
C VAL E 91 -17.01 23.91 -43.11
N LEU E 92 -18.08 23.24 -42.71
N LEU E 92 -18.10 23.24 -42.71
CA LEU E 92 -19.18 22.94 -43.64
CA LEU E 92 -19.23 22.91 -43.63
C LEU E 92 -19.79 24.21 -44.22
C LEU E 92 -19.82 24.21 -44.21
N LYS E 93 -19.99 25.22 -43.37
CA LYS E 93 -20.46 26.52 -43.88
C LYS E 93 -19.51 27.19 -44.86
N LEU E 94 -18.20 27.05 -44.64
CA LEU E 94 -17.22 27.73 -45.49
C LEU E 94 -16.82 26.95 -46.71
N LYS E 95 -17.28 25.71 -46.78
CA LYS E 95 -16.74 24.73 -47.74
C LYS E 95 -16.63 25.21 -49.21
N PRO E 96 -17.66 25.89 -49.74
CA PRO E 96 -17.52 26.38 -51.14
C PRO E 96 -16.28 27.24 -51.36
N LEU E 97 -15.85 27.97 -50.33
CA LEU E 97 -14.71 28.91 -50.43
C LEU E 97 -13.37 28.24 -50.18
N LEU E 98 -13.39 26.99 -49.74
CA LEU E 98 -12.18 26.24 -49.43
C LEU E 98 -11.57 25.60 -50.66
N THR E 99 -11.13 26.42 -51.60
CA THR E 99 -10.58 25.90 -52.80
C THR E 99 -9.15 25.39 -52.61
N LYS E 100 -8.70 24.51 -53.49
CA LYS E 100 -7.44 23.78 -53.28
C LYS E 100 -6.20 24.61 -53.41
N ASP E 101 -6.33 25.85 -53.85
CA ASP E 101 -5.21 26.75 -53.88
C ASP E 101 -4.93 27.33 -52.49
N LYS E 102 -5.79 27.10 -51.53
CA LYS E 102 -5.64 27.57 -50.14
C LYS E 102 -5.22 26.42 -49.21
N LEU E 103 -4.07 26.57 -48.55
CA LEU E 103 -3.63 25.65 -47.50
C LEU E 103 -4.49 25.79 -46.19
N LEU E 104 -5.09 24.70 -45.75
CA LEU E 104 -5.89 24.72 -44.51
C LEU E 104 -5.09 24.14 -43.33
N VAL E 105 -5.27 24.76 -42.14
CA VAL E 105 -4.59 24.36 -40.94
C VAL E 105 -5.60 24.30 -39.80
N SER E 106 -5.54 23.21 -39.04
CA SER E 106 -6.37 23.12 -37.83
C SER E 106 -5.47 23.05 -36.62
N VAL E 107 -5.80 23.81 -35.58
CA VAL E 107 -5.20 23.62 -34.28
C VAL E 107 -6.14 22.98 -33.26
N ALA E 108 -7.26 22.48 -33.73
CA ALA E 108 -8.28 21.93 -32.81
C ALA E 108 -7.85 20.65 -32.14
N ALA E 109 -7.95 20.64 -30.82
CA ALA E 109 -7.54 19.46 -30.09
C ALA E 109 -8.49 18.31 -30.46
N GLY E 110 -7.92 17.14 -30.68
CA GLY E 110 -8.70 15.93 -30.77
C GLY E 110 -9.41 15.72 -32.12
N ILE E 111 -9.26 16.60 -33.10
CA ILE E 111 -9.90 16.37 -34.41
C ILE E 111 -8.93 15.79 -35.39
N LYS E 112 -9.19 14.57 -35.80
CA LYS E 112 -8.33 13.83 -36.70
C LYS E 112 -8.32 14.33 -38.17
N MET E 113 -7.18 14.09 -38.83
CA MET E 113 -6.97 14.50 -40.23
C MET E 113 -8.06 13.90 -41.15
N LYS E 114 -8.43 12.65 -40.94
CA LYS E 114 -9.46 12.01 -41.75
C LYS E 114 -10.73 12.84 -41.79
N ASP E 115 -11.15 13.31 -40.62
CA ASP E 115 -12.35 14.17 -40.51
C ASP E 115 -12.15 15.56 -41.12
N LEU E 116 -11.00 16.16 -40.85
CA LEU E 116 -10.69 17.46 -41.42
C LEU E 116 -10.83 17.43 -42.96
N GLN E 117 -10.22 16.43 -43.56
CA GLN E 117 -10.19 16.30 -45.01
C GLN E 117 -11.62 16.05 -45.57
N GLU E 118 -12.36 15.22 -44.87
CA GLU E 118 -13.75 14.98 -45.26
C GLU E 118 -14.55 16.26 -45.19
N TRP E 119 -14.41 17.03 -44.13
CA TRP E 119 -15.25 18.20 -44.00
C TRP E 119 -14.93 19.24 -45.06
N ALA E 120 -13.65 19.41 -45.31
CA ALA E 120 -13.22 20.40 -46.25
C ALA E 120 -13.43 19.99 -47.71
N GLY E 121 -13.42 18.70 -47.95
CA GLY E 121 -13.59 18.14 -49.28
C GLY E 121 -12.32 18.07 -50.07
N HIS E 122 -11.20 18.30 -49.43
CA HIS E 122 -9.92 18.05 -50.06
C HIS E 122 -8.85 17.78 -49.00
N GLU E 123 -7.65 17.45 -49.45
CA GLU E 123 -6.60 16.93 -48.58
C GLU E 123 -5.40 17.85 -48.40
N ARG E 124 -5.56 19.09 -48.79
CA ARG E 124 -4.48 20.09 -48.61
C ARG E 124 -4.63 20.81 -47.25
N PHE E 125 -4.35 19.99 -46.26
CA PHE E 125 -4.75 20.28 -44.86
C PHE E 125 -3.58 19.85 -43.99
N ILE E 126 -3.20 20.70 -43.04
CA ILE E 126 -2.26 20.35 -42.03
C ILE E 126 -2.89 20.50 -40.64
N ARG E 127 -2.65 19.53 -39.78
CA ARG E 127 -3.09 19.57 -38.38
C ARG E 127 -1.92 19.91 -37.51
N VAL E 128 -2.13 20.83 -36.57
CA VAL E 128 -1.11 21.14 -35.54
C VAL E 128 -1.71 21.02 -34.14
N MET E 129 -0.97 20.40 -33.26
CA MET E 129 -1.38 20.32 -31.85
C MET E 129 -0.32 21.11 -31.04
N PRO E 130 -0.63 22.36 -30.74
CA PRO E 130 0.23 23.17 -29.88
C PRO E 130 -0.08 22.94 -28.44
N ASN E 131 0.53 23.70 -27.54
CA ASN E 131 0.16 23.63 -26.13
C ASN E 131 0.15 25.03 -25.51
N THR E 132 -0.17 25.06 -24.22
CA THR E 132 -0.50 26.30 -23.52
C THR E 132 0.66 27.27 -23.50
N ALA E 133 1.89 26.77 -23.63
CA ALA E 133 3.05 27.64 -23.56
C ALA E 133 3.30 28.47 -24.79
N ALA E 134 2.45 28.36 -25.77
CA ALA E 134 2.47 29.28 -26.89
C ALA E 134 2.49 30.73 -26.44
N THR E 135 1.78 30.98 -25.34
CA THR E 135 1.65 32.33 -24.79
C THR E 135 3.01 32.96 -24.46
N VAL E 136 4.02 32.16 -24.12
CA VAL E 136 5.36 32.66 -23.90
C VAL E 136 6.38 32.17 -24.89
N GLY E 137 5.93 31.74 -26.05
CA GLY E 137 6.87 31.37 -27.12
C GLY E 137 7.60 30.07 -26.87
N GLU E 138 7.02 29.19 -26.03
CA GLU E 138 7.68 27.94 -25.70
C GLU E 138 6.71 26.75 -25.83
N ALA E 139 5.79 26.86 -26.77
CA ALA E 139 4.98 25.74 -27.09
C ALA E 139 5.81 24.52 -27.51
N ALA E 140 5.24 23.33 -27.22
CA ALA E 140 5.63 22.07 -27.83
C ALA E 140 4.52 21.70 -28.78
N SER E 141 4.82 21.79 -30.08
CA SER E 141 3.82 21.58 -31.09
C SER E 141 4.22 20.43 -31.99
N VAL E 142 3.21 19.79 -32.55
CA VAL E 142 3.42 18.73 -33.53
C VAL E 142 2.43 18.93 -34.68
N MET E 143 2.92 18.70 -35.90
CA MET E 143 2.06 18.74 -37.09
C MET E 143 1.93 17.39 -37.78
N SER E 144 0.81 17.20 -38.42
CA SER E 144 0.61 16.04 -39.32
C SER E 144 0.04 16.57 -40.61
N LEU E 145 0.38 15.88 -41.68
CA LEU E 145 0.08 16.35 -43.03
C LEU E 145 -1.00 15.57 -43.65
N GLY E 146 -1.92 16.27 -44.28
CA GLY E 146 -2.95 15.63 -45.06
C GLY E 146 -2.37 15.12 -46.36
N GLY E 147 -3.17 14.37 -47.09
CA GLY E 147 -2.70 13.64 -48.32
C GLY E 147 -2.21 14.51 -49.45
N ALA E 148 -2.66 15.75 -49.49
CA ALA E 148 -2.22 16.68 -50.50
C ALA E 148 -1.42 17.85 -49.99
N ALA E 149 -1.02 17.82 -48.72
CA ALA E 149 -0.15 18.87 -48.22
C ALA E 149 1.26 18.62 -48.76
N THR E 150 1.89 19.65 -49.32
CA THR E 150 3.22 19.48 -49.94
C THR E 150 4.32 19.70 -48.94
N GLU E 151 5.51 19.40 -49.36
CA GLU E 151 6.70 19.69 -48.55
C GLU E 151 6.86 21.18 -48.29
N GLU E 152 6.53 21.99 -49.28
CA GLU E 152 6.62 23.41 -49.15
C GLU E 152 5.53 23.93 -48.19
N ASP E 153 4.33 23.33 -48.27
CA ASP E 153 3.30 23.65 -47.31
C ASP E 153 3.80 23.40 -45.85
N ALA E 154 4.41 22.25 -45.66
CA ALA E 154 4.90 21.86 -44.35
C ALA E 154 5.97 22.85 -43.87
N ASN E 155 6.88 23.24 -44.73
CA ASN E 155 7.88 24.23 -44.36
C ASN E 155 7.27 25.53 -43.93
N LEU E 156 6.25 25.95 -44.66
CA LEU E 156 5.56 27.18 -44.34
C LEU E 156 4.95 27.12 -42.89
N ILE E 157 4.33 26.01 -42.58
CA ILE E 157 3.74 25.82 -41.24
C ILE E 157 4.82 25.62 -40.14
N SER E 158 5.90 24.97 -40.46
CA SER E 158 6.98 24.76 -39.55
C SER E 158 7.52 26.17 -39.15
N GLN E 159 7.66 27.05 -40.15
CA GLN E 159 8.13 28.38 -39.92
C GLN E 159 7.15 29.18 -39.06
N LEU E 160 5.89 29.05 -39.37
CA LEU E 160 4.90 29.78 -38.62
C LEU E 160 4.81 29.35 -37.13
N PHE E 161 4.72 28.04 -36.89
CA PHE E 161 4.67 27.53 -35.54
C PHE E 161 6.02 27.51 -34.80
N GLY E 162 7.11 27.55 -35.56
CA GLY E 162 8.44 27.80 -34.97
C GLY E 162 8.47 29.16 -34.25
N SER E 163 7.56 30.04 -34.60
CA SER E 163 7.60 31.38 -34.02
C SER E 163 6.97 31.43 -32.62
N ILE E 164 6.28 30.36 -32.19
CA ILE E 164 5.72 30.26 -30.83
C ILE E 164 6.23 29.09 -30.02
N GLY E 165 7.33 28.46 -30.47
CA GLY E 165 7.95 27.39 -29.72
C GLY E 165 8.64 26.46 -30.66
N LYS E 166 8.67 25.20 -30.31
CA LYS E 166 9.27 24.20 -31.15
C LYS E 166 8.17 23.45 -31.89
N ILE E 167 8.49 22.90 -33.05
CA ILE E 167 7.52 22.16 -33.84
C ILE E 167 8.18 20.94 -34.50
N TRP E 168 7.58 19.79 -34.29
CA TRP E 168 8.00 18.53 -34.86
C TRP E 168 6.84 17.97 -35.76
N LYS E 169 7.15 16.94 -36.52
CA LYS E 169 6.19 16.30 -37.43
C LYS E 169 5.92 14.91 -37.01
N ALA E 170 4.68 14.46 -37.08
CA ALA E 170 4.36 13.09 -36.74
C ALA E 170 3.09 12.67 -37.42
N ASP E 171 2.95 11.36 -37.57
N ASP E 171 2.95 11.35 -37.58
CA ASP E 171 1.77 10.76 -38.15
CA ASP E 171 1.77 10.77 -38.17
C ASP E 171 0.58 11.07 -37.27
C ASP E 171 0.58 11.07 -37.28
N ASP E 172 -0.57 11.25 -37.90
CA ASP E 172 -1.79 11.58 -37.21
C ASP E 172 -2.15 10.55 -36.16
N LYS E 173 -1.80 9.30 -36.39
CA LYS E 173 -2.17 8.29 -35.43
C LYS E 173 -1.55 8.47 -34.01
N TYR E 174 -0.53 9.29 -33.90
CA TYR E 174 0.16 9.56 -32.60
C TYR E 174 -0.49 10.64 -31.78
N PHE E 175 -1.54 11.29 -32.32
CA PHE E 175 -2.00 12.53 -31.69
C PHE E 175 -2.77 12.37 -30.36
N ASP E 176 -3.43 11.26 -30.12
CA ASP E 176 -3.97 11.05 -28.74
C ASP E 176 -2.87 10.96 -27.68
N ALA E 177 -1.79 10.26 -27.98
CA ALA E 177 -0.65 10.19 -27.07
C ALA E 177 0.08 11.56 -26.95
N ILE E 178 0.22 12.27 -28.06
CA ILE E 178 0.75 13.61 -28.02
C ILE E 178 -0.10 14.47 -27.02
N THR E 179 -1.41 14.40 -27.18
CA THR E 179 -2.32 15.18 -26.39
C THR E 179 -2.14 14.85 -24.89
N GLY E 180 -1.91 13.59 -24.57
CA GLY E 180 -1.66 13.19 -23.21
C GLY E 180 -0.30 13.58 -22.61
N LEU E 181 0.68 13.82 -23.49
CA LEU E 181 2.02 14.21 -23.07
C LEU E 181 2.23 15.72 -23.16
N SER E 182 2.31 16.28 -24.36
CA SER E 182 2.61 17.71 -24.47
C SER E 182 1.38 18.60 -24.29
N GLY E 183 0.20 18.12 -24.66
CA GLY E 183 -0.98 18.89 -24.45
C GLY E 183 -1.36 19.03 -22.98
N SER E 184 -1.42 17.92 -22.29
CA SER E 184 -1.85 17.83 -20.92
C SER E 184 -0.71 17.95 -19.92
N GLY E 185 0.52 17.63 -20.35
CA GLY E 185 1.66 17.66 -19.41
C GLY E 185 1.94 18.93 -18.63
N PRO E 186 1.63 20.09 -19.20
CA PRO E 186 1.90 21.26 -18.39
C PRO E 186 1.23 21.24 -17.04
N ALA E 187 0.04 20.70 -16.93
CA ALA E 187 -0.61 20.66 -15.64
C ALA E 187 0.16 19.78 -14.67
N TYR E 188 0.80 18.74 -15.18
CA TYR E 188 1.56 17.81 -14.32
C TYR E 188 2.71 18.59 -13.73
N ILE E 189 3.31 19.47 -14.55
CA ILE E 189 4.40 20.29 -14.09
C ILE E 189 3.94 21.42 -13.15
N TYR E 190 2.77 21.98 -13.37
CA TYR E 190 2.22 22.96 -12.42
C TYR E 190 2.02 22.34 -11.07
N LEU E 191 1.52 21.11 -11.04
CA LEU E 191 1.48 20.38 -9.75
C LEU E 191 2.84 20.20 -9.17
N ALA E 192 3.80 19.81 -10.00
CA ALA E 192 5.14 19.59 -9.50
C ALA E 192 5.77 20.83 -8.90
N ILE E 193 5.58 21.96 -9.55
CA ILE E 193 6.07 23.22 -9.07
C ILE E 193 5.49 23.57 -7.72
N GLU E 194 4.17 23.44 -7.61
CA GLU E 194 3.52 23.75 -6.33
C GLU E 194 4.01 22.82 -5.23
N ALA E 195 4.18 21.57 -5.59
CA ALA E 195 4.61 20.57 -4.58
C ALA E 195 6.05 20.78 -4.15
N LEU E 196 6.90 21.12 -5.09
CA LEU E 196 8.27 21.50 -4.76
C LEU E 196 8.36 22.72 -3.83
N ALA E 197 7.53 23.73 -4.10
CA ALA E 197 7.41 24.89 -3.23
C ALA E 197 6.92 24.52 -1.85
N ASP E 198 5.91 23.70 -1.81
CA ASP E 198 5.37 23.20 -0.52
C ASP E 198 6.44 22.43 0.26
N GLY E 199 7.21 21.63 -0.47
CA GLY E 199 8.32 20.90 0.11
C GLY E 199 9.38 21.83 0.70
N GLY E 200 9.71 22.86 -0.05
CA GLY E 200 10.62 23.87 0.47
C GLY E 200 10.12 24.47 1.77
N VAL E 201 8.87 24.87 1.77
CA VAL E 201 8.26 25.46 2.97
C VAL E 201 8.27 24.41 4.11
N ALA E 202 8.00 23.17 3.79
CA ALA E 202 8.03 22.09 4.83
C ALA E 202 9.41 21.92 5.39
N ALA E 203 10.43 22.24 4.59
CA ALA E 203 11.81 22.19 5.04
C ALA E 203 12.25 23.49 5.65
N GLY E 204 11.38 24.48 5.75
CA GLY E 204 11.68 25.71 6.47
C GLY E 204 11.85 26.95 5.67
N LEU E 205 11.69 26.89 4.37
CA LEU E 205 11.83 28.10 3.57
C LEU E 205 10.66 29.04 3.57
N PRO E 206 10.91 30.36 3.40
CA PRO E 206 9.84 31.33 3.13
C PRO E 206 9.13 30.94 1.83
N ARG E 207 7.83 31.17 1.79
CA ARG E 207 7.02 30.80 0.65
C ARG E 207 7.44 31.50 -0.64
N ASP E 208 7.69 32.80 -0.68
N ASP E 208 7.68 32.80 -0.61
CA ASP E 208 8.02 33.49 -1.91
CA ASP E 208 8.00 33.52 -1.87
C ASP E 208 9.30 32.96 -2.52
C ASP E 208 9.28 32.92 -2.49
N LEU E 209 10.28 32.69 -1.66
CA LEU E 209 11.53 32.15 -2.13
C LEU E 209 11.32 30.69 -2.64
N ALA E 210 10.52 29.94 -1.89
CA ALA E 210 10.31 28.51 -2.25
C ALA E 210 9.69 28.42 -3.64
N LEU E 211 8.71 29.26 -3.88
CA LEU E 211 8.07 29.25 -5.17
C LEU E 211 8.96 29.75 -6.30
N SER E 212 9.69 30.86 -6.06
CA SER E 212 10.67 31.35 -7.04
C SER E 212 11.75 30.31 -7.35
N LEU E 213 12.23 29.60 -6.33
CA LEU E 213 13.21 28.54 -6.57
C LEU E 213 12.63 27.33 -7.34
N ALA E 214 11.42 26.94 -6.96
CA ALA E 214 10.78 25.81 -7.61
C ALA E 214 10.61 26.05 -9.10
N SER E 215 10.07 27.21 -9.49
CA SER E 215 9.86 27.47 -10.87
C SER E 215 11.18 27.54 -11.65
N GLN E 216 12.16 28.19 -11.10
CA GLN E 216 13.42 28.38 -11.83
C GLN E 216 14.23 27.08 -11.85
N THR E 217 14.08 26.27 -10.83
CA THR E 217 14.71 24.91 -10.83
C THR E 217 14.18 24.01 -11.95
N VAL E 218 12.88 24.05 -12.14
CA VAL E 218 12.28 23.33 -13.20
C VAL E 218 12.71 23.88 -14.55
N LEU E 219 12.69 25.19 -14.72
CA LEU E 219 13.08 25.80 -15.94
C LEU E 219 14.51 25.41 -16.30
N GLY E 220 15.38 25.52 -15.32
CA GLY E 220 16.80 25.21 -15.53
C GLY E 220 17.07 23.79 -15.90
N ALA E 221 16.47 22.87 -15.18
CA ALA E 221 16.61 21.44 -15.50
C ALA E 221 16.12 21.09 -16.90
N ALA E 222 14.98 21.68 -17.28
CA ALA E 222 14.45 21.46 -18.63
C ALA E 222 15.33 22.10 -19.70
N SER E 223 15.94 23.24 -19.40
CA SER E 223 16.88 23.82 -20.35
C SER E 223 18.17 23.00 -20.52
N MET E 224 18.62 22.39 -19.44
CA MET E 224 19.74 21.49 -19.52
C MET E 224 19.36 20.28 -20.38
N ALA E 225 18.14 19.74 -20.19
CA ALA E 225 17.75 18.62 -20.95
C ALA E 225 17.62 19.00 -22.45
N THR E 226 17.08 20.18 -22.75
CA THR E 226 16.89 20.56 -24.14
C THR E 226 18.20 20.90 -24.83
N GLN E 227 19.18 21.47 -24.12
CA GLN E 227 20.40 21.93 -24.77
C GLN E 227 21.59 21.00 -24.64
N SER E 228 21.60 20.08 -23.69
CA SER E 228 22.87 19.38 -23.36
C SER E 228 23.26 18.28 -24.32
N GLY E 229 22.34 17.82 -25.10
N GLY E 229 22.33 17.81 -25.09
CA GLY E 229 22.63 16.61 -25.86
CA GLY E 229 22.50 16.56 -25.83
C GLY E 229 22.78 15.33 -24.99
C GLY E 229 21.92 15.36 -25.02
N LYS E 230 22.32 15.36 -23.73
CA LYS E 230 22.46 14.18 -22.89
C LYS E 230 21.16 13.50 -22.55
N HIS E 231 21.24 12.22 -22.27
CA HIS E 231 20.08 11.45 -21.84
C HIS E 231 19.74 11.94 -20.43
N PRO E 232 18.50 12.01 -20.09
CA PRO E 232 18.15 12.40 -18.73
C PRO E 232 18.77 11.61 -17.61
N GLY E 233 19.00 10.32 -17.82
CA GLY E 233 19.73 9.52 -16.87
C GLY E 233 21.15 9.94 -16.65
N GLN E 234 21.78 10.40 -17.71
N GLN E 234 21.80 10.38 -17.72
CA GLN E 234 23.12 10.92 -17.58
CA GLN E 234 23.15 10.92 -17.63
C GLN E 234 23.12 12.24 -16.80
C GLN E 234 23.13 12.24 -16.82
N LEU E 235 22.16 13.09 -17.10
CA LEU E 235 22.02 14.36 -16.40
C LEU E 235 21.75 14.12 -14.87
N LYS E 236 20.92 13.13 -14.56
CA LYS E 236 20.71 12.71 -13.17
C LYS E 236 22.03 12.20 -12.58
N ASP E 237 22.77 11.40 -13.30
CA ASP E 237 24.04 10.91 -12.82
C ASP E 237 25.04 12.07 -12.56
N ASP E 238 25.02 13.09 -13.43
CA ASP E 238 25.88 14.24 -13.23
C ASP E 238 25.66 14.94 -11.89
N VAL E 239 24.46 14.97 -11.34
CA VAL E 239 24.22 15.74 -10.15
C VAL E 239 24.09 14.93 -8.89
N THR E 240 24.11 13.63 -8.99
CA THR E 240 23.96 12.79 -7.77
C THR E 240 25.31 12.45 -7.15
N SER E 241 25.85 13.36 -6.38
CA SER E 241 27.14 13.08 -5.75
C SER E 241 27.01 11.96 -4.67
N PRO E 242 28.09 11.22 -4.40
CA PRO E 242 28.05 10.03 -3.52
C PRO E 242 27.49 10.30 -2.17
N GLY E 243 26.49 9.60 -1.76
CA GLY E 243 25.92 9.78 -0.43
C GLY E 243 25.41 11.19 -0.14
N GLY E 244 25.17 11.98 -1.16
CA GLY E 244 24.78 13.39 -0.96
C GLY E 244 23.26 13.68 -0.88
N THR E 245 22.94 14.97 -0.95
CA THR E 245 21.56 15.43 -0.78
C THR E 245 20.65 15.01 -1.95
N THR E 246 21.20 15.09 -3.14
CA THR E 246 20.46 14.80 -4.31
C THR E 246 20.02 13.36 -4.37
N ILE E 247 20.94 12.43 -4.16
CA ILE E 247 20.58 11.03 -4.18
C ILE E 247 19.60 10.69 -3.02
N ALA E 248 19.69 11.36 -1.88
CA ALA E 248 18.72 11.15 -0.86
C ALA E 248 17.28 11.52 -1.32
N GLY E 249 17.17 12.62 -2.07
CA GLY E 249 15.86 13.00 -2.61
C GLY E 249 15.40 12.07 -3.70
N VAL E 250 16.30 11.72 -4.58
CA VAL E 250 15.97 10.80 -5.65
C VAL E 250 15.51 9.41 -5.09
N HIS E 251 16.19 8.94 -4.06
CA HIS E 251 15.79 7.68 -3.42
C HIS E 251 14.31 7.76 -2.91
N GLU E 252 13.89 8.88 -2.33
CA GLU E 252 12.49 9.02 -1.91
C GLU E 252 11.54 8.97 -3.09
N LEU E 253 11.94 9.56 -4.21
CA LEU E 253 11.11 9.46 -5.39
C LEU E 253 10.97 8.00 -5.87
N GLU E 254 12.07 7.29 -5.91
CA GLU E 254 12.08 5.94 -6.39
C GLU E 254 11.33 5.00 -5.41
N LYS E 255 11.44 5.21 -4.13
CA LYS E 255 10.70 4.39 -3.16
C LYS E 255 9.20 4.47 -3.44
N ALA E 256 8.75 5.62 -3.92
CA ALA E 256 7.35 5.86 -4.08
C ALA E 256 6.87 5.57 -5.49
N GLY E 257 7.75 5.18 -6.40
CA GLY E 257 7.33 4.88 -7.74
C GLY E 257 6.93 6.13 -8.55
N PHE E 258 7.57 7.22 -8.27
CA PHE E 258 7.43 8.55 -9.01
C PHE E 258 7.37 8.37 -10.50
N ARG E 259 8.34 7.66 -11.08
CA ARG E 259 8.35 7.54 -12.54
C ARG E 259 7.06 6.87 -13.06
N GLY E 260 6.66 5.75 -12.42
CA GLY E 260 5.48 5.06 -12.82
C GLY E 260 4.22 5.91 -12.70
N ILE E 261 4.20 6.80 -11.75
CA ILE E 261 3.03 7.69 -11.58
C ILE E 261 2.88 8.64 -12.74
N LEU E 262 4.02 9.20 -13.16
CA LEU E 262 3.99 10.06 -14.33
C LEU E 262 3.65 9.28 -15.62
N MET E 263 4.13 8.05 -15.73
CA MET E 263 3.72 7.21 -16.85
C MET E 263 2.20 6.99 -16.82
N ASN E 264 1.66 6.69 -15.63
CA ASN E 264 0.25 6.53 -15.48
C ASN E 264 -0.54 7.71 -15.93
N ALA E 265 -0.09 8.90 -15.64
CA ALA E 265 -0.78 10.11 -16.01
C ALA E 265 -0.84 10.29 -17.49
N VAL E 266 0.31 10.11 -18.15
CA VAL E 266 0.37 10.20 -19.63
C VAL E 266 -0.56 9.20 -20.29
N VAL E 267 -0.53 7.95 -19.80
CA VAL E 267 -1.37 6.89 -20.33
C VAL E 267 -2.86 7.20 -20.10
N ALA E 268 -3.23 7.67 -18.91
CA ALA E 268 -4.61 7.99 -18.67
C ALA E 268 -5.12 9.12 -19.51
N ALA E 269 -4.29 10.16 -19.65
CA ALA E 269 -4.65 11.27 -20.50
C ALA E 269 -4.83 10.89 -21.99
N ALA E 270 -3.93 10.09 -22.47
CA ALA E 270 -4.00 9.58 -23.85
C ALA E 270 -5.27 8.71 -24.08
N LYS E 271 -5.58 7.91 -23.11
CA LYS E 271 -6.76 7.06 -23.18
C LYS E 271 -8.01 7.95 -23.17
N ARG E 272 -8.01 8.97 -22.34
N ARG E 272 -8.02 8.98 -22.34
CA ARG E 272 -9.12 9.91 -22.33
CA ARG E 272 -9.14 9.92 -22.32
C ARG E 272 -9.29 10.64 -23.67
C ARG E 272 -9.29 10.65 -23.67
N SER E 273 -8.16 11.03 -24.25
CA SER E 273 -8.18 11.64 -25.53
C SER E 273 -8.85 10.74 -26.61
N GLN E 274 -8.46 9.51 -26.61
CA GLN E 274 -9.05 8.51 -27.51
C GLN E 274 -10.56 8.36 -27.24
N GLU E 275 -10.96 8.31 -25.98
CA GLU E 275 -12.34 8.16 -25.63
C GLU E 275 -13.14 9.35 -26.04
N LEU E 276 -12.59 10.54 -26.01
CA LEU E 276 -13.35 11.73 -26.40
C LEU E 276 -13.41 11.92 -27.90
N SER E 277 -12.65 11.16 -28.65
CA SER E 277 -12.54 11.42 -30.12
C SER E 277 -13.80 10.92 -30.86
N ILE F 6 37.34 48.68 4.01
CA ILE F 6 36.03 48.45 3.30
C ILE F 6 35.73 49.61 2.33
N ILE F 7 36.59 49.66 1.32
CA ILE F 7 36.43 50.56 0.16
C ILE F 7 35.44 49.91 -0.83
N PRO F 8 34.51 50.69 -1.43
CA PRO F 8 33.59 50.09 -2.42
C PRO F 8 34.34 49.53 -3.61
N ILE F 9 33.88 48.39 -4.12
CA ILE F 9 34.53 47.73 -5.22
C ILE F 9 34.05 48.47 -6.47
N PRO F 10 34.96 48.88 -7.35
CA PRO F 10 34.52 49.66 -8.55
C PRO F 10 33.64 48.86 -9.50
N ALA F 11 32.37 49.25 -9.58
CA ALA F 11 31.34 48.42 -10.20
C ALA F 11 31.63 48.04 -11.63
N ASP F 12 32.27 48.94 -12.36
CA ASP F 12 32.45 48.74 -13.82
C ASP F 12 33.81 48.21 -14.19
N SER F 13 34.71 48.14 -13.26
CA SER F 13 36.07 47.85 -13.63
C SER F 13 36.72 46.81 -12.76
N TYR F 14 36.00 46.26 -11.80
CA TYR F 14 36.66 45.39 -10.81
C TYR F 14 37.25 44.15 -11.50
N THR F 15 38.21 43.56 -10.87
CA THR F 15 38.77 42.32 -11.36
C THR F 15 38.32 41.16 -10.45
N LEU F 16 38.02 40.04 -11.11
CA LEU F 16 37.41 38.85 -10.43
C LEU F 16 38.39 37.70 -10.49
N GLY F 17 38.65 37.07 -9.35
CA GLY F 17 39.49 35.89 -9.33
C GLY F 17 38.76 34.63 -8.90
N PHE F 18 39.03 33.49 -9.54
CA PHE F 18 38.53 32.19 -9.06
C PHE F 18 39.63 31.36 -8.43
N ILE F 19 39.35 30.90 -7.23
CA ILE F 19 40.18 29.90 -6.57
C ILE F 19 39.49 28.56 -6.68
N GLY F 20 40.03 27.70 -7.52
CA GLY F 20 39.41 26.46 -7.89
C GLY F 20 38.87 26.57 -9.28
N ALA F 21 39.69 26.16 -10.24
CA ALA F 21 39.38 26.40 -11.66
C ALA F 21 38.50 25.30 -12.31
N GLY F 22 37.40 24.97 -11.65
CA GLY F 22 36.60 23.84 -12.04
C GLY F 22 35.38 24.24 -12.85
N LYS F 23 34.37 23.38 -12.81
CA LYS F 23 33.20 23.51 -13.70
C LYS F 23 32.35 24.70 -13.33
N MET F 24 32.14 24.90 -12.05
CA MET F 24 31.32 26.05 -11.66
C MET F 24 32.02 27.37 -11.96
N ALA F 25 33.31 27.44 -11.64
CA ALA F 25 34.09 28.64 -11.98
C ALA F 25 33.98 28.95 -13.48
N GLU F 26 34.15 27.93 -14.30
CA GLU F 26 34.09 28.09 -15.76
C GLU F 26 32.73 28.59 -16.16
N SER F 27 31.67 28.02 -15.57
CA SER F 27 30.35 28.50 -15.93
C SER F 27 30.12 29.94 -15.61
N ILE F 28 30.54 30.33 -14.42
CA ILE F 28 30.37 31.71 -14.01
C ILE F 28 31.18 32.62 -14.96
N ALA F 29 32.44 32.28 -15.16
CA ALA F 29 33.30 33.08 -16.04
C ALA F 29 32.68 33.28 -17.43
N LYS F 30 32.26 32.16 -18.03
CA LYS F 30 31.63 32.23 -19.33
C LYS F 30 30.38 33.08 -19.32
N GLY F 31 29.54 32.88 -18.31
CA GLY F 31 28.34 33.71 -18.22
C GLY F 31 28.66 35.20 -18.15
N ALA F 32 29.62 35.55 -17.32
CA ALA F 32 29.86 36.93 -17.05
C ALA F 32 30.48 37.59 -18.31
N VAL F 33 31.28 36.83 -19.01
CA VAL F 33 31.84 37.32 -20.29
C VAL F 33 30.75 37.48 -21.35
N ARG F 34 29.91 36.45 -21.49
CA ARG F 34 28.76 36.48 -22.38
C ARG F 34 27.83 37.66 -22.12
N SER F 35 27.51 37.94 -20.88
CA SER F 35 26.60 39.05 -20.59
C SER F 35 27.25 40.41 -20.72
N GLY F 36 28.55 40.45 -20.85
CA GLY F 36 29.26 41.74 -20.82
C GLY F 36 29.46 42.33 -19.44
N VAL F 37 29.11 41.62 -18.37
CA VAL F 37 29.41 42.11 -17.03
C VAL F 37 30.90 42.21 -16.79
N LEU F 38 31.64 41.27 -17.36
CA LEU F 38 33.09 41.22 -17.24
C LEU F 38 33.66 40.96 -18.61
N SER F 39 34.90 41.29 -18.79
CA SER F 39 35.65 40.94 -19.99
C SER F 39 36.65 39.93 -19.50
N PRO F 40 37.22 39.14 -20.40
CA PRO F 40 38.16 38.11 -19.94
C PRO F 40 39.39 38.66 -19.29
N SER F 41 39.80 39.85 -19.70
CA SER F 41 41.05 40.42 -19.14
C SER F 41 40.89 40.79 -17.67
N ARG F 42 39.65 40.91 -17.24
CA ARG F 42 39.32 41.19 -15.86
C ARG F 42 39.11 39.95 -14.98
N ILE F 43 39.38 38.76 -15.50
CA ILE F 43 39.23 37.50 -14.75
C ILE F 43 40.53 36.78 -14.66
N LYS F 44 40.83 36.20 -13.52
CA LYS F 44 42.02 35.42 -13.32
C LYS F 44 41.70 34.16 -12.60
N THR F 45 42.46 33.12 -12.85
CA THR F 45 42.41 31.92 -12.00
C THR F 45 43.80 31.24 -11.98
N ALA F 46 43.91 30.14 -11.27
CA ALA F 46 45.14 29.38 -11.21
C ALA F 46 44.73 27.95 -11.18
N ILE F 47 45.51 27.13 -11.85
CA ILE F 47 45.30 25.73 -11.91
C ILE F 47 45.81 24.97 -10.69
N HIS F 48 45.29 23.77 -10.43
CA HIS F 48 45.85 22.94 -9.36
C HIS F 48 46.78 21.86 -9.97
N SER F 49 46.26 20.69 -10.30
CA SER F 49 47.08 19.62 -10.90
C SER F 49 46.77 19.38 -12.39
N ASN F 50 45.50 19.48 -12.73
CA ASN F 50 45.02 19.19 -14.08
C ASN F 50 45.29 20.31 -15.11
N PRO F 51 46.23 20.11 -16.07
CA PRO F 51 46.56 21.15 -17.04
C PRO F 51 45.52 21.35 -18.13
N ALA F 52 44.57 20.45 -18.26
CA ALA F 52 43.42 20.68 -19.16
C ALA F 52 42.56 21.88 -18.74
N ARG F 53 42.51 22.15 -17.44
CA ARG F 53 41.72 23.27 -16.95
C ARG F 53 42.36 24.57 -17.40
N ARG F 54 43.69 24.58 -17.53
CA ARG F 54 44.40 25.77 -18.06
C ARG F 54 43.89 26.15 -19.45
N THR F 55 43.75 25.16 -20.29
CA THR F 55 43.26 25.36 -21.64
C THR F 55 41.83 25.85 -21.67
N ALA F 56 40.99 25.25 -20.86
CA ALA F 56 39.61 25.69 -20.74
C ALA F 56 39.49 27.19 -20.50
N PHE F 57 40.27 27.69 -19.56
CA PHE F 57 40.21 29.13 -19.26
C PHE F 57 40.93 29.99 -20.32
N GLU F 58 42.08 29.53 -20.79
CA GLU F 58 42.83 30.31 -21.79
C GLU F 58 42.01 30.45 -23.03
N SER F 59 41.23 29.44 -23.36
CA SER F 59 40.47 29.49 -24.57
C SER F 59 39.34 30.46 -24.52
N ILE F 60 39.02 30.99 -23.35
CA ILE F 60 38.03 32.04 -23.35
C ILE F 60 38.68 33.39 -23.14
N GLY F 61 39.99 33.43 -23.13
CA GLY F 61 40.74 34.69 -23.07
C GLY F 61 41.16 35.05 -21.68
N ILE F 62 41.07 34.10 -20.77
CA ILE F 62 41.35 34.39 -19.37
C ILE F 62 42.78 33.98 -19.02
N THR F 63 43.47 34.86 -18.32
CA THR F 63 44.85 34.54 -17.86
C THR F 63 44.90 33.64 -16.65
N VAL F 64 45.67 32.57 -16.79
CA VAL F 64 45.88 31.62 -15.73
C VAL F 64 47.21 31.90 -15.07
N LEU F 65 47.15 32.38 -13.84
CA LEU F 65 48.32 32.70 -13.04
C LEU F 65 48.88 31.43 -12.38
N SER F 66 50.03 31.55 -11.75
CA SER F 66 50.76 30.36 -11.34
C SER F 66 50.43 29.93 -9.94
N SER F 67 49.72 30.76 -9.17
CA SER F 67 49.33 30.36 -7.82
C SER F 67 48.06 31.03 -7.37
N ASN F 68 47.42 30.42 -6.37
CA ASN F 68 46.23 31.02 -5.73
C ASN F 68 46.53 32.39 -5.11
N ASP F 69 47.74 32.53 -4.53
CA ASP F 69 48.19 33.81 -3.99
C ASP F 69 48.09 34.94 -5.04
N ASP F 70 48.61 34.68 -6.22
CA ASP F 70 48.67 35.73 -7.26
C ASP F 70 47.27 36.11 -7.70
N VAL F 71 46.40 35.10 -7.75
CA VAL F 71 45.02 35.40 -8.10
C VAL F 71 44.43 36.40 -7.10
N VAL F 72 44.63 36.12 -5.83
CA VAL F 72 44.07 36.95 -4.79
C VAL F 72 44.63 38.36 -4.86
N ARG F 73 45.97 38.44 -4.96
CA ARG F 73 46.64 39.75 -5.09
C ARG F 73 46.04 40.59 -6.23
N ASP F 74 45.80 39.96 -7.38
CA ASP F 74 45.34 40.70 -8.55
C ASP F 74 43.81 40.95 -8.60
N SER F 75 43.08 40.53 -7.58
CA SER F 75 41.62 40.56 -7.69
C SER F 75 40.97 41.41 -6.64
N ASN F 76 39.94 42.15 -7.04
CA ASN F 76 39.07 42.90 -6.12
C ASN F 76 38.01 41.99 -5.47
N VAL F 77 37.56 41.00 -6.22
CA VAL F 77 36.53 40.04 -5.80
C VAL F 77 37.09 38.66 -5.98
N VAL F 78 37.03 37.84 -4.93
CA VAL F 78 37.59 36.51 -4.96
C VAL F 78 36.49 35.49 -4.74
N VAL F 79 36.27 34.64 -5.74
CA VAL F 79 35.29 33.54 -5.65
C VAL F 79 36.03 32.22 -5.32
N PHE F 80 35.67 31.62 -4.19
CA PHE F 80 36.13 30.30 -3.81
C PHE F 80 35.23 29.24 -4.41
N SER F 81 35.78 28.47 -5.36
CA SER F 81 35.04 27.45 -6.09
C SER F 81 35.78 26.10 -6.07
N VAL F 82 36.40 25.79 -4.94
CA VAL F 82 36.93 24.45 -4.69
C VAL F 82 35.83 23.58 -4.03
N LYS F 83 36.00 22.28 -3.99
CA LYS F 83 35.12 21.38 -3.26
C LYS F 83 35.11 21.73 -1.79
N PRO F 84 33.96 21.56 -1.15
CA PRO F 84 33.77 22.08 0.21
C PRO F 84 34.78 21.57 1.23
N GLN F 85 35.14 20.29 1.13
CA GLN F 85 36.02 19.70 2.14
C GLN F 85 37.47 20.20 1.94
N LEU F 86 37.78 20.89 0.86
CA LEU F 86 39.08 21.51 0.69
C LEU F 86 39.15 22.99 1.08
N LEU F 87 37.99 23.61 1.29
CA LEU F 87 37.90 25.08 1.38
C LEU F 87 38.62 25.64 2.61
N LYS F 88 38.50 24.99 3.74
CA LYS F 88 39.05 25.57 4.97
C LYS F 88 40.55 25.80 4.82
N ASP F 89 41.26 24.77 4.40
CA ASP F 89 42.71 24.87 4.28
C ASP F 89 43.11 25.89 3.22
N VAL F 90 42.34 25.93 2.13
CA VAL F 90 42.62 26.88 1.06
C VAL F 90 42.54 28.32 1.57
N VAL F 91 41.48 28.62 2.34
CA VAL F 91 41.31 29.96 2.91
C VAL F 91 42.44 30.27 3.92
N LEU F 92 42.73 29.32 4.78
CA LEU F 92 43.73 29.52 5.86
C LEU F 92 45.07 29.83 5.26
N LYS F 93 45.45 29.11 4.22
CA LYS F 93 46.72 29.38 3.55
C LYS F 93 46.75 30.75 2.88
N LEU F 94 45.63 31.27 2.44
CA LEU F 94 45.57 32.61 1.79
C LEU F 94 45.37 33.78 2.74
N LYS F 95 45.05 33.47 3.98
CA LYS F 95 44.50 34.44 4.90
C LYS F 95 45.24 35.78 5.01
N PRO F 96 46.60 35.77 5.08
CA PRO F 96 47.32 37.04 5.11
C PRO F 96 46.98 38.01 3.95
N LEU F 97 46.63 37.44 2.78
CA LEU F 97 46.32 38.22 1.56
C LEU F 97 44.83 38.63 1.48
N LEU F 98 44.02 38.13 2.41
CA LEU F 98 42.58 38.41 2.39
C LEU F 98 42.22 39.68 3.09
N THR F 99 42.65 40.77 2.53
CA THR F 99 42.50 42.06 3.17
C THR F 99 41.09 42.56 2.95
N LYS F 100 40.63 43.46 3.81
CA LYS F 100 39.24 43.86 3.83
C LYS F 100 38.79 44.70 2.68
N ASP F 101 39.72 45.13 1.85
CA ASP F 101 39.36 45.82 0.62
C ASP F 101 38.93 44.86 -0.49
N LYS F 102 39.07 43.56 -0.25
CA LYS F 102 38.65 42.52 -1.23
C LYS F 102 37.36 41.83 -0.76
N LEU F 103 36.36 41.83 -1.64
CA LEU F 103 35.13 41.09 -1.37
C LEU F 103 35.32 39.59 -1.60
N LEU F 104 35.04 38.79 -0.58
CA LEU F 104 35.13 37.32 -0.70
C LEU F 104 33.75 36.66 -0.97
N VAL F 105 33.77 35.64 -1.84
CA VAL F 105 32.57 34.89 -2.22
C VAL F 105 32.84 33.42 -2.15
N SER F 106 31.94 32.67 -1.56
CA SER F 106 32.01 31.17 -1.57
C SER F 106 30.82 30.63 -2.33
N VAL F 107 31.05 29.70 -3.26
CA VAL F 107 29.97 28.93 -3.87
C VAL F 107 29.93 27.49 -3.31
N ALA F 108 30.71 27.22 -2.28
CA ALA F 108 30.83 25.83 -1.74
C ALA F 108 29.56 25.32 -1.10
N ALA F 109 29.08 24.15 -1.57
CA ALA F 109 27.86 23.60 -1.01
C ALA F 109 28.08 23.26 0.48
N GLY F 110 27.11 23.64 1.31
CA GLY F 110 27.05 23.23 2.71
C GLY F 110 28.00 23.96 3.67
N ILE F 111 28.75 24.97 3.24
CA ILE F 111 29.66 25.65 4.15
C ILE F 111 29.05 26.98 4.62
N LYS F 112 28.78 27.07 5.90
CA LYS F 112 28.07 28.18 6.48
C LYS F 112 28.87 29.45 6.64
N MET F 113 28.15 30.56 6.65
CA MET F 113 28.78 31.92 6.66
C MET F 113 29.61 32.05 7.93
N LYS F 114 29.12 31.54 9.04
CA LYS F 114 29.87 31.64 10.30
C LYS F 114 31.30 31.10 10.15
N ASP F 115 31.42 29.95 9.47
CA ASP F 115 32.72 29.33 9.24
C ASP F 115 33.57 30.09 8.23
N LEU F 116 32.94 30.51 7.13
CA LEU F 116 33.64 31.35 6.15
C LEU F 116 34.33 32.54 6.82
N GLN F 117 33.58 33.23 7.64
CA GLN F 117 34.03 34.47 8.25
C GLN F 117 35.17 34.21 9.24
N GLU F 118 34.98 33.15 10.00
CA GLU F 118 36.00 32.72 10.93
C GLU F 118 37.30 32.36 10.21
N TRP F 119 37.21 31.62 9.12
CA TRP F 119 38.43 31.21 8.43
C TRP F 119 39.15 32.37 7.80
N ALA F 120 38.40 33.28 7.21
CA ALA F 120 38.99 34.43 6.55
C ALA F 120 39.52 35.48 7.54
N GLY F 121 38.91 35.53 8.72
CA GLY F 121 39.24 36.52 9.74
C GLY F 121 38.56 37.85 9.53
N HIS F 122 37.57 37.91 8.63
CA HIS F 122 36.74 39.12 8.53
C HIS F 122 35.36 38.74 7.95
N GLU F 123 34.47 39.71 7.85
CA GLU F 123 33.06 39.48 7.56
C GLU F 123 32.59 40.06 6.21
N ARG F 124 33.53 40.47 5.38
CA ARG F 124 33.20 40.97 4.09
C ARG F 124 33.21 39.78 3.12
N PHE F 125 32.14 39.03 3.26
CA PHE F 125 32.00 37.68 2.67
C PHE F 125 30.59 37.54 2.23
N ILE F 126 30.40 37.01 1.03
CA ILE F 126 29.06 36.63 0.55
C ILE F 126 29.09 35.13 0.17
N ARG F 127 28.06 34.41 0.57
CA ARG F 127 27.88 33.01 0.18
C ARG F 127 26.85 32.99 -0.93
N VAL F 128 27.11 32.18 -1.96
CA VAL F 128 26.13 31.87 -2.97
C VAL F 128 25.94 30.34 -3.10
N MET F 129 24.71 29.90 -3.25
CA MET F 129 24.41 28.54 -3.62
C MET F 129 23.76 28.59 -5.00
N PRO F 130 24.53 28.30 -6.05
CA PRO F 130 23.98 28.13 -7.40
C PRO F 130 23.48 26.70 -7.63
N ASN F 131 23.17 26.33 -8.87
CA ASN F 131 22.84 24.95 -9.19
C ASN F 131 23.36 24.61 -10.55
N THR F 132 23.10 23.39 -10.96
CA THR F 132 23.75 22.80 -12.13
C THR F 132 23.38 23.50 -13.44
N ALA F 133 22.25 24.20 -13.48
CA ALA F 133 21.84 24.86 -14.70
C ALA F 133 22.61 26.12 -15.04
N ALA F 134 23.53 26.50 -14.17
CA ALA F 134 24.50 27.54 -14.52
C ALA F 134 25.14 27.31 -15.89
N THR F 135 25.32 26.07 -16.26
CA THR F 135 25.95 25.72 -17.55
C THR F 135 25.19 26.32 -18.72
N VAL F 136 23.87 26.46 -18.62
CA VAL F 136 23.08 27.02 -19.70
C VAL F 136 22.47 28.36 -19.36
N GLY F 137 22.97 28.97 -18.32
CA GLY F 137 22.49 30.34 -17.99
C GLY F 137 21.15 30.37 -17.32
N GLU F 138 20.73 29.23 -16.73
CA GLU F 138 19.43 29.20 -16.06
C GLU F 138 19.54 28.65 -14.60
N ALA F 139 20.63 28.95 -13.94
CA ALA F 139 20.76 28.64 -12.58
C ALA F 139 19.68 29.27 -11.76
N ALA F 140 19.35 28.58 -10.66
CA ALA F 140 18.58 29.19 -9.55
C ALA F 140 19.63 29.34 -8.41
N SER F 141 19.97 30.57 -8.07
CA SER F 141 20.96 30.84 -7.10
C SER F 141 20.41 31.68 -5.93
N VAL F 142 20.99 31.48 -4.74
CA VAL F 142 20.64 32.31 -3.58
C VAL F 142 21.91 32.77 -2.90
N MET F 143 21.90 34.01 -2.44
CA MET F 143 23.04 34.54 -1.70
C MET F 143 22.71 34.91 -0.27
N SER F 144 23.69 34.77 0.60
CA SER F 144 23.56 35.30 1.98
C SER F 144 24.77 36.17 2.25
N LEU F 145 24.55 37.20 3.07
CA LEU F 145 25.55 38.23 3.29
C LEU F 145 26.22 38.06 4.65
N GLY F 146 27.55 38.10 4.65
CA GLY F 146 28.29 38.23 5.88
C GLY F 146 28.10 39.59 6.54
N GLY F 147 28.56 39.68 7.78
CA GLY F 147 28.32 40.87 8.65
C GLY F 147 28.87 42.18 8.13
N ALA F 148 29.87 42.14 7.26
CA ALA F 148 30.42 43.37 6.68
C ALA F 148 30.24 43.51 5.17
N ALA F 149 29.45 42.63 4.56
CA ALA F 149 29.16 42.79 3.16
C ALA F 149 28.20 43.97 3.01
N THR F 150 28.51 44.85 2.11
CA THR F 150 27.66 46.02 1.93
C THR F 150 26.57 45.81 0.93
N GLU F 151 25.64 46.75 0.87
CA GLU F 151 24.59 46.71 -0.11
C GLU F 151 25.15 46.76 -1.54
N GLU F 152 26.23 47.48 -1.72
CA GLU F 152 26.84 47.60 -3.03
C GLU F 152 27.57 46.27 -3.39
N ASP F 153 28.19 45.65 -2.40
CA ASP F 153 28.78 44.32 -2.57
C ASP F 153 27.68 43.33 -3.06
N ALA F 154 26.53 43.38 -2.43
CA ALA F 154 25.41 42.52 -2.79
C ALA F 154 24.99 42.77 -4.20
N ASN F 155 24.88 44.02 -4.59
CA ASN F 155 24.45 44.35 -5.96
C ASN F 155 25.44 43.83 -6.97
N LEU F 156 26.70 43.92 -6.64
CA LEU F 156 27.74 43.42 -7.52
C LEU F 156 27.57 41.90 -7.75
N ILE F 157 27.35 41.16 -6.66
CA ILE F 157 27.17 39.70 -6.74
C ILE F 157 25.85 39.33 -7.41
N SER F 158 24.81 40.15 -7.28
CA SER F 158 23.58 39.91 -8.00
C SER F 158 23.73 40.08 -9.48
N GLN F 159 24.49 41.08 -9.89
CA GLN F 159 24.76 41.28 -11.28
C GLN F 159 25.63 40.17 -11.89
N LEU F 160 26.60 39.76 -11.14
CA LEU F 160 27.43 38.68 -11.55
C LEU F 160 26.63 37.36 -11.73
N PHE F 161 25.95 36.95 -10.68
CA PHE F 161 25.20 35.67 -10.74
C PHE F 161 23.94 35.77 -11.56
N GLY F 162 23.46 37.00 -11.81
CA GLY F 162 22.40 37.27 -12.75
C GLY F 162 22.85 36.88 -14.15
N SER F 163 24.12 36.75 -14.39
CA SER F 163 24.57 36.38 -15.73
C SER F 163 24.56 34.90 -16.00
N ILE F 164 24.30 34.09 -14.99
CA ILE F 164 24.17 32.67 -15.20
C ILE F 164 22.78 32.12 -14.78
N GLY F 165 21.84 32.99 -14.54
CA GLY F 165 20.51 32.58 -14.13
C GLY F 165 19.86 33.66 -13.31
N LYS F 166 19.01 33.25 -12.39
N LYS F 166 19.01 33.25 -12.38
CA LYS F 166 18.37 34.16 -11.48
CA LYS F 166 18.39 34.17 -11.46
C LYS F 166 19.04 34.04 -10.10
C LYS F 166 19.06 34.05 -10.09
N ILE F 167 18.94 35.11 -9.30
CA ILE F 167 19.58 35.14 -8.00
C ILE F 167 18.74 35.91 -6.98
N TRP F 168 18.49 35.26 -5.85
CA TRP F 168 17.69 35.81 -4.75
C TRP F 168 18.57 35.91 -3.52
N LYS F 169 18.05 36.54 -2.48
CA LYS F 169 18.78 36.71 -1.21
C LYS F 169 18.10 36.03 -0.09
N ALA F 170 18.84 35.38 0.79
CA ALA F 170 18.19 34.76 1.96
C ALA F 170 19.15 34.60 3.10
N ASP F 171 18.62 34.50 4.32
CA ASP F 171 19.45 34.24 5.49
C ASP F 171 20.14 32.94 5.33
N ASP F 172 21.33 32.87 5.89
CA ASP F 172 22.13 31.69 5.86
C ASP F 172 21.43 30.49 6.48
N LYS F 173 20.54 30.68 7.43
CA LYS F 173 19.94 29.53 8.05
C LYS F 173 19.02 28.67 7.11
N TYR F 174 18.65 29.22 5.98
CA TYR F 174 17.77 28.56 4.98
C TYR F 174 18.54 27.69 4.00
N PHE F 175 19.87 27.67 4.10
CA PHE F 175 20.63 27.07 3.03
C PHE F 175 20.53 25.52 2.94
N ASP F 176 20.29 24.81 4.04
CA ASP F 176 19.98 23.35 3.88
C ASP F 176 18.74 23.05 3.10
N ALA F 177 17.68 23.81 3.37
CA ALA F 177 16.47 23.68 2.60
C ALA F 177 16.65 24.16 1.13
N ILE F 178 17.39 25.24 0.92
CA ILE F 178 17.68 25.68 -0.47
C ILE F 178 18.41 24.52 -1.21
N THR F 179 19.35 23.90 -0.53
CA THR F 179 20.12 22.83 -1.13
C THR F 179 19.22 21.66 -1.53
N GLY F 180 18.22 21.33 -0.71
CA GLY F 180 17.31 20.26 -1.05
C GLY F 180 16.29 20.57 -2.15
N LEU F 181 16.04 21.88 -2.42
CA LEU F 181 15.15 22.33 -3.41
C LEU F 181 15.81 22.71 -4.71
N SER F 182 16.56 23.81 -4.75
CA SER F 182 17.13 24.25 -5.98
C SER F 182 18.43 23.56 -6.23
N GLY F 183 19.13 23.13 -5.22
CA GLY F 183 20.39 22.44 -5.47
C GLY F 183 20.19 21.02 -6.00
N SER F 184 19.36 20.27 -5.29
CA SER F 184 19.05 18.87 -5.66
C SER F 184 17.87 18.67 -6.64
N GLY F 185 16.90 19.61 -6.66
CA GLY F 185 15.73 19.54 -7.54
C GLY F 185 15.94 19.21 -9.00
N PRO F 186 17.03 19.64 -9.60
CA PRO F 186 17.12 19.33 -11.01
C PRO F 186 17.07 17.83 -11.27
N ALA F 187 17.62 17.02 -10.37
CA ALA F 187 17.58 15.55 -10.56
C ALA F 187 16.15 15.01 -10.53
N TYR F 188 15.30 15.63 -9.71
CA TYR F 188 13.90 15.25 -9.61
C TYR F 188 13.20 15.52 -10.96
N ILE F 189 13.57 16.62 -11.61
CA ILE F 189 13.01 16.91 -12.89
C ILE F 189 13.60 16.05 -14.01
N TYR F 190 14.85 15.66 -13.92
CA TYR F 190 15.41 14.75 -14.88
C TYR F 190 14.70 13.42 -14.83
N LEU F 191 14.39 12.93 -13.62
CA LEU F 191 13.55 11.76 -13.52
C LEU F 191 12.21 12.00 -14.15
N ALA F 192 11.63 13.16 -13.90
CA ALA F 192 10.31 13.44 -14.43
C ALA F 192 10.23 13.47 -15.94
N ILE F 193 11.26 14.04 -16.53
CA ILE F 193 11.39 14.07 -17.98
C ILE F 193 11.49 12.72 -18.55
N GLU F 194 12.35 11.89 -17.99
CA GLU F 194 12.48 10.53 -18.48
C GLU F 194 11.17 9.76 -18.36
N ALA F 195 10.50 9.91 -17.23
CA ALA F 195 9.24 9.22 -16.99
C ALA F 195 8.14 9.66 -17.91
N LEU F 196 8.09 10.97 -18.19
CA LEU F 196 7.14 11.49 -19.16
C LEU F 196 7.37 10.92 -20.56
N ALA F 197 8.61 10.87 -20.97
CA ALA F 197 9.00 10.25 -22.26
C ALA F 197 8.61 8.73 -22.26
N ASP F 198 8.94 8.02 -21.19
CA ASP F 198 8.54 6.60 -21.04
C ASP F 198 7.02 6.48 -21.19
N GLY F 199 6.30 7.42 -20.58
CA GLY F 199 4.85 7.41 -20.65
C GLY F 199 4.36 7.61 -22.08
N GLY F 200 4.97 8.56 -22.78
CA GLY F 200 4.65 8.73 -24.19
C GLY F 200 4.84 7.46 -25.01
N VAL F 201 5.94 6.79 -24.77
CA VAL F 201 6.28 5.55 -25.51
C VAL F 201 5.27 4.46 -25.12
N ALA F 202 4.88 4.45 -23.84
CA ALA F 202 3.91 3.46 -23.40
C ALA F 202 2.57 3.70 -24.08
N ALA F 203 2.26 4.97 -24.42
CA ALA F 203 1.04 5.33 -25.10
C ALA F 203 1.17 5.24 -26.61
N GLY F 204 2.30 4.81 -27.11
CA GLY F 204 2.46 4.53 -28.53
C GLY F 204 3.38 5.47 -29.28
N LEU F 205 4.03 6.44 -28.61
CA LEU F 205 4.85 7.41 -29.35
C LEU F 205 6.20 6.92 -29.63
N PRO F 206 6.77 7.34 -30.79
CA PRO F 206 8.23 7.14 -31.03
C PRO F 206 9.08 7.78 -29.92
N ARG F 207 10.16 7.13 -29.56
CA ARG F 207 11.06 7.59 -28.47
C ARG F 207 11.61 8.98 -28.70
N ASP F 208 12.14 9.30 -29.88
N ASP F 208 12.13 9.26 -29.90
CA ASP F 208 12.78 10.59 -30.11
CA ASP F 208 12.76 10.55 -30.09
C ASP F 208 11.79 11.74 -29.97
C ASP F 208 11.77 11.71 -29.92
N LEU F 209 10.58 11.55 -30.49
CA LEU F 209 9.53 12.53 -30.31
C LEU F 209 9.12 12.62 -28.85
N ALA F 210 8.94 11.48 -28.19
CA ALA F 210 8.47 11.48 -26.81
C ALA F 210 9.40 12.24 -25.88
N LEU F 211 10.68 12.02 -26.07
CA LEU F 211 11.68 12.71 -25.27
C LEU F 211 11.78 14.21 -25.62
N SER F 212 11.69 14.55 -26.93
CA SER F 212 11.63 15.95 -27.33
C SER F 212 10.43 16.69 -26.76
N LEU F 213 9.31 16.02 -26.81
CA LEU F 213 8.11 16.63 -26.26
C LEU F 213 8.20 16.79 -24.76
N ALA F 214 8.69 15.75 -24.08
CA ALA F 214 8.74 15.81 -22.57
C ALA F 214 9.58 16.99 -22.14
N SER F 215 10.77 17.11 -22.74
CA SER F 215 11.65 18.21 -22.34
C SER F 215 11.04 19.55 -22.61
N GLN F 216 10.48 19.73 -23.78
CA GLN F 216 9.96 21.03 -24.14
C GLN F 216 8.64 21.36 -23.40
N THR F 217 7.91 20.32 -23.03
CA THR F 217 6.73 20.55 -22.24
C THR F 217 7.07 21.08 -20.83
N VAL F 218 8.08 20.47 -20.22
CA VAL F 218 8.56 20.92 -18.91
C VAL F 218 9.09 22.34 -18.99
N LEU F 219 9.87 22.61 -20.02
CA LEU F 219 10.41 23.98 -20.25
C LEU F 219 9.29 25.01 -20.36
N GLY F 220 8.32 24.70 -21.21
CA GLY F 220 7.23 25.60 -21.44
C GLY F 220 6.41 25.88 -20.21
N ALA F 221 6.06 24.81 -19.49
CA ALA F 221 5.28 24.98 -18.26
C ALA F 221 6.00 25.85 -17.25
N ALA F 222 7.32 25.60 -17.11
CA ALA F 222 8.12 26.36 -16.17
C ALA F 222 8.24 27.83 -16.62
N SER F 223 8.33 28.06 -17.91
CA SER F 223 8.33 29.43 -18.39
C SER F 223 7.02 30.15 -18.16
N MET F 224 5.90 29.44 -18.27
CA MET F 224 4.63 30.02 -17.93
C MET F 224 4.61 30.40 -16.46
N ALA F 225 5.12 29.51 -15.62
CA ALA F 225 5.11 29.75 -14.17
C ALA F 225 5.99 30.98 -13.85
N THR F 226 7.11 31.06 -14.50
CA THR F 226 7.99 32.13 -14.28
C THR F 226 7.44 33.48 -14.74
N GLN F 227 6.83 33.51 -15.88
CA GLN F 227 6.47 34.79 -16.50
C GLN F 227 5.04 35.22 -16.23
N SER F 228 4.16 34.33 -15.87
CA SER F 228 2.73 34.66 -15.85
C SER F 228 2.27 35.51 -14.67
N GLY F 229 3.02 35.55 -13.63
CA GLY F 229 2.51 36.14 -12.42
C GLY F 229 1.37 35.34 -11.76
N LYS F 230 1.11 34.09 -12.14
CA LYS F 230 0.05 33.35 -11.50
C LYS F 230 0.50 32.32 -10.51
N HIS F 231 -0.35 32.02 -9.57
CA HIS F 231 -0.14 30.89 -8.66
C HIS F 231 -0.23 29.57 -9.49
N PRO F 232 0.59 28.55 -9.14
CA PRO F 232 0.59 27.29 -9.92
C PRO F 232 -0.73 26.64 -9.93
N GLY F 233 -1.51 26.80 -8.90
CA GLY F 233 -2.92 26.33 -8.88
C GLY F 233 -3.83 26.97 -9.88
N GLN F 234 -3.61 28.26 -10.12
N GLN F 234 -3.61 28.27 -10.11
CA GLN F 234 -4.36 28.96 -11.14
CA GLN F 234 -4.35 29.02 -11.12
C GLN F 234 -3.96 28.48 -12.50
C GLN F 234 -3.96 28.52 -12.50
N LEU F 235 -2.67 28.27 -12.71
CA LEU F 235 -2.19 27.77 -14.01
C LEU F 235 -2.79 26.40 -14.27
N LYS F 236 -2.82 25.54 -13.23
CA LYS F 236 -3.45 24.22 -13.35
C LYS F 236 -4.95 24.37 -13.67
N ASP F 237 -5.62 25.33 -13.04
CA ASP F 237 -7.00 25.62 -13.37
C ASP F 237 -7.19 26.07 -14.85
N ASP F 238 -6.23 26.87 -15.36
CA ASP F 238 -6.34 27.36 -16.71
C ASP F 238 -6.30 26.20 -17.74
N VAL F 239 -5.63 25.10 -17.48
CA VAL F 239 -5.50 24.07 -18.49
C VAL F 239 -6.31 22.84 -18.25
N THR F 240 -7.03 22.79 -17.12
CA THR F 240 -7.86 21.63 -16.87
C THR F 240 -9.33 21.82 -17.33
N SER F 241 -9.57 21.60 -18.62
CA SER F 241 -10.90 21.79 -19.12
C SER F 241 -11.83 20.66 -18.58
N PRO F 242 -13.11 20.98 -18.40
CA PRO F 242 -14.08 20.03 -17.77
C PRO F 242 -14.14 18.67 -18.41
N GLY F 243 -13.94 17.63 -17.66
CA GLY F 243 -13.98 16.29 -18.14
C GLY F 243 -12.97 15.96 -19.25
N GLY F 244 -11.93 16.72 -19.41
CA GLY F 244 -10.98 16.56 -20.51
C GLY F 244 -9.77 15.67 -20.19
N THR F 245 -8.81 15.68 -21.09
CA THR F 245 -7.64 14.83 -20.98
C THR F 245 -6.71 15.24 -19.82
N THR F 246 -6.56 16.54 -19.65
CA THR F 246 -5.68 17.08 -18.64
C THR F 246 -6.14 16.71 -17.21
N ILE F 247 -7.39 16.91 -16.90
CA ILE F 247 -7.87 16.58 -15.57
C ILE F 247 -7.82 15.08 -15.37
N ALA F 248 -8.03 14.26 -16.42
CA ALA F 248 -7.88 12.85 -16.27
C ALA F 248 -6.43 12.51 -15.80
N GLY F 249 -5.45 13.18 -16.39
CA GLY F 249 -4.06 12.91 -16.03
C GLY F 249 -3.77 13.40 -14.61
N VAL F 250 -4.27 14.59 -14.32
CA VAL F 250 -4.08 15.20 -13.03
C VAL F 250 -4.71 14.29 -11.93
N HIS F 251 -5.88 13.74 -12.21
CA HIS F 251 -6.54 12.87 -11.24
C HIS F 251 -5.66 11.66 -10.94
N GLU F 252 -5.01 11.10 -11.94
CA GLU F 252 -4.09 9.97 -11.69
C GLU F 252 -2.94 10.37 -10.79
N LEU F 253 -2.43 11.58 -10.98
CA LEU F 253 -1.37 12.06 -10.12
C LEU F 253 -1.84 12.17 -8.69
N GLU F 254 -3.02 12.73 -8.51
CA GLU F 254 -3.53 12.97 -7.19
C GLU F 254 -3.88 11.66 -6.51
N LYS F 255 -4.41 10.69 -7.26
CA LYS F 255 -4.72 9.38 -6.67
CA LYS F 255 -4.73 9.37 -6.68
C LYS F 255 -3.48 8.80 -6.02
N ALA F 256 -2.34 9.04 -6.62
CA ALA F 256 -1.11 8.43 -6.16
C ALA F 256 -0.37 9.28 -5.19
N GLY F 257 -0.83 10.49 -4.88
CA GLY F 257 -0.11 11.31 -3.89
C GLY F 257 1.19 11.92 -4.43
N PHE F 258 1.18 12.22 -5.72
CA PHE F 258 2.33 12.86 -6.48
C PHE F 258 2.90 14.02 -5.72
N ARG F 259 2.03 14.93 -5.26
CA ARG F 259 2.55 16.14 -4.60
C ARG F 259 3.31 15.82 -3.34
N GLY F 260 2.80 14.89 -2.54
CA GLY F 260 3.43 14.45 -1.35
C GLY F 260 4.77 13.78 -1.59
N ILE F 261 4.90 13.12 -2.72
CA ILE F 261 6.20 12.48 -3.05
C ILE F 261 7.28 13.46 -3.32
N LEU F 262 6.95 14.49 -4.08
CA LEU F 262 7.91 15.56 -4.29
C LEU F 262 8.26 16.32 -2.98
N MET F 263 7.28 16.54 -2.13
CA MET F 263 7.54 17.11 -0.83
C MET F 263 8.48 16.23 -0.03
N ASN F 264 8.25 14.92 -0.06
CA ASN F 264 9.15 13.98 0.60
C ASN F 264 10.60 14.09 0.12
N ALA F 265 10.80 14.25 -1.19
CA ALA F 265 12.14 14.36 -1.73
C ALA F 265 12.85 15.62 -1.24
N VAL F 266 12.16 16.79 -1.28
CA VAL F 266 12.77 18.00 -0.82
C VAL F 266 13.10 17.90 0.65
N VAL F 267 12.19 17.38 1.47
CA VAL F 267 12.43 17.27 2.90
C VAL F 267 13.62 16.34 3.19
N ALA F 268 13.69 15.21 2.49
CA ALA F 268 14.77 14.27 2.71
C ALA F 268 16.11 14.80 2.29
N ALA F 269 16.13 15.46 1.17
CA ALA F 269 17.32 16.14 0.71
C ALA F 269 17.83 17.25 1.68
N ALA F 270 16.90 18.04 2.19
CA ALA F 270 17.23 19.10 3.18
C ALA F 270 17.74 18.53 4.50
N LYS F 271 17.14 17.45 4.91
CA LYS F 271 17.59 16.75 6.11
C LYS F 271 19.02 16.15 5.91
N ARG F 272 19.26 15.60 4.73
N ARG F 272 19.26 15.59 4.73
CA ARG F 272 20.60 15.09 4.42
CA ARG F 272 20.62 15.09 4.41
C ARG F 272 21.64 16.22 4.38
C ARG F 272 21.64 16.22 4.38
N SER F 273 21.26 17.36 3.83
CA SER F 273 22.11 18.54 3.84
C SER F 273 22.54 18.91 5.29
N GLN F 274 21.60 18.95 6.16
CA GLN F 274 21.82 19.26 7.57
C GLN F 274 22.71 18.22 8.18
N GLU F 275 22.50 16.96 7.87
CA GLU F 275 23.32 15.91 8.42
C GLU F 275 24.74 15.96 7.94
N LEU F 276 24.97 16.45 6.73
CA LEU F 276 26.32 16.49 6.19
C LEU F 276 27.07 17.72 6.72
N SER F 277 26.33 18.59 7.38
N SER F 277 26.34 18.49 7.53
CA SER F 277 26.76 19.72 8.23
CA SER F 277 26.73 19.26 8.78
C SER F 277 26.26 21.02 7.69
C SER F 277 25.79 20.45 8.94
N ILE G 9 -45.76 35.94 -13.86
CA ILE G 9 -45.08 37.22 -14.11
C ILE G 9 -44.93 37.96 -12.77
N PRO G 10 -46.00 38.32 -11.98
CA PRO G 10 -45.73 39.55 -11.14
C PRO G 10 -44.72 39.44 -10.00
N ALA G 11 -43.57 40.09 -10.19
CA ALA G 11 -42.42 39.90 -9.31
C ALA G 11 -42.68 40.16 -7.85
N ASP G 12 -43.49 41.16 -7.56
CA ASP G 12 -43.72 41.60 -6.17
C ASP G 12 -44.98 41.08 -5.51
N SER G 13 -45.81 40.40 -6.25
CA SER G 13 -47.09 40.00 -5.69
C SER G 13 -47.47 38.55 -5.99
N TYR G 14 -46.58 37.77 -6.60
CA TYR G 14 -46.99 36.43 -7.03
C TYR G 14 -47.32 35.56 -5.82
N THR G 15 -48.13 34.54 -6.04
CA THR G 15 -48.39 33.56 -5.02
C THR G 15 -47.60 32.25 -5.37
N LEU G 16 -47.05 31.64 -4.34
CA LEU G 16 -46.23 30.44 -4.47
C LEU G 16 -46.93 29.23 -3.83
N GLY G 17 -46.92 28.09 -4.50
CA GLY G 17 -47.51 26.86 -3.94
C GLY G 17 -46.50 25.75 -3.86
N PHE G 18 -46.54 25.02 -2.78
CA PHE G 18 -45.71 23.81 -2.64
C PHE G 18 -46.54 22.56 -2.74
N ILE G 19 -46.13 21.71 -3.65
CA ILE G 19 -46.67 20.37 -3.71
C ILE G 19 -45.68 19.39 -3.06
N GLY G 20 -46.07 18.88 -1.89
CA GLY G 20 -45.17 18.10 -1.07
C GLY G 20 -44.71 19.00 0.07
N ALA G 21 -45.42 18.92 1.19
CA ALA G 21 -45.23 19.83 2.33
C ALA G 21 -44.15 19.33 3.29
N GLY G 22 -42.98 19.00 2.73
CA GLY G 22 -41.91 18.37 3.50
C GLY G 22 -40.88 19.34 4.02
N LYS G 23 -39.74 18.78 4.34
CA LYS G 23 -38.63 19.55 4.94
C LYS G 23 -38.09 20.61 3.99
N MET G 24 -37.89 20.26 2.74
CA MET G 24 -37.32 21.23 1.79
C MET G 24 -38.32 22.37 1.54
N ALA G 25 -39.58 22.03 1.39
CA ALA G 25 -40.63 23.05 1.18
C ALA G 25 -40.66 24.02 2.37
N GLU G 26 -40.55 23.48 3.57
CA GLU G 26 -40.55 24.27 4.80
C GLU G 26 -39.37 25.21 4.79
N SER G 27 -38.21 24.69 4.45
CA SER G 27 -36.99 25.52 4.44
C SER G 27 -37.11 26.70 3.48
N ILE G 28 -37.65 26.43 2.33
CA ILE G 28 -37.79 27.48 1.31
C ILE G 28 -38.82 28.52 1.75
N ALA G 29 -39.94 28.03 2.24
CA ALA G 29 -40.96 28.93 2.75
C ALA G 29 -40.42 29.86 3.85
N LYS G 30 -39.75 29.28 4.83
CA LYS G 30 -39.19 30.09 5.92
C LYS G 30 -38.15 31.08 5.41
N GLY G 31 -37.24 30.64 4.51
CA GLY G 31 -36.25 31.54 3.98
C GLY G 31 -36.87 32.70 3.23
N ALA G 32 -37.88 32.43 2.45
CA ALA G 32 -38.52 33.47 1.63
C ALA G 32 -39.31 34.44 2.50
N VAL G 33 -39.95 33.94 3.54
CA VAL G 33 -40.59 34.83 4.53
C VAL G 33 -39.56 35.71 5.25
N ARG G 34 -38.50 35.08 5.74
CA ARG G 34 -37.42 35.77 6.44
C ARG G 34 -36.84 36.87 5.59
N SER G 35 -36.57 36.60 4.33
CA SER G 35 -35.93 37.61 3.49
C SER G 35 -36.90 38.69 3.03
N GLY G 36 -38.17 38.50 3.26
CA GLY G 36 -39.15 39.42 2.72
C GLY G 36 -39.49 39.23 1.25
N VAL G 37 -38.96 38.20 0.61
CA VAL G 37 -39.33 37.92 -0.77
C VAL G 37 -40.82 37.51 -0.92
N LEU G 38 -41.29 36.79 0.07
CA LEU G 38 -42.70 36.44 0.18
C LEU G 38 -43.21 36.75 1.57
N SER G 39 -44.52 36.84 1.71
CA SER G 39 -45.17 36.88 3.00
C SER G 39 -45.87 35.55 3.14
N PRO G 40 -46.19 35.14 4.37
CA PRO G 40 -46.92 33.86 4.51
C PRO G 40 -48.30 33.76 3.81
N SER G 41 -48.99 34.89 3.68
CA SER G 41 -50.30 34.87 3.04
C SER G 41 -50.17 34.55 1.54
N ARG G 42 -48.98 34.75 0.98
CA ARG G 42 -48.73 34.47 -0.44
C ARG G 42 -48.20 33.05 -0.73
N ILE G 43 -48.23 32.20 0.28
CA ILE G 43 -47.76 30.85 0.14
C ILE G 43 -48.90 29.90 0.46
N LYS G 44 -49.03 28.82 -0.33
CA LYS G 44 -49.95 27.75 -0.02
C LYS G 44 -49.30 26.38 -0.11
N THR G 45 -49.79 25.43 0.68
CA THR G 45 -49.49 24.01 0.45
C THR G 45 -50.72 23.12 0.77
N ALA G 46 -50.55 21.81 0.62
CA ALA G 46 -51.56 20.84 1.07
C ALA G 46 -50.82 19.64 1.67
N ILE G 47 -51.37 19.06 2.74
CA ILE G 47 -50.74 17.90 3.39
C ILE G 47 -51.12 16.62 2.70
N HIS G 48 -50.34 15.60 2.95
CA HIS G 48 -50.65 14.30 2.40
C HIS G 48 -51.30 13.43 3.50
N SER G 49 -50.51 12.65 4.23
CA SER G 49 -51.03 11.77 5.27
C SER G 49 -50.68 12.26 6.68
N ASN G 50 -49.47 12.78 6.81
CA ASN G 50 -48.95 13.25 8.08
C ASN G 50 -49.51 14.62 8.53
N PRO G 51 -50.37 14.64 9.56
CA PRO G 51 -50.93 15.92 10.02
C PRO G 51 -49.96 16.84 10.82
N ALA G 52 -48.82 16.32 11.24
CA ALA G 52 -47.78 17.17 11.85
C ALA G 52 -47.22 18.22 10.88
N ARG G 53 -47.25 17.91 9.59
CA ARG G 53 -46.80 18.87 8.57
C ARG G 53 -47.76 20.05 8.49
N ARG G 54 -49.03 19.82 8.77
CA ARG G 54 -50.00 20.91 8.77
C ARG G 54 -49.56 21.97 9.80
N THR G 55 -49.16 21.49 10.98
CA THR G 55 -48.81 22.37 12.10
C THR G 55 -47.56 23.15 11.80
N ALA G 56 -46.58 22.47 11.21
CA ALA G 56 -45.35 23.12 10.75
C ALA G 56 -45.63 24.33 9.84
N PHE G 57 -46.54 24.20 8.87
CA PHE G 57 -46.86 25.34 7.97
C PHE G 57 -47.80 26.39 8.58
N GLU G 58 -48.78 25.94 9.34
CA GLU G 58 -49.69 26.88 10.01
C GLU G 58 -48.94 27.72 11.02
N SER G 59 -47.91 27.17 11.69
CA SER G 59 -47.10 27.96 12.69
C SER G 59 -46.36 29.05 12.02
N ILE G 60 -46.20 28.99 10.73
CA ILE G 60 -45.47 30.04 10.05
C ILE G 60 -46.44 31.08 9.48
N GLY G 61 -47.73 30.85 9.64
CA GLY G 61 -48.75 31.74 9.07
C GLY G 61 -49.24 31.33 7.69
N ILE G 62 -48.91 30.12 7.27
CA ILE G 62 -49.22 29.70 5.90
C ILE G 62 -50.49 28.89 5.89
N THR G 63 -51.36 29.18 4.94
CA THR G 63 -52.60 28.42 4.77
C THR G 63 -52.43 27.06 4.06
N VAL G 64 -52.94 26.04 4.72
CA VAL G 64 -52.89 24.67 4.24
C VAL G 64 -54.22 24.33 3.63
N LEU G 65 -54.23 24.18 2.31
CA LEU G 65 -55.43 23.85 1.54
C LEU G 65 -55.67 22.34 1.55
N SER G 66 -56.84 21.93 1.06
CA SER G 66 -57.30 20.56 1.27
C SER G 66 -56.84 19.61 0.16
N SER G 67 -56.33 20.13 -0.96
CA SER G 67 -55.80 19.25 -2.01
C SER G 67 -54.70 19.89 -2.82
N ASN G 68 -53.91 19.05 -3.49
CA ASN G 68 -52.89 19.55 -4.41
C ASN G 68 -53.50 20.43 -5.51
N ASP G 69 -54.67 20.01 -5.99
CA ASP G 69 -55.38 20.75 -7.05
C ASP G 69 -55.61 22.23 -6.66
N ASP G 70 -56.10 22.43 -5.43
CA ASP G 70 -56.39 23.79 -4.92
C ASP G 70 -55.09 24.60 -4.80
N VAL G 71 -54.02 23.96 -4.39
CA VAL G 71 -52.72 24.67 -4.30
C VAL G 71 -52.35 25.19 -5.70
N VAL G 72 -52.51 24.34 -6.72
CA VAL G 72 -52.11 24.73 -8.07
C VAL G 72 -52.99 25.85 -8.58
N ARG G 73 -54.31 25.69 -8.42
CA ARG G 73 -55.24 26.70 -8.84
C ARG G 73 -54.90 28.07 -8.26
N ASP G 74 -54.57 28.11 -6.97
CA ASP G 74 -54.31 29.36 -6.30
C ASP G 74 -52.90 29.92 -6.46
N SER G 75 -52.03 29.24 -7.20
CA SER G 75 -50.63 29.67 -7.25
C SER G 75 -50.16 30.10 -8.65
N ASN G 76 -49.34 31.15 -8.70
CA ASN G 76 -48.67 31.57 -9.96
C ASN G 76 -47.43 30.70 -10.23
N VAL G 77 -46.78 30.29 -9.15
CA VAL G 77 -45.52 29.52 -9.20
C VAL G 77 -45.74 28.28 -8.36
N VAL G 78 -45.49 27.14 -8.94
CA VAL G 78 -45.69 25.85 -8.26
C VAL G 78 -44.33 25.12 -8.11
N VAL G 79 -43.97 24.86 -6.87
CA VAL G 79 -42.77 24.09 -6.58
C VAL G 79 -43.11 22.67 -6.20
N PHE G 80 -42.58 21.75 -6.99
CA PHE G 80 -42.75 20.34 -6.69
C PHE G 80 -41.67 19.89 -5.76
N SER G 81 -42.09 19.54 -4.55
CA SER G 81 -41.14 19.12 -3.49
C SER G 81 -41.47 17.76 -2.85
N VAL G 82 -41.99 16.83 -3.69
CA VAL G 82 -42.18 15.44 -3.30
C VAL G 82 -40.94 14.62 -3.65
N LYS G 83 -40.84 13.43 -3.10
CA LYS G 83 -39.72 12.57 -3.36
C LYS G 83 -39.69 12.24 -4.84
N PRO G 84 -38.51 11.97 -5.37
CA PRO G 84 -38.38 11.89 -6.85
C PRO G 84 -39.17 10.76 -7.47
N GLN G 85 -39.19 9.63 -6.81
CA GLN G 85 -39.93 8.45 -7.34
C GLN G 85 -41.45 8.67 -7.27
N LEU G 86 -41.94 9.68 -6.57
CA LEU G 86 -43.40 9.97 -6.60
C LEU G 86 -43.80 11.10 -7.58
N LEU G 87 -42.83 11.77 -8.15
CA LEU G 87 -43.09 13.02 -8.84
C LEU G 87 -43.87 12.81 -10.13
N LYS G 88 -43.51 11.78 -10.89
CA LYS G 88 -44.14 11.59 -12.18
C LYS G 88 -45.67 11.50 -12.03
N ASP G 89 -46.12 10.63 -11.12
CA ASP G 89 -47.59 10.46 -10.92
C ASP G 89 -48.27 11.69 -10.37
N VAL G 90 -47.58 12.39 -9.47
CA VAL G 90 -48.09 13.65 -8.95
C VAL G 90 -48.34 14.70 -10.06
N VAL G 91 -47.36 14.84 -10.95
CA VAL G 91 -47.47 15.78 -12.09
C VAL G 91 -48.59 15.33 -13.06
N LEU G 92 -48.61 14.04 -13.38
CA LEU G 92 -49.62 13.51 -14.32
C LEU G 92 -51.01 13.75 -13.79
N LYS G 93 -51.23 13.51 -12.50
CA LYS G 93 -52.56 13.81 -11.91
C LYS G 93 -52.94 15.28 -12.01
N LEU G 94 -51.96 16.17 -11.88
CA LEU G 94 -52.25 17.63 -11.87
C LEU G 94 -52.30 18.25 -13.26
N LYS G 95 -51.95 17.46 -14.26
CA LYS G 95 -51.62 17.99 -15.57
C LYS G 95 -52.67 18.95 -16.17
N PRO G 96 -53.96 18.62 -16.06
CA PRO G 96 -54.98 19.53 -16.62
C PRO G 96 -54.91 20.95 -16.05
N LEU G 97 -54.46 21.06 -14.80
CA LEU G 97 -54.34 22.36 -14.12
C LEU G 97 -53.00 23.11 -14.37
N LEU G 98 -52.07 22.42 -14.98
CA LEU G 98 -50.74 22.98 -15.24
C LEU G 98 -50.75 23.84 -16.50
N THR G 99 -51.46 24.97 -16.44
CA THR G 99 -51.55 25.83 -17.58
C THR G 99 -50.28 26.70 -17.71
N LYS G 100 -50.00 27.11 -18.94
CA LYS G 100 -48.73 27.80 -19.26
C LYS G 100 -48.53 29.17 -18.62
N ASP G 101 -49.57 29.72 -18.01
CA ASP G 101 -49.43 30.97 -17.26
C ASP G 101 -48.78 30.74 -15.89
N LYS G 102 -48.62 29.47 -15.49
CA LYS G 102 -48.01 29.10 -14.18
C LYS G 102 -46.60 28.55 -14.36
N LEU G 103 -45.65 29.19 -13.70
CA LEU G 103 -44.27 28.75 -13.70
C LEU G 103 -44.12 27.50 -12.81
N LEU G 104 -43.58 26.43 -13.39
CA LEU G 104 -43.33 25.21 -12.60
C LEU G 104 -41.83 25.09 -12.21
N VAL G 105 -41.63 24.56 -11.01
CA VAL G 105 -40.29 24.38 -10.46
C VAL G 105 -40.22 22.98 -9.84
N SER G 106 -39.10 22.30 -10.08
CA SER G 106 -38.85 21.01 -9.41
C SER G 106 -37.59 21.11 -8.59
N VAL G 107 -37.62 20.63 -7.35
CA VAL G 107 -36.40 20.46 -6.57
C VAL G 107 -36.01 19.02 -6.43
N ALA G 108 -36.70 18.14 -7.16
CA ALA G 108 -36.43 16.69 -7.01
C ALA G 108 -35.06 16.28 -7.47
N ALA G 109 -34.36 15.56 -6.61
CA ALA G 109 -33.06 15.07 -6.95
C ALA G 109 -33.17 14.09 -8.11
N GLY G 110 -32.28 14.24 -9.09
CA GLY G 110 -32.08 13.25 -10.15
C GLY G 110 -33.17 13.23 -11.23
N ILE G 111 -34.13 14.15 -11.22
CA ILE G 111 -35.14 14.17 -12.28
C ILE G 111 -34.80 15.25 -13.31
N LYS G 112 -34.51 14.81 -14.52
CA LYS G 112 -34.10 15.69 -15.62
C LYS G 112 -35.19 16.60 -16.17
N MET G 113 -34.74 17.72 -16.75
CA MET G 113 -35.66 18.70 -17.37
C MET G 113 -36.48 18.05 -18.49
N LYS G 114 -35.86 17.22 -19.30
CA LYS G 114 -36.59 16.54 -20.41
C LYS G 114 -37.86 15.81 -19.95
N ASP G 115 -37.72 15.06 -18.87
CA ASP G 115 -38.84 14.36 -18.25
C ASP G 115 -39.88 15.29 -17.60
N LEU G 116 -39.39 16.27 -16.85
CA LEU G 116 -40.29 17.29 -16.26
C LEU G 116 -41.21 17.90 -17.32
N GLN G 117 -40.63 18.33 -18.43
CA GLN G 117 -41.38 19.01 -19.47
C GLN G 117 -42.40 18.07 -20.11
N GLU G 118 -41.93 16.86 -20.35
CA GLU G 118 -42.78 15.84 -20.92
C GLU G 118 -43.96 15.53 -20.00
N TRP G 119 -43.71 15.37 -18.69
CA TRP G 119 -44.82 15.03 -17.79
C TRP G 119 -45.82 16.17 -17.73
N ALA G 120 -45.32 17.39 -17.68
CA ALA G 120 -46.21 18.55 -17.52
C ALA G 120 -46.94 18.89 -18.82
N GLY G 121 -46.31 18.55 -19.94
CA GLY G 121 -46.84 18.88 -21.26
C GLY G 121 -46.50 20.28 -21.74
N HIS G 122 -45.61 20.98 -21.04
CA HIS G 122 -45.12 22.26 -21.55
C HIS G 122 -43.71 22.52 -20.94
N GLU G 123 -43.07 23.61 -21.36
CA GLU G 123 -41.64 23.85 -21.12
C GLU G 123 -41.34 25.05 -20.20
N ARG G 124 -42.39 25.59 -19.58
CA ARG G 124 -42.21 26.67 -18.64
C ARG G 124 -41.94 26.06 -17.28
N PHE G 125 -40.73 25.59 -17.12
CA PHE G 125 -40.34 24.74 -16.03
C PHE G 125 -38.89 25.13 -15.70
N ILE G 126 -38.60 25.22 -14.41
CA ILE G 126 -37.21 25.41 -13.92
C ILE G 126 -36.86 24.30 -12.93
N ARG G 127 -35.68 23.74 -13.07
CA ARG G 127 -35.19 22.71 -12.16
C ARG G 127 -34.13 23.36 -11.25
N VAL G 128 -34.22 23.05 -9.95
CA VAL G 128 -33.29 23.49 -8.98
C VAL G 128 -32.80 22.31 -8.22
N MET G 129 -31.50 22.29 -7.98
CA MET G 129 -30.91 21.30 -7.11
C MET G 129 -30.32 22.09 -5.94
N PRO G 130 -31.04 22.13 -4.83
CA PRO G 130 -30.50 22.66 -3.57
C PRO G 130 -29.71 21.61 -2.81
N ASN G 131 -29.30 21.90 -1.59
CA ASN G 131 -28.69 20.90 -0.76
C ASN G 131 -29.17 21.09 0.69
N THR G 132 -28.68 20.20 1.55
CA THR G 132 -29.19 20.03 2.91
C THR G 132 -29.09 21.33 3.74
N ALA G 133 -28.15 22.19 3.38
CA ALA G 133 -27.89 23.36 4.17
C ALA G 133 -28.98 24.49 3.98
N ALA G 134 -29.94 24.26 3.09
CA ALA G 134 -31.09 25.11 3.00
C ALA G 134 -31.72 25.38 4.43
N THR G 135 -31.65 24.40 5.32
CA THR G 135 -32.19 24.47 6.65
C THR G 135 -31.62 25.65 7.40
N VAL G 136 -30.35 25.96 7.18
CA VAL G 136 -29.72 27.10 7.89
C VAL G 136 -29.42 28.28 6.95
N GLY G 137 -30.10 28.32 5.81
CA GLY G 137 -29.91 29.45 4.88
C GLY G 137 -28.59 29.46 4.14
N GLU G 138 -27.90 28.32 4.07
CA GLU G 138 -26.59 28.27 3.43
C GLU G 138 -26.51 27.21 2.32
N ALA G 139 -27.62 26.95 1.66
CA ALA G 139 -27.62 26.03 0.54
C ALA G 139 -26.71 26.46 -0.55
N ALA G 140 -26.20 25.48 -1.24
CA ALA G 140 -25.54 25.68 -2.54
C ALA G 140 -26.53 25.09 -3.53
N SER G 141 -27.13 25.95 -4.34
CA SER G 141 -28.14 25.56 -5.26
C SER G 141 -27.76 25.91 -6.68
N VAL G 142 -28.25 25.09 -7.62
CA VAL G 142 -28.08 25.37 -9.03
C VAL G 142 -29.44 25.22 -9.75
N MET G 143 -29.72 26.13 -10.66
CA MET G 143 -30.94 26.05 -11.47
C MET G 143 -30.64 25.81 -12.97
N SER G 144 -31.55 25.10 -13.64
CA SER G 144 -31.50 24.97 -15.10
C SER G 144 -32.87 25.35 -15.61
N LEU G 145 -32.90 25.92 -16.79
CA LEU G 145 -34.11 26.43 -17.37
C LEU G 145 -34.69 25.51 -18.45
N GLY G 146 -36.00 25.27 -18.38
CA GLY G 146 -36.70 24.61 -19.47
C GLY G 146 -36.81 25.53 -20.69
N GLY G 147 -37.27 24.97 -21.80
CA GLY G 147 -37.31 25.68 -23.10
C GLY G 147 -38.15 26.94 -23.15
N ALA G 148 -39.17 27.04 -22.28
CA ALA G 148 -40.04 28.23 -22.24
C ALA G 148 -39.93 29.04 -20.97
N ALA G 149 -38.97 28.72 -20.12
CA ALA G 149 -38.71 29.55 -18.94
C ALA G 149 -38.04 30.86 -19.37
N THR G 150 -38.59 31.99 -18.97
CA THR G 150 -38.08 33.30 -19.39
C THR G 150 -37.00 33.81 -18.48
N GLU G 151 -36.34 34.88 -18.89
CA GLU G 151 -35.32 35.52 -18.06
C GLU G 151 -35.91 36.00 -16.76
N GLU G 152 -37.14 36.49 -16.83
CA GLU G 152 -37.84 37.05 -15.65
C GLU G 152 -38.23 35.90 -14.72
N ASP G 153 -38.63 34.77 -15.31
CA ASP G 153 -38.88 33.53 -14.52
C ASP G 153 -37.60 33.12 -13.76
N ALA G 154 -36.46 33.12 -14.44
CA ALA G 154 -35.16 32.81 -13.83
C ALA G 154 -34.82 33.78 -12.69
N ASN G 155 -35.05 35.07 -12.90
CA ASN G 155 -34.79 36.06 -11.82
C ASN G 155 -35.63 35.83 -10.60
N LEU G 156 -36.88 35.50 -10.85
CA LEU G 156 -37.79 35.18 -9.77
C LEU G 156 -37.23 33.99 -8.93
N ILE G 157 -36.77 32.93 -9.61
CA ILE G 157 -36.28 31.75 -8.91
C ILE G 157 -34.95 32.04 -8.23
N SER G 158 -34.15 32.90 -8.82
CA SER G 158 -32.89 33.31 -8.27
C SER G 158 -33.12 34.07 -6.95
N GLN G 159 -34.12 34.94 -6.92
CA GLN G 159 -34.48 35.68 -5.68
C GLN G 159 -35.02 34.71 -4.63
N LEU G 160 -35.85 33.78 -5.05
CA LEU G 160 -36.41 32.83 -4.14
C LEU G 160 -35.36 31.94 -3.50
N PHE G 161 -34.51 31.31 -4.30
CA PHE G 161 -33.47 30.43 -3.78
C PHE G 161 -32.27 31.15 -3.18
N GLY G 162 -32.12 32.42 -3.52
CA GLY G 162 -31.13 33.29 -2.88
C GLY G 162 -31.51 33.53 -1.40
N SER G 163 -32.75 33.24 -1.05
N SER G 163 -32.75 33.23 -1.05
CA SER G 163 -33.17 33.43 0.34
CA SER G 163 -33.21 33.43 0.32
C SER G 163 -32.81 32.26 1.24
C SER G 163 -32.83 32.26 1.23
N ILE G 164 -32.33 31.16 0.66
CA ILE G 164 -31.88 30.02 1.48
C ILE G 164 -30.41 29.61 1.24
N GLY G 165 -29.65 30.47 0.58
CA GLY G 165 -28.26 30.23 0.36
C GLY G 165 -27.84 30.96 -0.89
N LYS G 166 -26.92 30.37 -1.62
CA LYS G 166 -26.50 30.92 -2.89
C LYS G 166 -27.09 30.09 -4.04
N ILE G 167 -27.22 30.70 -5.21
CA ILE G 167 -27.82 30.03 -6.34
C ILE G 167 -27.10 30.43 -7.64
N TRP G 168 -26.69 29.43 -8.40
CA TRP G 168 -26.02 29.61 -9.69
C TRP G 168 -26.86 28.91 -10.77
N LYS G 169 -26.50 29.15 -12.02
CA LYS G 169 -27.24 28.58 -13.17
C LYS G 169 -26.37 27.63 -13.91
N ALA G 170 -26.90 26.52 -14.40
CA ALA G 170 -26.13 25.65 -15.26
C ALA G 170 -26.99 24.80 -16.12
N ASP G 171 -26.39 24.31 -17.21
N ASP G 171 -26.40 24.32 -17.19
CA ASP G 171 -27.11 23.44 -18.13
CA ASP G 171 -27.07 23.44 -18.09
C ASP G 171 -27.45 22.17 -17.39
C ASP G 171 -27.44 22.17 -17.39
N ASP G 172 -28.57 21.61 -17.77
CA ASP G 172 -29.07 20.38 -17.19
C ASP G 172 -28.10 19.28 -17.28
N LYS G 173 -27.25 19.26 -18.30
CA LYS G 173 -26.35 18.13 -18.45
C LYS G 173 -25.27 18.04 -17.33
N TYR G 174 -25.07 19.12 -16.60
CA TYR G 174 -24.11 19.13 -15.47
C TYR G 174 -24.69 18.60 -14.16
N PHE G 175 -25.98 18.30 -14.12
CA PHE G 175 -26.64 18.01 -12.83
C PHE G 175 -26.23 16.70 -12.14
N ASP G 176 -25.81 15.67 -12.86
CA ASP G 176 -25.21 14.53 -12.13
C ASP G 176 -23.92 14.89 -11.35
N ALA G 177 -23.04 15.66 -11.99
CA ALA G 177 -21.85 16.09 -11.31
C ALA G 177 -22.13 17.07 -10.16
N ILE G 178 -23.07 17.98 -10.38
CA ILE G 178 -23.51 18.87 -9.30
C ILE G 178 -23.95 18.03 -8.09
N THR G 179 -24.75 17.03 -8.38
CA THR G 179 -25.29 16.17 -7.33
C THR G 179 -24.17 15.52 -6.55
N GLY G 180 -23.09 15.12 -7.24
CA GLY G 180 -21.98 14.49 -6.55
C GLY G 180 -21.14 15.45 -5.71
N LEU G 181 -21.13 16.73 -6.09
CA LEU G 181 -20.37 17.73 -5.42
C LEU G 181 -21.22 18.48 -4.33
N SER G 182 -22.17 19.32 -4.73
CA SER G 182 -22.90 20.09 -3.74
C SER G 182 -23.99 19.28 -3.07
N GLY G 183 -24.59 18.35 -3.79
CA GLY G 183 -25.62 17.56 -3.18
C GLY G 183 -25.10 16.61 -2.11
N SER G 184 -24.05 15.86 -2.47
CA SER G 184 -23.47 14.86 -1.65
C SER G 184 -22.33 15.37 -0.78
N GLY G 185 -21.67 16.41 -1.19
CA GLY G 185 -20.52 16.92 -0.47
C GLY G 185 -20.70 17.22 1.04
N PRO G 186 -21.89 17.67 1.48
CA PRO G 186 -21.97 17.91 2.91
C PRO G 186 -21.58 16.68 3.76
N ALA G 187 -21.90 15.47 3.30
CA ALA G 187 -21.50 14.30 4.07
C ALA G 187 -20.00 14.13 4.18
N TYR G 188 -19.31 14.53 3.11
CA TYR G 188 -17.84 14.47 3.11
C TYR G 188 -17.29 15.39 4.17
N ILE G 189 -17.92 16.54 4.33
CA ILE G 189 -17.53 17.47 5.35
C ILE G 189 -17.95 17.09 6.77
N TYR G 190 -19.07 16.43 6.91
CA TYR G 190 -19.41 15.86 8.20
C TYR G 190 -18.41 14.80 8.67
N LEU G 191 -17.98 13.93 7.76
CA LEU G 191 -16.85 13.02 8.08
C LEU G 191 -15.61 13.80 8.46
N ALA G 192 -15.31 14.86 7.71
CA ALA G 192 -14.12 15.62 8.01
C ALA G 192 -14.14 16.28 9.38
N ILE G 193 -15.29 16.83 9.74
CA ILE G 193 -15.49 17.44 11.03
C ILE G 193 -15.28 16.43 12.16
N GLU G 194 -15.86 15.27 12.01
CA GLU G 194 -15.71 14.27 13.02
C GLU G 194 -14.25 13.82 13.15
N ALA G 195 -13.59 13.68 12.01
CA ALA G 195 -12.21 13.21 11.99
C ALA G 195 -11.30 14.22 12.57
N LEU G 196 -11.55 15.48 12.30
CA LEU G 196 -10.77 16.55 12.91
C LEU G 196 -10.92 16.53 14.46
N ALA G 197 -12.15 16.39 14.92
CA ALA G 197 -12.39 16.30 16.34
C ALA G 197 -11.69 15.08 16.96
N ASP G 198 -11.78 13.94 16.30
CA ASP G 198 -11.10 12.74 16.78
C ASP G 198 -9.59 12.98 16.82
N GLY G 199 -9.08 13.72 15.82
CA GLY G 199 -7.65 14.05 15.74
C GLY G 199 -7.26 14.98 16.93
N GLY G 200 -8.13 15.95 17.25
CA GLY G 200 -7.89 16.78 18.44
C GLY G 200 -7.76 15.92 19.69
N VAL G 201 -8.72 15.03 19.86
CA VAL G 201 -8.76 14.15 21.05
C VAL G 201 -7.52 13.25 21.04
N ALA G 202 -7.12 12.79 19.86
CA ALA G 202 -5.90 11.97 19.76
C ALA G 202 -4.67 12.75 20.19
N ALA G 203 -4.69 14.06 19.99
CA ALA G 203 -3.60 14.92 20.36
C ALA G 203 -3.74 15.48 21.78
N GLY G 204 -4.75 15.09 22.51
CA GLY G 204 -4.89 15.41 23.91
C GLY G 204 -6.00 16.35 24.29
N LEU G 205 -6.83 16.79 23.35
CA LEU G 205 -7.91 17.70 23.71
C LEU G 205 -9.13 17.04 24.31
N PRO G 206 -9.87 17.77 25.13
CA PRO G 206 -11.22 17.31 25.56
C PRO G 206 -12.14 17.23 24.34
N ARG G 207 -13.05 16.27 24.35
CA ARG G 207 -13.95 16.07 23.25
C ARG G 207 -14.81 17.28 22.93
N ASP G 208 -15.43 17.91 23.92
CA ASP G 208 -16.37 19.00 23.60
C ASP G 208 -15.66 20.16 22.89
N LEU G 209 -14.48 20.47 23.39
CA LEU G 209 -13.68 21.52 22.78
C LEU G 209 -13.23 21.12 21.38
N ALA G 210 -12.82 19.86 21.25
CA ALA G 210 -12.30 19.37 19.96
C ALA G 210 -13.38 19.50 18.87
N LEU G 211 -14.59 19.09 19.20
CA LEU G 211 -15.67 19.17 18.26
C LEU G 211 -16.11 20.61 17.93
N SER G 212 -16.19 21.45 18.95
CA SER G 212 -16.47 22.85 18.76
C SER G 212 -15.43 23.53 17.89
N LEU G 213 -14.17 23.27 18.18
CA LEU G 213 -13.11 23.82 17.36
C LEU G 213 -13.15 23.31 15.90
N ALA G 214 -13.37 22.02 15.75
CA ALA G 214 -13.41 21.44 14.40
C ALA G 214 -14.47 22.15 13.58
N SER G 215 -15.68 22.23 14.14
CA SER G 215 -16.77 22.81 13.34
C SER G 215 -16.50 24.27 12.98
N GLN G 216 -16.02 25.03 13.95
CA GLN G 216 -15.81 26.46 13.72
C GLN G 216 -14.61 26.70 12.81
N THR G 217 -13.63 25.82 12.90
CA THR G 217 -12.45 25.90 11.98
C THR G 217 -12.86 25.71 10.52
N VAL G 218 -13.66 24.70 10.28
CA VAL G 218 -14.22 24.47 8.93
C VAL G 218 -15.11 25.64 8.48
N LEU G 219 -15.96 26.16 9.37
CA LEU G 219 -16.80 27.29 9.02
C LEU G 219 -15.94 28.50 8.64
N GLY G 220 -14.96 28.78 9.46
CA GLY G 220 -14.08 29.94 9.24
C GLY G 220 -13.31 29.85 7.95
N ALA G 221 -12.72 28.71 7.70
CA ALA G 221 -11.92 28.50 6.47
C ALA G 221 -12.82 28.65 5.24
N ALA G 222 -14.02 28.08 5.32
CA ALA G 222 -14.96 28.21 4.18
C ALA G 222 -15.42 29.67 3.97
N SER G 223 -15.62 30.39 5.05
CA SER G 223 -15.94 31.80 4.96
C SER G 223 -14.82 32.63 4.35
N MET G 224 -13.57 32.31 4.71
CA MET G 224 -12.42 32.94 4.05
C MET G 224 -12.44 32.65 2.51
N ALA G 225 -12.73 31.41 2.17
CA ALA G 225 -12.74 31.03 0.76
C ALA G 225 -13.83 31.77 0.07
N THR G 226 -14.98 31.86 0.70
CA THR G 226 -16.12 32.48 0.02
C THR G 226 -15.94 33.99 -0.11
N GLN G 227 -15.35 34.65 0.85
CA GLN G 227 -15.31 36.10 0.84
C GLN G 227 -14.01 36.69 0.30
N SER G 228 -12.92 35.95 0.29
CA SER G 228 -11.63 36.54 0.05
C SER G 228 -11.32 36.87 -1.42
N GLY G 229 -12.04 36.28 -2.34
N GLY G 229 -12.06 36.25 -2.33
CA GLY G 229 -11.65 36.39 -3.73
CA GLY G 229 -11.70 36.25 -3.75
C GLY G 229 -10.36 35.64 -4.10
C GLY G 229 -10.82 35.05 -4.15
N LYS G 230 -9.87 34.73 -3.24
CA LYS G 230 -8.60 34.10 -3.57
C LYS G 230 -8.74 32.63 -4.02
N HIS G 231 -7.79 32.16 -4.77
CA HIS G 231 -7.67 30.77 -5.11
C HIS G 231 -7.34 30.02 -3.82
N PRO G 232 -7.93 28.87 -3.62
CA PRO G 232 -7.60 28.05 -2.43
C PRO G 232 -6.15 27.71 -2.22
N GLY G 233 -5.37 27.56 -3.28
CA GLY G 233 -3.95 27.47 -3.15
C GLY G 233 -3.26 28.69 -2.53
N GLN G 234 -3.77 29.88 -2.86
CA GLN G 234 -3.24 31.05 -2.27
C GLN G 234 -3.56 31.10 -0.78
N LEU G 235 -4.79 30.78 -0.43
CA LEU G 235 -5.23 30.74 0.95
C LEU G 235 -4.35 29.77 1.74
N LYS G 236 -4.09 28.60 1.19
CA LYS G 236 -3.17 27.65 1.79
C LYS G 236 -1.76 28.24 1.95
N ASP G 237 -1.29 28.95 0.92
CA ASP G 237 0.00 29.61 1.05
C ASP G 237 -0.01 30.67 2.20
N ASP G 238 -1.07 31.45 2.31
CA ASP G 238 -1.16 32.44 3.36
C ASP G 238 -0.96 31.86 4.75
N VAL G 239 -1.41 30.63 5.04
CA VAL G 239 -1.34 30.11 6.41
C VAL G 239 -0.21 29.10 6.66
N THR G 240 0.54 28.74 5.63
CA THR G 240 1.60 27.80 5.81
C THR G 240 2.95 28.47 6.08
N SER G 241 3.18 28.87 7.31
CA SER G 241 4.42 29.54 7.62
C SER G 241 5.62 28.58 7.54
N PRO G 242 6.81 29.12 7.25
CA PRO G 242 8.01 28.26 7.02
C PRO G 242 8.28 27.26 8.12
N GLY G 243 8.32 25.99 7.83
CA GLY G 243 8.70 24.98 8.82
C GLY G 243 7.75 24.88 10.01
N GLY G 244 6.57 25.44 9.89
CA GLY G 244 5.62 25.50 11.00
C GLY G 244 4.67 24.31 11.18
N THR G 245 3.69 24.49 12.03
CA THR G 245 2.71 23.43 12.33
C THR G 245 1.82 23.12 11.11
N THR G 246 1.41 24.17 10.43
CA THR G 246 0.47 24.01 9.37
C THR G 246 1.03 23.16 8.28
N ILE G 247 2.23 23.50 7.82
CA ILE G 247 2.82 22.76 6.69
C ILE G 247 3.09 21.34 7.14
N ALA G 248 3.40 21.13 8.40
CA ALA G 248 3.57 19.73 8.87
C ALA G 248 2.27 18.91 8.68
N GLY G 249 1.16 19.54 8.99
CA GLY G 249 -0.10 18.86 8.83
C GLY G 249 -0.43 18.67 7.35
N VAL G 250 -0.26 19.72 6.57
CA VAL G 250 -0.51 19.62 5.14
C VAL G 250 0.33 18.49 4.54
N HIS G 251 1.57 18.40 4.94
CA HIS G 251 2.44 17.35 4.40
C HIS G 251 1.84 15.94 4.70
N GLU G 252 1.27 15.73 5.86
CA GLU G 252 0.66 14.44 6.15
C GLU G 252 -0.51 14.22 5.22
N LEU G 253 -1.25 15.27 4.89
CA LEU G 253 -2.37 15.10 3.97
C LEU G 253 -1.85 14.72 2.59
N GLU G 254 -0.80 15.38 2.15
CA GLU G 254 -0.25 15.10 0.81
C GLU G 254 0.39 13.72 0.73
N LYS G 255 1.06 13.28 1.79
CA LYS G 255 1.63 11.92 1.80
C LYS G 255 0.57 10.88 1.50
N ALA G 256 -0.64 11.13 1.97
CA ALA G 256 -1.68 10.13 1.91
C ALA G 256 -2.55 10.29 0.70
N GLY G 257 -2.33 11.35 -0.11
CA GLY G 257 -3.17 11.55 -1.28
C GLY G 257 -4.59 12.03 -0.98
N PHE G 258 -4.68 12.83 0.07
CA PHE G 258 -5.92 13.49 0.52
C PHE G 258 -6.74 14.10 -0.59
N ARG G 259 -6.09 14.88 -1.45
CA ARG G 259 -6.81 15.53 -2.51
C ARG G 259 -7.41 14.54 -3.48
N GLY G 260 -6.66 13.51 -3.80
CA GLY G 260 -7.17 12.52 -4.74
C GLY G 260 -8.36 11.72 -4.17
N ILE G 261 -8.37 11.56 -2.87
CA ILE G 261 -9.49 10.86 -2.20
C ILE G 261 -10.78 11.63 -2.30
N LEU G 262 -10.70 12.95 -2.13
CA LEU G 262 -11.88 13.77 -2.31
C LEU G 262 -12.31 13.83 -3.74
N MET G 263 -11.34 13.83 -4.67
CA MET G 263 -11.69 13.75 -6.07
C MET G 263 -12.46 12.42 -6.37
N ASN G 264 -11.94 11.31 -5.84
CA ASN G 264 -12.57 10.03 -5.98
C ASN G 264 -14.02 10.02 -5.50
N ALA G 265 -14.30 10.68 -4.38
CA ALA G 265 -15.61 10.71 -3.82
C ALA G 265 -16.58 11.47 -4.72
N VAL G 266 -16.16 12.64 -5.23
CA VAL G 266 -17.01 13.40 -6.14
C VAL G 266 -17.31 12.60 -7.39
N VAL G 267 -16.28 12.00 -7.95
CA VAL G 267 -16.44 11.23 -9.19
C VAL G 267 -17.35 10.02 -8.96
N ALA G 268 -17.19 9.31 -7.84
CA ALA G 268 -18.01 8.12 -7.58
C ALA G 268 -19.50 8.50 -7.34
N ALA G 269 -19.70 9.56 -6.62
CA ALA G 269 -21.04 10.12 -6.44
C ALA G 269 -21.74 10.58 -7.74
N ALA G 270 -20.99 11.25 -8.59
CA ALA G 270 -21.50 11.71 -9.87
C ALA G 270 -21.82 10.53 -10.81
N LYS G 271 -20.97 9.53 -10.79
CA LYS G 271 -21.22 8.31 -11.50
C LYS G 271 -22.47 7.56 -10.99
N ARG G 272 -22.61 7.48 -9.68
N ARG G 272 -22.61 7.47 -9.69
CA ARG G 272 -23.81 6.90 -9.12
CA ARG G 272 -23.83 6.90 -9.11
C ARG G 272 -25.07 7.68 -9.55
C ARG G 272 -25.07 7.68 -9.55
N SER G 273 -24.97 8.99 -9.55
CA SER G 273 -26.08 9.82 -9.93
C SER G 273 -26.52 9.43 -11.36
N GLN G 274 -25.55 9.32 -12.23
CA GLN G 274 -25.81 8.95 -13.62
C GLN G 274 -26.43 7.57 -13.67
N GLU G 275 -25.95 6.63 -12.88
CA GLU G 275 -26.49 5.29 -12.88
C GLU G 275 -27.89 5.26 -12.37
N LEU G 276 -28.26 6.13 -11.46
CA LEU G 276 -29.59 6.13 -10.93
C LEU G 276 -30.58 6.84 -11.89
N SER G 277 -30.09 7.43 -12.95
CA SER G 277 -30.91 8.38 -13.69
C SER G 277 -31.76 7.65 -14.71
N ILE H 6 -3.44 44.79 41.51
CA ILE H 6 -4.52 44.04 40.78
C ILE H 6 -5.89 44.67 41.05
N ILE H 7 -6.01 45.89 40.53
CA ILE H 7 -7.27 46.65 40.49
C ILE H 7 -8.11 46.18 39.28
N PRO H 8 -9.47 46.04 39.42
CA PRO H 8 -10.28 45.54 38.27
C PRO H 8 -10.22 46.56 37.14
N ILE H 9 -10.14 46.04 35.90
CA ILE H 9 -10.04 46.89 34.73
C ILE H 9 -11.49 47.37 34.47
N PRO H 10 -11.75 48.67 34.32
CA PRO H 10 -13.12 49.15 34.12
C PRO H 10 -13.73 48.64 32.82
N ALA H 11 -14.66 47.73 32.96
CA ALA H 11 -15.17 46.96 31.82
C ALA H 11 -15.66 47.85 30.68
N ASP H 12 -16.30 49.00 30.98
CA ASP H 12 -16.95 49.82 29.96
C ASP H 12 -16.08 50.95 29.44
N SER H 13 -14.91 51.18 30.03
CA SER H 13 -14.14 52.38 29.67
C SER H 13 -12.64 52.12 29.51
N TYR H 14 -12.21 50.88 29.63
CA TYR H 14 -10.80 50.61 29.60
C TYR H 14 -10.18 50.98 28.24
N THR H 15 -8.90 51.24 28.24
CA THR H 15 -8.21 51.51 27.02
C THR H 15 -7.34 50.28 26.67
N LEU H 16 -7.22 50.02 25.38
CA LEU H 16 -6.54 48.84 24.84
C LEU H 16 -5.36 49.29 23.98
N GLY H 17 -4.22 48.67 24.20
CA GLY H 17 -3.05 48.92 23.38
C GLY H 17 -2.52 47.71 22.66
N PHE H 18 -2.17 47.87 21.39
CA PHE H 18 -1.54 46.80 20.61
C PHE H 18 -0.08 47.09 20.43
N ILE H 19 0.72 46.09 20.79
CA ILE H 19 2.13 46.11 20.49
C ILE H 19 2.35 45.17 19.36
N GLY H 20 2.62 45.75 18.21
CA GLY H 20 2.70 45.10 16.94
C GLY H 20 1.46 45.35 16.17
N ALA H 21 1.55 46.32 15.28
CA ALA H 21 0.40 46.79 14.56
C ALA H 21 0.17 46.02 13.29
N GLY H 22 0.12 44.72 13.41
CA GLY H 22 -0.07 43.81 12.31
C GLY H 22 -1.49 43.47 11.86
N LYS H 23 -1.60 42.40 11.08
CA LYS H 23 -2.87 41.95 10.57
C LYS H 23 -3.80 41.50 11.68
N MET H 24 -3.26 40.76 12.61
CA MET H 24 -4.14 40.22 13.67
C MET H 24 -4.62 41.36 14.59
N ALA H 25 -3.74 42.28 14.93
CA ALA H 25 -4.12 43.45 15.71
C ALA H 25 -5.25 44.20 15.02
N GLU H 26 -5.09 44.40 13.73
CA GLU H 26 -6.07 45.12 12.95
C GLU H 26 -7.40 44.39 12.96
N SER H 27 -7.36 43.08 12.76
CA SER H 27 -8.61 42.31 12.83
C SER H 27 -9.31 42.45 14.15
N ILE H 28 -8.55 42.35 15.22
CA ILE H 28 -9.14 42.49 16.58
C ILE H 28 -9.70 43.89 16.81
N ALA H 29 -8.93 44.91 16.41
CA ALA H 29 -9.36 46.28 16.56
C ALA H 29 -10.69 46.52 15.83
N LYS H 30 -10.73 46.13 14.57
CA LYS H 30 -11.97 46.32 13.78
C LYS H 30 -13.13 45.61 14.38
N GLY H 31 -12.91 44.37 14.79
CA GLY H 31 -13.96 43.61 15.41
C GLY H 31 -14.53 44.28 16.66
N ALA H 32 -13.65 44.75 17.51
CA ALA H 32 -14.07 45.32 18.80
C ALA H 32 -14.75 46.66 18.58
N VAL H 33 -14.30 47.41 17.58
CA VAL H 33 -15.01 48.64 17.21
C VAL H 33 -16.43 48.28 16.71
N ARG H 34 -16.50 47.31 15.81
CA ARG H 34 -17.77 46.94 15.20
C ARG H 34 -18.75 46.50 16.27
N SER H 35 -18.31 45.70 17.20
CA SER H 35 -19.23 45.17 18.20
C SER H 35 -19.55 46.20 19.28
N GLY H 36 -18.86 47.31 19.30
CA GLY H 36 -19.08 48.31 20.30
C GLY H 36 -18.36 48.05 21.60
N VAL H 37 -17.58 46.97 21.65
CA VAL H 37 -16.87 46.63 22.87
C VAL H 37 -15.78 47.68 23.15
N LEU H 38 -15.22 48.23 22.08
CA LEU H 38 -14.38 49.41 22.16
C LEU H 38 -14.77 50.45 21.13
N SER H 39 -14.21 51.63 21.28
CA SER H 39 -14.37 52.70 20.31
C SER H 39 -12.96 52.97 19.87
N PRO H 40 -12.78 53.60 18.71
CA PRO H 40 -11.42 53.84 18.25
C PRO H 40 -10.57 54.76 19.15
N SER H 41 -11.21 55.66 19.86
CA SER H 41 -10.47 56.56 20.77
C SER H 41 -9.89 55.83 21.97
N ARG H 42 -10.42 54.66 22.26
CA ARG H 42 -9.89 53.82 23.36
C ARG H 42 -8.78 52.81 22.95
N ILE H 43 -8.34 52.86 21.70
CA ILE H 43 -7.37 51.95 21.21
C ILE H 43 -6.16 52.76 20.81
N LYS H 44 -4.97 52.23 21.12
CA LYS H 44 -3.72 52.80 20.70
C LYS H 44 -2.79 51.76 20.15
N THR H 45 -1.92 52.17 19.21
CA THR H 45 -0.81 51.31 18.81
C THR H 45 0.37 52.18 18.40
N ALA H 46 1.45 51.52 17.99
CA ALA H 46 2.61 52.22 17.48
C ALA H 46 3.15 51.40 16.32
N ILE H 47 3.62 52.07 15.27
CA ILE H 47 4.21 51.37 14.13
C ILE H 47 5.67 51.01 14.35
N HIS H 48 6.15 50.09 13.55
CA HIS H 48 7.55 49.73 13.65
C HIS H 48 8.31 50.40 12.47
N SER H 49 8.46 49.69 11.35
CA SER H 49 9.19 50.24 10.17
C SER H 49 8.24 50.59 9.04
N ASN H 50 7.23 49.77 8.85
CA ASN H 50 6.25 49.92 7.76
C ASN H 50 5.20 51.02 7.98
N PRO H 51 5.28 52.11 7.24
CA PRO H 51 4.33 53.21 7.45
C PRO H 51 2.94 52.97 6.88
N ALA H 52 2.79 51.95 6.06
CA ALA H 52 1.45 51.56 5.57
C ALA H 52 0.54 51.06 6.71
N ARG H 53 1.14 50.50 7.74
CA ARG H 53 0.39 50.07 8.90
C ARG H 53 -0.20 51.29 9.60
N ARG H 54 0.46 52.43 9.54
CA ARG H 54 -0.05 53.65 10.20
C ARG H 54 -1.41 53.98 9.57
N THR H 55 -1.47 53.90 8.24
CA THR H 55 -2.64 54.34 7.48
C THR H 55 -3.79 53.38 7.77
N ALA H 56 -3.49 52.10 7.82
CA ALA H 56 -4.46 51.09 8.22
C ALA H 56 -5.16 51.39 9.56
N PHE H 57 -4.41 51.76 10.58
CA PHE H 57 -5.02 52.11 11.88
C PHE H 57 -5.68 53.48 11.87
N GLU H 58 -5.03 54.46 11.25
CA GLU H 58 -5.62 55.79 11.25
C GLU H 58 -6.97 55.78 10.50
N SER H 59 -7.10 54.95 9.46
CA SER H 59 -8.39 54.83 8.70
C SER H 59 -9.50 54.30 9.54
N ILE H 60 -9.17 53.67 10.66
CA ILE H 60 -10.20 53.21 11.53
C ILE H 60 -10.48 54.20 12.67
N GLY H 61 -9.76 55.29 12.71
CA GLY H 61 -9.95 56.30 13.75
C GLY H 61 -9.03 56.12 14.94
N ILE H 62 -8.02 55.28 14.80
CA ILE H 62 -7.21 54.92 15.93
C ILE H 62 -5.96 55.74 15.91
N THR H 63 -5.58 56.25 17.08
CA THR H 63 -4.35 57.02 17.22
C THR H 63 -3.11 56.14 17.29
N VAL H 64 -2.14 56.49 16.45
CA VAL H 64 -0.89 55.83 16.39
C VAL H 64 0.14 56.67 17.13
N LEU H 65 0.59 56.18 18.27
CA LEU H 65 1.59 56.83 19.10
C LEU H 65 2.99 56.54 18.58
N SER H 66 3.97 57.21 19.15
CA SER H 66 5.32 57.22 18.56
C SER H 66 6.23 56.12 19.13
N SER H 67 5.83 55.47 20.22
CA SER H 67 6.60 54.32 20.71
C SER H 67 5.76 53.26 21.42
N ASN H 68 6.33 52.06 21.53
CA ASN H 68 5.68 51.01 22.31
C ASN H 68 5.43 51.45 23.75
N ASP H 69 6.39 52.17 24.30
CA ASP H 69 6.32 52.65 25.70
C ASP H 69 5.10 53.48 25.95
N ASP H 70 4.84 54.41 25.05
CA ASP H 70 3.67 55.26 25.15
C ASP H 70 2.38 54.48 25.07
N VAL H 71 2.37 53.51 24.19
CA VAL H 71 1.15 52.65 24.10
C VAL H 71 0.87 52.00 25.47
N VAL H 72 1.92 51.43 26.07
CA VAL H 72 1.75 50.72 27.34
C VAL H 72 1.30 51.67 28.44
N ARG H 73 1.96 52.83 28.51
CA ARG H 73 1.57 53.85 29.49
C ARG H 73 0.14 54.26 29.38
N ASP H 74 -0.33 54.45 28.17
CA ASP H 74 -1.73 54.88 27.95
C ASP H 74 -2.81 53.77 28.01
N SER H 75 -2.40 52.53 28.26
CA SER H 75 -3.38 51.41 28.12
C SER H 75 -3.60 50.65 29.42
N ASN H 76 -4.83 50.26 29.67
CA ASN H 76 -5.15 49.36 30.78
C ASN H 76 -4.89 47.91 30.41
N VAL H 77 -5.06 47.61 29.14
CA VAL H 77 -4.94 46.21 28.59
C VAL H 77 -3.96 46.32 27.43
N VAL H 78 -2.94 45.48 27.44
CA VAL H 78 -1.94 45.47 26.43
C VAL H 78 -1.90 44.12 25.74
N VAL H 79 -2.12 44.17 24.41
CA VAL H 79 -2.10 42.98 23.56
C VAL H 79 -0.83 42.93 22.82
N PHE H 80 -0.07 41.88 23.07
CA PHE H 80 1.13 41.62 22.31
C PHE H 80 0.82 40.81 21.02
N SER H 81 0.97 41.48 19.89
CA SER H 81 0.66 40.94 18.57
C SER H 81 1.85 41.05 17.58
N VAL H 82 3.05 40.85 18.10
CA VAL H 82 4.25 40.70 17.26
C VAL H 82 4.48 39.21 16.98
N LYS H 83 5.32 38.91 16.00
CA LYS H 83 5.68 37.54 15.71
C LYS H 83 6.24 36.93 16.93
N PRO H 84 6.08 35.63 17.08
CA PRO H 84 6.53 34.97 18.31
C PRO H 84 8.01 35.10 18.63
N GLN H 85 8.86 34.95 17.61
CA GLN H 85 10.30 34.98 17.82
C GLN H 85 10.78 36.43 18.23
N LEU H 86 9.96 37.46 18.09
CA LEU H 86 10.29 38.81 18.53
C LEU H 86 9.70 39.17 19.87
N LEU H 87 8.82 38.32 20.40
CA LEU H 87 8.08 38.68 21.60
C LEU H 87 8.93 38.83 22.88
N LYS H 88 9.82 37.89 23.13
CA LYS H 88 10.63 37.94 24.35
C LYS H 88 11.38 39.29 24.54
N ASP H 89 12.12 39.72 23.53
CA ASP H 89 12.80 41.01 23.60
C ASP H 89 11.87 42.19 23.73
N VAL H 90 10.73 42.13 23.04
CA VAL H 90 9.77 43.23 23.12
C VAL H 90 9.27 43.40 24.55
N VAL H 91 8.95 42.28 25.18
CA VAL H 91 8.43 42.31 26.57
C VAL H 91 9.53 42.78 27.54
N LEU H 92 10.73 42.24 27.38
CA LEU H 92 11.84 42.59 28.27
C LEU H 92 12.09 44.10 28.21
N LYS H 93 12.09 44.67 27.01
CA LYS H 93 12.28 46.11 26.89
C LYS H 93 11.19 46.90 27.61
N LEU H 94 9.95 46.40 27.59
CA LEU H 94 8.87 47.13 28.19
C LEU H 94 8.68 46.87 29.69
N LYS H 95 9.40 45.89 30.20
CA LYS H 95 9.12 45.32 31.49
C LYS H 95 8.89 46.32 32.66
N PRO H 96 9.71 47.37 32.75
CA PRO H 96 9.47 48.35 33.82
C PRO H 96 8.08 48.95 33.81
N LEU H 97 7.50 49.08 32.63
CA LEU H 97 6.17 49.68 32.46
C LEU H 97 5.03 48.70 32.68
N LEU H 98 5.38 47.42 32.80
CA LEU H 98 4.34 46.38 32.88
C LEU H 98 3.90 46.18 34.31
N THR H 99 3.19 47.15 34.82
CA THR H 99 2.76 47.10 36.21
C THR H 99 1.51 46.27 36.35
N LYS H 100 1.28 45.73 37.56
CA LYS H 100 0.21 44.72 37.82
C LYS H 100 -1.17 45.25 37.72
N ASP H 101 -1.32 46.56 37.59
CA ASP H 101 -2.63 47.15 37.31
C ASP H 101 -3.03 47.03 35.83
N LYS H 102 -2.09 46.59 34.99
CA LYS H 102 -2.35 46.40 33.54
C LYS H 102 -2.48 44.90 33.20
N LEU H 103 -3.58 44.55 32.59
CA LEU H 103 -3.80 43.16 32.06
C LEU H 103 -3.00 42.95 30.78
N LEU H 104 -2.13 41.94 30.78
CA LEU H 104 -1.38 41.60 29.57
C LEU H 104 -2.01 40.40 28.81
N VAL H 105 -1.93 40.48 27.48
CA VAL H 105 -2.52 39.45 26.57
C VAL H 105 -1.54 39.16 25.48
N SER H 106 -1.34 37.88 25.22
CA SER H 106 -0.50 37.45 24.08
C SER H 106 -1.37 36.69 23.09
N VAL H 107 -1.26 37.06 21.81
CA VAL H 107 -1.82 36.21 20.73
C VAL H 107 -0.73 35.43 20.00
N ALA H 108 0.49 35.44 20.52
CA ALA H 108 1.60 34.82 19.82
C ALA H 108 1.48 33.31 19.75
N ALA H 109 1.59 32.76 18.53
CA ALA H 109 1.50 31.32 18.37
C ALA H 109 2.67 30.64 19.07
N GLY H 110 2.38 29.57 19.80
CA GLY H 110 3.39 28.73 20.35
C GLY H 110 4.12 29.24 21.59
N ILE H 111 3.75 30.39 22.13
CA ILE H 111 4.48 30.94 23.32
C ILE H 111 3.66 30.61 24.58
N LYS H 112 4.19 29.75 25.43
CA LYS H 112 3.49 29.26 26.61
C LYS H 112 3.36 30.31 27.74
N MET H 113 2.33 30.12 28.55
CA MET H 113 2.02 31.02 29.67
C MET H 113 3.23 31.12 30.63
N LYS H 114 3.88 30.00 30.90
CA LYS H 114 5.06 29.99 31.80
C LYS H 114 6.12 31.01 31.38
N ASP H 115 6.42 31.04 30.10
CA ASP H 115 7.34 32.03 29.55
C ASP H 115 6.83 33.47 29.59
N LEU H 116 5.58 33.64 29.19
CA LEU H 116 4.96 34.98 29.21
C LEU H 116 5.09 35.63 30.62
N GLN H 117 4.76 34.87 31.63
CA GLN H 117 4.75 35.34 33.00
C GLN H 117 6.21 35.65 33.46
N GLU H 118 7.15 34.77 33.10
CA GLU H 118 8.53 34.97 33.42
C GLU H 118 9.05 36.24 32.75
N TRP H 119 8.74 36.46 31.50
CA TRP H 119 9.26 37.67 30.81
C TRP H 119 8.71 38.94 31.38
N ALA H 120 7.41 38.91 31.68
CA ALA H 120 6.74 40.12 32.18
C ALA H 120 7.04 40.38 33.66
N GLY H 121 7.34 39.32 34.40
CA GLY H 121 7.63 39.41 35.82
C GLY H 121 6.38 39.42 36.68
N HIS H 122 5.24 39.11 36.12
CA HIS H 122 4.03 38.90 36.91
C HIS H 122 3.06 37.99 36.15
N GLU H 123 1.95 37.64 36.79
CA GLU H 123 1.06 36.58 36.31
C GLU H 123 -0.33 37.04 35.88
N ARG H 124 -0.50 38.33 35.74
CA ARG H 124 -1.76 38.90 35.27
C ARG H 124 -1.67 39.00 33.75
N PHE H 125 -1.77 37.81 33.18
CA PHE H 125 -1.48 37.56 31.78
C PHE H 125 -2.54 36.57 31.27
N ILE H 126 -3.04 36.85 30.08
CA ILE H 126 -3.95 35.91 29.38
C ILE H 126 -3.36 35.59 27.98
N ARG H 127 -3.36 34.31 27.63
CA ARG H 127 -2.90 33.85 26.32
C ARG H 127 -4.14 33.50 25.51
N VAL H 128 -4.13 33.96 24.26
CA VAL H 128 -5.18 33.62 23.31
C VAL H 128 -4.52 33.04 22.05
N MET H 129 -5.14 32.00 21.53
CA MET H 129 -4.73 31.44 20.19
C MET H 129 -5.94 31.59 19.26
N PRO H 130 -5.92 32.63 18.46
CA PRO H 130 -6.98 32.82 17.47
C PRO H 130 -6.60 32.03 16.21
N ASN H 131 -7.32 32.23 15.11
CA ASN H 131 -6.91 31.69 13.84
C ASN H 131 -7.16 32.67 12.71
N THR H 132 -6.83 32.25 11.50
CA THR H 132 -6.80 33.12 10.31
C THR H 132 -8.17 33.72 9.99
N ALA H 133 -9.24 33.06 10.39
CA ALA H 133 -10.55 33.56 10.06
C ALA H 133 -11.04 34.74 10.88
N ALA H 134 -10.19 35.23 11.76
CA ALA H 134 -10.44 36.52 12.41
C ALA H 134 -10.74 37.62 11.42
N THR H 135 -10.13 37.52 10.27
CA THR H 135 -10.27 38.52 9.22
C THR H 135 -11.72 38.68 8.81
N VAL H 136 -12.50 37.59 8.87
CA VAL H 136 -13.92 37.66 8.53
C VAL H 136 -14.83 37.41 9.71
N GLY H 137 -14.32 37.61 10.91
CA GLY H 137 -15.17 37.53 12.11
C GLY H 137 -15.58 36.13 12.45
N GLU H 138 -14.81 35.14 11.99
CA GLU H 138 -15.19 33.77 12.25
C GLU H 138 -14.03 32.98 12.79
N ALA H 139 -13.18 33.64 13.57
CA ALA H 139 -12.12 32.93 14.25
C ALA H 139 -12.61 31.86 15.20
N ALA H 140 -11.80 30.83 15.35
CA ALA H 140 -11.92 29.87 16.44
C ALA H 140 -10.78 30.19 17.37
N SER H 141 -11.10 30.74 18.53
CA SER H 141 -10.11 31.21 19.49
C SER H 141 -10.22 30.51 20.84
N VAL H 142 -9.07 30.33 21.48
CA VAL H 142 -9.08 29.72 22.79
C VAL H 142 -8.17 30.59 23.70
N MET H 143 -8.60 30.78 24.94
CA MET H 143 -7.77 31.53 25.93
C MET H 143 -7.33 30.64 27.10
N SER H 144 -6.14 30.94 27.63
CA SER H 144 -5.74 30.36 28.91
C SER H 144 -5.37 31.52 29.87
N LEU H 145 -5.57 31.27 31.16
CA LEU H 145 -5.37 32.32 32.20
C LEU H 145 -4.09 32.11 32.97
N GLY H 146 -3.32 33.17 33.08
CA GLY H 146 -2.17 33.16 33.96
C GLY H 146 -2.62 33.10 35.43
N GLY H 147 -1.64 32.90 36.32
CA GLY H 147 -1.92 32.68 37.76
C GLY H 147 -2.63 33.82 38.48
N ALA H 148 -2.49 35.04 37.97
CA ALA H 148 -3.18 36.19 38.59
C ALA H 148 -4.27 36.84 37.75
N ALA H 149 -4.60 36.23 36.63
CA ALA H 149 -5.68 36.77 35.81
C ALA H 149 -6.96 36.48 36.54
N THR H 150 -7.79 37.49 36.71
CA THR H 150 -9.06 37.29 37.41
C THR H 150 -10.21 36.85 36.49
N GLU H 151 -11.33 36.49 37.11
CA GLU H 151 -12.55 36.14 36.37
C GLU H 151 -13.02 37.31 35.52
N GLU H 152 -12.90 38.52 36.06
CA GLU H 152 -13.34 39.71 35.36
C GLU H 152 -12.40 39.97 34.17
N ASP H 153 -11.10 39.75 34.39
CA ASP H 153 -10.11 39.84 33.31
C ASP H 153 -10.52 38.89 32.15
N ALA H 154 -10.86 37.66 32.51
CA ALA H 154 -11.29 36.66 31.52
C ALA H 154 -12.53 37.12 30.77
N ASN H 155 -13.53 37.67 31.50
CA ASN H 155 -14.73 38.14 30.85
C ASN H 155 -14.41 39.26 29.84
N LEU H 156 -13.50 40.12 30.23
CA LEU H 156 -13.11 41.18 29.36
C LEU H 156 -12.53 40.62 28.03
N ILE H 157 -11.64 39.66 28.15
CA ILE H 157 -10.97 39.06 26.96
C ILE H 157 -11.98 38.18 26.14
N SER H 158 -12.96 37.55 26.79
CA SER H 158 -14.00 36.85 26.05
C SER H 158 -14.76 37.76 25.19
N GLN H 159 -15.11 38.92 25.74
CA GLN H 159 -15.90 39.95 25.02
C GLN H 159 -15.09 40.47 23.83
N LEU H 160 -13.80 40.63 24.06
CA LEU H 160 -12.97 41.13 23.03
C LEU H 160 -12.79 40.15 21.84
N PHE H 161 -12.47 38.92 22.15
CA PHE H 161 -12.33 37.88 21.11
C PHE H 161 -13.62 37.27 20.61
N GLY H 162 -14.70 37.41 21.40
CA GLY H 162 -16.06 37.16 20.94
C GLY H 162 -16.48 38.11 19.82
N SER H 163 -15.77 39.19 19.64
CA SER H 163 -16.11 40.14 18.60
C SER H 163 -15.57 39.73 17.24
N ILE H 164 -14.68 38.74 17.20
CA ILE H 164 -14.07 38.27 15.90
C ILE H 164 -14.29 36.77 15.59
N GLY H 165 -15.16 36.15 16.38
CA GLY H 165 -15.46 34.77 16.21
C GLY H 165 -15.93 34.16 17.50
N LYS H 166 -15.69 32.88 17.69
CA LYS H 166 -16.03 32.22 18.91
C LYS H 166 -14.77 32.12 19.79
N ILE H 167 -14.97 32.06 21.09
CA ILE H 167 -13.88 31.98 22.07
C ILE H 167 -14.19 31.02 23.21
N TRP H 168 -13.29 30.13 23.47
CA TRP H 168 -13.43 29.14 24.55
C TRP H 168 -12.22 29.29 25.49
N LYS H 169 -12.24 28.59 26.61
CA LYS H 169 -11.17 28.63 27.61
C LYS H 169 -10.59 27.27 27.80
N ALA H 170 -9.28 27.17 27.99
CA ALA H 170 -8.69 25.94 28.25
C ALA H 170 -7.35 26.10 28.91
N ASP H 171 -6.93 25.05 29.56
CA ASP H 171 -5.61 25.03 30.17
C ASP H 171 -4.53 25.13 29.11
N ASP H 172 -3.46 25.77 29.50
CA ASP H 172 -2.35 26.00 28.63
C ASP H 172 -1.80 24.71 28.07
N LYS H 173 -1.92 23.59 28.81
CA LYS H 173 -1.30 22.39 28.34
C LYS H 173 -1.94 21.83 27.00
N TYR H 174 -3.14 22.27 26.69
CA TYR H 174 -3.86 21.87 25.52
C TYR H 174 -3.48 22.68 24.27
N PHE H 175 -2.66 23.72 24.43
CA PHE H 175 -2.45 24.63 23.30
C PHE H 175 -1.67 24.05 22.10
N ASP H 176 -0.80 23.10 22.32
CA ASP H 176 -0.16 22.48 21.11
C ASP H 176 -1.18 21.79 20.22
N ALA H 177 -2.11 21.09 20.84
CA ALA H 177 -3.18 20.42 20.13
C ALA H 177 -4.18 21.41 19.52
N ILE H 178 -4.52 22.45 20.25
CA ILE H 178 -5.30 23.52 19.69
C ILE H 178 -4.64 24.08 18.39
N THR H 179 -3.33 24.28 18.46
CA THR H 179 -2.60 24.88 17.37
C THR H 179 -2.73 23.95 16.16
N GLY H 180 -2.66 22.64 16.41
CA GLY H 180 -2.73 21.68 15.29
C GLY H 180 -4.08 21.51 14.69
N LEU H 181 -5.13 21.86 15.47
CA LEU H 181 -6.52 21.74 15.05
C LEU H 181 -7.10 23.04 14.53
N SER H 182 -7.32 24.02 15.38
CA SER H 182 -7.92 25.25 14.90
C SER H 182 -6.94 26.25 14.31
N GLY H 183 -5.70 26.21 14.75
CA GLY H 183 -4.71 27.06 14.15
C GLY H 183 -4.31 26.67 12.73
N SER H 184 -4.00 25.40 12.56
CA SER H 184 -3.52 24.85 11.36
C SER H 184 -4.61 24.28 10.47
N GLY H 185 -5.75 23.91 11.06
CA GLY H 185 -6.85 23.29 10.28
C GLY H 185 -7.40 24.04 9.06
N PRO H 186 -7.33 25.39 9.05
CA PRO H 186 -7.87 26.04 7.87
C PRO H 186 -7.18 25.58 6.60
N ALA H 187 -5.90 25.28 6.65
CA ALA H 187 -5.19 24.86 5.46
C ALA H 187 -5.71 23.52 4.95
N TYR H 188 -6.09 22.65 5.92
CA TYR H 188 -6.60 21.33 5.57
C TYR H 188 -7.87 21.53 4.80
N ILE H 189 -8.67 22.48 5.20
CA ILE H 189 -9.91 22.78 4.52
C ILE H 189 -9.69 23.49 3.18
N TYR H 190 -8.65 24.31 3.05
CA TYR H 190 -8.34 24.89 1.75
C TYR H 190 -7.95 23.83 0.74
N LEU H 191 -7.16 22.86 1.16
CA LEU H 191 -6.85 21.69 0.31
C LEU H 191 -8.14 20.99 -0.06
N ALA H 192 -9.00 20.80 0.93
CA ALA H 192 -10.26 20.10 0.67
C ALA H 192 -11.14 20.81 -0.37
N ILE H 193 -11.23 22.11 -0.27
CA ILE H 193 -12.01 22.92 -1.20
C ILE H 193 -11.44 22.81 -2.62
N GLU H 194 -10.15 22.88 -2.72
CA GLU H 194 -9.54 22.74 -4.05
C GLU H 194 -9.76 21.35 -4.63
N ALA H 195 -9.65 20.33 -3.76
CA ALA H 195 -9.84 18.97 -4.20
C ALA H 195 -11.23 18.70 -4.64
N LEU H 196 -12.18 19.20 -3.89
CA LEU H 196 -13.59 19.09 -4.29
C LEU H 196 -13.85 19.77 -5.64
N ALA H 197 -13.25 20.95 -5.86
CA ALA H 197 -13.41 21.64 -7.14
C ALA H 197 -12.76 20.85 -8.28
N ASP H 198 -11.56 20.34 -8.05
CA ASP H 198 -10.91 19.45 -9.02
C ASP H 198 -11.75 18.22 -9.33
N GLY H 199 -12.37 17.67 -8.29
CA GLY H 199 -13.21 16.50 -8.47
C GLY H 199 -14.46 16.85 -9.32
N GLY H 200 -15.07 17.99 -9.06
CA GLY H 200 -16.14 18.47 -9.92
C GLY H 200 -15.73 18.61 -11.37
N VAL H 201 -14.57 19.21 -11.61
CA VAL H 201 -14.07 19.39 -12.98
C VAL H 201 -13.78 17.99 -13.60
N ALA H 202 -13.26 17.05 -12.78
CA ALA H 202 -13.01 15.70 -13.27
C ALA H 202 -14.32 15.01 -13.68
N ALA H 203 -15.41 15.35 -13.02
CA ALA H 203 -16.71 14.85 -13.32
C ALA H 203 -17.44 15.65 -14.36
N GLY H 204 -16.78 16.64 -14.93
CA GLY H 204 -17.33 17.36 -16.08
C GLY H 204 -17.85 18.77 -15.82
N LEU H 205 -17.70 19.30 -14.60
CA LEU H 205 -18.18 20.63 -14.34
C LEU H 205 -17.23 21.73 -14.80
N PRO H 206 -17.79 22.87 -15.18
CA PRO H 206 -16.96 24.09 -15.38
C PRO H 206 -16.22 24.46 -14.12
N ARG H 207 -15.00 24.95 -14.27
CA ARG H 207 -14.16 25.33 -13.12
C ARG H 207 -14.79 26.39 -12.20
N ASP H 208 -15.33 27.50 -12.68
N ASP H 208 -15.34 27.45 -12.76
CA ASP H 208 -15.85 28.53 -11.80
CA ASP H 208 -15.87 28.52 -11.90
C ASP H 208 -17.01 28.01 -10.98
C ASP H 208 -16.99 27.99 -11.03
N LEU H 209 -17.86 27.21 -11.61
CA LEU H 209 -18.97 26.67 -10.89
C LEU H 209 -18.47 25.62 -9.86
N ALA H 210 -17.50 24.80 -10.25
CA ALA H 210 -17.01 23.77 -9.36
C ALA H 210 -16.44 24.41 -8.07
N LEU H 211 -15.67 25.46 -8.24
CA LEU H 211 -15.07 26.13 -7.08
C LEU H 211 -16.08 26.87 -6.22
N SER H 212 -17.03 27.55 -6.86
CA SER H 212 -18.14 28.19 -6.14
C SER H 212 -18.95 27.16 -5.33
N LEU H 213 -19.28 26.05 -5.96
CA LEU H 213 -20.00 25.00 -5.26
C LEU H 213 -19.21 24.40 -4.13
N ALA H 214 -17.94 24.15 -4.35
CA ALA H 214 -17.13 23.55 -3.33
C ALA H 214 -17.10 24.42 -2.07
N SER H 215 -16.80 25.71 -2.25
CA SER H 215 -16.67 26.60 -1.12
C SER H 215 -17.99 26.72 -0.35
N GLN H 216 -19.10 26.82 -1.09
CA GLN H 216 -20.38 27.02 -0.41
C GLN H 216 -20.91 25.72 0.23
N THR H 217 -20.59 24.58 -0.37
CA THR H 217 -20.88 23.30 0.24
C THR H 217 -20.22 23.09 1.59
N VAL H 218 -18.90 23.43 1.67
CA VAL H 218 -18.20 23.36 2.90
C VAL H 218 -18.79 24.32 3.94
N LEU H 219 -19.09 25.55 3.54
CA LEU H 219 -19.65 26.52 4.43
C LEU H 219 -20.99 26.03 4.98
N GLY H 220 -21.82 25.54 4.08
CA GLY H 220 -23.11 25.04 4.48
C GLY H 220 -23.06 23.88 5.43
N ALA H 221 -22.25 22.91 5.13
CA ALA H 221 -22.10 21.75 6.03
C ALA H 221 -21.61 22.17 7.43
N ALA H 222 -20.63 23.07 7.47
CA ALA H 222 -20.12 23.55 8.74
C ALA H 222 -21.17 24.37 9.49
N SER H 223 -22.00 25.13 8.76
CA SER H 223 -23.08 25.82 9.44
C SER H 223 -24.12 24.89 10.04
N MET H 224 -24.38 23.81 9.33
CA MET H 224 -25.28 22.76 9.87
C MET H 224 -24.72 22.16 11.15
N ALA H 225 -23.44 21.89 11.16
CA ALA H 225 -22.83 21.28 12.30
C ALA H 225 -22.85 22.25 13.47
N THR H 226 -22.63 23.51 13.17
CA THR H 226 -22.60 24.50 14.21
C THR H 226 -23.98 24.75 14.82
N GLN H 227 -25.00 24.80 14.00
CA GLN H 227 -26.32 25.20 14.48
C GLN H 227 -27.25 24.07 14.87
N SER H 228 -27.02 22.85 14.39
CA SER H 228 -28.04 21.85 14.48
C SER H 228 -28.17 21.17 15.84
N GLY H 229 -27.16 21.28 16.65
N GLY H 229 -27.12 21.27 16.64
CA GLY H 229 -27.14 20.49 17.85
CA GLY H 229 -26.96 20.46 17.82
C GLY H 229 -26.95 18.99 17.62
C GLY H 229 -26.13 19.19 17.56
N LYS H 230 -26.49 18.57 16.42
CA LYS H 230 -26.36 17.14 16.19
C LYS H 230 -24.92 16.68 16.11
N HIS H 231 -24.70 15.42 16.43
CA HIS H 231 -23.42 14.80 16.24
C HIS H 231 -23.17 14.72 14.74
N PRO H 232 -21.94 14.90 14.33
CA PRO H 232 -21.65 14.74 12.88
C PRO H 232 -22.03 13.46 12.27
N GLY H 233 -21.98 12.37 13.03
CA GLY H 233 -22.47 11.06 12.52
C GLY H 233 -23.97 11.06 12.21
N GLN H 234 -24.73 11.76 13.03
CA GLN H 234 -26.13 11.91 12.79
C GLN H 234 -26.37 12.74 11.55
N LEU H 235 -25.64 13.81 11.37
CA LEU H 235 -25.76 14.62 10.18
C LEU H 235 -25.41 13.82 8.91
N LYS H 236 -24.35 13.01 8.97
CA LYS H 236 -23.99 12.14 7.87
C LYS H 236 -25.14 11.13 7.61
N ASP H 237 -25.74 10.58 8.66
CA ASP H 237 -26.88 9.69 8.51
C ASP H 237 -28.07 10.41 7.85
N ASP H 238 -28.31 11.67 8.20
CA ASP H 238 -29.42 12.42 7.61
C ASP H 238 -29.30 12.56 6.13
N VAL H 239 -28.11 12.60 5.56
CA VAL H 239 -28.01 12.84 4.14
C VAL H 239 -27.65 11.61 3.30
N THR H 240 -27.39 10.49 3.93
CA THR H 240 -26.97 9.31 3.17
C THR H 240 -28.18 8.39 2.87
N SER H 241 -28.91 8.73 1.83
CA SER H 241 -30.10 7.95 1.49
C SER H 241 -29.68 6.55 0.94
N PRO H 242 -30.53 5.54 1.15
CA PRO H 242 -30.16 4.16 0.81
C PRO H 242 -29.71 3.98 -0.61
N GLY H 243 -28.54 3.41 -0.81
CA GLY H 243 -28.05 3.14 -2.17
C GLY H 243 -27.88 4.37 -3.05
N GLY H 244 -27.78 5.54 -2.44
CA GLY H 244 -27.77 6.78 -3.21
C GLY H 244 -26.37 7.35 -3.55
N THR H 245 -26.37 8.59 -4.07
CA THR H 245 -25.12 9.18 -4.50
C THR H 245 -24.17 9.47 -3.32
N THR H 246 -24.74 9.96 -2.23
CA THR H 246 -23.96 10.38 -1.08
C THR H 246 -23.19 9.22 -0.46
N ILE H 247 -23.88 8.08 -0.21
CA ILE H 247 -23.20 6.94 0.39
C ILE H 247 -22.18 6.41 -0.56
N ALA H 248 -22.42 6.49 -1.88
CA ALA H 248 -21.37 6.07 -2.81
C ALA H 248 -20.08 6.90 -2.62
N GLY H 249 -20.22 8.21 -2.45
CA GLY H 249 -19.10 9.09 -2.20
C GLY H 249 -18.45 8.80 -0.85
N VAL H 250 -19.26 8.69 0.17
CA VAL H 250 -18.79 8.37 1.52
C VAL H 250 -18.00 7.03 1.54
N HIS H 251 -18.50 6.03 0.83
CA HIS H 251 -17.82 4.75 0.76
C HIS H 251 -16.42 4.93 0.22
N GLU H 252 -16.26 5.77 -0.83
CA GLU H 252 -14.91 6.00 -1.37
C GLU H 252 -14.01 6.61 -0.36
N LEU H 253 -14.54 7.52 0.45
CA LEU H 253 -13.73 8.13 1.46
C LEU H 253 -13.29 7.08 2.51
N GLU H 254 -14.22 6.21 2.93
CA GLU H 254 -13.91 5.23 3.93
C GLU H 254 -12.97 4.17 3.41
N LYS H 255 -13.11 3.77 2.15
CA LYS H 255 -12.17 2.82 1.56
CA LYS H 255 -12.17 2.82 1.56
C LYS H 255 -10.73 3.31 1.69
N ALA H 256 -10.55 4.61 1.59
CA ALA H 256 -9.21 5.17 1.55
C ALA H 256 -8.70 5.62 2.93
N GLY H 257 -9.55 5.52 3.94
CA GLY H 257 -9.10 5.92 5.30
C GLY H 257 -9.01 7.44 5.48
N PHE H 258 -9.92 8.13 4.83
CA PHE H 258 -10.07 9.63 4.89
C PHE H 258 -10.01 10.12 6.30
N ARG H 259 -10.83 9.54 7.18
CA ARG H 259 -10.85 10.06 8.55
C ARG H 259 -9.49 9.99 9.22
N GLY H 260 -8.83 8.85 9.07
CA GLY H 260 -7.55 8.65 9.67
C GLY H 260 -6.50 9.61 9.13
N ILE H 261 -6.66 10.03 7.90
CA ILE H 261 -5.69 10.99 7.28
C ILE H 261 -5.80 12.37 7.90
N LEU H 262 -7.02 12.79 8.16
CA LEU H 262 -7.21 14.02 8.88
C LEU H 262 -6.74 13.94 10.32
N MET H 263 -6.94 12.78 10.95
CA MET H 263 -6.42 12.58 12.28
C MET H 263 -4.86 12.73 12.26
N ASN H 264 -4.25 12.05 11.32
CA ASN H 264 -2.83 12.12 11.14
C ASN H 264 -2.35 13.56 11.03
N ALA H 265 -3.06 14.39 10.32
CA ALA H 265 -2.63 15.80 10.10
C ALA H 265 -2.69 16.61 11.39
N VAL H 266 -3.80 16.46 12.15
CA VAL H 266 -3.90 17.13 13.45
C VAL H 266 -2.76 16.69 14.39
N VAL H 267 -2.56 15.38 14.51
CA VAL H 267 -1.53 14.86 15.34
C VAL H 267 -0.13 15.36 14.94
N ALA H 268 0.17 15.38 13.64
CA ALA H 268 1.45 15.80 13.22
C ALA H 268 1.68 17.26 13.48
N ALA H 269 0.66 18.04 13.22
CA ALA H 269 0.75 19.48 13.47
C ALA H 269 0.94 19.79 14.98
N ALA H 270 0.22 19.09 15.82
CA ALA H 270 0.35 19.22 17.28
C ALA H 270 1.75 18.80 17.80
N LYS H 271 2.28 17.74 17.26
CA LYS H 271 3.60 17.34 17.54
C LYS H 271 4.64 18.37 17.08
N ARG H 272 4.45 18.91 15.90
CA ARG H 272 5.33 20.01 15.44
C ARG H 272 5.27 21.19 16.39
N SER H 273 4.06 21.55 16.81
CA SER H 273 3.91 22.65 17.77
C SER H 273 4.74 22.42 19.04
N GLN H 274 4.70 21.22 19.54
CA GLN H 274 5.44 20.85 20.72
C GLN H 274 6.93 20.94 20.44
N GLU H 275 7.36 20.46 19.29
CA GLU H 275 8.76 20.51 18.94
C GLU H 275 9.28 21.92 18.77
N LEU H 276 8.43 22.83 18.35
CA LEU H 276 8.87 24.22 18.20
C LEU H 276 8.91 24.97 19.53
N SER H 277 8.38 24.34 20.54
CA SER H 277 8.39 24.65 21.99
C SER H 277 7.00 24.84 22.46
N ILE I 6 -59.07 -17.65 3.23
CA ILE I 6 -58.23 -16.75 4.12
C ILE I 6 -59.01 -16.44 5.42
N ILE I 7 -59.17 -17.51 6.20
CA ILE I 7 -59.71 -17.47 7.57
C ILE I 7 -58.56 -17.03 8.49
N PRO I 8 -58.79 -16.07 9.43
CA PRO I 8 -57.74 -15.73 10.39
C PRO I 8 -57.27 -16.94 11.19
N ILE I 9 -55.97 -17.01 11.46
CA ILE I 9 -55.38 -18.10 12.19
C ILE I 9 -55.62 -17.80 13.69
N PRO I 10 -56.14 -18.77 14.48
CA PRO I 10 -56.45 -18.50 15.90
C PRO I 10 -55.21 -18.23 16.71
N ALA I 11 -55.07 -16.98 17.12
CA ALA I 11 -53.81 -16.50 17.68
C ALA I 11 -53.30 -17.31 18.86
N ASP I 12 -54.21 -17.80 19.69
CA ASP I 12 -53.86 -18.48 20.95
C ASP I 12 -53.87 -19.97 20.89
N SER I 13 -54.32 -20.54 19.80
CA SER I 13 -54.46 -21.98 19.75
C SER I 13 -53.94 -22.60 18.46
N TYR I 14 -53.29 -21.82 17.58
CA TYR I 14 -52.89 -22.39 16.30
C TYR I 14 -51.82 -23.46 16.47
N THR I 15 -51.74 -24.32 15.51
CA THR I 15 -50.71 -25.33 15.49
C THR I 15 -49.68 -24.95 14.40
N LEU I 16 -48.45 -25.27 14.70
CA LEU I 16 -47.32 -24.93 13.87
C LEU I 16 -46.63 -26.19 13.39
N GLY I 17 -46.31 -26.22 12.10
CA GLY I 17 -45.57 -27.34 11.54
C GLY I 17 -44.27 -26.91 10.93
N PHE I 18 -43.23 -27.70 11.12
CA PHE I 18 -41.95 -27.49 10.41
C PHE I 18 -41.73 -28.57 9.36
N ILE I 19 -41.43 -28.10 8.16
CA ILE I 19 -40.96 -28.93 7.10
C ILE I 19 -39.46 -28.74 6.96
N GLY I 20 -38.72 -29.76 7.40
CA GLY I 20 -37.30 -29.69 7.48
C GLY I 20 -36.94 -29.56 8.94
N ALA I 21 -36.67 -30.69 9.58
CA ALA I 21 -36.48 -30.77 11.04
C ALA I 21 -35.02 -30.50 11.44
N GLY I 22 -34.46 -29.41 10.94
CA GLY I 22 -33.08 -29.10 11.15
C GLY I 22 -32.79 -28.21 12.35
N LYS I 23 -31.62 -27.56 12.30
CA LYS I 23 -31.16 -26.67 13.37
C LYS I 23 -32.04 -25.46 13.53
N MET I 24 -32.39 -24.80 12.42
CA MET I 24 -33.18 -23.58 12.52
C MET I 24 -34.60 -23.91 13.05
N ALA I 25 -35.19 -24.97 12.53
CA ALA I 25 -36.49 -25.41 13.04
C ALA I 25 -36.45 -25.66 14.57
N GLU I 26 -35.42 -26.36 14.99
CA GLU I 26 -35.22 -26.67 16.41
C GLU I 26 -35.06 -25.37 17.25
N SER I 27 -34.28 -24.42 16.75
CA SER I 27 -34.16 -23.13 17.45
C SER I 27 -35.47 -22.39 17.60
N ILE I 28 -36.25 -22.36 16.52
CA ILE I 28 -37.52 -21.66 16.54
C ILE I 28 -38.53 -22.40 17.50
N ALA I 29 -38.58 -23.71 17.39
CA ALA I 29 -39.41 -24.46 18.27
C ALA I 29 -39.09 -24.22 19.73
N LYS I 30 -37.81 -24.34 20.07
CA LYS I 30 -37.44 -24.15 21.44
C LYS I 30 -37.77 -22.74 21.91
N GLY I 31 -37.45 -21.74 21.09
CA GLY I 31 -37.75 -20.35 21.46
C GLY I 31 -39.26 -20.14 21.71
N ALA I 32 -40.09 -20.65 20.83
CA ALA I 32 -41.50 -20.46 20.97
C ALA I 32 -42.07 -21.20 22.25
N VAL I 33 -41.51 -22.38 22.55
CA VAL I 33 -41.89 -23.11 23.78
C VAL I 33 -41.46 -22.31 25.03
N ARG I 34 -40.21 -21.87 25.02
CA ARG I 34 -39.67 -21.07 26.09
C ARG I 34 -40.50 -19.83 26.35
N SER I 35 -40.89 -19.11 25.32
CA SER I 35 -41.59 -17.86 25.53
C SER I 35 -43.06 -18.10 25.84
N GLY I 36 -43.55 -19.31 25.72
CA GLY I 36 -44.93 -19.55 25.96
C GLY I 36 -45.83 -19.20 24.80
N VAL I 37 -45.25 -18.82 23.66
CA VAL I 37 -46.06 -18.56 22.44
C VAL I 37 -46.72 -19.83 21.91
N LEU I 38 -46.01 -20.93 22.07
CA LEU I 38 -46.53 -22.25 21.74
C LEU I 38 -46.21 -23.23 22.85
N SER I 39 -46.90 -24.33 22.85
CA SER I 39 -46.59 -25.47 23.71
C SER I 39 -46.13 -26.58 22.78
N PRO I 40 -45.36 -27.54 23.29
CA PRO I 40 -44.88 -28.61 22.40
C PRO I 40 -45.97 -29.42 21.72
N SER I 41 -47.12 -29.56 22.36
CA SER I 41 -48.21 -30.31 21.74
C SER I 41 -48.79 -29.60 20.51
N ARG I 42 -48.55 -28.31 20.38
CA ARG I 42 -49.03 -27.53 19.23
C ARG I 42 -48.00 -27.46 18.07
N ILE I 43 -46.90 -28.20 18.18
CA ILE I 43 -45.86 -28.18 17.18
C ILE I 43 -45.69 -29.58 16.62
N LYS I 44 -45.51 -29.65 15.29
CA LYS I 44 -45.27 -30.94 14.62
C LYS I 44 -44.14 -30.82 13.63
N THR I 45 -43.41 -31.91 13.44
CA THR I 45 -42.49 -31.98 12.31
C THR I 45 -42.39 -33.45 11.80
N ALA I 46 -41.59 -33.66 10.75
CA ALA I 46 -41.33 -35.01 10.20
C ALA I 46 -39.87 -35.09 9.81
N ILE I 47 -39.25 -36.23 10.09
CA ILE I 47 -37.82 -36.41 9.78
C ILE I 47 -37.63 -36.80 8.35
N HIS I 48 -36.42 -36.64 7.85
CA HIS I 48 -36.12 -37.04 6.50
C HIS I 48 -35.31 -38.36 6.55
N SER I 49 -33.98 -38.30 6.58
CA SER I 49 -33.14 -39.51 6.61
C SER I 49 -32.45 -39.72 7.94
N ASN I 50 -32.04 -38.62 8.56
CA ASN I 50 -31.34 -38.64 9.85
C ASN I 50 -32.22 -38.85 11.09
N PRO I 51 -32.11 -40.02 11.75
CA PRO I 51 -33.00 -40.29 12.90
C PRO I 51 -32.60 -39.57 14.17
N ALA I 52 -31.41 -39.01 14.21
CA ALA I 52 -30.98 -38.18 15.37
C ALA I 52 -31.83 -36.93 15.52
N ARG I 53 -32.39 -36.46 14.40
CA ARG I 53 -33.28 -35.30 14.44
C ARG I 53 -34.58 -35.66 15.16
N ARG I 54 -34.99 -36.91 15.05
CA ARG I 54 -36.23 -37.35 15.75
C ARG I 54 -36.06 -37.13 17.25
N THR I 55 -34.89 -37.50 17.75
CA THR I 55 -34.60 -37.43 19.19
C THR I 55 -34.52 -36.02 19.69
N ALA I 56 -33.89 -35.17 18.90
CA ALA I 56 -33.89 -33.75 19.16
C ALA I 56 -35.30 -33.13 19.37
N PHE I 57 -36.26 -33.44 18.50
CA PHE I 57 -37.63 -32.91 18.67
C PHE I 57 -38.43 -33.63 19.77
N GLU I 58 -38.30 -34.94 19.83
CA GLU I 58 -39.05 -35.71 20.85
C GLU I 58 -38.61 -35.30 22.23
N SER I 59 -37.33 -34.99 22.40
CA SER I 59 -36.86 -34.58 23.72
C SER I 59 -37.36 -33.21 24.14
N ILE I 60 -37.98 -32.47 23.26
CA ILE I 60 -38.60 -31.24 23.62
C ILE I 60 -40.10 -31.42 23.84
N GLY I 61 -40.59 -32.63 23.67
CA GLY I 61 -42.02 -32.92 23.82
C GLY I 61 -42.81 -32.81 22.54
N ILE I 62 -42.12 -32.75 21.42
CA ILE I 62 -42.79 -32.49 20.16
C ILE I 62 -43.03 -33.78 19.46
N THR I 63 -44.23 -33.94 18.92
CA THR I 63 -44.54 -35.14 18.10
C THR I 63 -44.00 -35.10 16.69
N VAL I 64 -43.28 -36.18 16.35
CA VAL I 64 -42.69 -36.35 15.03
C VAL I 64 -43.57 -37.26 14.21
N LEU I 65 -44.23 -36.69 13.20
CA LEU I 65 -45.13 -37.42 12.32
C LEU I 65 -44.34 -38.14 11.25
N SER I 66 -45.03 -39.01 10.50
CA SER I 66 -44.33 -39.92 9.61
C SER I 66 -44.13 -39.32 8.21
N SER I 67 -44.78 -38.21 7.87
CA SER I 67 -44.54 -37.56 6.56
C SER I 67 -44.77 -36.07 6.56
N ASN I 68 -44.20 -35.42 5.56
CA ASN I 68 -44.41 -33.98 5.40
C ASN I 68 -45.89 -33.68 5.22
N ASP I 69 -46.56 -34.55 4.46
CA ASP I 69 -48.00 -34.37 4.19
C ASP I 69 -48.84 -34.29 5.49
N ASP I 70 -48.58 -35.21 6.41
CA ASP I 70 -49.24 -35.18 7.72
C ASP I 70 -48.94 -33.89 8.52
N VAL I 71 -47.70 -33.43 8.45
CA VAL I 71 -47.37 -32.17 9.14
C VAL I 71 -48.23 -31.04 8.61
N VAL I 72 -48.32 -30.94 7.30
CA VAL I 72 -49.11 -29.88 6.68
C VAL I 72 -50.58 -30.00 7.08
N ARG I 73 -51.12 -31.22 6.99
CA ARG I 73 -52.53 -31.45 7.32
C ARG I 73 -52.86 -31.03 8.72
N ASP I 74 -51.97 -31.34 9.63
CA ASP I 74 -52.23 -31.02 11.02
C ASP I 74 -51.90 -29.58 11.44
N SER I 75 -51.43 -28.73 10.52
CA SER I 75 -50.91 -27.44 10.95
C SER I 75 -51.68 -26.28 10.35
N ASN I 76 -51.85 -25.21 11.12
CA ASN I 76 -52.41 -23.94 10.64
C ASN I 76 -51.33 -23.04 9.98
N VAL I 77 -50.12 -23.15 10.49
CA VAL I 77 -48.98 -22.38 10.05
C VAL I 77 -47.88 -23.35 9.75
N VAL I 78 -47.34 -23.24 8.55
CA VAL I 78 -46.30 -24.17 8.08
C VAL I 78 -45.03 -23.39 7.79
N VAL I 79 -43.98 -23.79 8.46
CA VAL I 79 -42.66 -23.20 8.24
C VAL I 79 -41.79 -24.10 7.43
N PHE I 80 -41.34 -23.58 6.27
CA PHE I 80 -40.36 -24.30 5.44
C PHE I 80 -38.97 -23.97 5.88
N SER I 81 -38.30 -25.00 6.40
CA SER I 81 -36.96 -24.90 6.95
C SER I 81 -35.98 -25.96 6.43
N VAL I 82 -36.13 -26.27 5.17
CA VAL I 82 -35.13 -27.05 4.42
C VAL I 82 -34.13 -26.11 3.74
N LYS I 83 -33.01 -26.65 3.30
CA LYS I 83 -32.02 -25.89 2.58
C LYS I 83 -32.62 -25.29 1.32
N PRO I 84 -32.14 -24.12 0.93
CA PRO I 84 -32.82 -23.39 -0.15
C PRO I 84 -32.92 -24.17 -1.48
N GLN I 85 -31.85 -24.83 -1.86
CA GLN I 85 -31.84 -25.55 -3.14
C GLN I 85 -32.81 -26.79 -3.14
N LEU I 86 -33.34 -27.18 -2.01
CA LEU I 86 -34.34 -28.24 -1.92
C LEU I 86 -35.77 -27.73 -1.84
N LEU I 87 -35.93 -26.42 -1.63
CA LEU I 87 -37.25 -25.92 -1.25
C LEU I 87 -38.29 -26.02 -2.37
N LYS I 88 -37.87 -25.70 -3.59
CA LYS I 88 -38.84 -25.68 -4.71
C LYS I 88 -39.54 -27.03 -4.82
N ASP I 89 -38.77 -28.10 -4.87
CA ASP I 89 -39.38 -29.45 -5.01
C ASP I 89 -40.21 -29.85 -3.85
N VAL I 90 -39.77 -29.46 -2.66
CA VAL I 90 -40.55 -29.76 -1.45
C VAL I 90 -41.96 -29.09 -1.46
N VAL I 91 -41.98 -27.82 -1.87
CA VAL I 91 -43.23 -27.07 -1.97
C VAL I 91 -44.14 -27.62 -3.10
N LEU I 92 -43.52 -27.89 -4.24
CA LEU I 92 -44.29 -28.51 -5.38
C LEU I 92 -44.93 -29.80 -4.95
N LYS I 93 -44.19 -30.66 -4.24
CA LYS I 93 -44.77 -31.96 -3.82
C LYS I 93 -45.93 -31.76 -2.86
N LEU I 94 -45.88 -30.74 -2.01
CA LEU I 94 -46.92 -30.51 -1.01
C LEU I 94 -48.08 -29.66 -1.49
N LYS I 95 -47.92 -29.13 -2.69
CA LYS I 95 -48.83 -28.14 -3.18
C LYS I 95 -50.35 -28.45 -3.01
N PRO I 96 -50.80 -29.69 -3.31
CA PRO I 96 -52.24 -29.99 -3.16
C PRO I 96 -52.79 -29.76 -1.77
N LEU I 97 -51.91 -29.87 -0.76
CA LEU I 97 -52.29 -29.65 0.65
C LEU I 97 -52.13 -28.19 1.13
N LEU I 98 -51.51 -27.35 0.30
CA LEU I 98 -51.25 -25.95 0.68
C LEU I 98 -52.47 -25.08 0.40
N THR I 99 -53.52 -25.32 1.15
CA THR I 99 -54.73 -24.56 0.97
C THR I 99 -54.62 -23.20 1.62
N LYS I 100 -55.42 -22.26 1.15
CA LYS I 100 -55.30 -20.84 1.57
C LYS I 100 -55.64 -20.56 3.02
N ASP I 101 -56.21 -21.52 3.72
CA ASP I 101 -56.50 -21.35 5.13
C ASP I 101 -55.26 -21.56 6.00
N LYS I 102 -54.19 -22.05 5.37
CA LYS I 102 -52.90 -22.26 6.05
C LYS I 102 -51.85 -21.19 5.69
N LEU I 103 -51.36 -20.52 6.71
CA LEU I 103 -50.28 -19.51 6.53
C LEU I 103 -48.96 -20.20 6.26
N LEU I 104 -48.30 -19.82 5.17
CA LEU I 104 -46.97 -20.39 4.85
C LEU I 104 -45.85 -19.42 5.17
N VAL I 105 -44.74 -19.99 5.67
CA VAL I 105 -43.54 -19.21 6.05
C VAL I 105 -42.32 -19.90 5.47
N SER I 106 -41.40 -19.11 4.93
CA SER I 106 -40.08 -19.63 4.49
C SER I 106 -38.99 -18.91 5.27
N VAL I 107 -38.05 -19.69 5.81
CA VAL I 107 -36.84 -19.13 6.37
C VAL I 107 -35.65 -19.37 5.47
N ALA I 108 -35.89 -19.85 4.26
CA ALA I 108 -34.77 -20.18 3.36
C ALA I 108 -33.99 -18.96 2.89
N ALA I 109 -32.66 -19.02 3.02
CA ALA I 109 -31.84 -17.93 2.59
C ALA I 109 -31.92 -17.80 1.08
N GLY I 110 -32.07 -16.57 0.60
CA GLY I 110 -31.95 -16.27 -0.82
C GLY I 110 -33.15 -16.62 -1.69
N ILE I 111 -34.25 -17.08 -1.13
CA ILE I 111 -35.42 -17.43 -1.98
C ILE I 111 -36.47 -16.32 -1.88
N LYS I 112 -36.72 -15.68 -3.02
CA LYS I 112 -37.60 -14.52 -3.07
C LYS I 112 -39.07 -14.83 -2.96
N MET I 113 -39.82 -13.85 -2.52
CA MET I 113 -41.27 -13.98 -2.33
C MET I 113 -41.98 -14.33 -3.64
N LYS I 114 -41.55 -13.71 -4.71
CA LYS I 114 -42.14 -14.01 -6.03
C LYS I 114 -42.14 -15.51 -6.34
N ASP I 115 -41.02 -16.16 -6.10
CA ASP I 115 -40.87 -17.61 -6.31
C ASP I 115 -41.63 -18.48 -5.33
N LEU I 116 -41.54 -18.10 -4.07
CA LEU I 116 -42.37 -18.75 -3.05
C LEU I 116 -43.87 -18.82 -3.41
N GLN I 117 -44.42 -17.69 -3.81
CA GLN I 117 -45.83 -17.58 -4.12
C GLN I 117 -46.18 -18.43 -5.36
N GLU I 118 -45.30 -18.35 -6.33
CA GLU I 118 -45.47 -19.09 -7.54
C GLU I 118 -45.45 -20.60 -7.27
N TRP I 119 -44.52 -21.05 -6.45
CA TRP I 119 -44.45 -22.50 -6.16
C TRP I 119 -45.66 -23.01 -5.39
N ALA I 120 -46.09 -22.22 -4.42
CA ALA I 120 -47.22 -22.61 -3.58
C ALA I 120 -48.58 -22.45 -4.28
N GLY I 121 -48.64 -21.53 -5.24
CA GLY I 121 -49.85 -21.27 -5.99
C GLY I 121 -50.79 -20.31 -5.30
N HIS I 122 -50.33 -19.66 -4.26
CA HIS I 122 -51.08 -18.59 -3.64
C HIS I 122 -50.12 -17.65 -2.88
N GLU I 123 -50.66 -16.58 -2.32
CA GLU I 123 -49.87 -15.48 -1.81
C GLU I 123 -49.94 -15.27 -0.29
N ARG I 124 -50.50 -16.23 0.41
CA ARG I 124 -50.56 -16.16 1.87
C ARG I 124 -49.29 -16.80 2.42
N PHE I 125 -48.23 -16.01 2.27
CA PHE I 125 -46.88 -16.46 2.43
C PHE I 125 -46.14 -15.34 3.09
N ILE I 126 -45.33 -15.69 4.09
CA ILE I 126 -44.37 -14.74 4.72
C ILE I 126 -42.96 -15.27 4.63
N ARG I 127 -42.01 -14.41 4.23
CA ARG I 127 -40.62 -14.78 4.19
C ARG I 127 -39.95 -14.16 5.41
N VAL I 128 -39.11 -14.94 6.06
CA VAL I 128 -38.31 -14.47 7.15
C VAL I 128 -36.86 -14.79 6.83
N MET I 129 -35.97 -13.86 7.14
CA MET I 129 -34.53 -14.14 7.15
C MET I 129 -34.02 -13.96 8.56
N PRO I 130 -33.82 -15.07 9.30
CA PRO I 130 -33.20 -15.03 10.61
C PRO I 130 -31.70 -15.08 10.49
N ASN I 131 -30.99 -15.25 11.58
CA ASN I 131 -29.58 -15.50 11.54
C ASN I 131 -29.17 -16.50 12.61
N THR I 132 -27.90 -16.80 12.65
CA THR I 132 -27.40 -17.96 13.39
C THR I 132 -27.64 -17.83 14.89
N ALA I 133 -27.80 -16.60 15.37
CA ALA I 133 -27.94 -16.39 16.82
C ALA I 133 -29.32 -16.78 17.37
N ALA I 134 -30.19 -17.24 16.51
CA ALA I 134 -31.41 -17.85 16.92
C ALA I 134 -31.18 -18.90 17.97
N THR I 135 -30.04 -19.56 17.91
CA THR I 135 -29.70 -20.66 18.86
C THR I 135 -29.70 -20.17 20.28
N VAL I 136 -29.31 -18.92 20.48
CA VAL I 136 -29.30 -18.35 21.85
C VAL I 136 -30.39 -17.28 22.09
N GLY I 137 -31.38 -17.21 21.21
CA GLY I 137 -32.44 -16.25 21.37
C GLY I 137 -32.09 -14.84 21.04
N GLU I 138 -31.04 -14.63 20.24
CA GLU I 138 -30.61 -13.28 19.90
C GLU I 138 -30.44 -13.11 18.36
N ALA I 139 -31.34 -13.78 17.61
CA ALA I 139 -31.38 -13.56 16.21
C ALA I 139 -31.73 -12.10 15.85
N ALA I 140 -31.20 -11.68 14.72
CA ALA I 140 -31.68 -10.51 13.99
C ALA I 140 -32.44 -11.07 12.80
N SER I 141 -33.76 -10.90 12.79
CA SER I 141 -34.62 -11.41 11.78
C SER I 141 -35.42 -10.29 11.09
N VAL I 142 -35.67 -10.50 9.80
CA VAL I 142 -36.55 -9.60 9.02
C VAL I 142 -37.57 -10.40 8.22
N MET I 143 -38.82 -9.93 8.22
CA MET I 143 -39.89 -10.54 7.49
C MET I 143 -40.41 -9.70 6.35
N SER I 144 -40.86 -10.35 5.26
CA SER I 144 -41.53 -9.65 4.18
C SER I 144 -42.83 -10.42 3.93
N LEU I 145 -43.84 -9.69 3.52
CA LEU I 145 -45.19 -10.22 3.38
C LEU I 145 -45.57 -10.46 1.93
N GLY I 146 -46.11 -11.64 1.68
CA GLY I 146 -46.70 -11.93 0.39
C GLY I 146 -47.97 -11.14 0.19
N GLY I 147 -48.49 -11.17 -1.02
CA GLY I 147 -49.66 -10.35 -1.42
C GLY I 147 -50.95 -10.62 -0.62
N ALA I 148 -51.10 -11.82 -0.07
CA ALA I 148 -52.31 -12.15 0.70
C ALA I 148 -52.07 -12.39 2.18
N ALA I 149 -50.87 -12.12 2.64
CA ALA I 149 -50.61 -12.25 4.05
C ALA I 149 -51.29 -11.08 4.75
N THR I 150 -52.03 -11.36 5.80
CA THR I 150 -52.75 -10.29 6.51
C THR I 150 -51.95 -9.66 7.64
N GLU I 151 -52.46 -8.57 8.18
CA GLU I 151 -51.86 -7.91 9.31
C GLU I 151 -51.79 -8.86 10.49
N GLU I 152 -52.83 -9.65 10.66
CA GLU I 152 -52.90 -10.60 11.79
C GLU I 152 -51.89 -11.74 11.56
N ASP I 153 -51.72 -12.14 10.30
CA ASP I 153 -50.65 -13.11 9.93
C ASP I 153 -49.27 -12.59 10.31
N ALA I 154 -49.01 -11.33 9.97
CA ALA I 154 -47.76 -10.67 10.29
C ALA I 154 -47.53 -10.58 11.80
N ASN I 155 -48.57 -10.24 12.55
CA ASN I 155 -48.46 -10.21 14.01
C ASN I 155 -48.13 -11.57 14.59
N LEU I 156 -48.75 -12.59 14.03
CA LEU I 156 -48.47 -13.95 14.46
C LEU I 156 -46.98 -14.34 14.24
N ILE I 157 -46.44 -13.96 13.08
CA ILE I 157 -45.02 -14.23 12.78
C ILE I 157 -44.09 -13.37 13.60
N SER I 158 -44.45 -12.12 13.83
CA SER I 158 -43.69 -11.23 14.65
C SER I 158 -43.52 -11.84 16.06
N GLN I 159 -44.61 -12.38 16.56
CA GLN I 159 -44.62 -12.95 17.93
C GLN I 159 -43.75 -14.22 17.95
N LEU I 160 -43.88 -15.01 16.89
CA LEU I 160 -43.12 -16.24 16.83
C LEU I 160 -41.63 -15.96 16.78
N PHE I 161 -41.20 -15.09 15.87
CA PHE I 161 -39.79 -14.82 15.69
C PHE I 161 -39.24 -13.86 16.74
N GLY I 162 -40.14 -13.12 17.41
CA GLY I 162 -39.77 -12.34 18.62
C GLY I 162 -39.30 -13.28 19.70
N SER I 163 -39.63 -14.55 19.62
CA SER I 163 -39.24 -15.47 20.69
C SER I 163 -37.82 -15.99 20.53
N ILE I 164 -37.19 -15.71 19.39
CA ILE I 164 -35.79 -16.09 19.20
C ILE I 164 -34.83 -14.92 18.89
N GLY I 165 -35.32 -13.69 19.06
CA GLY I 165 -34.50 -12.50 18.92
C GLY I 165 -35.39 -11.33 18.61
N LYS I 166 -34.90 -10.42 17.82
CA LYS I 166 -35.67 -9.28 17.40
C LYS I 166 -36.10 -9.51 15.94
N ILE I 167 -37.18 -8.88 15.54
CA ILE I 167 -37.78 -9.09 14.23
C ILE I 167 -38.32 -7.77 13.70
N TRP I 168 -37.89 -7.41 12.53
CA TRP I 168 -38.32 -6.22 11.84
C TRP I 168 -39.02 -6.63 10.49
N LYS I 169 -39.67 -5.69 9.83
CA LYS I 169 -40.35 -5.90 8.57
C LYS I 169 -39.72 -5.14 7.48
N ALA I 170 -39.60 -5.69 6.29
CA ALA I 170 -39.05 -4.94 5.17
C ALA I 170 -39.48 -5.52 3.86
N ASP I 171 -39.44 -4.69 2.83
CA ASP I 171 -39.78 -5.14 1.49
C ASP I 171 -38.81 -6.19 1.07
N ASP I 172 -39.31 -7.10 0.27
CA ASP I 172 -38.49 -8.19 -0.26
C ASP I 172 -37.25 -7.67 -1.02
N LYS I 173 -37.31 -6.50 -1.63
CA LYS I 173 -36.18 -6.06 -2.43
C LYS I 173 -34.91 -5.72 -1.60
N TYR I 174 -35.05 -5.60 -0.30
CA TYR I 174 -33.94 -5.32 0.60
C TYR I 174 -33.20 -6.59 1.02
N PHE I 175 -33.71 -7.76 0.66
CA PHE I 175 -33.22 -8.97 1.33
C PHE I 175 -31.79 -9.39 0.96
N ASP I 176 -31.33 -9.04 -0.24
CA ASP I 176 -29.90 -9.33 -0.53
C ASP I 176 -28.96 -8.57 0.42
N ALA I 177 -29.28 -7.33 0.65
CA ALA I 177 -28.51 -6.50 1.59
C ALA I 177 -28.67 -6.96 3.03
N ILE I 178 -29.90 -7.37 3.40
CA ILE I 178 -30.14 -7.95 4.78
C ILE I 178 -29.27 -9.21 4.99
N THR I 179 -29.22 -10.02 3.94
CA THR I 179 -28.40 -11.24 3.92
C THR I 179 -26.91 -10.91 4.12
N GLY I 180 -26.44 -9.85 3.50
CA GLY I 180 -25.03 -9.49 3.62
C GLY I 180 -24.67 -8.84 4.93
N LEU I 181 -25.66 -8.26 5.60
CA LEU I 181 -25.48 -7.62 6.88
C LEU I 181 -25.81 -8.53 8.08
N SER I 182 -27.08 -8.82 8.31
CA SER I 182 -27.42 -9.59 9.49
C SER I 182 -27.29 -11.09 9.28
N GLY I 183 -27.44 -11.56 8.04
CA GLY I 183 -27.21 -12.97 7.78
C GLY I 183 -25.75 -13.42 7.82
N SER I 184 -24.89 -12.64 7.21
CA SER I 184 -23.48 -12.94 7.13
C SER I 184 -22.64 -12.30 8.21
N GLY I 185 -23.11 -11.20 8.73
CA GLY I 185 -22.40 -10.40 9.74
C GLY I 185 -21.85 -11.13 10.94
N PRO I 186 -22.52 -12.18 11.38
CA PRO I 186 -21.95 -12.80 12.59
C PRO I 186 -20.55 -13.32 12.37
N ALA I 187 -20.25 -13.78 11.14
CA ALA I 187 -18.87 -14.22 10.85
C ALA I 187 -17.86 -13.08 10.99
N TYR I 188 -18.25 -11.88 10.60
CA TYR I 188 -17.38 -10.74 10.65
C TYR I 188 -17.04 -10.48 12.13
N ILE I 189 -18.02 -10.67 12.98
CA ILE I 189 -17.80 -10.50 14.40
C ILE I 189 -17.05 -11.62 15.03
N TYR I 190 -17.19 -12.86 14.54
CA TYR I 190 -16.38 -13.93 15.04
C TYR I 190 -14.91 -13.66 14.74
N LEU I 191 -14.60 -13.18 13.53
CA LEU I 191 -13.22 -12.78 13.22
C LEU I 191 -12.78 -11.69 14.16
N ALA I 192 -13.63 -10.69 14.40
CA ALA I 192 -13.27 -9.63 15.28
C ALA I 192 -12.93 -10.10 16.70
N ILE I 193 -13.74 -10.98 17.23
CA ILE I 193 -13.53 -11.53 18.57
C ILE I 193 -12.21 -12.30 18.68
N GLU I 194 -11.93 -13.11 17.67
CA GLU I 194 -10.66 -13.78 17.65
C GLU I 194 -9.47 -12.80 17.55
N ALA I 195 -9.63 -11.83 16.68
CA ALA I 195 -8.56 -10.83 16.50
C ALA I 195 -8.29 -10.00 17.78
N LEU I 196 -9.38 -9.57 18.43
CA LEU I 196 -9.25 -8.92 19.69
C LEU I 196 -8.54 -9.75 20.75
N ALA I 197 -8.93 -11.03 20.87
CA ALA I 197 -8.22 -11.95 21.72
C ALA I 197 -6.73 -12.09 21.34
N ASP I 198 -6.44 -12.29 20.04
CA ASP I 198 -5.06 -12.36 19.60
C ASP I 198 -4.27 -11.06 19.99
N GLY I 199 -4.95 -9.91 19.88
CA GLY I 199 -4.36 -8.63 20.23
C GLY I 199 -4.07 -8.57 21.72
N GLY I 200 -4.97 -9.07 22.52
CA GLY I 200 -4.73 -9.15 23.97
C GLY I 200 -3.49 -9.95 24.26
N VAL I 201 -3.42 -11.12 23.64
CA VAL I 201 -2.25 -12.00 23.86
C VAL I 201 -1.00 -11.30 23.40
N ALA I 202 -1.10 -10.61 22.27
CA ALA I 202 0.07 -9.89 21.72
C ALA I 202 0.54 -8.81 22.73
N ALA I 203 -0.40 -8.24 23.47
CA ALA I 203 -0.11 -7.24 24.47
C ALA I 203 0.22 -7.85 25.81
N GLY I 204 0.27 -9.15 25.94
CA GLY I 204 0.78 -9.81 27.15
C GLY I 204 -0.23 -10.57 27.97
N LEU I 205 -1.48 -10.64 27.52
CA LEU I 205 -2.47 -11.38 28.30
C LEU I 205 -2.45 -12.89 28.12
N PRO I 206 -2.86 -13.63 29.15
CA PRO I 206 -3.18 -15.05 28.97
C PRO I 206 -4.33 -15.24 27.99
N ARG I 207 -4.27 -16.32 27.23
CA ARG I 207 -5.27 -16.62 26.24
C ARG I 207 -6.69 -16.75 26.75
N ASP I 208 -6.92 -17.52 27.83
CA ASP I 208 -8.27 -17.70 28.28
C ASP I 208 -8.91 -16.40 28.64
N LEU I 209 -8.17 -15.58 29.34
CA LEU I 209 -8.67 -14.30 29.80
C LEU I 209 -8.89 -13.40 28.57
N ALA I 210 -7.94 -13.42 27.63
CA ALA I 210 -8.06 -12.54 26.42
C ALA I 210 -9.34 -12.84 25.67
N LEU I 211 -9.61 -14.12 25.49
CA LEU I 211 -10.81 -14.50 24.77
C LEU I 211 -12.06 -14.16 25.54
N SER I 212 -12.07 -14.46 26.86
CA SER I 212 -13.22 -14.08 27.67
C SER I 212 -13.50 -12.62 27.63
N LEU I 213 -12.45 -11.84 27.78
CA LEU I 213 -12.63 -10.38 27.70
C LEU I 213 -13.10 -9.87 26.34
N ALA I 214 -12.54 -10.48 25.27
CA ALA I 214 -12.93 -10.05 23.92
C ALA I 214 -14.43 -10.28 23.72
N SER I 215 -14.89 -11.47 24.08
CA SER I 215 -16.31 -11.78 23.86
C SER I 215 -17.25 -10.89 24.68
N GLN I 216 -16.92 -10.66 25.95
CA GLN I 216 -17.79 -9.90 26.77
C GLN I 216 -17.72 -8.41 26.38
N THR I 217 -16.55 -7.96 25.94
CA THR I 217 -16.43 -6.55 25.48
C THR I 217 -17.32 -6.25 24.29
N VAL I 218 -17.32 -7.17 23.35
CA VAL I 218 -18.20 -7.05 22.21
C VAL I 218 -19.67 -7.11 22.63
N LEU I 219 -20.00 -8.05 23.51
CA LEU I 219 -21.38 -8.17 24.02
C LEU I 219 -21.88 -6.90 24.71
N GLY I 220 -21.02 -6.39 25.59
CA GLY I 220 -21.30 -5.15 26.28
C GLY I 220 -21.50 -3.98 25.36
N ALA I 221 -20.62 -3.79 24.41
CA ALA I 221 -20.72 -2.65 23.53
C ALA I 221 -22.01 -2.71 22.70
N ALA I 222 -22.34 -3.90 22.22
CA ALA I 222 -23.56 -4.06 21.45
C ALA I 222 -24.78 -3.83 22.31
N SER I 223 -24.72 -4.24 23.59
CA SER I 223 -25.85 -3.96 24.49
C SER I 223 -26.03 -2.49 24.72
N MET I 224 -24.91 -1.76 24.81
CA MET I 224 -24.98 -0.29 24.96
C MET I 224 -25.63 0.32 23.73
N ALA I 225 -25.23 -0.17 22.55
CA ALA I 225 -25.75 0.38 21.32
C ALA I 225 -27.23 0.07 21.23
N THR I 226 -27.61 -1.11 21.66
CA THR I 226 -29.00 -1.48 21.59
C THR I 226 -29.91 -0.71 22.58
N GLN I 227 -29.43 -0.47 23.77
CA GLN I 227 -30.30 0.08 24.81
C GLN I 227 -30.16 1.54 25.02
N SER I 228 -29.07 2.16 24.60
CA SER I 228 -28.81 3.53 25.00
C SER I 228 -29.66 4.58 24.33
N GLY I 229 -30.20 4.28 23.20
CA GLY I 229 -30.76 5.35 22.39
C GLY I 229 -29.73 6.33 21.76
N LYS I 230 -28.44 6.01 21.76
CA LYS I 230 -27.46 6.93 21.19
C LYS I 230 -26.93 6.48 19.87
N HIS I 231 -26.52 7.43 19.08
CA HIS I 231 -25.77 7.13 17.83
C HIS I 231 -24.43 6.49 18.20
N PRO I 232 -23.96 5.53 17.44
CA PRO I 232 -22.63 4.93 17.70
C PRO I 232 -21.48 5.93 17.82
N GLY I 233 -21.50 7.01 17.05
CA GLY I 233 -20.53 8.07 17.15
C GLY I 233 -20.55 8.77 18.50
N GLN I 234 -21.72 8.95 19.07
CA GLN I 234 -21.83 9.50 20.39
C GLN I 234 -21.30 8.55 21.46
N LEU I 235 -21.61 7.27 21.34
CA LEU I 235 -21.05 6.24 22.21
C LEU I 235 -19.51 6.17 22.14
N LYS I 236 -18.94 6.28 20.95
CA LYS I 236 -17.52 6.37 20.78
C LYS I 236 -16.98 7.64 21.47
N ASP I 237 -17.65 8.75 21.26
CA ASP I 237 -17.23 9.99 21.92
C ASP I 237 -17.25 9.85 23.47
N ASP I 238 -18.26 9.17 24.01
CA ASP I 238 -18.34 9.00 25.45
C ASP I 238 -17.10 8.28 26.00
N VAL I 239 -16.48 7.38 25.29
CA VAL I 239 -15.39 6.59 25.85
C VAL I 239 -14.01 7.00 25.41
N THR I 240 -13.91 7.98 24.54
CA THR I 240 -12.59 8.40 24.15
C THR I 240 -12.09 9.58 24.96
N SER I 241 -11.46 9.31 26.08
N SER I 241 -11.47 9.31 26.09
CA SER I 241 -10.85 10.41 26.85
CA SER I 241 -10.87 10.38 26.89
C SER I 241 -9.70 11.08 26.14
C SER I 241 -9.67 11.05 26.18
N PRO I 242 -9.45 12.34 26.48
CA PRO I 242 -8.37 13.11 25.83
C PRO I 242 -7.01 12.46 25.88
N GLY I 243 -6.38 12.24 24.73
CA GLY I 243 -5.05 11.64 24.70
C GLY I 243 -4.95 10.26 25.34
N GLY I 244 -6.05 9.57 25.53
CA GLY I 244 -6.09 8.33 26.30
C GLY I 244 -5.91 7.06 25.47
N THR I 245 -6.12 5.93 26.13
CA THR I 245 -5.82 4.63 25.50
C THR I 245 -6.79 4.36 24.38
N THR I 246 -8.06 4.74 24.59
CA THR I 246 -9.13 4.43 23.64
C THR I 246 -8.93 5.13 22.32
N ILE I 247 -8.64 6.43 22.35
CA ILE I 247 -8.40 7.14 21.13
C ILE I 247 -7.13 6.65 20.46
N ALA I 248 -6.12 6.22 21.22
CA ALA I 248 -4.94 5.62 20.59
C ALA I 248 -5.28 4.39 19.74
N GLY I 249 -6.14 3.55 20.26
CA GLY I 249 -6.61 2.37 19.53
C GLY I 249 -7.48 2.72 18.36
N VAL I 250 -8.41 3.62 18.59
CA VAL I 250 -9.26 4.13 17.53
C VAL I 250 -8.45 4.74 16.39
N HIS I 251 -7.42 5.47 16.70
CA HIS I 251 -6.59 6.08 15.65
C HIS I 251 -5.97 4.98 14.76
N GLU I 252 -5.52 3.89 15.35
CA GLU I 252 -5.00 2.79 14.54
C GLU I 252 -6.04 2.20 13.61
N LEU I 253 -7.27 2.07 14.09
CA LEU I 253 -8.35 1.63 13.26
C LEU I 253 -8.57 2.55 12.07
N GLU I 254 -8.61 3.86 12.34
CA GLU I 254 -8.86 4.81 11.30
C GLU I 254 -7.68 4.92 10.33
N LYS I 255 -6.47 4.79 10.79
CA LYS I 255 -5.34 4.81 9.89
C LYS I 255 -5.51 3.73 8.83
N ALA I 256 -6.05 2.60 9.24
CA ALA I 256 -6.09 1.43 8.37
C ALA I 256 -7.38 1.35 7.61
N GLY I 257 -8.30 2.27 7.80
CA GLY I 257 -9.54 2.24 7.00
C GLY I 257 -10.47 1.09 7.44
N PHE I 258 -10.44 0.76 8.71
CA PHE I 258 -11.30 -0.19 9.39
C PHE I 258 -12.77 -0.08 8.96
N ARG I 259 -13.33 1.10 9.01
CA ARG I 259 -14.74 1.26 8.67
C ARG I 259 -15.04 0.90 7.23
N GLY I 260 -14.16 1.31 6.32
CA GLY I 260 -14.33 0.98 4.92
C GLY I 260 -14.24 -0.54 4.65
N ILE I 261 -13.40 -1.22 5.38
CA ILE I 261 -13.29 -2.69 5.29
C ILE I 261 -14.55 -3.41 5.67
N LEU I 262 -15.17 -3.02 6.77
CA LEU I 262 -16.48 -3.58 7.10
C LEU I 262 -17.57 -3.24 6.07
N MET I 263 -17.53 -2.02 5.52
CA MET I 263 -18.44 -1.64 4.50
C MET I 263 -18.22 -2.53 3.27
N ASN I 264 -16.99 -2.75 2.91
CA ASN I 264 -16.66 -3.63 1.81
C ASN I 264 -17.20 -5.03 1.97
N ALA I 265 -17.14 -5.59 3.17
CA ALA I 265 -17.58 -6.94 3.44
C ALA I 265 -19.10 -7.05 3.28
N VAL I 266 -19.86 -6.06 3.82
CA VAL I 266 -21.31 -6.05 3.63
C VAL I 266 -21.67 -5.94 2.17
N VAL I 267 -21.05 -5.02 1.47
CA VAL I 267 -21.32 -4.88 0.07
C VAL I 267 -20.99 -6.13 -0.75
N ALA I 268 -19.86 -6.78 -0.49
CA ALA I 268 -19.49 -7.95 -1.23
C ALA I 268 -20.42 -9.13 -0.95
N ALA I 269 -20.80 -9.26 0.29
CA ALA I 269 -21.75 -10.28 0.65
C ALA I 269 -23.15 -10.07 0.00
N ALA I 270 -23.61 -8.81 -0.02
CA ALA I 270 -24.87 -8.49 -0.62
C ALA I 270 -24.85 -8.70 -2.12
N LYS I 271 -23.76 -8.35 -2.74
CA LYS I 271 -23.55 -8.62 -4.17
C LYS I 271 -23.52 -10.14 -4.47
N ARG I 272 -22.85 -10.91 -3.62
N ARG I 272 -22.86 -10.92 -3.61
CA ARG I 272 -22.89 -12.37 -3.75
CA ARG I 272 -22.90 -12.39 -3.75
C ARG I 272 -24.32 -12.92 -3.63
C ARG I 272 -24.33 -12.94 -3.62
N SER I 273 -25.08 -12.40 -2.66
CA SER I 273 -26.44 -12.80 -2.48
C SER I 273 -27.23 -12.60 -3.80
N GLN I 274 -27.09 -11.45 -4.39
CA GLN I 274 -27.75 -11.12 -5.62
C GLN I 274 -27.29 -12.07 -6.74
N GLU I 275 -26.01 -12.35 -6.83
CA GLU I 275 -25.52 -13.25 -7.82
C GLU I 275 -26.03 -14.67 -7.66
N LEU I 276 -26.26 -15.13 -6.46
CA LEU I 276 -26.73 -16.47 -6.22
C LEU I 276 -28.22 -16.58 -6.50
N SER I 277 -28.83 -15.43 -6.72
CA SER I 277 -30.18 -15.16 -7.25
C SER I 277 -30.94 -14.40 -6.27
N PRO J 8 -12.31 -10.02 59.24
CA PRO J 8 -13.01 -10.28 57.95
C PRO J 8 -14.21 -9.37 57.82
N ILE J 9 -14.48 -8.91 56.61
CA ILE J 9 -15.60 -8.00 56.35
C ILE J 9 -16.89 -8.87 56.32
N PRO J 10 -17.97 -8.48 57.05
CA PRO J 10 -19.16 -9.41 57.17
C PRO J 10 -19.86 -9.47 55.84
N ALA J 11 -19.77 -10.63 55.19
CA ALA J 11 -20.17 -10.79 53.77
C ALA J 11 -21.60 -10.34 53.49
N ASP J 12 -22.51 -10.57 54.44
CA ASP J 12 -23.97 -10.29 54.22
C ASP J 12 -24.45 -8.93 54.75
N SER J 13 -23.61 -8.21 55.47
CA SER J 13 -24.09 -7.02 56.18
C SER J 13 -23.16 -5.81 56.02
N TYR J 14 -22.07 -5.95 55.28
CA TYR J 14 -21.10 -4.88 55.29
C TYR J 14 -21.70 -3.61 54.68
N THR J 15 -21.10 -2.49 54.97
CA THR J 15 -21.48 -1.24 54.35
C THR J 15 -20.41 -0.83 53.33
N LEU J 16 -20.90 -0.24 52.28
CA LEU J 16 -20.04 0.18 51.14
C LEU J 16 -20.07 1.70 50.96
N GLY J 17 -18.90 2.30 50.81
CA GLY J 17 -18.79 3.76 50.54
C GLY J 17 -18.13 4.07 49.19
N PHE J 18 -18.71 5.02 48.43
CA PHE J 18 -18.09 5.53 47.20
C PHE J 18 -17.50 6.89 47.43
N ILE J 19 -16.21 6.99 47.13
CA ILE J 19 -15.51 8.25 47.08
C ILE J 19 -15.40 8.68 45.58
N GLY J 20 -16.21 9.66 45.20
CA GLY J 20 -16.36 10.06 43.84
C GLY J 20 -17.73 9.57 43.44
N ALA J 21 -18.72 10.44 43.57
CA ALA J 21 -20.12 10.07 43.29
C ALA J 21 -20.49 10.22 41.78
N GLY J 22 -19.68 9.61 40.91
CA GLY J 22 -19.89 9.71 39.47
C GLY J 22 -20.66 8.56 38.82
N LYS J 23 -20.47 8.41 37.52
CA LYS J 23 -21.24 7.49 36.73
C LYS J 23 -20.91 6.08 37.10
N MET J 24 -19.63 5.81 37.26
CA MET J 24 -19.24 4.44 37.52
C MET J 24 -19.74 4.01 38.93
N ALA J 25 -19.58 4.89 39.90
CA ALA J 25 -20.11 4.65 41.28
C ALA J 25 -21.63 4.35 41.21
N GLU J 26 -22.36 5.15 40.44
CA GLU J 26 -23.82 4.95 40.27
C GLU J 26 -24.13 3.61 39.63
N SER J 27 -23.40 3.26 38.61
CA SER J 27 -23.65 1.98 37.96
C SER J 27 -23.43 0.81 38.89
N ILE J 28 -22.34 0.87 39.63
CA ILE J 28 -22.04 -0.19 40.61
C ILE J 28 -23.12 -0.26 41.72
N ALA J 29 -23.48 0.90 42.26
CA ALA J 29 -24.55 0.97 43.29
C ALA J 29 -25.85 0.34 42.79
N LYS J 30 -26.26 0.75 41.60
CA LYS J 30 -27.52 0.22 41.05
C LYS J 30 -27.44 -1.25 40.90
N GLY J 31 -26.31 -1.71 40.37
CA GLY J 31 -26.18 -3.15 40.07
C GLY J 31 -26.21 -4.01 41.32
N ALA J 32 -25.54 -3.54 42.36
CA ALA J 32 -25.49 -4.24 43.62
C ALA J 32 -26.86 -4.23 44.33
N VAL J 33 -27.58 -3.10 44.23
CA VAL J 33 -28.94 -3.04 44.75
C VAL J 33 -29.85 -4.06 43.98
N ARG J 34 -29.79 -4.00 42.66
CA ARG J 34 -30.60 -4.87 41.80
C ARG J 34 -30.35 -6.32 42.11
N SER J 35 -29.10 -6.70 42.27
CA SER J 35 -28.82 -8.13 42.56
C SER J 35 -29.07 -8.55 44.00
N GLY J 36 -29.34 -7.60 44.87
CA GLY J 36 -29.54 -7.93 46.27
C GLY J 36 -28.27 -8.12 47.04
N VAL J 37 -27.12 -7.93 46.40
CA VAL J 37 -25.84 -7.99 47.09
C VAL J 37 -25.74 -6.87 48.16
N LEU J 38 -26.31 -5.72 47.86
CA LEU J 38 -26.43 -4.65 48.83
C LEU J 38 -27.87 -4.11 48.82
N SER J 39 -28.21 -3.39 49.87
CA SER J 39 -29.44 -2.62 49.92
C SER J 39 -28.96 -1.16 49.90
N PRO J 40 -29.82 -0.23 49.47
CA PRO J 40 -29.41 1.20 49.50
C PRO J 40 -28.97 1.74 50.86
N SER J 41 -29.55 1.21 51.94
CA SER J 41 -29.21 1.72 53.31
C SER J 41 -27.79 1.33 53.70
N ARG J 42 -27.21 0.34 53.00
CA ARG J 42 -25.83 -0.08 53.24
C ARG J 42 -24.78 0.64 52.32
N ILE J 43 -25.23 1.62 51.55
CA ILE J 43 -24.35 2.35 50.64
C ILE J 43 -24.33 3.80 51.03
N LYS J 44 -23.14 4.39 51.04
CA LYS J 44 -22.98 5.82 51.30
C LYS J 44 -22.09 6.48 50.26
N THR J 45 -22.34 7.76 49.98
CA THR J 45 -21.37 8.55 49.19
C THR J 45 -21.42 10.02 49.63
N ALA J 46 -20.59 10.86 49.02
CA ALA J 46 -20.57 12.30 49.31
C ALA J 46 -20.36 13.00 47.98
N ILE J 47 -21.08 14.12 47.78
CA ILE J 47 -20.92 14.88 46.53
C ILE J 47 -19.72 15.79 46.57
N HIS J 48 -19.28 16.22 45.40
CA HIS J 48 -18.18 17.18 45.34
C HIS J 48 -18.78 18.59 45.08
N SER J 49 -18.85 19.01 43.81
CA SER J 49 -19.38 20.34 43.47
C SER J 49 -20.76 20.27 42.83
N ASN J 50 -20.96 19.26 42.01
CA ASN J 50 -22.20 19.07 41.27
C ASN J 50 -23.38 18.52 42.12
N PRO J 51 -24.39 19.35 42.41
CA PRO J 51 -25.51 18.88 43.23
C PRO J 51 -26.50 17.94 42.51
N ALA J 52 -26.40 17.83 41.18
CA ALA J 52 -27.20 16.84 40.40
C ALA J 52 -26.83 15.39 40.73
N ARG J 53 -25.58 15.18 41.14
CA ARG J 53 -25.15 13.86 41.62
C ARG J 53 -25.84 13.48 42.93
N ARG J 54 -26.14 14.46 43.79
CA ARG J 54 -26.88 14.18 45.04
C ARG J 54 -28.26 13.50 44.71
N THR J 55 -28.95 14.07 43.74
CA THR J 55 -30.31 13.65 43.38
C THR J 55 -30.21 12.25 42.75
N ALA J 56 -29.20 12.01 41.90
CA ALA J 56 -28.96 10.67 41.37
C ALA J 56 -28.87 9.55 42.43
N PHE J 57 -28.12 9.81 43.50
CA PHE J 57 -28.01 8.82 44.57
C PHE J 57 -29.20 8.77 45.49
N GLU J 58 -29.73 9.93 45.86
CA GLU J 58 -30.89 9.96 46.77
C GLU J 58 -32.10 9.28 46.12
N SER J 59 -32.25 9.41 44.81
CA SER J 59 -33.35 8.78 44.13
C SER J 59 -33.24 7.27 44.10
N ILE J 60 -32.09 6.71 44.47
CA ILE J 60 -31.94 5.26 44.58
C ILE J 60 -32.10 4.79 46.04
N GLY J 61 -32.34 5.71 46.95
CA GLY J 61 -32.48 5.37 48.35
C GLY J 61 -31.17 5.45 49.12
N ILE J 62 -30.16 6.05 48.53
CA ILE J 62 -28.84 6.05 49.12
C ILE J 62 -28.60 7.36 49.82
N THR J 63 -28.08 7.28 51.03
CA THR J 63 -27.75 8.48 51.78
C THR J 63 -26.44 9.13 51.32
N VAL J 64 -26.56 10.43 51.09
CA VAL J 64 -25.44 11.26 50.73
C VAL J 64 -24.94 12.03 51.97
N LEU J 65 -23.76 11.67 52.46
CA LEU J 65 -23.13 12.32 53.60
C LEU J 65 -22.41 13.59 53.16
N SER J 66 -21.96 14.34 54.16
CA SER J 66 -21.49 15.70 53.90
C SER J 66 -19.98 15.78 53.59
N SER J 67 -19.23 14.71 53.82
CA SER J 67 -17.81 14.69 53.43
C SER J 67 -17.29 13.31 53.11
N ASN J 68 -16.17 13.28 52.41
CA ASN J 68 -15.49 12.00 52.11
C ASN J 68 -15.13 11.27 53.40
N ASP J 69 -14.71 12.07 54.40
CA ASP J 69 -14.28 11.53 55.72
C ASP J 69 -15.42 10.71 56.37
N ASP J 70 -16.62 11.23 56.31
CA ASP J 70 -17.78 10.54 56.89
C ASP J 70 -18.07 9.27 56.13
N VAL J 71 -17.96 9.35 54.83
CA VAL J 71 -18.17 8.11 54.01
C VAL J 71 -17.21 7.00 54.48
N VAL J 72 -15.91 7.38 54.65
CA VAL J 72 -14.89 6.38 55.06
C VAL J 72 -15.14 5.84 56.45
N ARG J 73 -15.44 6.74 57.38
CA ARG J 73 -15.81 6.33 58.74
C ARG J 73 -16.94 5.32 58.77
N ASP J 74 -17.99 5.59 58.01
CA ASP J 74 -19.20 4.74 58.06
C ASP J 74 -19.12 3.45 57.20
N SER J 75 -18.00 3.21 56.53
CA SER J 75 -17.97 2.12 55.50
C SER J 75 -16.95 1.03 55.86
N ASN J 76 -17.33 -0.25 55.64
CA ASN J 76 -16.42 -1.38 55.79
C ASN J 76 -15.54 -1.52 54.53
N VAL J 77 -16.13 -1.16 53.40
CA VAL J 77 -15.49 -1.22 52.09
C VAL J 77 -15.57 0.16 51.43
N VAL J 78 -14.44 0.66 50.93
CA VAL J 78 -14.35 1.98 50.32
C VAL J 78 -13.87 1.90 48.92
N VAL J 79 -14.74 2.33 48.02
CA VAL J 79 -14.43 2.32 46.59
C VAL J 79 -14.04 3.74 46.21
N PHE J 80 -12.83 3.85 45.65
CA PHE J 80 -12.36 5.07 45.03
C PHE J 80 -12.74 5.14 43.59
N SER J 81 -13.66 6.04 43.31
CA SER J 81 -14.26 6.20 41.93
C SER J 81 -14.17 7.65 41.43
N VAL J 82 -13.08 8.31 41.82
CA VAL J 82 -12.73 9.62 41.20
C VAL J 82 -11.81 9.40 39.96
N LYS J 83 -11.67 10.42 39.13
CA LYS J 83 -10.80 10.35 37.98
C LYS J 83 -9.41 10.06 38.45
N PRO J 84 -8.68 9.26 37.69
CA PRO J 84 -7.30 8.86 38.10
C PRO J 84 -6.31 9.95 38.55
N GLN J 85 -6.27 11.03 37.80
CA GLN J 85 -5.30 12.16 38.16
C GLN J 85 -5.67 12.83 39.49
N LEU J 86 -6.85 12.60 40.02
CA LEU J 86 -7.24 13.18 41.32
C LEU J 86 -7.05 12.22 42.50
N LEU J 87 -6.76 10.95 42.18
CA LEU J 87 -6.85 9.87 43.18
C LEU J 87 -5.77 10.01 44.25
N LYS J 88 -4.55 10.32 43.84
CA LYS J 88 -3.45 10.37 44.80
C LYS J 88 -3.74 11.35 45.94
N ASP J 89 -4.12 12.57 45.59
CA ASP J 89 -4.43 13.56 46.63
C ASP J 89 -5.62 13.17 47.51
N VAL J 90 -6.62 12.58 46.87
CA VAL J 90 -7.80 12.20 47.60
C VAL J 90 -7.42 11.17 48.67
N VAL J 91 -6.58 10.18 48.27
CA VAL J 91 -6.16 9.10 49.18
C VAL J 91 -5.28 9.67 50.30
N LEU J 92 -4.36 10.53 49.92
CA LEU J 92 -3.49 11.16 50.93
C LEU J 92 -4.29 11.90 51.96
N LYS J 93 -5.29 12.68 51.52
CA LYS J 93 -6.11 13.41 52.48
C LYS J 93 -6.84 12.51 53.43
N LEU J 94 -7.27 11.37 52.95
CA LEU J 94 -8.07 10.43 53.78
C LEU J 94 -7.25 9.44 54.61
N LYS J 95 -5.93 9.46 54.40
CA LYS J 95 -5.06 8.42 54.88
C LYS J 95 -5.17 8.07 56.39
N PRO J 96 -5.26 9.08 57.28
CA PRO J 96 -5.50 8.71 58.71
C PRO J 96 -6.72 7.80 58.99
N LEU J 97 -7.76 7.94 58.19
CA LEU J 97 -8.99 7.16 58.34
C LEU J 97 -8.95 5.79 57.68
N LEU J 98 -7.93 5.56 56.89
CA LEU J 98 -7.83 4.33 56.14
C LEU J 98 -7.22 3.19 56.98
N THR J 99 -7.97 2.74 57.97
CA THR J 99 -7.46 1.72 58.90
C THR J 99 -7.58 0.35 58.29
N LYS J 100 -6.75 -0.56 58.77
CA LYS J 100 -6.56 -1.93 58.18
C LYS J 100 -7.80 -2.84 58.27
N ASP J 101 -8.77 -2.46 59.08
CA ASP J 101 -10.04 -3.16 59.15
C ASP J 101 -11.00 -2.82 57.95
N LYS J 102 -10.63 -1.82 57.13
CA LYS J 102 -11.43 -1.43 55.98
C LYS J 102 -10.75 -1.91 54.67
N LEU J 103 -11.50 -2.66 53.91
CA LEU J 103 -11.09 -3.01 52.57
C LEU J 103 -11.18 -1.81 51.57
N LEU J 104 -10.07 -1.51 50.92
CA LEU J 104 -10.04 -0.44 49.91
C LEU J 104 -10.04 -0.97 48.46
N VAL J 105 -10.70 -0.22 47.58
CA VAL J 105 -10.93 -0.65 46.17
C VAL J 105 -10.74 0.56 45.29
N SER J 106 -10.01 0.38 44.22
CA SER J 106 -9.86 1.43 43.19
C SER J 106 -10.40 0.97 41.88
N VAL J 107 -11.21 1.80 41.22
CA VAL J 107 -11.64 1.52 39.80
C VAL J 107 -10.99 2.44 38.89
N ALA J 108 -10.01 3.16 39.40
CA ALA J 108 -9.29 4.15 38.54
C ALA J 108 -8.46 3.58 37.45
N ALA J 109 -8.68 4.08 36.22
CA ALA J 109 -7.97 3.53 35.09
C ALA J 109 -6.53 3.88 35.18
N GLY J 110 -5.65 2.92 34.90
CA GLY J 110 -4.24 3.17 34.79
C GLY J 110 -3.45 3.34 36.09
N ILE J 111 -4.06 3.21 37.26
CA ILE J 111 -3.28 3.42 38.50
C ILE J 111 -2.91 2.02 39.05
N LYS J 112 -1.60 1.75 39.13
CA LYS J 112 -1.09 0.47 39.62
C LYS J 112 -1.22 0.22 41.15
N MET J 113 -1.29 -1.04 41.50
CA MET J 113 -1.47 -1.49 42.88
C MET J 113 -0.32 -0.99 43.75
N LYS J 114 0.90 -1.04 43.23
CA LYS J 114 2.04 -0.55 44.00
C LYS J 114 1.82 0.89 44.51
N ASP J 115 1.33 1.77 43.64
CA ASP J 115 1.01 3.16 44.01
C ASP J 115 -0.17 3.31 44.95
N LEU J 116 -1.24 2.59 44.66
CA LEU J 116 -2.37 2.53 45.57
C LEU J 116 -1.91 2.22 47.02
N GLN J 117 -1.14 1.17 47.18
CA GLN J 117 -0.75 0.64 48.52
C GLN J 117 0.15 1.66 49.22
N GLU J 118 1.02 2.24 48.44
CA GLU J 118 1.92 3.29 48.93
C GLU J 118 1.14 4.52 49.39
N TRP J 119 0.16 4.96 48.62
CA TRP J 119 -0.62 6.15 49.04
C TRP J 119 -1.46 5.89 50.27
N ALA J 120 -2.05 4.72 50.34
CA ALA J 120 -2.91 4.37 51.49
C ALA J 120 -2.11 4.03 52.75
N GLY J 121 -0.91 3.52 52.57
CA GLY J 121 -0.05 3.09 53.69
C GLY J 121 -0.36 1.68 54.19
N HIS J 122 -1.16 0.93 53.45
CA HIS J 122 -1.32 -0.50 53.73
C HIS J 122 -1.75 -1.24 52.47
N GLU J 123 -1.82 -2.57 52.56
CA GLU J 123 -1.94 -3.44 51.38
C GLU J 123 -3.28 -4.20 51.27
N ARG J 124 -4.25 -3.78 52.04
CA ARG J 124 -5.58 -4.38 51.98
C ARG J 124 -6.42 -3.58 50.99
N PHE J 125 -6.08 -3.83 49.73
CA PHE J 125 -6.47 -2.99 48.63
C PHE J 125 -6.72 -3.90 47.46
N ILE J 126 -7.82 -3.64 46.75
CA ILE J 126 -8.15 -4.37 45.50
C ILE J 126 -8.37 -3.38 44.37
N ARG J 127 -7.77 -3.69 43.21
CA ARG J 127 -7.95 -2.88 42.05
C ARG J 127 -8.89 -3.57 41.09
N VAL J 128 -9.79 -2.81 40.48
CA VAL J 128 -10.73 -3.32 39.47
C VAL J 128 -10.67 -2.42 38.23
N MET J 129 -10.65 -3.06 37.06
CA MET J 129 -10.81 -2.34 35.82
C MET J 129 -12.11 -2.79 35.15
N PRO J 130 -13.19 -1.98 35.30
CA PRO J 130 -14.43 -2.31 34.66
C PRO J 130 -14.44 -1.68 33.30
N ASN J 131 -15.58 -1.64 32.65
CA ASN J 131 -15.71 -0.89 31.44
C ASN J 131 -17.06 -0.24 31.34
N THR J 132 -17.24 0.46 30.23
CA THR J 132 -18.42 1.35 30.05
C THR J 132 -19.75 0.60 30.08
N ALA J 133 -19.74 -0.71 29.75
CA ALA J 133 -21.00 -1.47 29.71
C ALA J 133 -21.57 -1.83 31.09
N ALA J 134 -20.89 -1.42 32.15
CA ALA J 134 -21.48 -1.43 33.49
C ALA J 134 -22.86 -0.81 33.59
N THR J 135 -23.11 0.18 32.78
CA THR J 135 -24.37 0.89 32.71
C THR J 135 -25.52 -0.02 32.41
N VAL J 136 -25.29 -1.05 31.59
CA VAL J 136 -26.34 -1.99 31.25
C VAL J 136 -26.12 -3.39 31.84
N GLY J 137 -25.30 -3.48 32.86
CA GLY J 137 -25.06 -4.78 33.53
C GLY J 137 -24.23 -5.76 32.68
N GLU J 138 -23.50 -5.24 31.70
CA GLU J 138 -22.66 -6.07 30.85
C GLU J 138 -21.17 -5.70 30.80
N ALA J 139 -20.68 -5.20 31.90
CA ALA J 139 -19.27 -4.91 31.99
C ALA J 139 -18.42 -6.14 31.83
N ALA J 140 -17.22 -5.90 31.35
CA ALA J 140 -16.12 -6.85 31.44
C ALA J 140 -15.21 -6.21 32.46
N SER J 141 -15.04 -6.86 33.61
CA SER J 141 -14.19 -6.37 34.66
C SER J 141 -13.12 -7.37 35.14
N VAL J 142 -11.99 -6.83 35.57
CA VAL J 142 -10.90 -7.65 36.09
C VAL J 142 -10.44 -7.04 37.36
N MET J 143 -10.17 -7.89 38.35
CA MET J 143 -9.59 -7.44 39.63
C MET J 143 -8.16 -7.95 39.87
N SER J 144 -7.35 -7.17 40.64
CA SER J 144 -6.05 -7.63 41.16
C SER J 144 -6.01 -7.33 42.64
N LEU J 145 -5.29 -8.18 43.36
CA LEU J 145 -5.31 -8.15 44.82
C LEU J 145 -4.03 -7.57 45.35
N GLY J 146 -4.18 -6.63 46.23
CA GLY J 146 -3.00 -6.13 47.00
C GLY J 146 -2.45 -7.21 47.97
N GLY J 147 -1.29 -6.95 48.53
CA GLY J 147 -0.54 -7.93 49.37
C GLY J 147 -1.26 -8.41 50.62
N ALA J 148 -2.19 -7.62 51.15
CA ALA J 148 -2.97 -8.05 52.30
C ALA J 148 -4.45 -8.29 52.03
N ALA J 149 -4.86 -8.27 50.77
CA ALA J 149 -6.27 -8.56 50.47
C ALA J 149 -6.46 -10.08 50.65
N THR J 150 -7.47 -10.48 51.40
CA THR J 150 -7.74 -11.91 51.65
C THR J 150 -8.61 -12.55 50.58
N GLU J 151 -8.72 -13.87 50.67
CA GLU J 151 -9.59 -14.61 49.76
C GLU J 151 -11.05 -14.20 49.94
N GLU J 152 -11.41 -13.90 51.18
CA GLU J 152 -12.77 -13.48 51.46
C GLU J 152 -13.02 -12.05 50.93
N ASP J 153 -12.03 -11.23 51.03
CA ASP J 153 -12.08 -9.87 50.41
C ASP J 153 -12.33 -9.96 48.87
N ALA J 154 -11.60 -10.87 48.22
CA ALA J 154 -11.76 -11.10 46.82
C ALA J 154 -13.16 -11.58 46.47
N ASN J 155 -13.68 -12.51 47.27
CA ASN J 155 -15.03 -13.01 47.04
C ASN J 155 -16.06 -11.89 47.12
N LEU J 156 -15.85 -11.02 48.07
CA LEU J 156 -16.75 -9.93 48.26
C LEU J 156 -16.77 -9.02 47.02
N ILE J 157 -15.59 -8.74 46.50
CA ILE J 157 -15.49 -7.90 45.31
C ILE J 157 -16.04 -8.60 44.06
N SER J 158 -15.88 -9.93 43.99
CA SER J 158 -16.40 -10.66 42.87
C SER J 158 -17.87 -10.53 42.83
N GLN J 159 -18.45 -10.64 44.00
CA GLN J 159 -19.92 -10.59 44.14
C GLN J 159 -20.40 -9.19 43.69
N LEU J 160 -19.65 -8.21 44.08
CA LEU J 160 -20.05 -6.85 43.81
C LEU J 160 -19.98 -6.50 42.30
N PHE J 161 -18.86 -6.82 41.67
CA PHE J 161 -18.69 -6.58 40.24
C PHE J 161 -19.35 -7.60 39.35
N GLY J 162 -19.68 -8.80 39.92
CA GLY J 162 -20.57 -9.78 39.25
C GLY J 162 -22.01 -9.25 39.08
N SER J 163 -22.35 -8.22 39.81
CA SER J 163 -23.69 -7.66 39.69
C SER J 163 -23.83 -6.69 38.51
N ILE J 164 -22.71 -6.32 37.88
CA ILE J 164 -22.75 -5.38 36.75
C ILE J 164 -22.13 -5.94 35.46
N GLY J 165 -21.86 -7.23 35.46
CA GLY J 165 -21.27 -7.88 34.29
C GLY J 165 -20.51 -9.08 34.77
N LYS J 166 -19.47 -9.40 34.07
CA LYS J 166 -18.63 -10.50 34.44
C LYS J 166 -17.37 -9.98 35.10
N ILE J 167 -16.74 -10.80 35.92
CA ILE J 167 -15.54 -10.38 36.65
C ILE J 167 -14.53 -11.51 36.75
N TRP J 168 -13.29 -11.25 36.37
CA TRP J 168 -12.22 -12.22 36.46
C TRP J 168 -11.08 -11.65 37.35
N LYS J 169 -10.07 -12.47 37.62
CA LYS J 169 -8.93 -12.06 38.44
C LYS J 169 -7.68 -12.14 37.68
N ALA J 170 -6.79 -11.18 37.84
CA ALA J 170 -5.52 -11.28 37.16
C ALA J 170 -4.47 -10.49 37.91
N ASP J 171 -3.22 -10.83 37.65
N ASP J 171 -3.20 -10.85 37.71
CA ASP J 171 -2.08 -10.11 38.21
CA ASP J 171 -2.09 -10.10 38.29
C ASP J 171 -2.09 -8.67 37.68
C ASP J 171 -2.13 -8.66 37.73
N ASP J 172 -1.66 -7.75 38.54
CA ASP J 172 -1.60 -6.33 38.18
C ASP J 172 -0.81 -6.09 36.95
N LYS J 173 0.19 -6.92 36.68
CA LYS J 173 1.02 -6.64 35.54
C LYS J 173 0.28 -6.77 34.16
N TYR J 174 -0.85 -7.41 34.12
CA TYR J 174 -1.67 -7.55 32.93
C TYR J 174 -2.60 -6.33 32.64
N PHE J 175 -2.66 -5.35 33.54
CA PHE J 175 -3.69 -4.36 33.46
C PHE J 175 -3.56 -3.32 32.32
N ASP J 176 -2.35 -3.04 31.88
CA ASP J 176 -2.25 -2.20 30.69
C ASP J 176 -2.91 -2.89 29.45
N ALA J 177 -2.69 -4.18 29.31
CA ALA J 177 -3.28 -4.92 28.23
C ALA J 177 -4.79 -5.11 28.39
N ILE J 178 -5.23 -5.38 29.62
CA ILE J 178 -6.64 -5.35 29.91
C ILE J 178 -7.29 -4.01 29.47
N THR J 179 -6.63 -2.92 29.81
CA THR J 179 -7.15 -1.62 29.51
C THR J 179 -7.28 -1.41 28.02
N GLY J 180 -6.31 -1.89 27.28
CA GLY J 180 -6.38 -1.78 25.80
C GLY J 180 -7.38 -2.68 25.12
N LEU J 181 -7.76 -3.78 25.75
CA LEU J 181 -8.70 -4.70 25.24
C LEU J 181 -10.13 -4.42 25.77
N SER J 182 -10.40 -4.69 27.03
CA SER J 182 -11.77 -4.54 27.53
C SER J 182 -12.12 -3.14 27.95
N GLY J 183 -11.15 -2.37 28.36
CA GLY J 183 -11.40 -0.96 28.66
C GLY J 183 -11.71 -0.07 27.47
N SER J 184 -10.86 -0.22 26.46
CA SER J 184 -10.91 0.56 25.24
C SER J 184 -11.73 -0.08 24.11
N GLY J 185 -11.79 -1.41 24.10
CA GLY J 185 -12.48 -2.14 23.05
C GLY J 185 -13.90 -1.72 22.69
N PRO J 186 -14.69 -1.24 23.66
CA PRO J 186 -16.01 -0.88 23.24
C PRO J 186 -16.00 0.14 22.11
N ALA J 187 -15.06 1.08 22.09
CA ALA J 187 -15.05 2.04 21.02
C ALA J 187 -14.79 1.38 19.68
N TYR J 188 -13.99 0.33 19.66
CA TYR J 188 -13.70 -0.39 18.45
C TYR J 188 -14.99 -0.99 17.89
N ILE J 189 -15.81 -1.49 18.78
CA ILE J 189 -17.06 -2.04 18.40
C ILE J 189 -18.09 -0.99 17.98
N TYR J 190 -18.09 0.17 18.63
CA TYR J 190 -18.97 1.23 18.18
C TYR J 190 -18.62 1.65 16.76
N LEU J 191 -17.35 1.74 16.45
CA LEU J 191 -16.95 1.97 15.05
C LEU J 191 -17.46 0.89 14.15
N ALA J 192 -17.32 -0.37 14.59
CA ALA J 192 -17.78 -1.48 13.79
C ALA J 192 -19.23 -1.44 13.50
N ILE J 193 -20.00 -1.12 14.50
CA ILE J 193 -21.45 -1.02 14.35
C ILE J 193 -21.83 0.06 13.35
N GLU J 194 -21.19 1.25 13.45
CA GLU J 194 -21.51 2.30 12.55
C GLU J 194 -21.13 1.89 11.13
N ALA J 195 -19.99 1.24 11.00
CA ALA J 195 -19.51 0.84 9.68
C ALA J 195 -20.37 -0.21 9.04
N LEU J 196 -20.79 -1.19 9.84
CA LEU J 196 -21.71 -2.17 9.34
C LEU J 196 -23.05 -1.50 8.85
N ALA J 197 -23.57 -0.59 9.65
CA ALA J 197 -24.75 0.15 9.21
C ALA J 197 -24.51 0.92 7.93
N ASP J 198 -23.39 1.59 7.85
CA ASP J 198 -23.05 2.36 6.63
C ASP J 198 -22.95 1.42 5.42
N GLY J 199 -22.40 0.22 5.66
CA GLY J 199 -22.34 -0.82 4.62
C GLY J 199 -23.73 -1.23 4.17
N GLY J 200 -24.60 -1.46 5.11
CA GLY J 200 -26.01 -1.76 4.76
C GLY J 200 -26.68 -0.69 3.89
N VAL J 201 -26.49 0.57 4.29
CA VAL J 201 -27.02 1.71 3.55
C VAL J 201 -26.35 1.75 2.14
N ALA J 202 -25.06 1.47 2.09
CA ALA J 202 -24.35 1.45 0.81
C ALA J 202 -24.88 0.35 -0.12
N ALA J 203 -25.38 -0.73 0.47
CA ALA J 203 -26.00 -1.83 -0.27
C ALA J 203 -27.49 -1.62 -0.47
N GLY J 204 -28.02 -0.46 -0.11
CA GLY J 204 -29.40 -0.12 -0.43
C GLY J 204 -30.39 -0.24 0.75
N LEU J 205 -29.95 -0.54 1.98
CA LEU J 205 -30.90 -0.57 3.11
C LEU J 205 -31.27 0.77 3.69
N PRO J 206 -32.51 0.92 4.15
CA PRO J 206 -32.85 2.09 4.98
C PRO J 206 -31.94 2.19 6.21
N ARG J 207 -31.61 3.41 6.57
CA ARG J 207 -30.74 3.68 7.71
C ARG J 207 -31.22 3.09 9.02
N ASP J 208 -32.48 3.31 9.35
CA ASP J 208 -32.92 2.80 10.69
C ASP J 208 -32.76 1.30 10.78
N LEU J 209 -33.17 0.62 9.73
CA LEU J 209 -33.09 -0.80 9.73
C LEU J 209 -31.63 -1.27 9.71
N ALA J 210 -30.82 -0.59 8.93
CA ALA J 210 -29.37 -0.92 8.89
C ALA J 210 -28.72 -0.85 10.24
N LEU J 211 -29.01 0.18 10.95
CA LEU J 211 -28.42 0.36 12.26
C LEU J 211 -28.96 -0.69 13.26
N SER J 212 -30.29 -0.91 13.24
CA SER J 212 -30.92 -1.92 14.13
C SER J 212 -30.33 -3.28 13.86
N LEU J 213 -30.17 -3.60 12.58
CA LEU J 213 -29.57 -4.91 12.24
C LEU J 213 -28.12 -5.03 12.68
N ALA J 214 -27.39 -3.96 12.46
CA ALA J 214 -25.97 -3.98 12.83
C ALA J 214 -25.81 -4.26 14.30
N SER J 215 -26.53 -3.51 15.14
CA SER J 215 -26.37 -3.68 16.59
C SER J 215 -26.75 -5.06 17.05
N GLN J 216 -27.83 -5.59 16.53
CA GLN J 216 -28.32 -6.87 16.98
C GLN J 216 -27.47 -8.02 16.44
N THR J 217 -26.93 -7.84 15.23
CA THR J 217 -26.01 -8.82 14.67
C THR J 217 -24.77 -8.98 15.54
N VAL J 218 -24.21 -7.86 15.98
CA VAL J 218 -23.06 -7.88 16.85
C VAL J 218 -23.46 -8.50 18.21
N LEU J 219 -24.59 -8.09 18.78
CA LEU J 219 -25.06 -8.66 20.06
C LEU J 219 -25.23 -10.18 20.01
N GLY J 220 -25.85 -10.63 18.93
CA GLY J 220 -26.06 -12.05 18.73
C GLY J 220 -24.81 -12.85 18.57
N ALA J 221 -23.89 -12.37 17.73
CA ALA J 221 -22.67 -13.07 17.54
C ALA J 221 -21.88 -13.19 18.85
N ALA J 222 -21.87 -12.12 19.65
CA ALA J 222 -21.14 -12.13 20.89
C ALA J 222 -21.79 -13.04 21.89
N SER J 223 -23.13 -13.13 21.83
CA SER J 223 -23.84 -14.11 22.72
C SER J 223 -23.57 -15.55 22.35
N MET J 224 -23.46 -15.80 21.05
CA MET J 224 -23.03 -17.13 20.59
C MET J 224 -21.61 -17.47 21.10
N ALA J 225 -20.69 -16.51 20.98
CA ALA J 225 -19.33 -16.75 21.38
C ALA J 225 -19.28 -16.95 22.92
N THR J 226 -20.09 -16.22 23.65
CA THR J 226 -20.13 -16.39 25.07
C THR J 226 -20.76 -17.70 25.55
N GLN J 227 -21.84 -18.11 24.92
CA GLN J 227 -22.58 -19.30 25.41
C GLN J 227 -22.20 -20.61 24.79
N SER J 228 -21.62 -20.61 23.60
CA SER J 228 -21.56 -21.85 22.83
C SER J 228 -20.47 -22.81 23.28
N GLY J 229 -19.52 -22.35 24.00
CA GLY J 229 -18.37 -23.17 24.30
C GLY J 229 -17.47 -23.44 23.07
N LYS J 230 -17.66 -22.75 21.96
CA LYS J 230 -16.85 -22.98 20.80
C LYS J 230 -15.78 -21.93 20.56
N HIS J 231 -14.71 -22.34 19.91
CA HIS J 231 -13.70 -21.41 19.47
C HIS J 231 -14.30 -20.52 18.41
N PRO J 232 -13.95 -19.24 18.37
CA PRO J 232 -14.47 -18.35 17.29
C PRO J 232 -14.24 -18.80 15.88
N GLY J 233 -13.14 -19.48 15.62
CA GLY J 233 -12.92 -20.15 14.31
C GLY J 233 -13.95 -21.21 13.94
N GLN J 234 -14.37 -21.96 14.94
CA GLN J 234 -15.39 -22.93 14.72
C GLN J 234 -16.75 -22.27 14.44
N LEU J 235 -17.06 -21.21 15.14
CA LEU J 235 -18.27 -20.47 14.91
C LEU J 235 -18.27 -19.87 13.51
N LYS J 236 -17.15 -19.33 13.10
CA LYS J 236 -17.00 -18.82 11.72
C LYS J 236 -17.19 -19.96 10.71
N ASP J 237 -16.62 -21.12 10.99
CA ASP J 237 -16.85 -22.28 10.13
C ASP J 237 -18.31 -22.65 10.04
N ASP J 238 -19.00 -22.60 11.16
CA ASP J 238 -20.42 -22.96 11.18
C ASP J 238 -21.24 -22.12 10.24
N VAL J 239 -20.90 -20.86 10.01
CA VAL J 239 -21.76 -20.00 9.18
C VAL J 239 -21.23 -19.72 7.82
N THR J 240 -20.02 -20.21 7.49
CA THR J 240 -19.52 -19.98 6.14
C THR J 240 -19.86 -21.12 5.16
N SER J 241 -21.04 -21.06 4.58
CA SER J 241 -21.42 -22.12 3.67
C SER J 241 -20.65 -22.01 2.35
N PRO J 242 -20.48 -23.14 1.66
CA PRO J 242 -19.58 -23.18 0.46
C PRO J 242 -19.95 -22.18 -0.58
N GLY J 243 -19.02 -21.32 -0.98
CA GLY J 243 -19.25 -20.36 -2.05
C GLY J 243 -20.37 -19.39 -1.76
N GLY J 244 -20.76 -19.23 -0.51
CA GLY J 244 -21.89 -18.39 -0.16
C GLY J 244 -21.61 -16.92 0.14
N THR J 245 -22.61 -16.24 0.72
CA THR J 245 -22.49 -14.83 0.95
C THR J 245 -21.50 -14.53 2.08
N THR J 246 -21.54 -15.37 3.09
CA THR J 246 -20.73 -15.16 4.28
C THR J 246 -19.23 -15.26 3.95
N ILE J 247 -18.82 -16.28 3.24
CA ILE J 247 -17.38 -16.42 2.89
C ILE J 247 -16.95 -15.35 1.91
N ALA J 248 -17.85 -14.85 1.09
CA ALA J 248 -17.49 -13.69 0.23
C ALA J 248 -17.15 -12.48 1.09
N GLY J 249 -17.93 -12.25 2.14
CA GLY J 249 -17.68 -11.11 3.04
C GLY J 249 -16.41 -11.33 3.86
N VAL J 250 -16.28 -12.51 4.42
CA VAL J 250 -15.06 -12.86 5.15
C VAL J 250 -13.80 -12.69 4.28
N HIS J 251 -13.82 -13.16 3.03
CA HIS J 251 -12.70 -13.02 2.14
C HIS J 251 -12.32 -11.54 1.98
N GLU J 252 -13.29 -10.61 1.88
CA GLU J 252 -12.95 -9.21 1.83
C GLU J 252 -12.23 -8.76 3.08
N LEU J 253 -12.71 -9.19 4.22
CA LEU J 253 -12.05 -8.85 5.46
C LEU J 253 -10.61 -9.35 5.51
N GLU J 254 -10.37 -10.58 5.08
CA GLU J 254 -9.04 -11.12 5.09
C GLU J 254 -8.10 -10.45 4.04
N LYS J 255 -8.61 -10.11 2.89
CA LYS J 255 -7.80 -9.40 1.87
C LYS J 255 -7.22 -8.13 2.47
N ALA J 256 -8.01 -7.50 3.34
CA ALA J 256 -7.62 -6.23 3.88
C ALA J 256 -6.87 -6.32 5.18
N GLY J 257 -6.69 -7.52 5.73
CA GLY J 257 -5.95 -7.66 6.99
C GLY J 257 -6.74 -7.16 8.21
N PHE J 258 -8.05 -7.33 8.17
CA PHE J 258 -8.97 -7.00 9.23
C PHE J 258 -8.51 -7.45 10.62
N ARG J 259 -8.13 -8.68 10.73
CA ARG J 259 -7.70 -9.20 12.01
C ARG J 259 -6.48 -8.44 12.58
N GLY J 260 -5.50 -8.20 11.71
CA GLY J 260 -4.27 -7.51 12.09
C GLY J 260 -4.54 -6.06 12.52
N ILE J 261 -5.56 -5.46 11.93
CA ILE J 261 -5.95 -4.09 12.30
C ILE J 261 -6.49 -4.04 13.71
N LEU J 262 -7.34 -4.97 14.05
CA LEU J 262 -7.81 -5.06 15.45
C LEU J 262 -6.73 -5.40 16.42
N MET J 263 -5.80 -6.27 16.04
CA MET J 263 -4.64 -6.50 16.86
C MET J 263 -3.86 -5.22 17.10
N ASN J 264 -3.59 -4.48 16.00
CA ASN J 264 -2.87 -3.23 16.09
C ASN J 264 -3.52 -2.29 17.12
N ALA J 265 -4.83 -2.21 17.13
CA ALA J 265 -5.56 -1.28 18.02
C ALA J 265 -5.37 -1.65 19.45
N VAL J 266 -5.50 -2.96 19.76
CA VAL J 266 -5.30 -3.44 21.14
C VAL J 266 -3.87 -3.17 21.62
N VAL J 267 -2.92 -3.47 20.77
CA VAL J 267 -1.53 -3.24 21.08
C VAL J 267 -1.23 -1.73 21.31
N ALA J 268 -1.77 -0.85 20.46
CA ALA J 268 -1.50 0.55 20.60
C ALA J 268 -2.10 1.09 21.85
N ALA J 269 -3.31 0.66 22.13
CA ALA J 269 -3.98 1.10 23.31
C ALA J 269 -3.26 0.64 24.59
N ALA J 270 -2.83 -0.60 24.63
CA ALA J 270 -2.03 -1.13 25.73
C ALA J 270 -0.71 -0.38 25.92
N LYS J 271 -0.03 -0.13 24.84
CA LYS J 271 1.18 0.69 24.88
C LYS J 271 0.92 2.10 25.40
N ARG J 272 -0.19 2.70 25.00
CA ARG J 272 -0.57 4.00 25.51
C ARG J 272 -0.82 3.94 27.02
N SER J 273 -1.48 2.88 27.47
CA SER J 273 -1.77 2.69 28.87
C SER J 273 -0.47 2.66 29.69
N GLN J 274 0.51 1.95 29.19
CA GLN J 274 1.79 1.86 29.83
C GLN J 274 2.46 3.22 29.85
N GLU J 275 2.39 3.95 28.76
CA GLU J 275 2.99 5.27 28.68
C GLU J 275 2.37 6.25 29.61
N LEU J 276 1.10 6.11 29.87
CA LEU J 276 0.44 7.07 30.76
C LEU J 276 0.66 6.77 32.22
N SER J 277 1.17 5.62 32.55
CA SER J 277 0.83 5.14 33.89
C SER J 277 2.11 4.71 34.47
PA NAP K . 3.71 -38.47 -17.44
O1A NAP K . 4.71 -38.79 -16.49
O2A NAP K . 4.07 -37.68 -18.56
O5B NAP K . 3.07 -39.81 -17.99
C5B NAP K . 2.22 -39.86 -19.12
C4B NAP K . 2.55 -41.09 -19.96
O4B NAP K . 1.63 -41.32 -20.98
C3B NAP K . 3.90 -40.93 -20.62
O3B NAP K . 4.65 -41.99 -20.14
C2B NAP K . 3.62 -41.03 -22.12
O2B NAP K . 4.69 -41.68 -22.80
C1B NAP K . 2.33 -41.82 -22.07
N9A NAP K . 1.48 -41.80 -23.28
C8A NAP K . 1.33 -40.82 -24.17
N7A NAP K . 0.46 -41.17 -25.13
C5A NAP K . 0.03 -42.37 -24.83
C6A NAP K . -0.91 -43.34 -25.43
N6A NAP K . -1.54 -42.99 -26.53
N1A NAP K . -1.07 -44.50 -24.80
C2A NAP K . -0.42 -44.79 -23.69
N3A NAP K . 0.42 -43.99 -23.10
C4A NAP K . 0.70 -42.79 -23.62
O3 NAP K . 2.45 -37.82 -16.73
PN NAP K . 2.13 -37.93 -15.20
O1N NAP K . 2.72 -36.87 -14.46
O2N NAP K . 2.37 -39.25 -14.75
O5D NAP K . 0.61 -37.51 -15.29
C5D NAP K . -0.42 -38.40 -15.64
C4D NAP K . -1.79 -37.90 -15.23
O4D NAP K . -1.89 -37.79 -13.84
C3D NAP K . -2.09 -36.55 -15.86
O3D NAP K . -3.35 -36.46 -16.48
C2D NAP K . -2.01 -35.61 -14.66
O2D NAP K . -2.91 -34.55 -14.84
C1D NAP K . -2.40 -36.51 -13.52
N1N NAP K . -1.92 -36.06 -12.23
C2N NAP K . -0.62 -36.07 -11.96
C3N NAP K . -0.16 -35.64 -10.73
C7N NAP K . 1.32 -35.72 -10.52
O7N NAP K . 1.80 -35.44 -9.47
N7N NAP K . 2.07 -36.13 -11.51
C4N NAP K . -1.07 -35.17 -9.76
C5N NAP K . -2.43 -35.15 -10.04
C6N NAP K . -2.78 -35.60 -11.32
P2B NAP K . 5.63 -41.01 -23.86
O1X NAP K . 6.36 -42.16 -24.32
O2X NAP K . 4.73 -40.47 -24.89
O3X NAP K . 6.29 -40.00 -23.09
S1 MPO L . -0.97 -32.08 -16.42
O1 MPO L . -2.47 -31.99 -16.06
O2 MPO L . -0.80 -31.73 -17.69
O4 MPO L . -2.75 -30.23 -9.56
N1 MPO L . -1.63 -30.11 -12.11
C1 MPO L . -0.15 -30.91 -15.52
O3 MPO L . -0.39 -33.26 -16.16
C2 MPO L . -0.39 -31.04 -14.02
C3 MPO L . -1.63 -30.31 -13.57
C4 MPO L . -1.62 -31.37 -11.36
C5 MPO L . -1.69 -31.11 -9.86
C6 MPO L . -2.76 -29.01 -10.24
C7 MPO L . -2.71 -29.22 -11.73
CL CL M . 5.20 -18.34 22.52
PA NAP N . 2.72 -28.03 31.61
O1A NAP N . 2.05 -29.03 30.85
O2A NAP N . 1.99 -26.97 32.23
O5B NAP N . 3.60 -28.73 32.65
C5B NAP N . 4.07 -28.08 33.79
C4B NAP N . 4.09 -29.08 34.92
O4B NAP N . 4.92 -28.69 36.00
C3B NAP N . 2.68 -29.14 35.45
O3B NAP N . 2.44 -30.52 35.59
C2B NAP N . 2.77 -28.43 36.78
O2B NAP N . 1.98 -29.04 37.73
C1B NAP N . 4.18 -28.76 37.19
N9A NAP N . 4.76 -27.96 38.27
C8A NAP N . 4.49 -26.73 38.66
N7A NAP N . 5.29 -26.34 39.64
C5A NAP N . 6.08 -27.37 39.94
C6A NAP N . 7.15 -27.66 40.90
N6A NAP N . 7.56 -26.78 41.80
N1A NAP N . 7.71 -28.84 40.86
C2A NAP N . 7.32 -29.75 39.98
N3A NAP N . 6.37 -29.56 39.09
C4A NAP N . 5.71 -28.42 39.03
O3 NAP N . 3.86 -27.42 30.70
PN NAP N . 4.45 -28.04 29.38
O1N NAP N . 3.60 -27.59 28.35
O2N NAP N . 4.66 -29.42 29.62
O5D NAP N . 5.80 -27.28 29.21
C5D NAP N . 6.92 -27.63 29.97
C4D NAP N . 8.20 -26.95 29.54
O4D NAP N . 8.58 -27.37 28.25
C3D NAP N . 8.11 -25.45 29.52
O3D NAP N . 9.31 -24.92 30.00
C2D NAP N . 7.93 -25.12 28.05
O2D NAP N . 8.58 -23.94 27.68
C1D NAP N . 8.69 -26.25 27.39
N1N NAP N . 8.25 -26.50 26.03
C2N NAP N . 7.02 -26.97 25.82
C3N NAP N . 6.60 -27.23 24.54
C7N NAP N . 5.24 -27.75 24.35
O7N NAP N . 4.84 -27.91 23.23
N7N NAP N . 4.49 -27.99 25.38
C4N NAP N . 7.42 -26.96 23.46
C5N NAP N . 8.68 -26.47 23.69
C6N NAP N . 9.05 -26.26 25.02
P2B NAP N . 0.65 -28.40 38.18
O1X NAP N . 0.06 -29.46 38.97
O2X NAP N . 1.09 -27.35 39.07
O3X NAP N . -0.14 -28.00 37.05
S1 MPO O . 6.08 -21.56 28.08
O1 MPO O . 7.59 -21.46 27.66
O2 MPO O . 5.71 -20.67 29.10
O4 MPO O . 8.19 -22.33 21.09
N1 MPO O . 6.89 -21.26 23.33
C1 MPO O . 5.25 -21.00 26.74
O3 MPO O . 5.73 -22.83 28.42
C2 MPO O . 5.80 -21.69 25.51
C3 MPO O . 6.74 -20.79 24.72
C4 MPO O . 7.33 -22.65 23.30
C5 MPO O . 7.36 -23.15 21.86
C6 MPO O . 7.89 -20.94 21.10
C7 MPO O . 7.81 -20.41 22.54
CL CL P . -0.32 -27.00 -12.56
PA NAP Q . 16.33 -2.10 -38.95
O1A NAP Q . 17.62 -1.86 -38.40
O2A NAP Q . 15.36 -1.08 -39.15
O5B NAP Q . 16.51 -2.87 -40.30
C5B NAP Q . 15.42 -2.97 -41.21
C4B NAP Q . 15.89 -2.77 -42.64
O4B NAP Q . 14.95 -3.20 -43.61
C3B NAP Q . 16.19 -1.32 -42.95
O3B NAP Q . 17.52 -1.34 -43.32
C2B NAP Q . 15.28 -0.93 -44.09
O2B NAP Q . 15.90 -0.02 -44.98
C1B NAP Q . 15.08 -2.33 -44.70
N9A NAP Q . 13.95 -2.47 -45.63
C8A NAP Q . 12.77 -1.90 -45.59
N7A NAP Q . 12.00 -2.28 -46.61
C5A NAP Q . 12.70 -3.14 -47.32
C6A NAP Q . 12.49 -3.95 -48.52
N6A NAP Q . 11.34 -3.86 -49.14
N1A NAP Q . 13.47 -4.72 -48.92
C2A NAP Q . 14.61 -4.78 -48.28
N3A NAP Q . 14.87 -4.09 -47.18
C4A NAP Q . 13.98 -3.27 -46.67
O3 NAP Q . 15.61 -3.22 -38.05
PN NAP Q . 16.26 -4.34 -37.17
O1N NAP Q . 16.36 -3.86 -35.82
O2N NAP Q . 17.45 -4.90 -37.68
O5D NAP Q . 15.06 -5.34 -37.20
C5D NAP Q . 14.94 -6.39 -38.13
C4D NAP Q . 14.00 -7.53 -37.67
O4D NAP Q . 14.57 -8.29 -36.63
C3D NAP Q . 12.66 -7.03 -37.18
O3D NAP Q . 11.61 -7.80 -37.69
C2D NAP Q . 12.74 -7.19 -35.69
O2D NAP Q . 11.46 -7.47 -35.17
C1D NAP Q . 13.69 -8.34 -35.53
N1N NAP Q . 14.37 -8.36 -34.26
C2N NAP Q . 15.24 -7.41 -33.97
C3N NAP Q . 15.88 -7.39 -32.73
C7N NAP Q . 16.89 -6.33 -32.49
O7N NAP Q . 17.50 -6.33 -31.47
N7N NAP Q . 17.12 -5.40 -33.39
C4N NAP Q . 15.61 -8.40 -31.80
C5N NAP Q . 14.69 -9.37 -32.12
C6N NAP Q . 14.09 -9.32 -33.37
P2B NAP Q . 15.54 1.49 -45.18
O1X NAP Q . 16.36 1.90 -46.32
O2X NAP Q . 14.16 1.60 -45.55
O3X NAP Q . 15.71 2.04 -43.87
S1 MPO R . 10.03 -4.24 -34.33
O1 MPO R . 11.26 -4.41 -34.87
O2 MPO R . 9.30 -3.32 -35.03
O4 MPO R . 11.68 -8.43 -28.42
N1 MPO R . 10.99 -6.19 -29.98
C1 MPO R . 10.18 -3.66 -32.76
O3 MPO R . 9.36 -5.62 -34.25
C2 MPO R . 11.09 -4.48 -31.85
C3 MPO R . 10.34 -5.61 -31.16
C4 MPO R . 12.08 -7.08 -30.36
C5 MPO R . 12.69 -7.75 -29.14
C6 MPO R . 10.63 -7.61 -27.97
C7 MPO R . 9.98 -6.87 -29.13
CL CL S . 26.57 -12.43 3.19
PA NAP T . 36.62 -21.35 2.76
O1A NAP T . 36.44 -22.04 1.48
O2A NAP T . 35.94 -21.75 3.96
O5B NAP T . 38.16 -21.38 3.05
C5B NAP T . 38.74 -21.14 4.32
C4B NAP T . 39.97 -22.03 4.42
O4B NAP T . 40.86 -21.65 5.44
C3B NAP T . 39.58 -23.45 4.71
O3B NAP T . 40.25 -24.31 3.82
C2B NAP T . 40.04 -23.70 6.13
O2B NAP T . 40.41 -25.04 6.40
C1B NAP T . 41.26 -22.80 6.13
N9A NAP T . 41.73 -22.43 7.45
C8A NAP T . 41.07 -22.31 8.59
N7A NAP T . 41.90 -21.93 9.57
C5A NAP T . 43.10 -21.80 9.05
C6A NAP T . 44.44 -21.44 9.49
N6A NAP T . 44.64 -21.14 10.75
N1A NAP T . 45.44 -21.43 8.65
C2A NAP T . 45.26 -21.74 7.39
N3A NAP T . 44.08 -22.10 6.89
C4A NAP T . 42.99 -22.14 7.65
O3 NAP T . 36.27 -19.82 2.59
PN NAP T . 36.27 -19.02 1.25
O1N NAP T . 34.93 -19.00 0.70
O2N NAP T . 37.41 -19.36 0.44
O5D NAP T . 36.48 -17.62 1.93
C5D NAP T . 37.75 -17.09 2.22
C4D NAP T . 37.75 -15.56 2.31
O4D NAP T . 37.35 -14.91 1.11
C3D NAP T . 36.81 -15.12 3.39
O3D NAP T . 37.51 -14.15 4.14
C2D NAP T . 35.67 -14.48 2.63
O2D NAP T . 35.06 -13.44 3.37
C1D NAP T . 36.35 -13.97 1.37
N1N NAP T . 35.43 -13.81 0.27
C2N NAP T . 34.94 -14.89 -0.31
C3N NAP T . 34.06 -14.79 -1.36
C7N NAP T . 33.55 -16.04 -1.99
O7N NAP T . 32.81 -15.93 -2.89
N7N NAP T . 33.96 -17.22 -1.57
C4N NAP T . 33.68 -13.53 -1.80
C5N NAP T . 34.21 -12.41 -1.19
C6N NAP T . 35.08 -12.60 -0.15
P2B NAP T . 39.43 -26.08 7.07
O1X NAP T . 40.27 -27.30 7.07
O2X NAP T . 39.12 -25.73 8.46
O3X NAP T . 38.23 -25.98 6.26
S1 MPO U . 32.13 -14.74 5.26
O1 MPO U . 32.59 -13.28 5.42
O2 MPO U . 32.09 -15.20 6.55
O4 MPO U . 29.96 -10.32 -0.19
N1 MPO U . 29.83 -12.18 1.94
C1 MPO U . 30.60 -14.86 4.60
O3 MPO U . 33.05 -15.49 4.56
C2 MPO U . 30.52 -14.24 3.21
C3 MPO U . 30.26 -12.75 3.22
C4 MPO U . 30.88 -12.30 0.93
C5 MPO U . 30.49 -11.61 -0.37
C6 MPO U . 28.91 -10.25 0.76
C7 MPO U . 29.34 -10.82 2.11
CL CL V . 9.39 -3.68 -27.93
PA NAP W . -10.85 30.54 -27.44
O1A NAP W . -9.94 31.47 -26.83
O2A NAP W . -12.12 30.29 -26.82
O5B NAP W . -11.17 30.96 -28.88
C5B NAP W . -12.30 30.55 -29.61
C4B NAP W . -12.77 31.72 -30.43
O4B NAP W . -13.63 31.35 -31.47
C3B NAP W . -13.56 32.66 -29.59
O3B NAP W . -12.98 33.92 -29.78
C2B NAP W . -14.98 32.54 -30.11
O2B NAP W . -15.68 33.74 -30.01
C1B NAP W . -14.69 32.27 -31.55
N9A NAP W . -15.79 31.64 -32.30
C8A NAP W . -16.76 30.88 -31.82
N7A NAP W . -17.55 30.44 -32.80
C5A NAP W . -17.08 30.90 -33.92
C6A NAP W . -17.47 30.81 -35.33
N6A NAP W . -18.55 30.10 -35.70
N1A NAP W . -16.71 31.46 -36.20
C2A NAP W . -15.65 32.17 -35.82
N3A NAP W . -15.25 32.30 -34.59
C4A NAP W . -15.92 31.70 -33.60
O3 NAP W . -10.16 29.16 -27.64
PN NAP W . -8.61 28.83 -27.70
O1N NAP W . -8.08 28.51 -26.41
O2N NAP W . -8.01 29.87 -28.48
O5D NAP W . -8.60 27.49 -28.50
C5D NAP W . -8.64 27.47 -29.88
C4D NAP W . -8.36 26.10 -30.43
O4D NAP W . -6.99 25.86 -30.19
C3D NAP W . -9.17 25.02 -29.74
O3D NAP W . -9.63 24.11 -30.70
C2D NAP W . -8.18 24.31 -28.85
O2D NAP W . -8.36 22.93 -28.80
C1D NAP W . -6.86 24.60 -29.55
N1N NAP W . -5.75 24.57 -28.62
C2N NAP W . -5.64 25.52 -27.73
C3N NAP W . -4.61 25.52 -26.83
C7N NAP W . -4.50 26.62 -25.81
O7N NAP W . -3.64 26.54 -25.00
N7N NAP W . -5.37 27.59 -25.79
C4N NAP W . -3.71 24.51 -26.86
C5N NAP W . -3.86 23.52 -27.80
C6N NAP W . -4.93 23.57 -28.67
P2B NAP W . -16.54 34.14 -28.80
O1X NAP W . -15.63 35.05 -28.13
O2X NAP W . -17.73 34.73 -29.34
O3X NAP W . -16.75 32.89 -28.07
S1 MPO X . -10.60 22.52 -25.87
O1 MPO X . -10.24 23.78 -26.24
O2 MPO X . -11.96 22.47 -25.89
O4 MPO X . -4.01 19.57 -24.63
N1 MPO X . -6.58 20.71 -24.24
C1 MPO X . -10.10 22.29 -24.30
O3 MPO X . -9.93 21.58 -26.88
C2 MPO X . -8.58 22.21 -24.15
C3 MPO X . -7.91 21.00 -24.77
C4 MPO X . -5.55 21.41 -24.99
C5 MPO X . -4.13 20.97 -24.61
C6 MPO X . -4.96 18.84 -23.90
C7 MPO X . -6.39 19.26 -24.28
CL CL Y . 24.45 15.94 -4.29
PA NAP Z . 35.23 20.74 -9.74
O1A NAP Z . 34.84 20.82 -11.10
O2A NAP Z . 35.75 19.49 -9.27
O5B NAP Z . 36.30 21.86 -9.45
C5B NAP Z . 37.16 21.99 -8.34
C4B NAP Z . 38.52 22.51 -8.81
O4B NAP Z . 39.35 22.90 -7.73
C3B NAP Z . 39.32 21.51 -9.60
O3B NAP Z . 39.70 22.14 -10.79
C2B NAP Z . 40.53 21.19 -8.75
O2B NAP Z . 41.71 20.90 -9.49
C1B NAP Z . 40.68 22.51 -8.03
N9A NAP Z . 41.48 22.49 -6.82
C8A NAP Z . 41.63 21.50 -5.97
N7A NAP Z . 42.38 21.85 -4.92
C5A NAP Z . 42.70 23.10 -5.09
C6A NAP Z . 43.49 24.08 -4.34
N6A NAP Z . 44.11 23.78 -3.20
N1A NAP Z . 43.58 25.28 -4.86
C2A NAP Z . 42.99 25.61 -6.00
N3A NAP Z . 42.26 24.79 -6.72
C4A NAP Z . 42.10 23.52 -6.33
O3 NAP Z . 34.04 21.16 -8.79
PN NAP Z . 32.77 22.05 -9.15
O1N NAP Z . 31.73 21.21 -9.63
O2N NAP Z . 33.11 23.14 -10.00
O5D NAP Z . 32.42 22.56 -7.72
C5D NAP Z . 32.90 23.76 -7.16
C4D NAP Z . 32.06 24.23 -5.98
O4D NAP Z . 30.81 24.69 -6.41
C3D NAP Z . 31.85 23.09 -4.99
O3D NAP Z . 32.12 23.54 -3.70
C2D NAP Z . 30.37 22.77 -5.15
O2D NAP Z . 29.80 22.38 -3.93
C1D NAP Z . 29.78 24.06 -5.67
N1N NAP Z . 28.60 23.91 -6.50
C2N NAP Z . 28.70 23.33 -7.68
C3N NAP Z . 27.59 23.15 -8.50
C7N NAP Z . 27.76 22.49 -9.83
O7N NAP Z . 26.79 22.31 -10.51
N7N NAP Z . 28.93 22.12 -10.29
C4N NAP Z . 26.35 23.61 -8.07
C5N NAP Z . 26.26 24.22 -6.83
C6N NAP Z . 27.43 24.35 -6.07
P2B NAP Z . 42.16 19.43 -9.78
O1X NAP Z . 43.35 19.54 -10.62
O2X NAP Z . 42.41 18.99 -8.43
O3X NAP Z . 41.00 18.83 -10.40
S1 MPO AA . 30.14 18.84 -3.83
O1 MPO AA . 30.54 19.50 -4.93
O2 MPO AA . 29.62 19.72 -2.70
O4 MPO AA . 23.14 21.04 -4.88
N1 MPO AA . 25.38 19.31 -4.71
C1 MPO AA . 28.89 17.85 -4.34
O3 MPO AA . 31.11 18.01 -3.38
C2 MPO AA . 27.74 18.59 -5.04
C3 MPO AA . 26.65 18.98 -4.05
C4 MPO AA . 25.46 20.62 -5.38
C5 MPO AA . 24.09 21.09 -5.88
C6 MPO AA . 22.97 19.75 -4.30
C7 MPO AA . 24.28 19.19 -3.75
CL CL BA . -7.95 19.35 -21.20
PA NAP CA . -39.84 14.92 2.68
O1A NAP CA . -39.60 15.63 3.94
O2A NAP CA . -39.96 13.50 2.81
O5B NAP CA . -41.06 15.60 1.97
C5B NAP CA . -41.90 15.00 1.00
C4B NAP CA . -43.39 15.29 1.31
O4B NAP CA . -44.26 15.00 0.23
C3B NAP CA . -43.92 14.47 2.47
O3B NAP CA . -44.35 15.45 3.39
C2B NAP CA . -45.06 13.65 1.91
O2B NAP CA . -46.11 13.53 2.82
C1B NAP CA . -45.49 14.54 0.76
N9A NAP CA . -46.23 13.85 -0.32
C8A NAP CA . -46.11 12.57 -0.64
N7A NAP CA . -46.90 12.28 -1.67
C5A NAP CA . -47.53 13.37 -2.04
C6A NAP CA . -48.51 13.72 -3.08
N6A NAP CA . -48.99 12.80 -3.95
N1A NAP CA . -48.89 14.99 -3.12
C2A NAP CA . -48.43 15.91 -2.25
N3A NAP CA . -47.56 15.65 -1.29
C4A NAP CA . -47.09 14.42 -1.14
O3 NAP CA . -38.73 15.09 1.60
PN NAP CA . -37.72 16.33 1.49
O1N NAP CA . -36.53 15.96 2.19
O2N NAP CA . -38.38 17.59 1.63
O5D NAP CA . -37.44 16.17 -0.04
C5D NAP CA . -38.22 16.84 -0.99
C4D NAP CA . -37.54 16.86 -2.34
O4D NAP CA . -36.47 17.78 -2.36
C3D NAP CA . -37.02 15.52 -2.80
O3D NAP CA . -37.38 15.38 -4.14
C2D NAP CA . -35.51 15.68 -2.73
O2D NAP CA . -34.77 14.92 -3.68
C1D NAP CA . -35.33 17.19 -2.91
N1N NAP CA . -34.15 17.61 -2.21
C2N NAP CA . -34.11 17.60 -0.88
C3N NAP CA . -32.95 17.98 -0.21
C7N NAP CA . -32.89 17.98 1.27
O7N NAP CA . -31.90 18.45 1.76
N7N NAP CA . -33.90 17.54 2.00
C4N NAP CA . -31.85 18.37 -0.94
C5N NAP CA . -31.92 18.36 -2.30
C6N NAP CA . -33.10 17.97 -2.91
P2B NAP CA . -46.29 12.31 3.85
O1X NAP CA . -47.52 12.78 4.52
O2X NAP CA . -46.52 11.09 3.05
O3X NAP CA . -45.11 12.19 4.67
S1 MPO DA . -34.23 11.61 -2.23
O1 MPO DA . -34.82 12.63 -1.57
O2 MPO DA . -34.07 12.00 -3.74
O4 MPO DA . -28.01 15.39 -3.04
N1 MPO DA . -29.76 13.48 -2.15
C1 MPO DA . -32.77 11.21 -1.53
O3 MPO DA . -35.00 10.48 -2.13
C2 MPO DA . -31.84 12.38 -1.26
C3 MPO DA . -30.93 12.65 -2.45
C4 MPO DA . -30.11 14.90 -2.15
C5 MPO DA . -28.83 15.72 -1.97
C6 MPO DA . -27.52 14.08 -2.99
C7 MPO DA . -28.69 13.11 -3.11
CL CL EA . 2.05 27.56 10.59
PA NAP FA . 2.23 40.71 11.27
O1A NAP FA . 1.19 41.07 10.36
O2A NAP FA . 3.50 40.43 10.69
O5B NAP FA . 2.32 41.82 12.36
C5B NAP FA . 3.46 41.97 13.17
C4B NAP FA . 3.81 43.43 13.39
O4B NAP FA . 4.75 43.59 14.41
C3B NAP FA . 4.41 44.03 12.15
O3B NAP FA . 3.57 45.10 11.79
C2B NAP FA . 5.83 44.43 12.50
O2B NAP FA . 6.23 45.66 11.95
C1B NAP FA . 5.61 44.66 13.97
N9A NAP FA . 6.79 44.68 14.81
C8A NAP FA . 7.89 43.99 14.67
N7A NAP FA . 8.71 44.24 15.67
C5A NAP FA . 8.12 45.10 16.48
C6A NAP FA . 8.46 45.78 17.73
N6A NAP FA . 9.62 45.56 18.32
N1A NAP FA . 7.52 46.59 18.23
C2A NAP FA . 6.37 46.80 17.62
N3A NAP FA . 6.01 46.23 16.49
C4A NAP FA . 6.84 45.38 15.90
O3 NAP FA . 1.89 39.42 12.11
PN NAP FA . 0.40 38.91 12.37
O1N NAP FA . 0.01 38.14 11.23
O2N NAP FA . -0.46 39.97 12.78
O5D NAP FA . 0.71 37.98 13.56
C5D NAP FA . 0.79 38.54 14.83
C4D NAP FA . 0.78 37.51 15.94
O4D NAP FA . -0.47 36.88 15.98
C3D NAP FA . 1.81 36.42 15.73
O3D NAP FA . 2.48 36.17 16.91
C2D NAP FA . 0.98 35.20 15.34
O2D NAP FA . 1.54 34.00 15.75
C1D NAP FA . -0.36 35.48 15.99
N1N NAP FA . -1.40 34.83 15.23
C2N NAP FA . -1.74 35.26 14.02
C3N NAP FA . -2.71 34.62 13.30
C7N NAP FA . -3.09 35.10 11.95
O7N NAP FA . -3.89 34.49 11.34
N7N NAP FA . -2.51 36.14 11.42
C4N NAP FA . -3.32 33.51 13.85
C5N NAP FA . -2.98 33.07 15.09
C6N NAP FA . -2.00 33.77 15.77
P2B NAP FA . 6.74 45.79 10.48
O1X NAP FA . 7.39 47.11 10.47
O2X NAP FA . 7.69 44.69 10.32
O3X NAP FA . 5.54 45.78 9.68
S1 MPO GA . 3.80 33.13 13.12
O1 MPO GA . 3.18 34.33 12.99
O2 MPO GA . 5.14 33.27 12.89
O4 MPO GA . -1.86 28.37 13.82
N1 MPO GA . 0.49 29.57 12.79
C1 MPO GA . 3.23 32.08 11.92
O3 MPO GA . 3.64 32.48 14.48
C2 MPO GA . 1.78 31.62 12.11
C3 MPO GA . 1.71 30.37 12.97
C4 MPO GA . -0.73 30.38 13.05
C5 MPO GA . -2.01 29.50 12.99
C6 MPO GA . -0.78 27.55 13.44
C7 MPO GA . 0.53 28.32 13.55
CL CL HA . -28.09 10.56 -1.33
PA NAP IA . -30.30 -28.19 8.47
O1A NAP IA . -29.92 -28.16 9.85
O2A NAP IA . -29.46 -28.89 7.55
O5B NAP IA . -31.79 -28.61 8.36
C5B NAP IA . -32.36 -29.13 7.17
C4B NAP IA . -33.27 -30.34 7.42
O4B NAP IA . -34.08 -30.62 6.29
C3B NAP IA . -32.49 -31.61 7.68
O3B NAP IA . -32.93 -32.15 8.91
C2B NAP IA . -32.79 -32.52 6.48
O2B NAP IA . -32.79 -33.89 6.79
C1B NAP IA . -34.16 -32.02 6.12
N9A NAP IA . -34.68 -32.37 4.77
C8A NAP IA . -34.01 -32.49 3.65
N7A NAP IA . -34.84 -32.78 2.65
C5A NAP IA . -36.06 -32.79 3.13
C6A NAP IA . -37.40 -33.03 2.59
N6A NAP IA . -37.57 -33.30 1.30
N1A NAP IA . -38.42 -32.98 3.43
C2A NAP IA . -38.24 -32.71 4.70
N3A NAP IA . -37.05 -32.49 5.24
C4A NAP IA . -35.94 -32.52 4.53
O3 NAP IA . -30.45 -26.73 7.88
PN NAP IA . -30.62 -25.38 8.69
O1N NAP IA . -29.32 -25.03 9.10
O2N NAP IA . -31.62 -25.58 9.71
O5D NAP IA . -31.20 -24.40 7.60
C5D NAP IA . -32.53 -24.44 7.24
C4D NAP IA . -32.93 -23.24 6.43
O4D NAP IA . -32.88 -22.08 7.22
C3D NAP IA . -32.05 -23.02 5.24
O3D NAP IA . -32.92 -22.66 4.20
C2D NAP IA . -31.19 -21.84 5.62
O2D NAP IA . -30.86 -20.99 4.54
C1D NAP IA . -32.04 -21.11 6.63
N1N NAP IA . -31.27 -20.35 7.61
C2N NAP IA . -30.52 -20.96 8.51
C3N NAP IA . -29.82 -20.23 9.44
C7N NAP IA . -28.95 -20.91 10.47
O7N NAP IA . -28.36 -20.19 11.21
N7N NAP IA . -28.86 -22.22 10.50
C4N NAP IA . -29.90 -18.83 9.42
C5N NAP IA . -30.69 -18.24 8.50
C6N NAP IA . -31.37 -19.04 7.60
P2B NAP IA . -31.53 -34.80 6.59
O1X NAP IA . -32.02 -36.16 6.79
O2X NAP IA . -31.13 -34.57 5.22
O3X NAP IA . -30.51 -34.43 7.52
S1 MPO JA . -27.84 -22.49 3.46
O1 MPO JA . -28.41 -23.02 4.58
O2 MPO JA . -28.78 -21.44 2.88
O4 MPO JA . -27.01 -15.70 6.08
N1 MPO JA . -26.48 -18.23 5.15
C1 MPO JA . -26.37 -21.81 3.85
O3 MPO JA . -27.63 -23.52 2.59
C2 MPO JA . -26.43 -20.74 4.94
C3 MPO JA . -26.89 -19.40 4.40
C4 MPO JA . -27.42 -18.03 6.25
C5 MPO JA . -27.01 -16.77 7.01
C6 MPO JA . -26.05 -15.84 5.06
C7 MPO JA . -26.38 -17.06 4.24
CL CL KA . -9.52 6.37 27.14
PA NAP LA . -17.22 10.81 36.78
O1A NAP LA . -18.52 10.42 36.25
O2A NAP LA . -16.75 12.07 36.27
O5B NAP LA . -17.30 10.88 38.36
C5B NAP LA . -16.23 11.07 39.26
C4B NAP LA . -16.72 11.90 40.42
O4B NAP LA . -15.67 12.27 41.27
C3B NAP LA . -17.36 13.21 39.98
O3B NAP LA . -18.73 13.19 40.32
C2B NAP LA . -16.54 14.33 40.63
O2B NAP LA . -17.22 15.47 41.11
C1B NAP LA . -16.01 13.55 41.81
N9A NAP LA . -14.90 14.18 42.53
C8A NAP LA . -13.96 14.99 42.04
N7A NAP LA . -13.09 15.35 43.00
C5A NAP LA . -13.48 14.75 44.13
C6A NAP LA . -13.00 14.72 45.53
N6A NAP LA . -11.90 15.38 45.88
N1A NAP LA . -13.68 13.99 46.41
C2A NAP LA . -14.76 13.30 46.05
N3A NAP LA . -15.27 13.28 44.82
C4A NAP LA . -14.68 13.98 43.82
O3 NAP LA . -16.12 9.73 36.43
PN NAP LA . -16.42 8.20 36.11
O1N NAP LA . -16.62 8.08 34.68
O2N NAP LA . -17.51 7.76 36.97
O5D NAP LA . -15.04 7.55 36.46
C5D NAP LA . -14.61 7.26 37.74
C4D NAP LA . -13.42 6.34 37.72
O4D NAP LA . -13.79 5.06 37.21
C3D NAP LA . -12.34 6.90 36.83
O3D NAP LA . -11.13 6.72 37.47
C2D NAP LA . -12.38 5.99 35.62
O2D NAP LA . -11.11 5.81 35.08
C1D NAP LA . -12.90 4.68 36.18
N1N NAP LA . -13.53 3.90 35.10
C2N NAP LA . -14.67 4.32 34.56
C3N NAP LA . -15.23 3.62 33.50
C7N NAP LA . -16.50 4.06 32.92
O7N NAP LA . -16.96 3.44 32.00
N7N NAP LA . -17.13 5.11 33.44
C4N NAP LA . -14.60 2.49 33.02
C5N NAP LA . -13.41 2.08 33.57
C6N NAP LA . -12.91 2.83 34.63
P2B NAP LA . -17.82 16.71 40.28
O1X NAP LA . -17.93 17.81 41.26
O2X NAP LA . -16.98 17.01 39.12
O3X NAP LA . -19.10 16.14 39.89
S1 MPO MA . -10.54 8.54 32.91
O1 MPO MA . -11.73 8.39 33.59
O2 MPO MA . -10.14 9.85 33.09
O4 MPO MA . -10.75 2.11 29.58
N1 MPO MA . -10.47 4.84 29.86
C1 MPO MA . -10.78 8.37 31.29
O3 MPO MA . -9.52 7.47 33.44
C2 MPO MA . -11.24 6.95 30.94
C3 MPO MA . -10.08 6.12 30.44
C4 MPO MA . -11.51 4.12 30.67
C5 MPO MA . -11.89 2.84 29.93
C6 MPO MA . -9.82 2.83 28.79
C7 MPO MA . -9.31 3.99 29.64
CL CL NA . -23.35 -18.28 3.77
#